data_7OIK
#
_entry.id   7OIK
#
_cell.length_a   1.00
_cell.length_b   1.00
_cell.length_c   1.00
_cell.angle_alpha   90.00
_cell.angle_beta   90.00
_cell.angle_gamma   90.00
#
_symmetry.space_group_name_H-M   'P 1'
#
loop_
_entity.id
_entity.type
_entity.pdbx_description
1 polymer 'E3 ubiquitin-protein ligase RNF213'
2 polymer 'Ubiquitin-conjugating enzyme E2 L3'
3 non-polymer "ADENOSINE-5'-TRIPHOSPHATE"
4 non-polymer 'MAGNESIUM ION'
5 non-polymer 'ZINC ION'
#
loop_
_entity_poly.entity_id
_entity_poly.type
_entity_poly.pdbx_seq_one_letter_code
_entity_poly.pdbx_strand_id
1 'polypeptide(L)'
;MECPQCGHVSSEKAPKFCSECGQKLPSAATVQGDLKNDNTLVVSSTPEGKTEQGAVLREEEVLLSSTDPGKELEKPEESD
SNASWTTQMSKKEKRRRKRQGTISSSEAPSSGLWSLDMPPSPGSHNSALPQNQAQQGGAASQPGHPLDTENMPMEDGFVH
TEGSGSPLQGQAAERTDAQSNLAPSDLAEVKDLNTSKPSVDKGLPLDGGPALSAFKGHPKMTDASQKAPLPESKGETSGQ
EKKVPPIDAAASPVKTAGKETGEDVRKPKPSPVSPVASKHGDQEAELKGKLATPVRKSNEGGNTQPEDQRKPGEGRNFAA
AVKTQQAAAPQQAAAPEPTSAFNPRDTVTVYFHAIVSRHFGFNPEEHKVYVRGGEGLGQKGWTDACEMYCTQDLHDLGSL
VEGKMDIPRQSLDKPIPYKYVIHRGGSSKDTVEYEFIYEQAQKKGEHVNRCLRVVSTSLGNGDWHQYDDIICMRSTGFFQ
QAKNRILDSTRKELLKGKKQAAVVMLDRIFSVLQPWSDINLQSFMTQFLQFYSVVREPMIHDGRARKWTSLQYEEKEVWT
NLWEHVKKQMAPFLEGKSGESLPADCPVRSKLTLGLSILFMVEAAEFTVPKKDLDSLCYLLIPSAGSPEALHSDLSPVLR
IRQRWRIYLTNLCLRCIDERCDRWLGILPLLHTCMQKSPPKKNSKSQPEDTWAGLEGISFSEFRDKAPTRSQPLQFMQSK
MALLRVDEYLFRSWLSVVPLESLSSYLENSIDYLSDVPVRVLDCLQGISYRLPGLRKISNQNMKKDVENVFKMLMHLVDI
YQHRIFGENLLQIYLTECLTLHETVCNITANHQFFEIPALSAELICKLLELSPPGHTDEGLPEKSYEDLVTSTLQEALAT
TRNWLRSLFKSRMLSISSAYVRLTYSEEMAVWRRLVEIGFPEKHGWKGSLLGDMEGRLKQEPPRLQISFFCSSQCRDGGL
HDSVSRSFEKCVIEAVSSACQSQTSVLEGLSCQDLQKFGTLLSAVITKSWPVHNGEPVFDVDEIFKYLLKWPDVRQLFEL
CGTNEKIIDNITEEGRQLMATAESVFQKVAGELENGTIVVGQLELILEHQSQFLDIWNLNRRRLPSQEKACDVRSLLKRR
RDDLLFLKQEKRYVESLLRQLGRVKHLVQVDFGNIEIIHSQDLSNKKLNEAVIKLPNSSSYKRETHYCLSPDIREMASKL
DSLKDSHIFQDFWQETAESLNTLDKDPRELKVSLPEVLEYLYNPCYDNFYTLYENLKSGKITFAEVDAIFKDFVDKYDEL
KNDLKFMCTMNPQDQKGWISERVGQIKEYHTLHQAVSSAKVILQVRRALGVTGDFSVLNPLLNFADSFEDFGNEKLDQIS
PQFIKAKQLLQDISEPRQRCLEELARQTELVAWLHKALEDINELKVFVDLASISAGENDIDVDRVACFHDAVQGYASLLY
KMDERTNFSDFMNHLQELWRALDNDQHLPDKLKDSARNLEWLKTVKESHGSVELSSLSLATAINSRGVYVIEAPKDGQKI
SPDTVLRLLLPDGHGYPEALRTYSTEELKELLNKLMLMSGKKDHNSNTEVEKFSEVFSNMQRLVHVFIKLHCAGNMLFRT
WTAKVYCCPDGGIFMNFGLELLSQLTEKGDVIQLLGALCRQMEDFLDNWKTVVAQKRAEHFYLNFYTAEQLVYLSSELRK
PRPSEAALMMLSFIKGKCTVQDLVQATSACESKADRYCLREVMKKLPQQLLSEPSLMGKLQVIMMQSLVYMSAFLPHCLD
LDALGRCLAHLATMGGTPVERPLPKGLQAGQPNLILCGHSEVLPAALAIYMQAPRQPLPTFDEVLLCTPATTIEEVELLL
RRCLTSGSQGHKVYSLLFADQLSYEVGCQAEEFFQSLCTRAHREDYQLVILCDAAREHCYIPSTFSQYKVPLVPQAPLPN
IQAYLQSHYQVPKRLLSAATVFRDGLCVGIVTSERAGVGKSLYVNTLHTKLKAKLRDETVPLKIIRLTEPHLDENQVLSA
LLPFLKEKYQKMPVIFHIDISTSVQTGIPIFLFKLLILQYLMDINGKIWRRSPGHLYLVEIPQGLSVQPKRSSKLNARAP
LFKFLDLFPKVTCRPPKEVIDMELTPERSHTDPAMDPVEFCSEAFQRPYQYLKRFHQQQNLDTFQYEKGSVEGSPEECLQ
HFLIYCGLINPSWSELRNFAWFLNCQLKDCEASIFCKSAFTGDTLRGFKNFVVTFMILMARDFATPTLHTSDQSPGRQSV
TIGEVVEEDLAPFSLRKRWESEPHPYVFFNGDHMTMTFIGFHLETNNNGYVDAINPSNGKVIKKDVMTKELFDGLRLQRV
PFNIDFDNLPRYEKLERLCLALGIEWPIDPDETYELTTDNMLKILAIEMRFRCGIPVIIMGETGCGKTRLIKFLSDLKRG
SVEAETMKLVKVHGGTTPSMIYSKVKEAERTAFSNKAQHKLDTILFFDEANTTEAVSCIKEILCDRTVDGEHLHEDSGLH
IIAACNPYRKHSQEMILRLESAGLGYRVSAEETADRLGSIPLRQLVYRVHALPPSLIPLVWDFGQLNDSAEKLYIQQIVQ
RLVDSVSVNPSETCVIADVLSASQMFMRKRENECGFVSLRDVERCVKVFRWFHDHSDMLLKELDKFLHESSDSTHTFERD
PVLWSLVMAIGVCYHASLEEKASYRTAIARCFPKPYNSSRAILDEVTHVQDLFLRGAPIRTNIARNLALKENVFMMVICI
ELKIPLFLVGKPGSSKSLAKIIVADAMQGQAAFSELFRCLKQVHLVSFQCSPHSTPQGIISTFKQCARFQQGKDLGQYVS
VVVLDEVGLAEDSPKMPLKTLHPLLEDGCIEDDPAPYKKVGFVGISNWALDPAKMNRGIFVSRGSPNEKELIESAEGICS
SDRLVQDKIRGYFAPFAKAYETVCQKQDKEFFGLRDYYSLIKMVFAKAKASKRGLSPQDITHAVLRNFSGKDNIQALSIF
TASLPEARYKEEVSTVELIKQNIYPGPQASSRGLDGAESRYLLVLTRNYVALQILQQTFFEGQQPEIIFGSSFPQDQEYT
QICRNINRVKICMETGKMVVLLNLQNLYESLYDALNQYYVYLGGQKYVDLGLGTHRVKCRVHTAFRLIVIEEKDVVYKQF
PVPLINRLEKHYLDMNTVLQPWQKSIVQELQQWAHEFADVKADQFIARHKYSPADVFIGYHSDACASVVLQAVERQGCRD
LTEELYRKVSEEARSILLDCATPDAVVRLSGSSLGSFTAKQLSQEYYYAQQHNSFVDFLQAHLRMTHHECRAVFTEITTF
SRLLTGNDCDVLASELRGLASKPVVLSLQQYDTEYSFLKDVRSWLTNPGKRKVLVIQADFDDGTRSAQLVASAKYTAINE
INKTQGTKDFVFVYFVTKLSRMGSGTSYVGFHGGLWRSVHIDDLRRSTIMASDVTKLQNVTISQLFKPEDKPEQEEMEIE
TSQSKELAEEQMEVEDSEEMKKASDPRSCDCSQFLDTTRLVQSCVQGAVGMLRDQNESCARNMRRVTILLDLLNEDNTRN
ASFLRESKMRLHVLLNKQEENQVRSLKEWVTREAANQDALQEAGTFRHTLWKRVQDVVTPILASMIAHIDRDGNLELLAQ
PDSPAWVQDLWMFIYSDIKFLNISLVLNNTRSNSEMSFILVQSHMNLLKDAYNAVPFSWRIRDYLEELWVQAQYITDTEG
LSKKFVEIFQKTPLGVFLAQFPVAQQQKLLQSYLKDFLLLTMKVSSREELMFLQMALWSCLRELQEASGTPDETYKFPLS
LPWVHLAFQHFRTRLQNFSRILTIHPQVLSSLSQAAEKHSLAGCEMTLDAFAAMACAEMLKGDLLKPSPKAWLQLVKNLS
TPLELVCSEGYLCDSGSMTRSVIQEVRALWNRIFSIALFVEHVLLGTESHIPELSPLVTTYVSLLDKCLEEDSNLKTCRP
FVAVMTTLCDCKDKASKKFSRFGIQPCFICHGDAQDPVCLPCDHVYCLRCIQTWLIPGQMMCPYCLTDLPDKFSPTVSQD
HRKAIEKHAQFRHMCNSFFVDLVSTMCFKDNTPPEKSVIDTLLSLLFVQKELLRDASQKHREHTKSLSPFDDVVDQTPVI
RSVLLKLLLKYSFHEVKDYIQNYLTQLEKKAFLTEDKTELYLLFISCLEDSVHQKTSAGCRNLEQVLREEGHFLRTYSPG
LQGQEPVRIASVEYLQEVARVRLCLDLAADFLSELQEGSELAEDKRRFLKHVEEFCTRVNNDWHRVYLVRKLSSQRGMEF
VQSFSKQGHPCQWVFPRKVIAQQKDHVSLMDRYLVHGNEYKAVRDATAKAVLECKTLDIGNALMACRSPKPQQTAYLLLA
LYTEVAALYRSPNGSLHPEAKQLEAVNKFIKESKILSDPNIRCFARSLVDNTLPLLKIRSANSILKGTVTEMAVHVATIL
LCGHNQILKPLRNLAFYPVNMANAFLPTMPEDLLVHARTWRGLENVTWYTCPRGHPCSVGECGRPMQESTCLDCGLPVGG
LNHTPHEGFSAIRNNEDRTQTGHVLGSPQSSGVAEVSDRGQSPVVFILTRLLTHLAMLVGATHNPQALTVIIKPWVQDPQ
GFLQQHIQRDLEQLTKMLGRSADETIHVVHLILSSLLRVQSHGVLNFNAELSTKGCRNNWEKHFETLLLRELKHLDKNLP
AINALISQDERISSNPVTKIIYGDPATFLPHLPQKSIIHCSKIWSCRRKITVEYLQHIVEQKNGKETVPVLWHFLQKEAE
LRLVKFLPEILALQRDLVKQFQNVSRVEYSSIRGFIHSHSSDGLRKLLHDRITIFLSTWNALRRSLETNGEIKLPKDYCC
SDLDLDAEFEVILPRRQGLGLCGTALVSYLISLHNNMVYTVQKFSNEDNSYSVDISEVADLHVISYEVERDLNPLILSNC
QYQVQQGGETSQEFDLEKIQRQISSRFLQGKPRLTLKGIPTLVYRRDWNYEHLFMDIKNKMAQSSLPNLAISTISGQLQS
YSDACEALSIIEITLGFLSTAGGDPGMDLNVYIEEVLRMCDQTAQVLKAFSRCQLRHIIALWQFLSAHKSEQRLRLNKEL
FREIDVQYKEELSTQHQRLLGTFLNEAGLDAFLLELHEMIVLKLKGPRAANSFNPNWSLKDTLVSYMETKDSDILSEVES
QFPEEILMSSCISVWKIAATRKWDRQSRGGGHHHHHHHHHH
;
A
2 'polypeptide(L)'
;GWSHPQFEKPGSMAASRRLMKELEEIRKSGMKNFRNIQVDEANLLTWQGLIVPDNPPYDKGAFRIEINFPAEYPFKPPKI
TFKTKIYHPNIDEKGQVCLPVISAENWKPATKTDQVIQSLIALVNDPQPEHPLRADLAEEYSKDRKKFSKNAEEFTKKYG
EKRPVD
;
B
#
# COMPACT_ATOMS: atom_id res chain seq x y z
N LYS A 492 1.10 71.06 79.67
CA LYS A 492 0.08 71.16 78.63
C LYS A 492 0.41 72.28 77.65
N GLU A 493 1.12 73.29 78.13
CA GLU A 493 1.52 74.40 77.27
C GLU A 493 2.59 73.96 76.27
N LEU A 494 3.50 73.08 76.70
CA LEU A 494 4.50 72.54 75.79
C LEU A 494 3.87 71.65 74.73
N LEU A 495 2.81 70.92 75.09
CA LEU A 495 2.07 70.13 74.12
C LEU A 495 1.35 71.01 73.09
N LYS A 496 0.78 72.14 73.54
CA LYS A 496 0.15 73.07 72.62
C LYS A 496 1.17 73.73 71.71
N GLY A 497 2.36 74.04 72.24
CA GLY A 497 3.43 74.56 71.40
C GLY A 497 3.94 73.54 70.39
N LYS A 498 3.97 72.26 70.79
CA LYS A 498 4.32 71.19 69.87
C LYS A 498 3.28 71.04 68.76
N LYS A 499 1.99 71.16 69.12
CA LYS A 499 0.93 71.12 68.12
C LYS A 499 1.01 72.30 67.16
N GLN A 500 1.33 73.49 67.67
CA GLN A 500 1.48 74.67 66.82
C GLN A 500 2.69 74.53 65.89
N ALA A 501 3.80 73.99 66.40
CA ALA A 501 4.95 73.72 65.55
C ALA A 501 4.63 72.65 64.50
N ALA A 502 3.81 71.67 64.87
CA ALA A 502 3.38 70.64 63.93
C ALA A 502 2.53 71.22 62.80
N VAL A 503 1.60 72.12 63.13
CA VAL A 503 0.75 72.67 62.07
C VAL A 503 1.51 73.68 61.21
N VAL A 504 2.51 74.37 61.79
CA VAL A 504 3.36 75.24 60.97
C VAL A 504 4.24 74.39 60.04
N MET A 505 4.73 73.25 60.52
CA MET A 505 5.51 72.34 59.68
C MET A 505 4.64 71.73 58.57
N LEU A 506 3.37 71.44 58.88
CA LEU A 506 2.44 70.94 57.86
C LEU A 506 2.14 72.00 56.82
N ASP A 507 1.97 73.26 57.23
CA ASP A 507 1.80 74.33 56.26
C ASP A 507 3.06 74.56 55.43
N ARG A 508 4.23 74.33 56.05
CA ARG A 508 5.49 74.46 55.32
C ARG A 508 5.64 73.38 54.25
N ILE A 509 5.29 72.13 54.57
CA ILE A 509 5.41 71.10 53.54
C ILE A 509 4.27 71.19 52.52
N PHE A 510 3.13 71.79 52.90
CA PHE A 510 2.13 72.12 51.89
C PHE A 510 2.62 73.21 50.95
N SER A 511 3.39 74.18 51.47
CA SER A 511 4.02 75.18 50.62
C SER A 511 5.10 74.55 49.73
N VAL A 512 5.76 73.50 50.23
CA VAL A 512 6.68 72.73 49.39
C VAL A 512 5.93 72.04 48.26
N LEU A 513 4.74 71.51 48.55
CA LEU A 513 3.93 70.88 47.51
C LEU A 513 3.09 71.87 46.70
N GLN A 514 3.17 73.17 46.97
CA GLN A 514 2.49 74.15 46.13
C GLN A 514 2.95 74.15 44.66
N PRO A 515 4.25 74.08 44.31
CA PRO A 515 4.56 73.75 42.91
C PRO A 515 4.59 72.24 42.71
N TRP A 516 3.97 71.81 41.61
CA TRP A 516 3.73 70.41 41.35
C TRP A 516 4.84 69.84 40.49
N SER A 517 5.72 69.05 41.11
CA SER A 517 6.81 68.39 40.41
C SER A 517 7.18 67.13 41.19
N ASP A 518 7.95 66.25 40.54
CA ASP A 518 8.35 65.00 41.17
C ASP A 518 9.35 65.26 42.29
N ILE A 519 10.23 66.24 42.12
CA ILE A 519 11.22 66.59 43.15
C ILE A 519 10.51 67.15 44.38
N ASN A 520 9.44 67.93 44.16
CA ASN A 520 8.69 68.52 45.26
C ASN A 520 7.98 67.46 46.10
N LEU A 521 7.36 66.48 45.44
CA LEU A 521 6.69 65.42 46.20
C LEU A 521 7.69 64.46 46.84
N GLN A 522 8.86 64.28 46.21
CA GLN A 522 9.92 63.49 46.83
C GLN A 522 10.47 64.18 48.07
N SER A 523 10.58 65.51 48.04
CA SER A 523 10.99 66.25 49.23
C SER A 523 9.90 66.26 50.29
N PHE A 524 8.63 66.26 49.87
CA PHE A 524 7.53 66.08 50.82
C PHE A 524 7.63 64.74 51.53
N MET A 525 7.90 63.67 50.77
CA MET A 525 8.13 62.33 51.33
C MET A 525 9.31 62.33 52.30
N THR A 526 10.42 62.95 51.91
CA THR A 526 11.64 62.95 52.73
C THR A 526 11.43 63.72 54.04
N GLN A 527 11.09 65.01 53.96
CA GLN A 527 10.95 65.80 55.18
C GLN A 527 9.76 65.38 56.02
N PHE A 528 8.74 64.74 55.43
CA PHE A 528 7.71 64.20 56.30
C PHE A 528 8.17 62.91 56.98
N LEU A 529 9.10 62.16 56.36
CA LEU A 529 9.71 61.04 57.06
C LEU A 529 10.53 61.49 58.26
N GLN A 530 11.33 62.56 58.10
CA GLN A 530 12.01 63.04 59.30
C GLN A 530 11.06 63.74 60.28
N PHE A 531 9.95 64.28 59.79
CA PHE A 531 8.93 64.85 60.67
C PHE A 531 8.30 63.78 61.56
N TYR A 532 8.01 62.61 60.98
CA TYR A 532 7.51 61.50 61.79
C TYR A 532 8.63 60.86 62.61
N SER A 533 9.88 60.97 62.17
CA SER A 533 10.99 60.39 62.92
C SER A 533 11.28 61.18 64.19
N VAL A 534 11.20 62.51 64.13
CA VAL A 534 11.50 63.31 65.32
C VAL A 534 10.38 63.29 66.36
N VAL A 535 9.19 62.85 65.99
CA VAL A 535 8.09 62.77 66.95
C VAL A 535 7.85 61.32 67.36
N GLN A 552 4.03 62.01 77.50
CA GLN A 552 2.63 62.40 77.44
C GLN A 552 2.15 62.50 75.99
N TYR A 553 3.08 62.26 75.06
CA TYR A 553 2.79 62.39 73.63
C TYR A 553 2.14 61.09 73.14
N GLU A 554 0.80 61.08 73.13
CA GLU A 554 0.08 59.93 72.63
C GLU A 554 0.13 59.89 71.10
N GLU A 555 -0.04 58.69 70.53
CA GLU A 555 -0.01 58.55 69.09
C GLU A 555 -1.27 59.09 68.43
N LYS A 556 -2.36 59.27 69.18
CA LYS A 556 -3.56 59.87 68.62
C LYS A 556 -3.41 61.38 68.45
N GLU A 557 -2.47 62.00 69.17
CA GLU A 557 -2.24 63.43 69.02
C GLU A 557 -1.61 63.76 67.67
N VAL A 558 -0.88 62.82 67.08
CA VAL A 558 -0.38 63.00 65.72
C VAL A 558 -1.53 62.96 64.72
N TRP A 559 -2.43 61.97 64.87
CA TRP A 559 -3.54 61.79 63.94
C TRP A 559 -4.61 62.88 64.07
N THR A 560 -4.76 63.48 65.24
CA THR A 560 -5.79 64.50 65.45
C THR A 560 -5.53 65.74 64.61
N ASN A 561 -4.26 66.17 64.54
CA ASN A 561 -3.90 67.35 63.74
C ASN A 561 -4.08 67.07 62.25
N LEU A 562 -3.73 65.87 61.80
CA LEU A 562 -3.89 65.52 60.38
C LEU A 562 -5.37 65.43 60.01
N TRP A 563 -6.20 64.90 60.92
CA TRP A 563 -7.64 64.85 60.67
C TRP A 563 -8.25 66.25 60.65
N GLU A 564 -7.79 67.13 61.54
CA GLU A 564 -8.27 68.52 61.54
C GLU A 564 -7.85 69.24 60.26
N HIS A 565 -6.63 69.00 59.78
CA HIS A 565 -6.19 69.63 58.54
C HIS A 565 -6.94 69.11 57.32
N VAL A 566 -7.19 67.80 57.26
CA VAL A 566 -7.93 67.30 56.09
C VAL A 566 -9.39 67.71 56.16
N LYS A 567 -9.95 67.87 57.36
CA LYS A 567 -11.31 68.39 57.50
C LYS A 567 -11.35 69.90 57.20
N LYS A 568 -10.21 70.59 57.35
CA LYS A 568 -10.17 72.00 57.01
C LYS A 568 -10.07 72.22 55.51
N GLN A 569 -9.15 71.51 54.85
CA GLN A 569 -8.99 71.70 53.40
C GLN A 569 -9.88 70.80 52.54
N MET A 570 -10.77 70.00 53.12
CA MET A 570 -11.76 69.35 52.27
C MET A 570 -12.81 70.34 51.78
N ALA A 571 -13.13 71.35 52.61
CA ALA A 571 -14.16 72.32 52.27
C ALA A 571 -13.85 73.22 51.06
N PRO A 572 -12.65 73.81 50.88
CA PRO A 572 -12.43 74.61 49.65
C PRO A 572 -12.42 73.80 48.37
N PHE A 573 -12.12 72.50 48.42
CA PHE A 573 -12.24 71.65 47.25
C PHE A 573 -13.58 70.92 47.18
N LEU A 574 -14.43 71.08 48.20
CA LEU A 574 -15.78 70.50 48.14
C LEU A 574 -16.64 71.24 47.12
N GLU A 575 -16.54 72.57 47.09
CA GLU A 575 -17.28 73.39 46.14
C GLU A 575 -16.38 73.91 45.02
N GLY A 576 -15.27 74.55 45.38
CA GLY A 576 -14.35 75.08 44.39
C GLY A 576 -13.29 74.08 43.96
N LYS A 591 -6.84 69.44 42.90
CA LYS A 591 -7.61 68.90 44.01
C LYS A 591 -7.36 67.40 44.15
N LEU A 592 -6.66 66.82 43.18
CA LEU A 592 -6.15 65.47 43.35
C LEU A 592 -4.90 65.43 44.23
N THR A 593 -4.10 66.51 44.22
CA THR A 593 -2.86 66.49 44.99
C THR A 593 -3.11 66.47 46.49
N LEU A 594 -4.29 66.97 46.93
CA LEU A 594 -4.63 66.91 48.35
C LEU A 594 -4.88 65.47 48.79
N GLY A 595 -5.59 64.72 47.95
CA GLY A 595 -5.89 63.34 48.27
C GLY A 595 -4.68 62.43 48.18
N LEU A 596 -3.83 62.63 47.17
CA LEU A 596 -2.59 61.87 47.14
C LEU A 596 -1.64 62.23 48.27
N SER A 597 -1.64 63.49 48.72
CA SER A 597 -0.79 63.86 49.84
C SER A 597 -1.29 63.29 51.16
N ILE A 598 -2.60 63.31 51.35
CA ILE A 598 -3.14 62.73 52.59
C ILE A 598 -3.13 61.21 52.55
N LEU A 599 -3.12 60.59 51.36
CA LEU A 599 -2.88 59.14 51.30
C LEU A 599 -1.45 58.79 51.68
N PHE A 600 -0.46 59.59 51.22
CA PHE A 600 0.92 59.39 51.67
C PHE A 600 1.09 59.62 53.17
N MET A 601 0.39 60.63 53.69
CA MET A 601 0.49 61.02 55.09
C MET A 601 -0.19 60.05 56.05
N VAL A 602 -1.29 59.42 55.63
CA VAL A 602 -1.91 58.49 56.55
C VAL A 602 -1.54 57.02 56.30
N GLU A 603 -1.13 56.62 55.08
CA GLU A 603 -0.27 55.45 55.06
C GLU A 603 1.02 55.64 55.85
N ALA A 604 1.61 56.85 55.86
CA ALA A 604 2.80 57.11 56.65
C ALA A 604 2.46 57.30 58.13
N ALA A 605 1.19 57.20 58.50
CA ALA A 605 0.80 57.20 59.91
C ALA A 605 0.57 55.79 60.45
N GLU A 606 0.25 54.83 59.57
CA GLU A 606 -0.26 53.49 59.90
C GLU A 606 -1.56 53.50 60.71
N PHE A 607 -2.36 54.54 60.51
CA PHE A 607 -3.45 54.96 61.39
C PHE A 607 -4.78 54.81 60.65
N THR A 608 -5.65 53.98 61.24
CA THR A 608 -7.07 53.84 60.89
C THR A 608 -7.72 55.17 60.48
N VAL A 609 -8.37 55.12 59.32
CA VAL A 609 -9.19 56.20 58.80
C VAL A 609 -10.65 55.91 59.19
N PRO A 610 -11.46 56.92 59.47
CA PRO A 610 -12.90 56.67 59.62
C PRO A 610 -13.52 56.42 58.26
N LYS A 611 -14.55 55.56 58.24
CA LYS A 611 -15.51 55.49 57.14
C LYS A 611 -15.95 56.84 56.60
N LYS A 612 -16.34 57.80 57.46
CA LYS A 612 -16.69 59.11 56.91
C LYS A 612 -15.47 59.85 56.38
N ASP A 613 -14.30 59.66 56.98
CA ASP A 613 -13.16 60.23 56.29
C ASP A 613 -12.72 59.39 55.09
N LEU A 614 -13.10 58.12 55.00
CA LEU A 614 -13.03 57.41 53.72
C LEU A 614 -13.98 57.98 52.66
N ASP A 615 -15.10 58.59 53.10
CA ASP A 615 -15.99 59.35 52.22
C ASP A 615 -15.31 60.61 51.72
N SER A 616 -14.43 61.16 52.54
CA SER A 616 -13.82 62.41 52.13
C SER A 616 -12.60 62.12 51.29
N LEU A 617 -11.73 61.20 51.70
CA LEU A 617 -10.48 61.02 50.98
C LEU A 617 -10.78 60.45 49.60
N CYS A 618 -11.81 59.57 49.52
CA CYS A 618 -12.23 59.10 48.21
C CYS A 618 -12.85 60.20 47.37
N TYR A 619 -13.57 61.17 47.96
CA TYR A 619 -14.00 62.28 47.10
C TYR A 619 -12.81 63.15 46.68
N LEU A 620 -11.77 63.20 47.52
CA LEU A 620 -10.52 63.87 47.14
C LEU A 620 -9.73 63.13 46.07
N LEU A 621 -10.06 61.87 45.80
CA LEU A 621 -9.27 61.15 44.80
C LEU A 621 -9.97 60.93 43.45
N ILE A 622 -11.30 60.90 43.41
CA ILE A 622 -12.06 60.66 42.17
C ILE A 622 -11.74 61.73 41.11
N PRO A 623 -11.12 61.35 39.99
CA PRO A 623 -10.54 62.32 39.03
C PRO A 623 -11.58 63.03 38.18
N SER A 624 -12.39 63.86 38.83
CA SER A 624 -13.33 64.73 38.16
C SER A 624 -12.60 65.83 37.39
N ALA A 625 -13.17 66.21 36.24
CA ALA A 625 -12.57 67.14 35.27
C ALA A 625 -11.18 66.71 34.77
N GLY A 626 -10.98 65.40 34.62
CA GLY A 626 -9.72 64.93 34.06
C GLY A 626 -9.95 63.99 32.89
N SER A 627 -11.11 64.17 32.25
CA SER A 627 -11.62 63.28 31.21
C SER A 627 -10.73 63.14 29.96
N PRO A 628 -9.95 64.13 29.52
CA PRO A 628 -8.95 63.85 28.48
C PRO A 628 -7.75 63.05 28.98
N GLU A 629 -7.25 62.21 28.06
CA GLU A 629 -6.06 61.40 28.29
C GLU A 629 -4.77 62.18 28.18
N ALA A 630 -4.78 63.33 27.48
CA ALA A 630 -3.60 64.19 27.49
C ALA A 630 -3.34 64.76 28.89
N LEU A 631 -4.40 65.04 29.65
CA LEU A 631 -4.22 65.43 31.04
C LEU A 631 -3.74 64.27 31.90
N HIS A 632 -4.08 63.04 31.53
CA HIS A 632 -3.53 61.89 32.26
C HIS A 632 -2.06 61.66 31.94
N SER A 633 -1.66 61.88 30.69
CA SER A 633 -0.24 61.86 30.34
C SER A 633 0.53 63.02 30.95
N ASP A 634 -0.13 64.14 31.26
CA ASP A 634 0.56 65.21 31.97
C ASP A 634 0.79 64.89 33.45
N LEU A 635 -0.12 64.15 34.09
CA LEU A 635 0.13 63.71 35.45
C LEU A 635 1.03 62.49 35.58
N SER A 636 1.31 61.74 34.51
CA SER A 636 2.22 60.61 34.69
C SER A 636 3.65 60.95 35.13
N PRO A 637 4.34 62.00 34.62
CA PRO A 637 5.72 62.23 35.11
C PRO A 637 5.89 62.72 36.54
N VAL A 638 4.85 63.19 37.25
CA VAL A 638 4.96 63.36 38.70
C VAL A 638 5.06 62.03 39.44
N LEU A 639 4.37 60.99 38.96
CA LEU A 639 4.24 59.72 39.67
C LEU A 639 4.83 58.58 38.86
N ARG A 640 6.02 58.81 38.31
CA ARG A 640 6.59 58.01 37.24
C ARG A 640 6.89 56.57 37.65
N ILE A 641 7.34 56.33 38.89
CA ILE A 641 7.56 54.96 39.35
C ILE A 641 6.22 54.25 39.52
N ARG A 642 6.05 53.14 38.82
CA ARG A 642 4.78 52.41 38.71
C ARG A 642 4.62 51.36 39.81
N GLN A 643 5.38 51.44 40.88
CA GLN A 643 5.30 50.34 41.84
C GLN A 643 4.91 50.81 43.22
N ARG A 644 5.42 51.96 43.67
CA ARG A 644 5.08 52.42 45.00
C ARG A 644 3.62 52.88 45.04
N TRP A 645 3.23 53.68 44.05
CA TRP A 645 1.85 54.15 43.97
C TRP A 645 0.87 53.01 43.76
N ARG A 646 1.28 51.98 43.00
CA ARG A 646 0.38 50.84 42.76
C ARG A 646 0.09 50.05 44.03
N ILE A 647 1.12 49.80 44.85
CA ILE A 647 0.89 49.09 46.10
C ILE A 647 0.15 49.97 47.10
N TYR A 648 0.40 51.29 47.09
CA TYR A 648 -0.33 52.20 47.99
C TYR A 648 -1.81 52.25 47.66
N LEU A 649 -2.15 52.39 46.37
CA LEU A 649 -3.54 52.38 45.93
C LEU A 649 -4.18 51.02 46.18
N THR A 650 -3.41 49.93 46.02
CA THR A 650 -3.94 48.60 46.27
C THR A 650 -4.25 48.41 47.76
N ASN A 651 -3.39 48.97 48.64
CA ASN A 651 -3.67 48.93 50.08
C ASN A 651 -4.92 49.73 50.41
N LEU A 652 -5.13 50.86 49.72
CA LEU A 652 -6.35 51.64 49.93
C LEU A 652 -7.58 50.86 49.46
N CYS A 653 -7.43 50.11 48.37
CA CYS A 653 -8.50 49.25 47.86
C CYS A 653 -8.84 48.18 48.89
N LEU A 654 -7.83 47.51 49.46
CA LEU A 654 -8.12 46.46 50.43
C LEU A 654 -8.61 47.07 51.74
N ARG A 655 -8.34 48.36 51.97
CA ARG A 655 -8.79 48.98 53.21
C ARG A 655 -10.28 49.27 53.13
N CYS A 656 -10.75 49.71 51.97
CA CYS A 656 -12.17 50.01 51.83
C CYS A 656 -13.01 48.78 51.47
N ILE A 657 -12.44 47.58 51.58
CA ILE A 657 -13.17 46.41 51.10
C ILE A 657 -14.20 45.91 52.12
N ASP A 658 -14.18 46.42 53.36
CA ASP A 658 -15.27 46.20 54.31
C ASP A 658 -16.59 46.81 53.82
N GLU A 659 -17.68 46.39 54.48
CA GLU A 659 -19.04 46.65 53.99
C GLU A 659 -19.47 48.10 54.21
N ARG A 660 -18.72 49.04 53.65
CA ARG A 660 -19.22 50.33 53.22
C ARG A 660 -19.10 50.48 51.71
N CYS A 661 -17.86 50.33 51.22
CA CYS A 661 -17.45 49.84 49.88
C CYS A 661 -18.28 50.36 48.70
N ASP A 662 -18.43 51.67 48.61
CA ASP A 662 -19.14 52.24 47.48
C ASP A 662 -18.32 53.23 46.67
N ARG A 663 -17.53 54.10 47.32
CA ARG A 663 -16.78 55.12 46.60
C ARG A 663 -15.47 54.63 46.01
N TRP A 664 -15.00 53.43 46.36
CA TRP A 664 -13.66 52.98 45.99
C TRP A 664 -13.55 52.62 44.51
N LEU A 665 -14.66 52.60 43.78
CA LEU A 665 -14.58 52.30 42.36
C LEU A 665 -14.02 53.48 41.56
N GLY A 666 -14.13 54.70 42.08
CA GLY A 666 -13.55 55.86 41.43
C GLY A 666 -12.08 56.11 41.67
N ILE A 667 -11.43 55.33 42.54
CA ILE A 667 -9.99 55.46 42.73
C ILE A 667 -9.23 54.63 41.68
N LEU A 668 -9.89 53.59 41.18
CA LEU A 668 -9.37 52.74 40.10
C LEU A 668 -8.91 53.44 38.82
N PRO A 669 -9.51 54.52 38.29
CA PRO A 669 -8.89 55.19 37.12
C PRO A 669 -7.51 55.79 37.37
N LEU A 670 -7.10 56.00 38.62
CA LEU A 670 -5.75 56.48 38.86
C LEU A 670 -4.75 55.33 38.66
N LEU A 671 -5.05 54.17 39.23
CA LEU A 671 -4.17 53.01 39.19
C LEU A 671 -4.38 52.16 37.95
N HIS A 672 -5.25 52.54 37.02
CA HIS A 672 -5.37 51.87 35.74
C HIS A 672 -4.63 52.59 34.62
N THR A 673 -3.97 53.71 34.90
CA THR A 673 -3.15 54.42 33.93
C THR A 673 -1.65 54.24 34.18
N CYS A 674 -1.27 53.74 35.35
CA CYS A 674 0.12 53.49 35.74
C CYS A 674 0.52 52.02 35.65
N MET A 675 0.03 51.32 34.63
CA MET A 675 0.22 49.90 34.26
C MET A 675 0.01 49.70 32.77
N GLN A 676 -0.09 48.43 32.40
CA GLN A 676 -0.15 47.98 31.02
C GLN A 676 -1.53 48.27 30.43
N LYS A 677 -1.62 48.17 29.10
CA LYS A 677 -2.84 48.47 28.37
C LYS A 677 -3.83 47.31 28.54
N SER A 678 -4.91 47.30 27.77
CA SER A 678 -5.92 46.27 27.98
C SER A 678 -5.53 45.00 27.24
N PRO A 679 -5.41 43.86 27.91
CA PRO A 679 -5.09 42.61 27.23
C PRO A 679 -6.26 42.10 26.42
N PRO A 680 -6.10 41.91 25.11
CA PRO A 680 -7.23 41.50 24.26
C PRO A 680 -7.38 40.00 24.07
N LYS A 681 -6.64 39.18 24.81
CA LYS A 681 -6.57 37.76 24.47
C LYS A 681 -7.85 37.03 24.88
N LYS A 682 -7.96 35.79 24.42
CA LYS A 682 -9.10 34.94 24.73
C LYS A 682 -9.05 34.53 26.21
N ASN A 683 -10.21 34.15 26.75
CA ASN A 683 -10.31 33.81 28.17
C ASN A 683 -9.66 32.46 28.44
N SER A 684 -9.25 32.25 29.70
CA SER A 684 -8.48 31.09 30.17
C SER A 684 -7.14 30.94 29.43
N LYS A 685 -6.61 32.02 28.86
CA LYS A 685 -5.29 32.04 28.24
C LYS A 685 -4.31 32.93 28.95
N SER A 686 -4.71 34.16 29.26
CA SER A 686 -3.84 35.13 29.93
C SER A 686 -3.48 34.65 31.34
N GLN A 687 -4.46 34.70 32.26
CA GLN A 687 -4.44 34.28 33.67
C GLN A 687 -5.85 34.56 34.21
N PRO A 688 -6.23 34.06 35.42
CA PRO A 688 -7.46 34.55 36.07
C PRO A 688 -7.63 36.01 36.44
N GLU A 689 -8.78 36.23 37.08
CA GLU A 689 -9.61 37.44 37.05
C GLU A 689 -8.93 38.72 37.51
N ASP A 690 -7.89 38.63 38.34
CA ASP A 690 -7.31 39.85 38.91
C ASP A 690 -6.47 40.66 37.93
N THR A 691 -5.97 40.05 36.86
CA THR A 691 -5.23 40.79 35.83
C THR A 691 -6.14 41.34 34.75
N TRP A 692 -7.16 40.57 34.36
CA TRP A 692 -8.17 41.05 33.42
C TRP A 692 -8.92 42.26 33.98
N ALA A 693 -9.40 42.15 35.22
CA ALA A 693 -10.06 43.31 35.83
C ALA A 693 -9.06 44.41 36.11
N GLY A 694 -7.82 44.04 36.45
CA GLY A 694 -6.76 44.98 36.73
C GLY A 694 -6.61 45.36 38.19
N LEU A 695 -7.04 44.50 39.10
CA LEU A 695 -6.96 44.72 40.53
C LEU A 695 -5.65 44.16 41.09
N GLU A 696 -5.42 42.86 40.90
CA GLU A 696 -4.17 42.14 41.13
C GLU A 696 -3.76 42.06 42.59
N GLY A 697 -4.62 42.46 43.52
CA GLY A 697 -4.36 42.25 44.92
C GLY A 697 -5.64 42.01 45.72
N ILE A 698 -6.76 41.90 45.02
CA ILE A 698 -8.08 41.94 45.65
C ILE A 698 -8.79 40.62 45.42
N SER A 699 -9.26 40.00 46.50
CA SER A 699 -10.03 38.76 46.41
C SER A 699 -11.51 39.14 46.36
N PHE A 700 -11.91 39.65 45.20
CA PHE A 700 -13.30 40.04 44.98
C PHE A 700 -14.27 38.87 44.84
N SER A 701 -13.79 37.64 44.65
CA SER A 701 -14.69 36.55 44.32
C SER A 701 -15.61 36.10 45.47
N GLU A 702 -15.33 36.47 46.73
CA GLU A 702 -16.32 36.21 47.78
C GLU A 702 -17.43 37.27 47.80
N PHE A 703 -17.31 38.31 46.99
CA PHE A 703 -18.06 39.56 47.07
C PHE A 703 -19.06 39.69 45.93
N ARG A 704 -18.70 39.23 44.72
CA ARG A 704 -19.71 39.08 43.69
C ARG A 704 -20.67 37.92 43.99
N ASP A 705 -20.30 37.01 44.89
CA ASP A 705 -21.06 35.81 45.23
C ASP A 705 -21.25 35.81 46.75
N LYS A 706 -22.31 36.48 47.21
CA LYS A 706 -22.59 36.62 48.63
C LYS A 706 -24.08 36.94 48.78
N ALA A 707 -24.48 37.45 49.96
CA ALA A 707 -25.73 38.15 50.13
C ALA A 707 -25.62 39.66 49.88
N PRO A 708 -26.04 40.15 48.70
CA PRO A 708 -25.75 41.55 48.27
C PRO A 708 -26.63 42.55 48.99
N THR A 709 -26.35 42.74 50.29
CA THR A 709 -27.06 43.70 51.12
C THR A 709 -26.72 45.16 50.82
N ARG A 710 -25.66 45.43 50.07
CA ARG A 710 -25.21 46.80 49.83
C ARG A 710 -25.47 47.00 48.34
N SER A 711 -26.68 47.45 47.98
CA SER A 711 -26.98 47.75 46.59
C SER A 711 -26.73 49.19 46.14
N GLN A 712 -26.27 50.08 47.04
CA GLN A 712 -25.83 51.45 46.71
C GLN A 712 -24.72 51.63 45.66
N PRO A 713 -23.86 50.63 45.40
CA PRO A 713 -23.04 50.70 44.16
C PRO A 713 -23.80 50.92 42.86
N LEU A 714 -24.99 50.34 42.64
CA LEU A 714 -25.67 50.64 41.38
C LEU A 714 -26.14 52.10 41.28
N GLN A 715 -26.57 52.74 42.38
CA GLN A 715 -26.89 54.17 42.32
C GLN A 715 -25.65 55.01 42.06
N PHE A 716 -24.54 54.66 42.76
CA PHE A 716 -23.28 55.36 42.58
C PHE A 716 -22.77 55.25 41.15
N MET A 717 -22.91 54.08 40.53
CA MET A 717 -22.51 53.91 39.14
C MET A 717 -23.52 54.51 38.15
N GLN A 718 -24.79 54.68 38.56
CA GLN A 718 -25.79 55.40 37.76
C GLN A 718 -25.46 56.86 37.61
N SER A 719 -24.94 57.48 38.66
CA SER A 719 -24.75 58.93 38.63
C SER A 719 -23.59 59.32 37.69
N LYS A 720 -22.51 58.54 37.68
CA LYS A 720 -21.24 58.93 37.07
C LYS A 720 -20.89 58.33 35.69
N MET A 721 -21.78 58.21 34.66
CA MET A 721 -21.46 57.37 33.49
C MET A 721 -20.30 57.91 32.67
N ALA A 722 -20.14 59.24 32.62
CA ALA A 722 -19.11 59.82 31.76
C ALA A 722 -17.70 59.44 32.19
N LEU A 723 -17.53 59.03 33.46
CA LEU A 723 -16.25 58.52 33.96
C LEU A 723 -15.78 57.29 33.19
N LEU A 724 -16.69 56.56 32.54
CA LEU A 724 -16.30 55.43 31.68
C LEU A 724 -15.49 55.86 30.47
N ARG A 725 -15.48 57.15 30.13
CA ARG A 725 -14.66 57.67 29.04
C ARG A 725 -13.19 57.85 29.38
N VAL A 726 -12.77 57.72 30.65
CA VAL A 726 -11.42 58.15 31.01
C VAL A 726 -10.36 57.05 30.87
N ASP A 727 -10.76 55.79 30.67
CA ASP A 727 -9.80 54.70 30.55
C ASP A 727 -10.49 53.51 29.89
N GLU A 728 -9.81 52.35 29.91
CA GLU A 728 -10.40 51.12 29.39
C GLU A 728 -10.56 50.01 30.43
N TYR A 729 -9.85 50.05 31.54
CA TYR A 729 -10.00 49.01 32.57
C TYR A 729 -11.29 49.14 33.36
N LEU A 730 -11.89 50.33 33.41
CA LEU A 730 -12.90 50.63 34.43
C LEU A 730 -14.24 50.00 34.12
N PHE A 731 -14.63 49.89 32.85
CA PHE A 731 -15.85 49.17 32.50
C PHE A 731 -15.76 47.70 32.88
N ARG A 732 -14.57 47.10 32.69
CA ARG A 732 -14.36 45.70 33.06
C ARG A 732 -14.42 45.53 34.57
N SER A 733 -13.76 46.43 35.31
CA SER A 733 -13.72 46.31 36.76
C SER A 733 -15.07 46.65 37.39
N TRP A 734 -15.84 47.56 36.79
CA TRP A 734 -17.21 47.81 37.22
C TRP A 734 -18.11 46.63 36.90
N LEU A 735 -17.80 45.87 35.85
CA LEU A 735 -18.56 44.66 35.54
C LEU A 735 -18.28 43.56 36.56
N SER A 736 -17.08 43.51 37.13
CA SER A 736 -16.66 42.49 38.07
C SER A 736 -16.95 42.82 39.53
N VAL A 737 -17.65 43.91 39.80
CA VAL A 737 -18.11 44.23 41.15
C VAL A 737 -19.62 44.12 41.35
N VAL A 738 -20.41 44.15 40.29
CA VAL A 738 -21.87 44.18 40.42
C VAL A 738 -22.42 42.79 40.78
N PRO A 739 -23.43 42.70 41.66
CA PRO A 739 -24.07 41.42 41.95
C PRO A 739 -24.81 40.87 40.74
N LEU A 740 -25.24 39.62 40.86
CA LEU A 740 -25.86 38.97 39.70
C LEU A 740 -27.28 39.47 39.45
N GLU A 741 -28.08 39.67 40.50
CA GLU A 741 -29.45 40.13 40.30
C GLU A 741 -29.56 41.60 39.87
N SER A 742 -28.49 42.37 39.94
CA SER A 742 -28.49 43.74 39.45
C SER A 742 -27.49 43.94 38.32
N LEU A 743 -27.20 42.85 37.60
CA LEU A 743 -26.23 42.89 36.50
C LEU A 743 -26.91 43.20 35.17
N SER A 744 -28.15 42.74 34.99
CA SER A 744 -28.91 43.07 33.79
C SER A 744 -29.21 44.58 33.74
N SER A 745 -29.45 45.18 34.90
CA SER A 745 -29.60 46.63 34.99
C SER A 745 -28.28 47.34 34.69
N TYR A 746 -27.15 46.74 35.06
CA TYR A 746 -25.85 47.32 34.70
C TYR A 746 -25.64 47.31 33.19
N LEU A 747 -26.04 46.25 32.51
CA LEU A 747 -25.91 46.23 31.05
C LEU A 747 -26.94 47.11 30.37
N GLU A 748 -28.09 47.34 31.03
CA GLU A 748 -29.14 48.18 30.46
C GLU A 748 -28.78 49.67 30.56
N ASN A 749 -28.07 50.05 31.63
CA ASN A 749 -27.60 51.42 31.86
C ASN A 749 -26.42 51.84 30.97
N SER A 750 -25.82 50.92 30.22
CA SER A 750 -24.62 51.26 29.46
C SER A 750 -24.76 51.06 27.95
N ILE A 751 -25.88 51.54 27.39
CA ILE A 751 -26.07 51.48 25.95
C ILE A 751 -25.21 52.51 25.22
N ASP A 752 -25.12 53.75 25.73
CA ASP A 752 -24.46 54.81 24.97
C ASP A 752 -22.94 54.67 24.96
N TYR A 753 -22.37 54.14 26.05
CA TYR A 753 -20.94 53.83 26.07
C TYR A 753 -20.57 52.73 25.07
N LEU A 754 -21.44 51.73 24.92
CA LEU A 754 -21.20 50.76 23.85
C LEU A 754 -21.49 51.32 22.47
N SER A 755 -22.28 52.38 22.36
CA SER A 755 -22.44 53.04 21.07
C SER A 755 -21.18 53.82 20.71
N ASP A 756 -20.51 54.41 21.70
CA ASP A 756 -19.24 55.08 21.48
C ASP A 756 -18.15 54.11 21.01
N VAL A 757 -18.07 52.93 21.61
CA VAL A 757 -17.08 51.92 21.25
C VAL A 757 -17.69 50.52 21.22
N PRO A 758 -17.90 49.95 20.03
CA PRO A 758 -18.53 48.63 19.94
C PRO A 758 -17.56 47.47 20.07
N VAL A 759 -16.64 47.54 21.03
CA VAL A 759 -15.76 46.42 21.33
C VAL A 759 -15.95 45.90 22.76
N ARG A 760 -16.42 46.74 23.69
CA ARG A 760 -16.57 46.36 25.09
C ARG A 760 -17.64 45.32 25.37
N VAL A 761 -18.44 44.91 24.37
CA VAL A 761 -19.34 43.79 24.61
C VAL A 761 -18.56 42.47 24.55
N LEU A 762 -17.39 42.46 23.91
CA LEU A 762 -16.50 41.32 24.05
C LEU A 762 -15.96 41.23 25.46
N ASP A 763 -15.74 42.38 26.11
CA ASP A 763 -15.39 42.40 27.52
C ASP A 763 -16.57 41.96 28.39
N CYS A 764 -17.80 42.19 27.92
CA CYS A 764 -18.97 41.68 28.66
C CYS A 764 -19.04 40.17 28.56
N LEU A 765 -18.77 39.62 27.37
CA LEU A 765 -18.74 38.17 27.18
C LEU A 765 -17.63 37.54 28.01
N GLN A 766 -16.46 38.18 28.05
CA GLN A 766 -15.36 37.66 28.85
C GLN A 766 -15.67 37.74 30.34
N GLY A 767 -16.33 38.82 30.77
CA GLY A 767 -16.71 38.94 32.17
C GLY A 767 -17.73 37.93 32.63
N ILE A 768 -18.65 37.57 31.74
CA ILE A 768 -19.64 36.54 32.11
C ILE A 768 -18.99 35.15 32.07
N SER A 769 -18.08 34.91 31.12
CA SER A 769 -17.34 33.65 31.13
C SER A 769 -16.34 33.55 32.29
N TYR A 770 -15.95 34.69 32.87
CA TYR A 770 -15.19 34.66 34.11
C TYR A 770 -16.10 34.42 35.32
N ARG A 771 -17.33 34.96 35.27
CA ARG A 771 -18.20 34.94 36.45
C ARG A 771 -18.92 33.60 36.62
N LEU A 772 -19.29 32.94 35.53
CA LEU A 772 -20.09 31.71 35.68
C LEU A 772 -19.40 30.54 36.39
N PRO A 773 -18.18 30.08 36.02
CA PRO A 773 -17.67 28.86 36.67
C PRO A 773 -17.25 29.07 38.12
N GLY A 774 -17.04 30.32 38.55
CA GLY A 774 -16.83 30.58 39.97
C GLY A 774 -18.07 30.28 40.80
N LEU A 775 -19.25 30.56 40.25
CA LEU A 775 -20.48 30.00 40.79
C LEU A 775 -20.51 28.50 40.57
N ARG A 776 -21.06 27.78 41.55
CA ARG A 776 -21.28 26.34 41.42
C ARG A 776 -22.54 26.03 40.61
N LYS A 777 -23.06 24.81 40.75
CA LYS A 777 -24.26 24.40 40.03
C LYS A 777 -25.45 25.27 40.42
N ILE A 778 -26.28 25.58 39.42
CA ILE A 778 -27.43 26.46 39.59
C ILE A 778 -28.53 25.70 40.32
N SER A 779 -28.81 26.05 41.58
CA SER A 779 -29.92 25.43 42.29
C SER A 779 -30.77 26.48 43.00
N ASN A 780 -31.64 27.16 42.24
CA ASN A 780 -32.89 27.82 42.66
C ASN A 780 -33.55 28.48 41.44
N GLN A 781 -34.73 29.05 41.63
CA GLN A 781 -35.34 29.85 40.59
C GLN A 781 -34.75 31.26 40.51
N ASN A 782 -34.14 31.76 41.60
CA ASN A 782 -33.63 33.13 41.63
C ASN A 782 -32.47 33.35 40.67
N MET A 783 -31.44 32.48 40.72
CA MET A 783 -30.34 32.64 39.76
C MET A 783 -30.79 32.35 38.34
N LYS A 784 -31.80 31.51 38.14
CA LYS A 784 -32.35 31.31 36.80
C LYS A 784 -32.98 32.60 36.27
N LYS A 785 -33.76 33.30 37.10
CA LYS A 785 -34.35 34.57 36.69
C LYS A 785 -33.27 35.61 36.43
N ASP A 786 -32.21 35.60 37.24
CA ASP A 786 -31.15 36.62 37.12
C ASP A 786 -30.34 36.39 35.85
N VAL A 787 -29.96 35.14 35.59
CA VAL A 787 -29.18 34.85 34.39
C VAL A 787 -30.05 34.99 33.14
N GLU A 788 -31.36 34.74 33.26
CA GLU A 788 -32.25 34.97 32.13
C GLU A 788 -32.35 36.46 31.80
N ASN A 789 -32.46 37.31 32.82
CA ASN A 789 -32.47 38.75 32.59
C ASN A 789 -31.15 39.27 32.01
N VAL A 790 -30.00 38.76 32.49
CA VAL A 790 -28.73 39.23 31.95
C VAL A 790 -28.57 38.79 30.48
N PHE A 791 -28.93 37.54 30.15
CA PHE A 791 -28.85 37.12 28.76
C PHE A 791 -29.86 37.83 27.86
N LYS A 792 -31.04 38.22 28.38
CA LYS A 792 -31.97 38.99 27.55
C LYS A 792 -31.43 40.39 27.29
N MET A 793 -30.76 41.00 28.28
CA MET A 793 -30.15 42.30 28.04
C MET A 793 -28.95 42.17 27.12
N LEU A 794 -28.28 41.02 27.16
CA LEU A 794 -27.18 40.73 26.25
C LEU A 794 -27.67 40.56 24.82
N MET A 795 -28.83 39.90 24.64
CA MET A 795 -29.45 39.79 23.33
C MET A 795 -29.84 41.16 22.80
N HIS A 796 -30.31 42.02 23.71
CA HIS A 796 -30.70 43.39 23.35
C HIS A 796 -29.49 44.18 22.87
N LEU A 797 -28.39 44.11 23.62
CA LEU A 797 -27.18 44.82 23.25
C LEU A 797 -26.47 44.22 22.04
N VAL A 798 -26.74 42.96 21.70
CA VAL A 798 -26.24 42.43 20.44
C VAL A 798 -27.07 42.95 19.26
N ASP A 799 -28.39 42.79 19.31
CA ASP A 799 -29.19 43.06 18.12
C ASP A 799 -29.57 44.54 17.94
N ILE A 800 -29.20 45.44 18.85
CA ILE A 800 -29.40 46.86 18.57
C ILE A 800 -28.50 47.34 17.42
N TYR A 801 -27.19 47.12 17.49
CA TYR A 801 -26.36 47.97 16.63
C TYR A 801 -26.18 47.57 15.17
N GLN A 802 -25.32 46.57 14.90
CA GLN A 802 -24.95 46.13 13.56
C GLN A 802 -23.98 44.96 13.77
N HIS A 803 -23.40 44.38 12.71
CA HIS A 803 -22.11 43.70 12.80
C HIS A 803 -20.92 44.65 12.76
N ARG A 804 -21.15 45.96 12.95
CA ARG A 804 -20.08 46.92 13.21
C ARG A 804 -19.46 46.72 14.59
N ILE A 805 -20.15 46.01 15.49
CA ILE A 805 -19.53 45.43 16.67
C ILE A 805 -18.35 44.52 16.31
N PHE A 806 -18.49 43.74 15.23
CA PHE A 806 -17.52 42.76 14.75
C PHE A 806 -16.39 43.35 13.92
N GLY A 807 -16.18 44.66 13.95
CA GLY A 807 -15.23 45.29 13.05
C GLY A 807 -13.79 45.00 13.41
N GLU A 808 -12.92 45.29 12.43
CA GLU A 808 -11.45 45.14 12.43
C GLU A 808 -10.98 43.78 12.96
N ASN A 809 -11.66 42.73 12.46
CA ASN A 809 -11.33 41.31 12.70
C ASN A 809 -11.37 40.93 14.17
N LEU A 810 -12.38 41.41 14.89
CA LEU A 810 -12.62 40.99 16.27
C LEU A 810 -13.52 39.75 16.35
N LEU A 811 -14.05 39.31 15.20
CA LEU A 811 -15.06 38.24 15.15
C LEU A 811 -14.58 36.92 15.75
N GLN A 812 -13.33 36.54 15.49
CA GLN A 812 -12.78 35.28 15.99
C GLN A 812 -12.78 35.23 17.51
N ILE A 813 -12.49 36.36 18.16
CA ILE A 813 -12.47 36.38 19.62
C ILE A 813 -13.88 36.31 20.17
N TYR A 814 -14.86 36.92 19.48
CA TYR A 814 -16.26 36.79 19.90
C TYR A 814 -16.75 35.36 19.78
N LEU A 815 -16.34 34.65 18.71
CA LEU A 815 -16.75 33.27 18.54
C LEU A 815 -16.12 32.37 19.59
N THR A 816 -14.83 32.57 19.89
CA THR A 816 -14.19 31.76 20.93
C THR A 816 -14.74 32.07 22.31
N GLU A 817 -15.11 33.33 22.58
CA GLU A 817 -15.67 33.65 23.88
C GLU A 817 -17.09 33.12 24.05
N CYS A 818 -17.89 33.11 22.98
CA CYS A 818 -19.24 32.57 23.15
C CYS A 818 -19.21 31.04 23.21
N LEU A 819 -18.23 30.40 22.54
CA LEU A 819 -18.05 28.96 22.73
C LEU A 819 -17.60 28.62 24.16
N THR A 820 -16.65 29.39 24.72
CA THR A 820 -16.24 29.16 26.11
C THR A 820 -17.40 29.41 27.07
N LEU A 821 -18.24 30.41 26.76
CA LEU A 821 -19.38 30.72 27.61
C LEU A 821 -20.43 29.63 27.55
N HIS A 822 -20.64 29.04 26.37
CA HIS A 822 -21.52 27.90 26.22
C HIS A 822 -20.99 26.70 26.98
N GLU A 823 -19.68 26.44 26.90
CA GLU A 823 -19.09 25.31 27.59
C GLU A 823 -19.16 25.48 29.11
N THR A 824 -18.96 26.69 29.62
CA THR A 824 -19.01 26.86 31.06
C THR A 824 -20.42 27.05 31.59
N VAL A 825 -21.42 27.21 30.72
CA VAL A 825 -22.79 27.25 31.19
C VAL A 825 -23.51 25.91 31.01
N CYS A 826 -23.03 25.03 30.12
CA CYS A 826 -23.52 23.66 30.07
C CYS A 826 -23.04 22.83 31.26
N ASN A 827 -21.90 23.19 31.85
CA ASN A 827 -21.35 22.40 32.95
C ASN A 827 -21.95 22.74 34.31
N ILE A 828 -22.86 23.72 34.40
CA ILE A 828 -23.47 24.07 35.68
C ILE A 828 -24.99 23.97 35.67
N THR A 829 -25.60 23.46 34.60
CA THR A 829 -27.02 23.14 34.64
C THR A 829 -27.24 21.62 34.58
N ALA A 830 -27.81 21.06 35.65
CA ALA A 830 -28.07 19.64 35.79
C ALA A 830 -29.43 19.41 36.45
N ASN A 831 -30.43 20.24 36.13
CA ASN A 831 -31.77 20.07 36.67
C ASN A 831 -32.89 20.00 35.64
N HIS A 832 -32.63 20.32 34.36
CA HIS A 832 -33.46 20.15 33.16
C HIS A 832 -34.72 21.02 33.16
N GLN A 833 -35.05 21.69 34.26
CA GLN A 833 -35.97 22.81 34.23
C GLN A 833 -35.24 24.11 33.93
N PHE A 834 -33.92 24.03 33.81
CA PHE A 834 -33.06 25.17 33.53
C PHE A 834 -32.52 25.13 32.10
N PHE A 835 -33.25 24.48 31.19
CA PHE A 835 -32.86 24.37 29.79
C PHE A 835 -32.89 25.72 29.07
N GLU A 836 -33.61 26.69 29.64
CA GLU A 836 -33.69 28.03 29.09
C GLU A 836 -32.31 28.68 28.99
N ILE A 837 -31.43 28.38 29.93
CA ILE A 837 -30.10 28.99 30.00
C ILE A 837 -29.19 28.47 28.88
N PRO A 838 -29.05 27.14 28.60
CA PRO A 838 -28.32 26.78 27.38
C PRO A 838 -29.07 27.11 26.10
N ALA A 839 -30.40 27.22 26.16
CA ALA A 839 -31.14 27.72 25.00
C ALA A 839 -30.72 29.15 24.65
N LEU A 840 -30.58 30.00 25.68
CA LEU A 840 -30.08 31.35 25.48
C LEU A 840 -28.63 31.34 25.00
N SER A 841 -27.80 30.47 25.57
CA SER A 841 -26.39 30.50 25.16
C SER A 841 -26.15 29.86 23.79
N ALA A 842 -27.13 29.13 23.23
CA ALA A 842 -27.04 28.74 21.84
C ALA A 842 -27.75 29.70 20.90
N GLU A 843 -28.76 30.43 21.38
CA GLU A 843 -29.31 31.50 20.58
C GLU A 843 -28.35 32.66 20.49
N LEU A 844 -27.41 32.79 21.44
CA LEU A 844 -26.41 33.84 21.35
C LEU A 844 -25.44 33.58 20.20
N ILE A 845 -24.96 32.35 20.06
CA ILE A 845 -24.10 32.07 18.92
C ILE A 845 -24.90 32.04 17.63
N CYS A 846 -26.21 31.73 17.70
CA CYS A 846 -27.10 31.93 16.55
C CYS A 846 -27.18 33.39 16.13
N LYS A 847 -27.35 34.31 17.09
CA LYS A 847 -27.42 35.73 16.77
C LYS A 847 -26.09 36.28 16.27
N LEU A 848 -24.97 35.83 16.85
CA LEU A 848 -23.68 36.31 16.37
C LEU A 848 -23.36 35.76 14.98
N LEU A 849 -23.88 34.57 14.66
CA LEU A 849 -23.70 34.04 13.32
C LEU A 849 -24.58 34.77 12.31
N GLU A 850 -25.80 35.17 12.70
CA GLU A 850 -26.72 35.68 11.68
C GLU A 850 -26.48 37.16 11.35
N LEU A 851 -25.44 37.79 11.89
CA LEU A 851 -25.20 39.20 11.64
C LEU A 851 -23.95 39.46 10.82
N SER A 852 -23.02 38.51 10.77
CA SER A 852 -21.69 38.73 10.25
C SER A 852 -21.71 38.86 8.73
N PRO A 853 -20.67 39.47 8.14
CA PRO A 853 -20.65 39.61 6.68
C PRO A 853 -19.90 38.45 6.05
N PRO A 854 -20.35 38.00 4.88
CA PRO A 854 -19.51 37.10 4.07
C PRO A 854 -18.40 37.88 3.37
N GLY A 855 -17.18 37.36 3.47
CA GLY A 855 -16.03 37.99 2.85
C GLY A 855 -15.98 37.82 1.35
N GLU A 863 -12.55 35.00 1.19
CA GLU A 863 -11.81 33.77 1.36
C GLU A 863 -12.66 32.70 2.07
N LYS A 864 -12.01 31.59 2.43
CA LYS A 864 -12.65 30.43 3.03
C LYS A 864 -12.29 30.26 4.51
N SER A 865 -11.61 31.25 5.09
CA SER A 865 -11.37 31.27 6.53
C SER A 865 -12.64 31.60 7.33
N TYR A 866 -13.53 32.44 6.81
CA TYR A 866 -14.79 32.69 7.51
C TYR A 866 -15.70 31.46 7.47
N GLU A 867 -15.74 30.73 6.35
CA GLU A 867 -16.59 29.55 6.27
C GLU A 867 -16.07 28.41 7.15
N ASP A 868 -14.76 28.18 7.14
CA ASP A 868 -14.20 27.18 8.04
C ASP A 868 -14.31 27.62 9.50
N LEU A 869 -14.30 28.93 9.74
CA LEU A 869 -14.45 29.44 11.10
C LEU A 869 -15.87 29.21 11.62
N VAL A 870 -16.88 29.48 10.78
CA VAL A 870 -18.25 29.31 11.22
C VAL A 870 -18.61 27.83 11.35
N THR A 871 -18.08 26.98 10.47
CA THR A 871 -18.29 25.54 10.63
C THR A 871 -17.63 25.01 11.89
N SER A 872 -16.40 25.42 12.19
CA SER A 872 -15.70 24.91 13.36
C SER A 872 -16.39 25.37 14.65
N THR A 873 -16.85 26.62 14.69
CA THR A 873 -17.54 27.10 15.88
C THR A 873 -18.90 26.43 16.06
N LEU A 874 -19.61 26.14 14.97
CA LEU A 874 -20.89 25.43 15.11
C LEU A 874 -20.68 23.99 15.54
N GLN A 875 -19.62 23.34 15.01
CA GLN A 875 -19.28 21.98 15.43
C GLN A 875 -18.97 21.91 16.91
N GLU A 876 -18.20 22.89 17.41
CA GLU A 876 -17.86 22.87 18.83
C GLU A 876 -19.08 23.19 19.69
N ALA A 877 -19.98 24.05 19.21
CA ALA A 877 -21.20 24.33 19.95
C ALA A 877 -22.13 23.13 20.01
N LEU A 878 -22.30 22.37 18.92
CA LEU A 878 -23.19 21.22 19.06
C LEU A 878 -22.52 20.07 19.79
N ALA A 879 -21.19 19.98 19.73
CA ALA A 879 -20.49 18.99 20.55
C ALA A 879 -20.69 19.26 22.03
N THR A 880 -20.63 20.54 22.42
CA THR A 880 -20.91 20.90 23.81
C THR A 880 -22.37 20.64 24.17
N THR A 881 -23.28 20.84 23.20
CA THR A 881 -24.70 20.60 23.45
C THR A 881 -24.99 19.11 23.62
N ARG A 882 -24.40 18.27 22.76
CA ARG A 882 -24.61 16.83 22.85
C ARG A 882 -23.99 16.27 24.13
N ASN A 883 -22.82 16.76 24.53
CA ASN A 883 -22.27 16.30 25.80
C ASN A 883 -23.02 16.83 27.01
N TRP A 884 -23.74 17.96 26.89
CA TRP A 884 -24.62 18.35 27.99
C TRP A 884 -25.84 17.44 28.09
N LEU A 885 -26.46 17.16 26.93
CA LEU A 885 -27.65 16.32 26.95
C LEU A 885 -27.28 14.90 27.38
N ARG A 886 -26.07 14.43 27.04
CA ARG A 886 -25.71 13.16 27.61
C ARG A 886 -25.25 13.31 29.06
N SER A 887 -25.12 14.55 29.56
CA SER A 887 -24.63 14.69 30.92
C SER A 887 -25.78 14.58 31.90
N LEU A 888 -26.98 15.07 31.54
CA LEU A 888 -28.03 15.02 32.56
C LEU A 888 -29.19 14.09 32.21
N PHE A 889 -29.21 13.50 31.02
CA PHE A 889 -30.15 12.44 30.66
C PHE A 889 -29.52 11.05 30.85
N LYS A 890 -29.09 10.75 32.07
CA LYS A 890 -28.46 9.46 32.33
C LYS A 890 -29.45 8.36 32.70
N SER A 891 -30.51 8.22 31.90
CA SER A 891 -31.50 7.14 32.01
C SER A 891 -32.37 7.16 30.76
N ARG A 892 -33.39 6.31 30.74
CA ARG A 892 -34.28 6.15 29.60
C ARG A 892 -35.35 7.25 29.57
N MET A 893 -36.24 7.14 28.60
CA MET A 893 -37.47 7.94 28.53
C MET A 893 -38.68 7.05 28.75
N LEU A 894 -39.73 7.67 29.28
CA LEU A 894 -41.06 7.07 29.47
C LEU A 894 -41.05 5.73 30.22
N SER A 895 -40.31 5.70 31.32
CA SER A 895 -40.39 4.56 32.24
C SER A 895 -41.76 4.56 32.88
N ILE A 896 -42.41 3.39 32.91
CA ILE A 896 -43.86 3.35 33.11
C ILE A 896 -44.25 3.32 34.60
N SER A 897 -43.92 2.22 35.30
CA SER A 897 -44.07 2.04 36.75
C SER A 897 -45.47 2.14 37.32
N SER A 898 -46.49 2.44 36.50
CA SER A 898 -47.83 2.67 37.04
C SER A 898 -48.96 2.20 36.13
N ALA A 899 -48.67 1.57 35.00
CA ALA A 899 -49.54 1.37 33.83
C ALA A 899 -50.11 2.68 33.27
N TYR A 900 -49.43 3.80 33.54
CA TYR A 900 -49.80 5.16 33.11
C TYR A 900 -48.50 5.83 32.66
N VAL A 901 -47.90 5.25 31.61
CA VAL A 901 -46.57 5.60 31.09
C VAL A 901 -46.31 7.10 30.88
N ARG A 902 -45.30 7.61 31.57
CA ARG A 902 -44.99 9.02 31.64
C ARG A 902 -43.47 9.19 31.62
N LEU A 903 -43.03 10.37 31.16
CA LEU A 903 -41.61 10.69 31.15
C LEU A 903 -41.06 10.78 32.57
N THR A 904 -39.83 10.31 32.76
CA THR A 904 -39.20 10.42 34.06
C THR A 904 -38.47 11.75 34.19
N TYR A 905 -38.51 12.57 33.15
CA TYR A 905 -37.95 13.91 33.09
C TYR A 905 -39.00 14.85 32.53
N SER A 906 -40.18 14.84 33.18
CA SER A 906 -41.51 15.22 32.67
C SER A 906 -41.59 16.41 31.70
N GLU A 907 -40.76 17.40 31.93
CA GLU A 907 -40.52 18.51 30.99
C GLU A 907 -39.26 18.30 30.15
N GLU A 908 -39.32 17.23 29.35
CA GLU A 908 -38.27 16.85 28.41
C GLU A 908 -38.59 17.30 26.99
N MET A 909 -39.82 17.08 26.54
CA MET A 909 -40.25 17.47 25.20
C MET A 909 -40.21 18.99 24.99
N ALA A 910 -40.38 19.75 26.07
CA ALA A 910 -40.17 21.20 26.02
C ALA A 910 -38.72 21.55 25.72
N VAL A 911 -37.77 20.84 26.35
CA VAL A 911 -36.34 21.04 26.11
C VAL A 911 -35.99 20.80 24.65
N TRP A 912 -36.51 19.72 24.08
CA TRP A 912 -36.17 19.40 22.69
C TRP A 912 -36.82 20.38 21.73
N ARG A 913 -38.06 20.81 22.03
CA ARG A 913 -38.70 21.82 21.21
C ARG A 913 -37.93 23.13 21.22
N ARG A 914 -37.46 23.56 22.40
CA ARG A 914 -36.79 24.85 22.48
C ARG A 914 -35.40 24.81 21.83
N LEU A 915 -34.59 23.80 22.16
CA LEU A 915 -33.24 23.69 21.60
C LEU A 915 -33.18 23.18 20.16
N VAL A 916 -34.26 22.71 19.55
CA VAL A 916 -34.16 22.28 18.16
C VAL A 916 -34.67 23.39 17.22
N GLU A 917 -35.59 24.22 17.71
CA GLU A 917 -36.24 25.21 16.84
C GLU A 917 -35.37 26.41 16.49
N ILE A 918 -34.19 26.56 17.11
CA ILE A 918 -33.36 27.72 16.81
C ILE A 918 -32.70 27.56 15.45
N GLY A 919 -32.63 28.64 14.69
CA GLY A 919 -32.25 28.55 13.29
C GLY A 919 -30.80 28.80 12.94
N PHE A 920 -30.01 27.73 12.88
CA PHE A 920 -28.71 27.75 12.23
C PHE A 920 -28.90 27.66 10.71
N PRO A 921 -27.84 27.93 9.92
CA PRO A 921 -27.95 27.62 8.48
C PRO A 921 -28.04 26.13 8.24
N GLU A 922 -29.04 25.72 7.44
CA GLU A 922 -29.34 24.31 7.27
C GLU A 922 -28.58 23.66 6.10
N LYS A 923 -27.48 24.24 5.66
CA LYS A 923 -26.51 23.45 4.89
C LYS A 923 -25.60 22.66 5.82
N HIS A 924 -25.60 23.00 7.11
CA HIS A 924 -24.88 22.28 8.16
C HIS A 924 -25.82 21.25 8.79
N GLY A 925 -25.45 20.73 9.95
CA GLY A 925 -26.36 19.85 10.66
C GLY A 925 -27.36 20.55 11.56
N TRP A 926 -27.34 20.19 12.86
CA TRP A 926 -28.18 20.67 13.97
C TRP A 926 -29.62 20.15 13.88
N LYS A 927 -30.04 19.68 12.72
CA LYS A 927 -31.35 19.09 12.51
C LYS A 927 -31.30 17.68 11.97
N GLY A 928 -30.29 17.35 11.17
CA GLY A 928 -30.03 15.96 10.83
C GLY A 928 -29.36 15.18 11.95
N SER A 929 -28.89 15.87 13.00
CA SER A 929 -28.14 15.27 14.09
C SER A 929 -28.97 15.12 15.36
N LEU A 930 -29.64 16.19 15.78
CA LEU A 930 -30.48 16.12 16.98
C LEU A 930 -31.71 15.25 16.76
N LEU A 931 -32.25 15.22 15.53
CA LEU A 931 -33.36 14.32 15.26
C LEU A 931 -32.88 12.87 15.20
N GLY A 932 -31.67 12.64 14.67
CA GLY A 932 -31.06 11.31 14.74
C GLY A 932 -30.78 10.90 16.18
N ASP A 933 -30.44 11.87 17.01
CA ASP A 933 -30.28 11.64 18.44
C ASP A 933 -31.62 11.23 19.07
N MET A 934 -32.71 11.91 18.68
CA MET A 934 -34.00 11.56 19.24
C MET A 934 -34.50 10.21 18.77
N GLU A 935 -34.24 9.83 17.51
CA GLU A 935 -34.63 8.49 17.11
C GLU A 935 -33.80 7.42 17.82
N GLY A 936 -32.49 7.61 17.95
CA GLY A 936 -31.69 6.67 18.72
C GLY A 936 -31.98 6.59 20.20
N ARG A 937 -32.49 7.67 20.81
CA ARG A 937 -32.94 7.59 22.19
C ARG A 937 -34.32 6.96 22.29
N LEU A 938 -35.18 7.19 21.30
CA LEU A 938 -36.53 6.67 21.28
C LEU A 938 -36.60 5.21 20.82
N LYS A 939 -35.74 4.80 19.88
CA LYS A 939 -35.71 3.39 19.47
C LYS A 939 -35.03 2.50 20.51
N GLN A 940 -34.55 3.07 21.61
CA GLN A 940 -34.10 2.28 22.76
C GLN A 940 -35.27 1.68 23.53
N GLU A 941 -36.56 2.10 23.22
CA GLU A 941 -37.80 1.74 23.89
C GLU A 941 -38.50 0.61 23.14
N PRO A 942 -39.25 -0.25 23.83
CA PRO A 942 -40.01 -1.27 23.13
C PRO A 942 -41.21 -0.67 22.42
N PRO A 943 -41.70 -1.31 21.34
CA PRO A 943 -42.73 -0.64 20.51
C PRO A 943 -44.08 -0.51 21.20
N ARG A 944 -44.41 -1.44 22.10
CA ARG A 944 -45.68 -1.39 22.82
C ARG A 944 -45.76 -0.16 23.73
N LEU A 945 -44.68 0.10 24.47
CA LEU A 945 -44.67 1.22 25.40
C LEU A 945 -44.59 2.54 24.65
N GLN A 946 -43.91 2.55 23.50
CA GLN A 946 -43.83 3.73 22.65
C GLN A 946 -45.20 4.09 22.07
N ILE A 947 -45.92 3.10 21.55
CA ILE A 947 -47.27 3.35 21.03
C ILE A 947 -48.24 3.68 22.16
N SER A 948 -48.02 3.13 23.37
CA SER A 948 -48.88 3.46 24.49
C SER A 948 -48.63 4.88 24.99
N PHE A 949 -47.42 5.37 24.85
CA PHE A 949 -47.14 6.78 25.14
C PHE A 949 -47.63 7.71 24.05
N PHE A 950 -47.60 7.27 22.79
CA PHE A 950 -48.02 8.10 21.67
C PHE A 950 -49.49 8.53 21.74
N CYS A 951 -50.33 7.79 22.46
CA CYS A 951 -51.71 8.22 22.70
C CYS A 951 -52.01 8.42 24.17
N SER A 952 -51.11 9.08 24.90
CA SER A 952 -51.24 9.20 26.35
C SER A 952 -51.41 10.63 26.84
N SER A 953 -51.71 11.58 25.96
CA SER A 953 -51.84 13.02 26.27
C SER A 953 -50.60 13.63 26.93
N GLN A 954 -49.39 13.19 26.54
CA GLN A 954 -48.17 13.93 26.85
C GLN A 954 -47.25 14.08 25.64
N CYS A 955 -47.51 13.36 24.55
CA CYS A 955 -47.02 13.75 23.22
C CYS A 955 -48.08 14.58 22.49
N ARG A 956 -48.46 15.67 23.13
CA ARG A 956 -49.48 16.59 22.63
C ARG A 956 -48.82 17.68 21.79
N ASP A 957 -49.65 18.58 21.26
CA ASP A 957 -49.27 19.74 20.45
C ASP A 957 -48.48 19.34 19.20
N GLY A 958 -49.20 18.66 18.30
CA GLY A 958 -48.79 18.55 16.92
C GLY A 958 -48.74 19.94 16.32
N GLY A 959 -47.53 20.47 16.14
CA GLY A 959 -47.33 21.90 16.03
C GLY A 959 -47.06 22.48 14.66
N LEU A 960 -47.79 21.98 13.65
CA LEU A 960 -47.75 22.46 12.26
C LEU A 960 -46.34 22.36 11.66
N HIS A 961 -45.90 21.10 11.49
CA HIS A 961 -44.56 20.71 11.05
C HIS A 961 -43.48 21.17 12.04
N ASP A 962 -43.80 21.13 13.33
CA ASP A 962 -42.77 20.94 14.35
C ASP A 962 -41.99 19.68 14.04
N SER A 963 -40.70 19.84 13.74
CA SER A 963 -39.95 18.76 13.10
C SER A 963 -39.59 17.64 14.06
N VAL A 964 -39.60 17.90 15.37
CA VAL A 964 -39.44 16.81 16.33
C VAL A 964 -40.71 15.99 16.39
N SER A 965 -41.86 16.57 16.07
CA SER A 965 -43.08 15.78 16.00
C SER A 965 -43.10 14.95 14.74
N ARG A 966 -42.44 15.40 13.67
CA ARG A 966 -42.32 14.58 12.47
C ARG A 966 -41.32 13.45 12.67
N SER A 967 -40.26 13.72 13.44
CA SER A 967 -39.38 12.66 13.95
C SER A 967 -40.18 11.61 14.72
N PHE A 968 -41.09 12.06 15.58
CA PHE A 968 -41.86 11.11 16.38
C PHE A 968 -42.90 10.38 15.53
N GLU A 969 -43.44 11.03 14.50
CA GLU A 969 -44.32 10.36 13.55
C GLU A 969 -43.59 9.24 12.81
N LYS A 970 -42.36 9.52 12.36
CA LYS A 970 -41.58 8.52 11.63
C LYS A 970 -41.18 7.37 12.55
N CYS A 971 -40.80 7.68 13.78
CA CYS A 971 -40.44 6.63 14.74
C CYS A 971 -41.63 5.79 15.16
N VAL A 972 -42.83 6.39 15.25
CA VAL A 972 -43.99 5.60 15.62
C VAL A 972 -44.47 4.75 14.44
N ILE A 973 -44.29 5.23 13.20
CA ILE A 973 -44.56 4.38 12.04
C ILE A 973 -43.56 3.22 11.98
N GLU A 974 -42.31 3.46 12.36
CA GLU A 974 -41.34 2.36 12.43
C GLU A 974 -41.64 1.40 13.58
N ALA A 975 -42.18 1.91 14.70
CA ALA A 975 -42.58 1.04 15.80
C ALA A 975 -43.81 0.20 15.43
N VAL A 976 -44.72 0.77 14.65
CA VAL A 976 -45.84 0.02 14.09
C VAL A 976 -45.34 -1.09 13.17
N SER A 977 -44.35 -0.76 12.32
CA SER A 977 -43.78 -1.78 11.43
C SER A 977 -43.09 -2.89 12.21
N SER A 978 -42.43 -2.54 13.32
CA SER A 978 -41.76 -3.56 14.12
C SER A 978 -42.75 -4.39 14.94
N ALA A 979 -43.88 -3.80 15.36
CA ALA A 979 -44.89 -4.58 16.05
C ALA A 979 -45.83 -5.36 15.14
N CYS A 980 -45.83 -5.08 13.83
CA CYS A 980 -46.58 -5.92 12.90
C CYS A 980 -45.71 -6.98 12.23
N GLN A 981 -44.37 -6.83 12.27
CA GLN A 981 -43.53 -7.98 11.95
C GLN A 981 -43.65 -9.04 13.03
N SER A 982 -43.81 -8.62 14.29
CA SER A 982 -44.29 -9.55 15.30
C SER A 982 -45.80 -9.71 15.18
N GLN A 983 -46.34 -10.69 15.90
CA GLN A 983 -47.77 -11.00 15.84
C GLN A 983 -48.55 -10.39 17.00
N THR A 984 -48.18 -9.21 17.45
CA THR A 984 -48.85 -8.52 18.54
C THR A 984 -49.82 -7.50 17.99
N SER A 985 -51.09 -7.60 18.38
CA SER A 985 -52.10 -6.63 17.97
C SER A 985 -51.85 -5.28 18.64
N VAL A 986 -51.94 -4.21 17.85
CA VAL A 986 -51.51 -2.89 18.31
C VAL A 986 -52.55 -2.25 19.22
N LEU A 987 -53.79 -2.12 18.74
CA LEU A 987 -54.79 -1.25 19.36
C LEU A 987 -55.86 -2.06 20.11
N GLU A 988 -55.66 -2.24 21.42
CA GLU A 988 -56.71 -2.71 22.31
C GLU A 988 -56.77 -1.93 23.62
N GLY A 989 -56.04 -0.82 23.75
CA GLY A 989 -56.12 0.01 24.93
C GLY A 989 -55.98 1.49 24.67
N LEU A 990 -56.10 1.88 23.41
CA LEU A 990 -55.78 3.25 22.99
C LEU A 990 -56.96 4.19 23.20
N SER A 991 -56.82 5.12 24.15
CA SER A 991 -57.74 6.24 24.30
C SER A 991 -56.97 7.45 23.79
N CYS A 992 -57.16 7.76 22.52
CA CYS A 992 -56.28 8.63 21.75
C CYS A 992 -57.09 9.75 21.08
N GLN A 993 -57.84 10.51 21.90
CA GLN A 993 -58.82 11.48 21.43
C GLN A 993 -58.26 12.60 20.56
N ASP A 994 -56.95 12.84 20.56
CA ASP A 994 -56.36 13.66 19.50
C ASP A 994 -56.40 12.86 18.21
N LEU A 995 -57.24 13.30 17.28
CA LEU A 995 -57.62 12.51 16.11
C LEU A 995 -56.60 12.50 14.97
N GLN A 996 -55.66 13.45 14.95
CA GLN A 996 -54.67 13.49 13.87
C GLN A 996 -53.65 12.38 13.99
N LYS A 997 -53.07 12.21 15.19
CA LYS A 997 -52.11 11.15 15.43
C LYS A 997 -52.76 9.77 15.38
N PHE A 998 -54.03 9.65 15.80
CA PHE A 998 -54.72 8.37 15.69
C PHE A 998 -54.96 7.99 14.24
N GLY A 999 -55.37 8.96 13.40
CA GLY A 999 -55.50 8.62 11.99
C GLY A 999 -54.18 8.34 11.30
N THR A 1000 -53.10 8.99 11.74
CA THR A 1000 -51.79 8.66 11.18
C THR A 1000 -51.28 7.28 11.60
N LEU A 1001 -51.53 6.88 12.86
CA LEU A 1001 -51.18 5.51 13.28
C LEU A 1001 -52.01 4.48 12.53
N LEU A 1002 -53.28 4.77 12.25
CA LEU A 1002 -54.09 3.81 11.50
C LEU A 1002 -53.59 3.70 10.05
N SER A 1003 -53.24 4.84 9.43
CA SER A 1003 -52.63 4.80 8.10
C SER A 1003 -51.34 3.99 8.10
N ALA A 1004 -50.58 4.09 9.20
CA ALA A 1004 -49.34 3.32 9.34
C ALA A 1004 -49.62 1.83 9.42
N VAL A 1005 -50.59 1.44 10.26
CA VAL A 1005 -50.87 0.02 10.47
C VAL A 1005 -51.48 -0.59 9.21
N ILE A 1006 -52.23 0.20 8.42
CA ILE A 1006 -52.76 -0.31 7.16
C ILE A 1006 -51.62 -0.51 6.15
N THR A 1007 -50.85 0.55 5.87
CA THR A 1007 -49.86 0.40 4.80
C THR A 1007 -48.66 -0.47 5.20
N LYS A 1008 -48.47 -0.74 6.50
CA LYS A 1008 -47.39 -1.62 6.93
C LYS A 1008 -47.87 -2.98 7.43
N SER A 1009 -49.18 -3.23 7.47
CA SER A 1009 -49.70 -4.56 7.76
C SER A 1009 -50.28 -5.24 6.53
N TRP A 1010 -50.27 -4.56 5.38
CA TRP A 1010 -50.98 -5.04 4.22
C TRP A 1010 -50.18 -6.22 3.63
N PRO A 1011 -50.87 -7.26 3.13
CA PRO A 1011 -50.17 -8.49 2.76
C PRO A 1011 -49.31 -8.38 1.51
N VAL A 1012 -48.08 -7.90 1.70
CA VAL A 1012 -47.13 -7.71 0.61
C VAL A 1012 -46.57 -9.07 0.19
N HIS A 1013 -46.18 -9.15 -1.09
CA HIS A 1013 -45.72 -10.38 -1.70
C HIS A 1013 -44.49 -10.09 -2.57
N ASN A 1014 -43.47 -9.49 -1.91
CA ASN A 1014 -42.30 -8.68 -2.36
C ASN A 1014 -42.66 -7.22 -2.63
N GLY A 1015 -43.73 -6.75 -2.00
CA GLY A 1015 -44.11 -5.36 -1.98
C GLY A 1015 -45.39 -5.09 -2.75
N GLU A 1016 -46.49 -5.14 -1.99
CA GLU A 1016 -47.90 -4.90 -2.30
C GLU A 1016 -48.38 -5.31 -3.69
N PRO A 1017 -48.42 -6.61 -4.06
CA PRO A 1017 -49.51 -7.06 -4.94
C PRO A 1017 -50.63 -7.72 -4.15
N VAL A 1018 -51.88 -7.42 -4.46
CA VAL A 1018 -52.99 -8.23 -3.97
C VAL A 1018 -53.90 -8.72 -5.12
N PHE A 1019 -54.58 -7.80 -5.81
CA PHE A 1019 -55.26 -8.01 -7.10
C PHE A 1019 -56.37 -9.07 -7.04
N ASP A 1020 -56.77 -9.53 -5.85
CA ASP A 1020 -57.55 -10.75 -5.69
C ASP A 1020 -58.61 -10.50 -4.63
N VAL A 1021 -59.27 -11.57 -4.19
CA VAL A 1021 -60.13 -11.52 -3.02
C VAL A 1021 -59.73 -12.47 -1.90
N ASP A 1022 -59.02 -13.57 -2.17
CA ASP A 1022 -58.80 -14.60 -1.15
C ASP A 1022 -57.75 -14.22 -0.11
N GLU A 1023 -56.60 -13.67 -0.54
CA GLU A 1023 -55.56 -13.33 0.43
C GLU A 1023 -55.97 -12.12 1.27
N ILE A 1024 -56.64 -11.13 0.66
CA ILE A 1024 -57.16 -10.02 1.45
C ILE A 1024 -58.20 -10.50 2.46
N PHE A 1025 -59.02 -11.49 2.10
CA PHE A 1025 -60.07 -11.93 3.01
C PHE A 1025 -59.49 -12.76 4.16
N LYS A 1026 -58.48 -13.58 3.89
CA LYS A 1026 -57.77 -14.25 4.99
C LYS A 1026 -57.07 -13.23 5.88
N TYR A 1027 -56.47 -12.19 5.30
CA TYR A 1027 -55.94 -11.07 6.09
C TYR A 1027 -56.99 -10.46 7.01
N LEU A 1028 -58.22 -10.22 6.51
CA LEU A 1028 -59.25 -9.64 7.38
C LEU A 1028 -59.67 -10.62 8.47
N LEU A 1029 -59.82 -11.90 8.14
CA LEU A 1029 -60.32 -12.82 9.13
C LEU A 1029 -59.28 -13.22 10.18
N LYS A 1030 -57.99 -13.16 9.84
CA LYS A 1030 -56.99 -13.71 10.75
C LYS A 1030 -56.35 -12.67 11.64
N TRP A 1031 -56.06 -11.50 11.10
CA TRP A 1031 -55.40 -10.44 11.88
C TRP A 1031 -56.46 -9.79 12.77
N PRO A 1032 -56.20 -9.65 14.08
CA PRO A 1032 -57.22 -9.02 14.96
C PRO A 1032 -57.34 -7.50 14.94
N ASP A 1033 -56.37 -6.74 14.44
CA ASP A 1033 -56.50 -5.29 14.38
C ASP A 1033 -57.45 -4.81 13.28
N VAL A 1034 -57.83 -5.68 12.34
CA VAL A 1034 -58.64 -5.25 11.20
C VAL A 1034 -60.08 -4.97 11.61
N ARG A 1035 -60.68 -5.83 12.44
CA ARG A 1035 -62.03 -5.57 12.91
C ARG A 1035 -62.08 -4.34 13.82
N GLN A 1036 -61.04 -4.11 14.63
CA GLN A 1036 -60.98 -2.91 15.45
C GLN A 1036 -60.83 -1.66 14.59
N LEU A 1037 -60.04 -1.78 13.51
CA LEU A 1037 -59.86 -0.72 12.54
C LEU A 1037 -61.19 -0.35 11.89
N PHE A 1038 -61.94 -1.35 11.43
CA PHE A 1038 -63.19 -1.06 10.76
C PHE A 1038 -64.25 -0.55 11.73
N GLU A 1039 -64.20 -1.01 13.00
CA GLU A 1039 -65.09 -0.48 14.03
C GLU A 1039 -64.83 1.00 14.28
N LEU A 1040 -63.55 1.38 14.41
CA LEU A 1040 -63.26 2.76 14.75
C LEU A 1040 -63.35 3.70 13.55
N CYS A 1041 -63.17 3.21 12.33
CA CYS A 1041 -63.42 4.07 11.17
C CYS A 1041 -64.86 4.06 10.70
N GLY A 1042 -65.69 3.12 11.17
CA GLY A 1042 -67.10 3.19 10.83
C GLY A 1042 -67.94 3.74 11.95
N THR A 1043 -67.32 3.98 13.11
CA THR A 1043 -68.01 4.69 14.18
C THR A 1043 -68.18 6.16 13.82
N ASN A 1044 -67.11 6.79 13.34
CA ASN A 1044 -67.09 8.20 12.99
C ASN A 1044 -66.38 8.37 11.65
N GLU A 1045 -66.95 9.24 10.81
CA GLU A 1045 -66.39 9.64 9.52
C GLU A 1045 -65.20 10.58 9.64
N LYS A 1046 -64.99 11.17 10.82
CA LYS A 1046 -63.84 12.02 11.12
C LYS A 1046 -62.51 11.26 11.26
N ILE A 1047 -62.47 9.94 11.02
CA ILE A 1047 -61.20 9.23 10.97
C ILE A 1047 -60.81 8.88 9.54
N ILE A 1048 -61.78 8.61 8.66
CA ILE A 1048 -61.45 8.30 7.28
C ILE A 1048 -61.08 9.54 6.47
N ASP A 1049 -61.41 10.74 6.96
CA ASP A 1049 -61.09 11.94 6.20
C ASP A 1049 -59.60 12.27 6.22
N ASN A 1050 -58.87 11.87 7.25
CA ASN A 1050 -57.43 12.14 7.36
C ASN A 1050 -56.67 10.81 7.41
N ILE A 1051 -56.38 10.24 6.24
CA ILE A 1051 -55.51 9.06 6.22
C ILE A 1051 -54.23 9.25 5.41
N THR A 1052 -54.35 9.27 4.07
CA THR A 1052 -53.32 9.36 3.03
C THR A 1052 -53.99 9.46 1.66
N GLU A 1053 -53.20 9.33 0.60
CA GLU A 1053 -53.72 8.95 -0.71
C GLU A 1053 -53.72 7.44 -0.92
N GLU A 1054 -52.79 6.72 -0.28
CA GLU A 1054 -52.59 5.28 -0.42
C GLU A 1054 -53.56 4.47 0.44
N GLY A 1055 -53.76 4.89 1.68
CA GLY A 1055 -54.62 4.15 2.59
C GLY A 1055 -56.08 4.15 2.20
N ARG A 1056 -56.59 5.21 1.56
CA ARG A 1056 -57.98 5.12 1.12
C ARG A 1056 -58.18 4.20 -0.09
N GLN A 1057 -57.20 4.10 -1.01
CA GLN A 1057 -57.32 3.09 -2.06
C GLN A 1057 -57.23 1.68 -1.50
N LEU A 1058 -56.34 1.45 -0.52
CA LEU A 1058 -56.23 0.11 0.05
C LEU A 1058 -57.43 -0.24 0.93
N MET A 1059 -57.96 0.74 1.66
CA MET A 1059 -59.20 0.58 2.40
C MET A 1059 -60.38 0.32 1.49
N ALA A 1060 -60.42 0.99 0.32
CA ALA A 1060 -61.49 0.76 -0.64
C ALA A 1060 -61.39 -0.62 -1.26
N THR A 1061 -60.17 -1.10 -1.49
CA THR A 1061 -59.98 -2.44 -2.01
C THR A 1061 -60.39 -3.50 -1.01
N ALA A 1062 -60.02 -3.34 0.27
CA ALA A 1062 -60.43 -4.28 1.30
C ALA A 1062 -61.95 -4.26 1.52
N GLU A 1063 -62.55 -3.08 1.43
CA GLU A 1063 -63.99 -2.98 1.65
C GLU A 1063 -64.76 -3.52 0.46
N SER A 1064 -64.24 -3.34 -0.76
CA SER A 1064 -64.86 -3.92 -1.95
C SER A 1064 -64.74 -5.44 -1.93
N VAL A 1065 -63.61 -5.96 -1.46
CA VAL A 1065 -63.43 -7.41 -1.36
C VAL A 1065 -64.41 -8.01 -0.36
N PHE A 1066 -64.50 -7.42 0.84
CA PHE A 1066 -65.45 -7.93 1.84
C PHE A 1066 -66.91 -7.77 1.39
N GLN A 1067 -67.25 -6.69 0.68
CA GLN A 1067 -68.61 -6.52 0.20
C GLN A 1067 -68.93 -7.51 -0.90
N LYS A 1068 -67.97 -7.76 -1.80
CA LYS A 1068 -68.14 -8.75 -2.86
C LYS A 1068 -68.32 -10.14 -2.28
N VAL A 1069 -67.54 -10.50 -1.26
CA VAL A 1069 -67.61 -11.84 -0.71
C VAL A 1069 -68.89 -12.02 0.10
N ALA A 1070 -69.16 -11.12 1.05
CA ALA A 1070 -70.33 -11.28 1.91
C ALA A 1070 -71.61 -10.72 1.31
N GLY A 1071 -71.59 -10.31 0.04
CA GLY A 1071 -72.83 -10.11 -0.69
C GLY A 1071 -73.11 -11.28 -1.59
N GLU A 1072 -72.09 -12.11 -1.79
CA GLU A 1072 -72.15 -13.40 -2.46
C GLU A 1072 -72.56 -14.53 -1.53
N LEU A 1073 -72.78 -14.26 -0.25
CA LEU A 1073 -73.39 -15.23 0.65
C LEU A 1073 -74.91 -15.26 0.54
N GLU A 1074 -75.54 -14.18 0.09
CA GLU A 1074 -76.99 -14.15 -0.02
C GLU A 1074 -77.48 -15.15 -1.07
N ASN A 1075 -76.73 -15.31 -2.15
CA ASN A 1075 -76.90 -16.43 -3.06
C ASN A 1075 -75.84 -17.50 -2.77
N GLY A 1076 -75.86 -18.57 -3.55
CA GLY A 1076 -74.93 -19.68 -3.43
C GLY A 1076 -73.65 -19.59 -4.24
N THR A 1077 -73.31 -18.41 -4.77
CA THR A 1077 -72.22 -18.28 -5.73
C THR A 1077 -70.82 -18.35 -5.08
N ILE A 1078 -70.75 -18.43 -3.75
CA ILE A 1078 -69.47 -18.45 -3.02
C ILE A 1078 -68.64 -19.68 -3.36
N VAL A 1079 -67.36 -19.42 -3.67
CA VAL A 1079 -66.39 -20.50 -3.82
C VAL A 1079 -66.21 -21.17 -2.46
N VAL A 1080 -66.25 -22.51 -2.45
CA VAL A 1080 -66.29 -23.27 -1.20
C VAL A 1080 -64.98 -23.17 -0.41
N GLY A 1081 -63.90 -22.69 -1.04
CA GLY A 1081 -62.71 -22.33 -0.29
C GLY A 1081 -62.98 -21.21 0.70
N GLN A 1082 -63.69 -20.17 0.26
CA GLN A 1082 -64.07 -19.10 1.17
C GLN A 1082 -65.06 -19.59 2.22
N LEU A 1083 -65.84 -20.63 1.91
CA LEU A 1083 -66.75 -21.18 2.90
C LEU A 1083 -66.00 -21.95 3.99
N GLU A 1084 -64.99 -22.76 3.65
CA GLU A 1084 -64.18 -23.39 4.70
C GLU A 1084 -63.43 -22.34 5.50
N LEU A 1085 -62.95 -21.27 4.85
CA LEU A 1085 -62.30 -20.16 5.56
C LEU A 1085 -63.26 -19.50 6.56
N ILE A 1086 -64.49 -19.20 6.16
CA ILE A 1086 -65.37 -18.50 7.11
C ILE A 1086 -65.86 -19.44 8.22
N LEU A 1087 -65.90 -20.75 7.98
CA LEU A 1087 -66.27 -21.65 9.09
C LEU A 1087 -65.08 -21.89 10.02
N GLU A 1088 -63.84 -21.83 9.51
CA GLU A 1088 -62.70 -21.87 10.42
C GLU A 1088 -62.55 -20.58 11.22
N HIS A 1089 -63.14 -19.48 10.76
CA HIS A 1089 -62.92 -18.15 11.32
C HIS A 1089 -64.25 -17.51 11.67
N GLN A 1090 -65.03 -18.26 12.47
CA GLN A 1090 -66.41 -17.91 12.79
C GLN A 1090 -66.54 -16.58 13.52
N SER A 1091 -65.73 -16.39 14.57
CA SER A 1091 -65.93 -15.25 15.47
C SER A 1091 -65.54 -13.92 14.82
N GLN A 1092 -64.41 -13.89 14.09
CA GLN A 1092 -64.03 -12.67 13.39
C GLN A 1092 -65.04 -12.30 12.30
N PHE A 1093 -65.55 -13.29 11.57
CA PHE A 1093 -66.53 -13.01 10.53
C PHE A 1093 -67.86 -12.52 11.12
N LEU A 1094 -68.32 -13.11 12.24
CA LEU A 1094 -69.52 -12.61 12.91
C LEU A 1094 -69.33 -11.19 13.40
N ASP A 1095 -68.13 -10.87 13.92
CA ASP A 1095 -67.83 -9.52 14.40
C ASP A 1095 -67.88 -8.51 13.25
N ILE A 1096 -67.16 -8.78 12.15
CA ILE A 1096 -67.14 -7.86 11.01
C ILE A 1096 -68.53 -7.74 10.38
N TRP A 1097 -69.32 -8.81 10.36
CA TRP A 1097 -70.66 -8.72 9.79
C TRP A 1097 -71.62 -7.97 10.71
N ASN A 1098 -71.41 -8.09 12.04
CA ASN A 1098 -72.18 -7.34 13.02
C ASN A 1098 -71.77 -5.88 12.98
N LEU A 1099 -70.56 -5.61 12.54
CA LEU A 1099 -70.14 -4.24 12.32
C LEU A 1099 -70.74 -3.68 11.04
N ASN A 1100 -70.83 -4.53 10.01
CA ASN A 1100 -71.44 -4.22 8.70
C ASN A 1100 -72.97 -4.05 8.66
N ARG A 1101 -73.80 -4.63 9.57
CA ARG A 1101 -75.24 -4.32 9.44
C ARG A 1101 -75.57 -2.84 9.67
N ARG A 1102 -74.85 -2.15 10.55
CA ARG A 1102 -75.06 -0.72 10.72
C ARG A 1102 -74.19 0.11 9.80
N ARG A 1103 -73.63 -0.51 8.76
CA ARG A 1103 -72.83 0.12 7.69
C ARG A 1103 -71.61 0.88 8.21
N ASP A 1112 -81.21 -12.26 8.34
CA ASP A 1112 -80.76 -13.06 9.48
C ASP A 1112 -79.39 -13.67 9.17
N VAL A 1113 -78.59 -13.93 10.20
CA VAL A 1113 -77.26 -14.49 9.98
C VAL A 1113 -76.97 -15.72 10.82
N ARG A 1114 -77.67 -15.99 11.93
CA ARG A 1114 -77.48 -17.25 12.64
C ARG A 1114 -78.00 -18.42 11.81
N SER A 1115 -79.27 -18.34 11.39
CA SER A 1115 -79.88 -19.40 10.60
C SER A 1115 -79.25 -19.53 9.21
N LEU A 1116 -78.73 -18.44 8.62
CA LEU A 1116 -78.10 -18.57 7.31
C LEU A 1116 -76.76 -19.28 7.41
N LEU A 1117 -76.04 -19.03 8.50
CA LEU A 1117 -74.82 -19.79 8.78
C LEU A 1117 -75.13 -21.25 9.07
N LYS A 1118 -76.23 -21.54 9.80
CA LYS A 1118 -76.55 -22.95 10.01
C LYS A 1118 -76.95 -23.66 8.72
N ARG A 1119 -77.63 -22.98 7.79
CA ARG A 1119 -77.96 -23.61 6.50
C ARG A 1119 -76.71 -23.85 5.66
N ARG A 1120 -75.83 -22.84 5.54
CA ARG A 1120 -74.60 -23.05 4.79
C ARG A 1120 -73.67 -24.07 5.46
N ARG A 1121 -73.66 -24.13 6.80
CA ARG A 1121 -72.84 -25.13 7.49
C ARG A 1121 -73.38 -26.54 7.26
N ASP A 1122 -74.71 -26.68 7.30
CA ASP A 1122 -75.33 -27.98 7.04
C ASP A 1122 -75.10 -28.44 5.60
N ASP A 1123 -75.19 -27.50 4.64
CA ASP A 1123 -74.94 -27.87 3.24
C ASP A 1123 -73.46 -28.20 3.02
N LEU A 1124 -72.54 -27.51 3.72
CA LEU A 1124 -71.13 -27.87 3.63
C LEU A 1124 -70.85 -29.25 4.23
N LEU A 1125 -71.44 -29.55 5.38
CA LEU A 1125 -71.22 -30.86 5.98
C LEU A 1125 -71.83 -31.97 5.13
N PHE A 1126 -72.99 -31.70 4.53
CA PHE A 1126 -73.63 -32.66 3.62
C PHE A 1126 -72.80 -32.93 2.36
N LEU A 1127 -72.21 -31.88 1.77
CA LEU A 1127 -71.35 -32.10 0.60
C LEU A 1127 -70.10 -32.90 0.99
N LYS A 1128 -69.50 -32.60 2.14
CA LYS A 1128 -68.27 -33.30 2.50
C LYS A 1128 -68.54 -34.77 2.87
N GLN A 1129 -69.66 -35.03 3.55
CA GLN A 1129 -69.97 -36.43 3.86
C GLN A 1129 -70.46 -37.18 2.62
N GLU A 1130 -71.02 -36.49 1.64
CA GLU A 1130 -71.38 -37.21 0.42
C GLU A 1130 -70.13 -37.49 -0.41
N LYS A 1131 -69.16 -36.57 -0.35
CA LYS A 1131 -67.89 -36.82 -0.99
C LYS A 1131 -67.10 -37.94 -0.33
N ARG A 1132 -67.18 -38.10 1.01
CA ARG A 1132 -66.49 -39.23 1.66
C ARG A 1132 -67.12 -40.55 1.20
N TYR A 1133 -68.46 -40.60 1.05
CA TYR A 1133 -69.04 -41.83 0.52
C TYR A 1133 -68.53 -42.14 -0.88
N VAL A 1134 -68.46 -41.14 -1.76
CA VAL A 1134 -68.00 -41.47 -3.11
C VAL A 1134 -66.52 -41.88 -3.13
N GLU A 1135 -65.64 -41.34 -2.24
CA GLU A 1135 -64.28 -41.89 -2.33
C GLU A 1135 -64.20 -43.28 -1.74
N SER A 1136 -64.98 -43.59 -0.69
CA SER A 1136 -65.01 -44.97 -0.20
C SER A 1136 -65.56 -45.94 -1.23
N LEU A 1137 -66.57 -45.53 -2.01
CA LEU A 1137 -67.04 -46.38 -3.11
C LEU A 1137 -65.97 -46.58 -4.19
N LEU A 1138 -65.25 -45.50 -4.53
CA LEU A 1138 -64.20 -45.58 -5.55
C LEU A 1138 -63.04 -46.45 -5.08
N ARG A 1139 -62.69 -46.39 -3.79
CA ARG A 1139 -61.58 -47.21 -3.30
C ARG A 1139 -61.99 -48.67 -3.18
N GLN A 1140 -63.25 -48.94 -2.80
CA GLN A 1140 -63.73 -50.32 -2.76
C GLN A 1140 -63.78 -50.94 -4.14
N LEU A 1141 -64.20 -50.18 -5.16
CA LEU A 1141 -64.09 -50.75 -6.49
C LEU A 1141 -62.66 -50.66 -7.03
N GLY A 1142 -61.78 -49.96 -6.34
CA GLY A 1142 -60.38 -49.90 -6.70
C GLY A 1142 -59.61 -50.99 -5.99
N ARG A 1143 -60.19 -51.54 -4.92
CA ARG A 1143 -59.62 -52.70 -4.24
C ARG A 1143 -59.97 -54.00 -4.97
N VAL A 1144 -60.72 -53.91 -6.06
CA VAL A 1144 -61.08 -55.06 -6.89
C VAL A 1144 -60.78 -54.65 -8.33
N LYS A 1145 -59.86 -53.69 -8.49
CA LYS A 1145 -59.53 -53.13 -9.80
C LYS A 1145 -58.87 -54.16 -10.71
N HIS A 1146 -58.18 -55.15 -10.13
CA HIS A 1146 -57.59 -56.20 -10.95
C HIS A 1146 -58.65 -57.11 -11.55
N LEU A 1147 -59.79 -57.25 -10.87
CA LEU A 1147 -60.75 -58.32 -11.16
C LEU A 1147 -61.85 -57.83 -12.11
N VAL A 1148 -62.64 -56.86 -11.67
CA VAL A 1148 -63.74 -56.30 -12.44
C VAL A 1148 -63.64 -54.78 -12.40
N GLN A 1149 -63.56 -54.15 -13.57
CA GLN A 1149 -63.44 -52.70 -13.66
C GLN A 1149 -64.78 -52.07 -13.98
N VAL A 1150 -65.00 -50.86 -13.44
CA VAL A 1150 -66.28 -50.17 -13.52
C VAL A 1150 -66.05 -48.83 -14.22
N ASP A 1151 -66.97 -48.44 -15.10
CA ASP A 1151 -67.00 -47.10 -15.65
C ASP A 1151 -67.86 -46.19 -14.77
N PHE A 1152 -67.22 -45.18 -14.18
CA PHE A 1152 -67.83 -44.39 -13.11
C PHE A 1152 -68.70 -43.25 -13.65
N GLY A 1153 -69.57 -43.53 -14.63
CA GLY A 1153 -70.39 -42.52 -15.28
C GLY A 1153 -69.65 -41.30 -15.76
N ASN A 1154 -69.92 -40.17 -15.12
CA ASN A 1154 -69.16 -38.95 -15.30
C ASN A 1154 -68.29 -38.62 -14.08
N ILE A 1155 -68.36 -39.43 -13.03
CA ILE A 1155 -67.81 -39.08 -11.72
C ILE A 1155 -66.28 -39.18 -11.71
N GLU A 1156 -65.70 -39.84 -12.72
CA GLU A 1156 -64.25 -40.02 -12.77
C GLU A 1156 -63.52 -38.71 -13.04
N ILE A 1157 -64.19 -37.74 -13.66
CA ILE A 1157 -63.61 -36.45 -13.98
C ILE A 1157 -64.07 -35.39 -12.98
N ILE A 1158 -65.34 -35.47 -12.58
CA ILE A 1158 -65.93 -34.55 -11.60
C ILE A 1158 -65.22 -34.65 -10.26
N HIS A 1159 -64.83 -35.85 -9.87
CA HIS A 1159 -64.11 -36.02 -8.61
C HIS A 1159 -62.66 -35.55 -8.70
N SER A 1160 -62.07 -35.55 -9.89
CA SER A 1160 -60.67 -35.16 -10.01
C SER A 1160 -60.48 -33.66 -9.89
N GLN A 1161 -61.53 -32.87 -10.14
CA GLN A 1161 -61.40 -31.43 -10.10
C GLN A 1161 -61.29 -30.95 -8.66
N ASP A 1162 -60.56 -29.85 -8.47
CA ASP A 1162 -60.36 -29.31 -7.14
C ASP A 1162 -61.64 -28.63 -6.62
N LEU A 1163 -61.67 -28.41 -5.31
CA LEU A 1163 -62.78 -27.68 -4.68
C LEU A 1163 -62.41 -26.21 -4.50
N SER A 1164 -62.09 -25.58 -5.63
CA SER A 1164 -62.23 -24.15 -5.81
C SER A 1164 -63.48 -23.81 -6.61
N ASN A 1165 -64.52 -24.63 -6.52
CA ASN A 1165 -65.71 -24.52 -7.34
C ASN A 1165 -66.83 -23.86 -6.56
N LYS A 1166 -67.73 -23.20 -7.28
CA LYS A 1166 -68.81 -22.42 -6.70
C LYS A 1166 -69.91 -23.33 -6.17
N LYS A 1167 -70.46 -22.95 -5.01
CA LYS A 1167 -71.47 -23.76 -4.33
C LYS A 1167 -72.86 -23.74 -4.97
N LEU A 1168 -73.19 -22.77 -5.84
CA LEU A 1168 -74.52 -22.78 -6.47
C LEU A 1168 -74.73 -23.96 -7.42
N ASN A 1169 -73.65 -24.57 -7.90
CA ASN A 1169 -73.76 -25.81 -8.68
C ASN A 1169 -74.12 -27.03 -7.83
N GLU A 1170 -74.32 -26.90 -6.51
CA GLU A 1170 -74.66 -28.03 -5.67
C GLU A 1170 -76.02 -27.88 -5.00
N ALA A 1171 -76.92 -27.08 -5.59
CA ALA A 1171 -78.34 -27.38 -5.82
C ALA A 1171 -79.04 -28.00 -4.60
N VAL A 1172 -79.17 -27.16 -3.57
CA VAL A 1172 -79.95 -27.51 -2.39
C VAL A 1172 -81.42 -27.13 -2.57
N ILE A 1173 -82.06 -27.73 -3.58
CA ILE A 1173 -83.40 -27.33 -3.99
C ILE A 1173 -84.43 -27.90 -3.03
N LYS A 1174 -85.71 -27.58 -3.26
CA LYS A 1174 -86.78 -27.89 -2.33
C LYS A 1174 -87.81 -28.78 -3.02
N LEU A 1175 -88.75 -29.29 -2.21
CA LEU A 1175 -89.83 -30.19 -2.61
C LEU A 1175 -89.35 -31.44 -3.33
N SER A 1180 -85.43 -30.61 1.62
CA SER A 1180 -85.60 -31.73 0.69
C SER A 1180 -84.24 -32.29 0.29
N TYR A 1181 -84.14 -32.81 -0.94
CA TYR A 1181 -82.86 -33.34 -1.39
C TYR A 1181 -81.89 -32.21 -1.74
N LYS A 1182 -80.62 -32.57 -1.85
CA LYS A 1182 -79.53 -31.68 -2.23
C LYS A 1182 -78.70 -32.41 -3.28
N ARG A 1183 -79.08 -32.29 -4.54
CA ARG A 1183 -78.26 -32.87 -5.60
C ARG A 1183 -76.99 -32.04 -5.78
N GLU A 1184 -75.89 -32.73 -6.07
CA GLU A 1184 -74.57 -32.17 -6.24
C GLU A 1184 -74.06 -32.41 -7.65
N THR A 1185 -72.81 -31.99 -7.88
CA THR A 1185 -72.15 -32.25 -9.16
C THR A 1185 -71.71 -33.71 -9.29
N HIS A 1186 -71.48 -34.40 -8.18
CA HIS A 1186 -71.36 -35.85 -8.19
C HIS A 1186 -72.75 -36.47 -8.40
N TYR A 1187 -73.08 -36.76 -9.66
CA TYR A 1187 -74.40 -37.31 -9.99
C TYR A 1187 -74.49 -38.77 -9.57
N CYS A 1188 -74.80 -38.97 -8.29
CA CYS A 1188 -75.08 -40.29 -7.75
C CYS A 1188 -76.35 -40.83 -8.37
N LEU A 1189 -76.25 -41.98 -9.07
CA LEU A 1189 -77.26 -42.41 -10.02
C LEU A 1189 -78.62 -42.72 -9.39
N SER A 1190 -78.70 -42.90 -8.07
CA SER A 1190 -79.97 -43.03 -7.37
C SER A 1190 -79.79 -42.63 -5.91
N PRO A 1191 -80.86 -42.57 -5.09
CA PRO A 1191 -80.67 -42.71 -3.63
C PRO A 1191 -80.39 -44.13 -3.16
N ASP A 1192 -80.54 -45.15 -4.01
CA ASP A 1192 -80.20 -46.53 -3.67
C ASP A 1192 -78.72 -46.63 -3.36
N ILE A 1193 -77.90 -46.09 -4.26
CA ILE A 1193 -76.46 -46.10 -4.12
C ILE A 1193 -76.07 -45.22 -2.94
N ARG A 1194 -76.89 -44.21 -2.59
CA ARG A 1194 -76.59 -43.39 -1.43
C ARG A 1194 -76.72 -44.18 -0.11
N GLU A 1195 -77.83 -44.93 0.09
CA GLU A 1195 -77.82 -45.71 1.35
C GLU A 1195 -76.88 -46.91 1.29
N MET A 1196 -76.59 -47.42 0.09
CA MET A 1196 -75.58 -48.46 -0.07
C MET A 1196 -74.20 -47.94 0.32
N ALA A 1197 -73.87 -46.73 -0.13
CA ALA A 1197 -72.61 -46.08 0.22
C ALA A 1197 -72.57 -45.74 1.69
N SER A 1198 -73.72 -45.43 2.30
CA SER A 1198 -73.77 -45.17 3.73
C SER A 1198 -73.43 -46.42 4.53
N LYS A 1199 -73.95 -47.57 4.11
CA LYS A 1199 -73.63 -48.79 4.84
C LYS A 1199 -72.16 -49.21 4.63
N LEU A 1200 -71.58 -48.94 3.45
CA LEU A 1200 -70.14 -49.18 3.36
C LEU A 1200 -69.32 -48.18 4.16
N ASP A 1201 -69.79 -46.93 4.29
CA ASP A 1201 -69.07 -45.95 5.10
C ASP A 1201 -69.12 -46.32 6.57
N SER A 1202 -70.24 -46.89 7.00
CA SER A 1202 -70.33 -47.41 8.36
C SER A 1202 -69.56 -48.73 8.53
N LEU A 1203 -69.13 -49.38 7.45
CA LEU A 1203 -68.47 -50.68 7.59
C LEU A 1203 -67.11 -50.79 6.86
N LYS A 1204 -66.32 -49.72 6.75
CA LYS A 1204 -64.96 -49.85 6.21
C LYS A 1204 -63.89 -50.19 7.22
N ASP A 1205 -64.14 -50.05 8.52
CA ASP A 1205 -63.10 -50.37 9.49
C ASP A 1205 -63.27 -51.76 10.07
N SER A 1206 -64.08 -52.59 9.41
CA SER A 1206 -64.23 -53.99 9.76
C SER A 1206 -63.39 -54.79 8.77
N HIS A 1207 -62.28 -55.35 9.26
CA HIS A 1207 -61.37 -56.16 8.45
C HIS A 1207 -62.05 -57.42 7.93
N ILE A 1208 -62.96 -57.97 8.74
CA ILE A 1208 -63.76 -59.13 8.35
C ILE A 1208 -64.67 -58.81 7.18
N PHE A 1209 -65.21 -57.59 7.14
CA PHE A 1209 -66.05 -57.20 6.00
C PHE A 1209 -65.24 -57.09 4.72
N GLN A 1210 -64.01 -56.56 4.80
CA GLN A 1210 -63.17 -56.47 3.62
C GLN A 1210 -62.73 -57.85 3.13
N ASP A 1211 -62.50 -58.78 4.08
CA ASP A 1211 -62.24 -60.18 3.74
C ASP A 1211 -63.41 -60.82 3.03
N PHE A 1212 -64.64 -60.60 3.54
CA PHE A 1212 -65.83 -61.15 2.91
C PHE A 1212 -66.08 -60.54 1.54
N TRP A 1213 -65.76 -59.25 1.41
CA TRP A 1213 -65.89 -58.53 0.15
C TRP A 1213 -65.02 -59.16 -0.91
N GLN A 1214 -63.74 -59.36 -0.61
CA GLN A 1214 -62.86 -59.91 -1.63
C GLN A 1214 -63.06 -61.42 -1.83
N GLU A 1215 -63.53 -62.17 -0.82
CA GLU A 1215 -63.73 -63.59 -1.09
C GLU A 1215 -65.06 -63.90 -1.76
N THR A 1216 -66.02 -62.96 -1.78
CA THR A 1216 -67.18 -63.15 -2.63
C THR A 1216 -67.08 -62.41 -3.96
N ALA A 1217 -66.14 -61.48 -4.11
CA ALA A 1217 -65.97 -60.83 -5.40
C ALA A 1217 -64.90 -61.48 -6.25
N GLU A 1218 -64.17 -62.46 -5.71
CA GLU A 1218 -63.45 -63.40 -6.53
C GLU A 1218 -64.34 -64.49 -7.09
N SER A 1219 -65.60 -64.56 -6.64
CA SER A 1219 -66.59 -65.53 -7.09
C SER A 1219 -67.33 -65.08 -8.34
N LEU A 1220 -66.77 -64.14 -9.10
CA LEU A 1220 -67.38 -63.69 -10.34
C LEU A 1220 -66.52 -63.96 -11.57
N ASN A 1221 -65.34 -64.55 -11.39
CA ASN A 1221 -64.47 -64.89 -12.51
C ASN A 1221 -63.93 -66.31 -12.37
N GLU A 1229 -62.27 -58.48 -15.64
CA GLU A 1229 -62.34 -58.69 -17.08
C GLU A 1229 -63.73 -58.36 -17.61
N LEU A 1230 -64.50 -57.63 -16.81
CA LEU A 1230 -65.87 -57.26 -17.15
C LEU A 1230 -66.01 -55.76 -16.91
N LYS A 1231 -66.32 -55.02 -17.97
CA LYS A 1231 -66.76 -53.63 -17.83
C LYS A 1231 -68.23 -53.59 -17.44
N VAL A 1232 -68.51 -53.19 -16.19
CA VAL A 1232 -69.83 -53.33 -15.60
C VAL A 1232 -70.30 -51.93 -15.18
N SER A 1233 -71.60 -51.76 -15.11
CA SER A 1233 -72.18 -50.46 -14.78
C SER A 1233 -72.50 -50.35 -13.29
N LEU A 1234 -72.55 -49.10 -12.83
CA LEU A 1234 -72.82 -48.82 -11.41
C LEU A 1234 -74.17 -49.29 -10.84
N PRO A 1235 -75.32 -49.21 -11.53
CA PRO A 1235 -76.57 -49.65 -10.87
C PRO A 1235 -76.68 -51.16 -10.66
N GLU A 1236 -75.94 -51.97 -11.42
CA GLU A 1236 -75.96 -53.42 -11.22
C GLU A 1236 -74.84 -53.90 -10.32
N VAL A 1237 -73.90 -53.02 -9.94
CA VAL A 1237 -72.98 -53.33 -8.85
C VAL A 1237 -73.76 -53.49 -7.54
N LEU A 1238 -74.81 -52.69 -7.36
CA LEU A 1238 -75.60 -52.73 -6.14
C LEU A 1238 -76.37 -54.04 -5.99
N GLU A 1239 -76.77 -54.66 -7.10
CA GLU A 1239 -77.57 -55.87 -7.06
C GLU A 1239 -76.76 -57.14 -7.26
N TYR A 1240 -75.86 -57.13 -8.24
CA TYR A 1240 -75.04 -58.29 -8.59
C TYR A 1240 -73.84 -58.46 -7.67
N LEU A 1241 -73.45 -57.42 -6.93
CA LEU A 1241 -72.23 -57.49 -6.14
C LEU A 1241 -72.42 -57.08 -4.69
N TYR A 1242 -73.31 -56.11 -4.41
CA TYR A 1242 -73.51 -55.62 -3.05
C TYR A 1242 -74.51 -56.45 -2.25
N ASN A 1243 -75.68 -56.74 -2.84
CA ASN A 1243 -76.71 -57.48 -2.12
C ASN A 1243 -76.30 -58.87 -1.63
N PRO A 1244 -75.54 -59.71 -2.37
CA PRO A 1244 -75.06 -60.94 -1.73
C PRO A 1244 -74.07 -60.68 -0.59
N CYS A 1245 -73.27 -59.62 -0.66
CA CYS A 1245 -72.39 -59.27 0.44
C CYS A 1245 -73.18 -58.88 1.68
N TYR A 1246 -74.20 -58.04 1.51
CA TYR A 1246 -75.03 -57.64 2.64
C TYR A 1246 -75.84 -58.80 3.20
N ASP A 1247 -76.32 -59.70 2.34
CA ASP A 1247 -77.10 -60.83 2.84
C ASP A 1247 -76.23 -61.82 3.61
N ASN A 1248 -75.03 -62.13 3.08
CA ASN A 1248 -74.11 -63.02 3.81
C ASN A 1248 -73.64 -62.38 5.11
N PHE A 1249 -73.36 -61.08 5.06
CA PHE A 1249 -72.93 -60.35 6.25
C PHE A 1249 -74.02 -60.25 7.30
N TYR A 1250 -75.28 -60.11 6.88
CA TYR A 1250 -76.36 -60.04 7.85
C TYR A 1250 -76.69 -61.41 8.45
N THR A 1251 -76.53 -62.48 7.67
CA THR A 1251 -76.68 -63.83 8.24
C THR A 1251 -75.56 -64.10 9.23
N LEU A 1252 -74.33 -63.66 8.90
CA LEU A 1252 -73.21 -63.78 9.82
C LEU A 1252 -73.42 -62.93 11.08
N TYR A 1253 -74.04 -61.75 10.92
CA TYR A 1253 -74.31 -60.91 12.08
C TYR A 1253 -75.32 -61.56 13.01
N GLU A 1254 -76.39 -62.14 12.45
CA GLU A 1254 -77.38 -62.77 13.31
C GLU A 1254 -76.88 -64.11 13.85
N ASN A 1255 -75.86 -64.67 13.21
CA ASN A 1255 -75.17 -65.83 13.77
C ASN A 1255 -74.33 -65.42 14.97
N LEU A 1256 -73.51 -64.36 14.85
CA LEU A 1256 -72.70 -64.02 16.02
C LEU A 1256 -73.58 -63.45 17.12
N LYS A 1257 -74.75 -62.89 16.78
CA LYS A 1257 -75.69 -62.45 17.81
C LYS A 1257 -76.30 -63.64 18.54
N SER A 1258 -76.40 -64.80 17.87
CA SER A 1258 -76.92 -65.97 18.55
C SER A 1258 -75.82 -66.88 19.11
N GLY A 1259 -74.78 -67.15 18.32
CA GLY A 1259 -73.77 -68.13 18.69
C GLY A 1259 -73.86 -69.51 18.06
N LYS A 1260 -74.53 -69.67 16.92
CA LYS A 1260 -74.60 -70.96 16.25
C LYS A 1260 -73.46 -71.22 15.26
N ILE A 1261 -72.43 -70.36 15.23
CA ILE A 1261 -71.30 -70.56 14.33
C ILE A 1261 -70.43 -71.73 14.80
N THR A 1262 -69.85 -72.45 13.84
CA THR A 1262 -68.96 -73.57 14.12
C THR A 1262 -67.50 -73.12 14.25
N PHE A 1263 -66.69 -74.02 14.83
CA PHE A 1263 -65.25 -73.79 14.99
C PHE A 1263 -64.50 -73.73 13.67
N ALA A 1264 -65.00 -74.39 12.62
CA ALA A 1264 -64.33 -74.36 11.32
C ALA A 1264 -64.33 -72.96 10.72
N GLU A 1265 -65.44 -72.24 10.84
CA GLU A 1265 -65.43 -70.86 10.38
C GLU A 1265 -64.63 -69.96 11.32
N VAL A 1266 -64.53 -70.36 12.60
CA VAL A 1266 -63.76 -69.58 13.57
C VAL A 1266 -62.27 -69.61 13.24
N ASP A 1267 -61.73 -70.78 12.90
CA ASP A 1267 -60.32 -70.78 12.51
C ASP A 1267 -60.11 -70.61 11.00
N ALA A 1268 -61.18 -70.50 10.21
CA ALA A 1268 -61.04 -70.22 8.80
C ALA A 1268 -61.13 -68.72 8.48
N ILE A 1269 -61.88 -67.97 9.27
CA ILE A 1269 -62.08 -66.54 9.06
C ILE A 1269 -61.18 -65.70 9.95
N PHE A 1270 -61.02 -66.08 11.22
CA PHE A 1270 -60.38 -65.23 12.22
C PHE A 1270 -58.91 -65.55 12.40
N LYS A 1271 -58.24 -66.02 11.35
CA LYS A 1271 -56.89 -66.55 11.50
C LYS A 1271 -55.85 -65.44 11.64
N ASP A 1272 -56.14 -64.25 11.10
CA ASP A 1272 -55.22 -63.12 11.12
C ASP A 1272 -55.42 -62.21 12.33
N PHE A 1273 -55.98 -62.73 13.42
CA PHE A 1273 -56.20 -61.93 14.63
C PHE A 1273 -55.43 -62.46 15.83
N VAL A 1274 -54.51 -63.40 15.62
CA VAL A 1274 -53.84 -64.09 16.71
C VAL A 1274 -52.89 -63.15 17.45
N ASP A 1275 -53.09 -63.02 18.78
CA ASP A 1275 -52.39 -62.07 19.66
C ASP A 1275 -52.56 -60.61 19.22
N LYS A 1276 -53.65 -60.32 18.51
CA LYS A 1276 -54.03 -58.97 18.11
C LYS A 1276 -55.50 -58.86 18.55
N TYR A 1277 -55.69 -58.51 19.81
CA TYR A 1277 -56.99 -58.54 20.47
C TYR A 1277 -57.65 -57.18 20.69
N ASP A 1278 -56.95 -56.05 20.50
CA ASP A 1278 -57.60 -54.74 20.51
C ASP A 1278 -58.40 -54.43 19.25
N GLU A 1279 -57.88 -54.83 18.08
CA GLU A 1279 -58.65 -54.60 16.86
C GLU A 1279 -59.92 -55.44 16.82
N LEU A 1280 -59.93 -56.65 17.41
CA LEU A 1280 -61.16 -57.42 17.38
C LEU A 1280 -62.23 -56.89 18.32
N LYS A 1281 -61.86 -56.34 19.48
CA LYS A 1281 -62.86 -55.66 20.32
C LYS A 1281 -63.40 -54.41 19.62
N ASN A 1282 -62.51 -53.61 19.01
CA ASN A 1282 -62.95 -52.42 18.28
C ASN A 1282 -63.77 -52.81 17.06
N ASP A 1283 -63.40 -53.91 16.42
CA ASP A 1283 -64.10 -54.45 15.27
C ASP A 1283 -65.49 -54.92 15.66
N LEU A 1284 -65.66 -55.49 16.86
CA LEU A 1284 -67.02 -55.85 17.25
C LEU A 1284 -67.86 -54.61 17.60
N LYS A 1285 -67.25 -53.52 18.09
CA LYS A 1285 -68.02 -52.28 18.21
C LYS A 1285 -68.46 -51.74 16.84
N PHE A 1286 -67.55 -51.71 15.87
CA PHE A 1286 -67.93 -51.31 14.51
C PHE A 1286 -68.91 -52.30 13.88
N MET A 1287 -68.83 -53.58 14.27
CA MET A 1287 -69.73 -54.60 13.76
C MET A 1287 -71.15 -54.44 14.30
N CYS A 1288 -71.28 -54.01 15.55
CA CYS A 1288 -72.60 -53.78 16.14
C CYS A 1288 -73.13 -52.36 15.92
N THR A 1289 -72.32 -51.45 15.39
CA THR A 1289 -72.86 -50.17 14.93
C THR A 1289 -73.73 -50.29 13.68
N MET A 1290 -73.70 -51.43 12.98
CA MET A 1290 -74.57 -51.64 11.82
C MET A 1290 -76.04 -51.68 12.25
N ASN A 1291 -76.38 -52.60 13.15
CA ASN A 1291 -77.73 -52.70 13.71
C ASN A 1291 -77.76 -51.99 15.06
N PRO A 1292 -78.42 -50.83 15.18
CA PRO A 1292 -78.25 -49.94 16.36
C PRO A 1292 -78.95 -50.36 17.65
N GLN A 1293 -78.27 -51.23 18.41
CA GLN A 1293 -78.75 -51.57 19.75
C GLN A 1293 -77.57 -51.56 20.73
N ASP A 1294 -77.79 -52.09 21.94
CA ASP A 1294 -76.76 -52.02 22.97
C ASP A 1294 -75.64 -53.03 22.70
N GLN A 1295 -74.49 -52.80 23.34
CA GLN A 1295 -73.39 -53.76 23.33
C GLN A 1295 -72.84 -53.91 24.73
N LYS A 1296 -73.47 -54.77 25.54
CA LYS A 1296 -73.06 -54.95 26.93
C LYS A 1296 -72.58 -56.37 27.24
N GLY A 1297 -73.41 -57.39 27.04
CA GLY A 1297 -73.13 -58.77 27.33
C GLY A 1297 -72.69 -59.70 26.23
N TRP A 1298 -72.32 -59.19 25.05
CA TRP A 1298 -72.01 -60.01 23.88
C TRP A 1298 -70.51 -60.10 23.57
N ILE A 1299 -69.77 -59.01 23.74
CA ILE A 1299 -68.37 -58.95 23.34
C ILE A 1299 -67.46 -59.79 24.25
N SER A 1300 -67.48 -59.53 25.58
CA SER A 1300 -66.43 -60.07 26.44
C SER A 1300 -66.43 -61.59 26.61
N GLU A 1301 -67.59 -62.26 26.58
CA GLU A 1301 -67.56 -63.72 26.68
C GLU A 1301 -66.97 -64.38 25.43
N ARG A 1302 -67.34 -63.92 24.22
CA ARG A 1302 -66.72 -64.53 23.05
C ARG A 1302 -65.28 -64.09 22.81
N VAL A 1303 -64.87 -62.86 23.17
CA VAL A 1303 -63.44 -62.54 23.09
C VAL A 1303 -62.66 -63.46 24.04
N GLY A 1304 -63.21 -63.74 25.23
CA GLY A 1304 -62.55 -64.66 26.15
C GLY A 1304 -62.50 -66.07 25.57
N GLN A 1305 -63.57 -66.45 24.87
CA GLN A 1305 -63.64 -67.76 24.23
C GLN A 1305 -62.58 -67.87 23.13
N ILE A 1306 -62.41 -66.81 22.35
CA ILE A 1306 -61.39 -66.82 21.32
C ILE A 1306 -59.99 -66.79 21.94
N LYS A 1307 -59.82 -66.14 23.11
CA LYS A 1307 -58.49 -66.19 23.74
C LYS A 1307 -58.17 -67.59 24.27
N GLU A 1308 -59.15 -68.29 24.86
CA GLU A 1308 -58.89 -69.65 25.32
C GLU A 1308 -58.65 -70.59 24.14
N TYR A 1309 -59.38 -70.39 23.02
CA TYR A 1309 -59.16 -71.19 21.81
C TYR A 1309 -57.77 -70.96 21.23
N HIS A 1310 -57.31 -69.69 21.19
CA HIS A 1310 -55.98 -69.41 20.64
C HIS A 1310 -54.88 -69.97 21.52
N THR A 1311 -54.99 -69.82 22.85
CA THR A 1311 -53.99 -70.43 23.72
C THR A 1311 -54.08 -71.95 23.73
N LEU A 1312 -55.26 -72.52 23.47
CA LEU A 1312 -55.37 -73.97 23.34
C LEU A 1312 -54.58 -74.48 22.14
N HIS A 1313 -54.78 -73.87 20.96
CA HIS A 1313 -54.02 -74.33 19.79
C HIS A 1313 -52.54 -73.98 19.88
N GLN A 1314 -52.22 -72.89 20.57
CA GLN A 1314 -50.83 -72.55 20.85
C GLN A 1314 -50.20 -73.59 21.76
N ALA A 1315 -50.97 -74.07 22.74
CA ALA A 1315 -50.55 -75.13 23.65
C ALA A 1315 -50.41 -76.45 22.92
N VAL A 1316 -51.22 -76.70 21.89
CA VAL A 1316 -51.08 -77.92 21.09
C VAL A 1316 -49.76 -77.90 20.33
N SER A 1317 -49.45 -76.76 19.71
CA SER A 1317 -48.18 -76.65 18.98
C SER A 1317 -47.00 -76.71 19.95
N SER A 1318 -47.16 -76.12 21.14
CA SER A 1318 -46.16 -76.24 22.19
C SER A 1318 -45.99 -77.67 22.67
N ALA A 1319 -47.08 -78.44 22.72
CA ALA A 1319 -46.98 -79.84 23.13
C ALA A 1319 -46.26 -80.67 22.09
N LYS A 1320 -46.52 -80.40 20.81
CA LYS A 1320 -45.81 -81.12 19.74
C LYS A 1320 -44.32 -80.79 19.74
N VAL A 1321 -43.98 -79.52 19.98
CA VAL A 1321 -42.56 -79.19 19.97
C VAL A 1321 -41.88 -79.64 21.27
N ILE A 1322 -42.61 -79.73 22.39
CA ILE A 1322 -41.96 -80.19 23.60
C ILE A 1322 -41.80 -81.71 23.59
N LEU A 1323 -42.70 -82.45 22.93
CA LEU A 1323 -42.43 -83.88 22.73
C LEU A 1323 -41.29 -84.09 21.74
N GLN A 1324 -41.16 -83.20 20.74
CA GLN A 1324 -40.05 -83.34 19.79
C GLN A 1324 -38.70 -83.05 20.45
N VAL A 1325 -38.66 -82.07 21.36
CA VAL A 1325 -37.40 -81.80 22.06
C VAL A 1325 -37.17 -82.87 23.13
N ARG A 1326 -38.24 -83.46 23.67
CA ARG A 1326 -38.10 -84.58 24.60
C ARG A 1326 -37.53 -85.81 23.89
N ARG A 1327 -37.85 -85.97 22.60
CA ARG A 1327 -37.28 -87.09 21.87
C ARG A 1327 -35.83 -86.80 21.46
N ALA A 1328 -35.58 -85.61 20.89
CA ALA A 1328 -34.25 -85.35 20.36
C ALA A 1328 -33.18 -85.09 21.43
N LEU A 1329 -33.56 -84.69 22.64
CA LEU A 1329 -32.55 -84.56 23.70
C LEU A 1329 -32.19 -85.90 24.32
N GLY A 1330 -33.03 -86.92 24.14
CA GLY A 1330 -32.81 -88.22 24.70
C GLY A 1330 -33.39 -88.42 26.09
N VAL A 1331 -33.85 -87.34 26.74
CA VAL A 1331 -34.47 -87.44 28.06
C VAL A 1331 -35.82 -88.12 27.89
N THR A 1332 -35.97 -89.30 28.48
CA THR A 1332 -37.27 -89.99 28.43
C THR A 1332 -38.30 -89.35 29.35
N GLY A 1333 -37.98 -89.23 30.64
CA GLY A 1333 -38.75 -88.52 31.66
C GLY A 1333 -40.21 -88.94 31.78
N ASP A 1334 -41.08 -88.05 32.28
CA ASP A 1334 -42.51 -88.35 32.34
C ASP A 1334 -43.36 -87.08 32.43
N PHE A 1335 -44.30 -86.94 31.48
CA PHE A 1335 -45.27 -85.84 31.48
C PHE A 1335 -46.68 -86.33 31.74
N SER A 1336 -47.19 -87.24 30.90
CA SER A 1336 -48.43 -88.01 31.09
C SER A 1336 -49.69 -87.14 31.13
N VAL A 1337 -49.58 -85.85 30.84
CA VAL A 1337 -50.71 -84.93 30.90
C VAL A 1337 -51.08 -84.35 29.55
N LEU A 1338 -50.20 -84.45 28.54
CA LEU A 1338 -50.51 -84.02 27.18
C LEU A 1338 -50.84 -85.17 26.24
N ASN A 1339 -51.35 -86.27 26.79
CA ASN A 1339 -51.87 -87.37 25.97
C ASN A 1339 -53.28 -87.07 25.45
N PRO A 1340 -54.27 -86.62 26.26
CA PRO A 1340 -55.58 -86.32 25.65
C PRO A 1340 -55.53 -85.11 24.74
N LEU A 1341 -54.57 -84.21 24.95
CA LEU A 1341 -54.35 -83.10 24.03
C LEU A 1341 -53.93 -83.61 22.65
N LEU A 1342 -53.08 -84.64 22.61
CA LEU A 1342 -52.69 -85.20 21.32
C LEU A 1342 -53.80 -86.07 20.72
N ASN A 1343 -54.61 -86.72 21.56
CA ASN A 1343 -55.78 -87.42 21.04
C ASN A 1343 -56.87 -86.46 20.58
N PHE A 1344 -56.83 -85.21 21.03
CA PHE A 1344 -57.66 -84.14 20.50
C PHE A 1344 -57.06 -83.49 19.25
N ALA A 1345 -55.73 -83.51 19.11
CA ALA A 1345 -55.07 -82.85 17.98
C ALA A 1345 -55.41 -83.52 16.65
N ASP A 1346 -55.64 -84.84 16.66
CA ASP A 1346 -56.13 -85.54 15.48
C ASP A 1346 -57.63 -85.74 15.50
N SER A 1347 -58.33 -85.13 16.45
CA SER A 1347 -59.78 -85.14 16.51
C SER A 1347 -60.34 -83.89 15.83
N PHE A 1348 -61.60 -84.00 15.39
CA PHE A 1348 -62.27 -82.93 14.67
C PHE A 1348 -63.70 -82.85 15.15
N GLU A 1349 -64.12 -81.66 15.61
CA GLU A 1349 -65.48 -81.44 16.09
C GLU A 1349 -66.04 -80.16 15.48
N ASP A 1350 -67.37 -80.11 15.42
CA ASP A 1350 -68.10 -79.02 14.77
C ASP A 1350 -69.18 -78.47 15.70
N PHE A 1351 -68.80 -77.54 16.57
CA PHE A 1351 -69.77 -76.83 17.40
C PHE A 1351 -69.14 -75.54 17.90
N GLY A 1352 -69.98 -74.65 18.43
CA GLY A 1352 -69.54 -73.34 18.86
C GLY A 1352 -69.55 -73.07 20.35
N ASN A 1353 -69.62 -74.10 21.19
CA ASN A 1353 -69.74 -73.88 22.62
C ASN A 1353 -68.37 -73.96 23.28
N GLU A 1354 -68.28 -73.33 24.45
CA GLU A 1354 -67.07 -73.37 25.28
C GLU A 1354 -66.72 -74.79 25.75
N SER A 1360 -62.65 -79.40 27.13
CA SER A 1360 -62.30 -77.98 27.27
C SER A 1360 -62.28 -77.39 28.71
N PRO A 1361 -63.21 -77.74 29.64
CA PRO A 1361 -62.97 -77.29 31.02
C PRO A 1361 -61.87 -78.06 31.73
N GLN A 1362 -61.80 -79.38 31.53
CA GLN A 1362 -60.82 -80.21 32.22
C GLN A 1362 -59.39 -79.95 31.73
N PHE A 1363 -59.21 -79.30 30.58
CA PHE A 1363 -57.89 -78.93 30.09
C PHE A 1363 -57.37 -77.64 30.70
N ILE A 1364 -58.23 -76.83 31.33
CA ILE A 1364 -57.88 -75.50 31.81
C ILE A 1364 -56.77 -75.55 32.87
N LYS A 1365 -56.94 -76.41 33.89
CA LYS A 1365 -55.89 -76.64 34.88
C LYS A 1365 -54.61 -77.20 34.28
N ALA A 1366 -54.73 -78.07 33.27
CA ALA A 1366 -53.54 -78.51 32.53
C ALA A 1366 -52.83 -77.35 31.83
N LYS A 1367 -53.61 -76.44 31.24
CA LYS A 1367 -53.12 -75.22 30.62
C LYS A 1367 -52.66 -74.17 31.60
N GLN A 1368 -52.90 -74.33 32.91
CA GLN A 1368 -52.26 -73.46 33.87
C GLN A 1368 -50.75 -73.66 33.99
N LEU A 1369 -50.21 -74.78 33.52
CA LEU A 1369 -48.77 -74.91 33.53
C LEU A 1369 -48.11 -74.19 32.37
N LEU A 1370 -48.83 -74.05 31.24
CA LEU A 1370 -48.35 -73.40 30.04
C LEU A 1370 -49.22 -72.21 29.61
N GLN A 1371 -49.60 -71.36 30.58
CA GLN A 1371 -50.36 -70.16 30.28
C GLN A 1371 -49.57 -69.17 29.43
N ASP A 1372 -48.45 -68.70 29.95
CA ASP A 1372 -47.81 -67.47 29.52
C ASP A 1372 -46.48 -67.72 28.79
N ILE A 1373 -46.44 -68.68 27.87
CA ILE A 1373 -45.17 -68.94 27.21
C ILE A 1373 -44.82 -67.89 26.14
N SER A 1374 -45.41 -67.94 24.93
CA SER A 1374 -45.78 -66.86 23.99
C SER A 1374 -46.19 -67.44 22.66
N GLU A 1375 -46.43 -66.57 21.67
CA GLU A 1375 -46.38 -66.88 20.24
C GLU A 1375 -44.93 -67.02 19.73
N PRO A 1376 -43.92 -66.24 20.23
CA PRO A 1376 -42.54 -66.76 20.18
C PRO A 1376 -42.25 -67.86 21.18
N ARG A 1377 -40.96 -68.25 21.30
CA ARG A 1377 -40.40 -69.33 22.12
C ARG A 1377 -40.70 -70.74 21.62
N GLN A 1378 -41.71 -70.89 20.76
CA GLN A 1378 -41.80 -72.11 19.98
C GLN A 1378 -40.71 -72.14 18.94
N ARG A 1379 -40.25 -70.95 18.53
CA ARG A 1379 -39.09 -70.82 17.67
C ARG A 1379 -37.84 -71.35 18.37
N CYS A 1380 -37.68 -71.03 19.66
CA CYS A 1380 -36.54 -71.53 20.42
C CYS A 1380 -36.59 -73.04 20.59
N LEU A 1381 -37.78 -73.57 20.89
CA LEU A 1381 -37.95 -75.00 21.05
C LEU A 1381 -37.74 -75.75 19.74
N GLU A 1382 -38.15 -75.16 18.60
CA GLU A 1382 -37.89 -75.86 17.36
C GLU A 1382 -36.46 -75.69 16.87
N GLU A 1383 -35.77 -74.63 17.32
CA GLU A 1383 -34.34 -74.55 17.03
C GLU A 1383 -33.54 -75.54 17.87
N LEU A 1384 -34.02 -75.84 19.08
CA LEU A 1384 -33.42 -76.95 19.82
C LEU A 1384 -33.75 -78.28 19.14
N ALA A 1385 -35.02 -78.49 18.81
CA ALA A 1385 -35.49 -79.77 18.32
C ALA A 1385 -35.06 -80.08 16.90
N ARG A 1386 -34.65 -79.07 16.12
CA ARG A 1386 -34.26 -79.29 14.74
C ARG A 1386 -32.75 -79.35 14.56
N GLN A 1387 -32.00 -78.67 15.42
CA GLN A 1387 -30.54 -78.75 15.39
C GLN A 1387 -30.14 -79.86 16.34
N THR A 1388 -30.04 -81.08 15.80
CA THR A 1388 -29.72 -82.25 16.57
C THR A 1388 -28.27 -82.68 16.47
N GLU A 1389 -27.63 -82.42 15.33
CA GLU A 1389 -26.23 -82.80 15.16
C GLU A 1389 -25.31 -81.98 16.04
N LEU A 1390 -25.61 -80.69 16.25
CA LEU A 1390 -24.80 -79.88 17.14
C LEU A 1390 -24.98 -80.27 18.60
N VAL A 1391 -26.20 -80.61 19.02
CA VAL A 1391 -26.36 -80.93 20.44
C VAL A 1391 -25.76 -82.30 20.75
N ALA A 1392 -25.76 -83.21 19.77
CA ALA A 1392 -25.01 -84.45 19.90
C ALA A 1392 -23.52 -84.21 19.92
N TRP A 1393 -23.02 -83.30 19.06
CA TRP A 1393 -21.60 -82.97 19.06
C TRP A 1393 -21.15 -82.26 20.34
N LEU A 1394 -22.04 -81.50 20.99
CA LEU A 1394 -21.59 -80.86 22.23
C LEU A 1394 -21.65 -81.82 23.41
N HIS A 1395 -22.60 -82.75 23.42
CA HIS A 1395 -22.53 -83.80 24.42
C HIS A 1395 -21.39 -84.79 24.17
N LYS A 1396 -20.92 -84.90 22.92
CA LYS A 1396 -19.83 -85.82 22.66
C LYS A 1396 -18.48 -85.17 22.95
N ALA A 1397 -18.28 -83.96 22.44
CA ALA A 1397 -16.97 -83.33 22.34
C ALA A 1397 -16.65 -82.31 23.41
N LEU A 1398 -17.64 -81.57 23.92
CA LEU A 1398 -17.37 -80.52 24.89
C LEU A 1398 -17.74 -80.87 26.32
N GLU A 1399 -18.92 -81.45 26.55
CA GLU A 1399 -19.32 -82.15 27.78
C GLU A 1399 -19.48 -81.34 29.07
N ASP A 1400 -19.17 -80.04 29.11
CA ASP A 1400 -19.27 -79.30 30.38
C ASP A 1400 -19.22 -77.80 30.11
N ILE A 1401 -19.69 -77.02 31.10
CA ILE A 1401 -19.61 -75.55 31.04
C ILE A 1401 -18.18 -75.00 31.18
N ASN A 1402 -17.32 -75.64 31.96
CA ASN A 1402 -16.06 -75.00 32.37
C ASN A 1402 -14.94 -74.97 31.34
N GLU A 1403 -15.01 -75.71 30.24
CA GLU A 1403 -14.00 -75.60 29.19
C GLU A 1403 -14.31 -74.49 28.19
N LEU A 1404 -15.46 -73.84 28.32
CA LEU A 1404 -15.86 -72.78 27.37
C LEU A 1404 -14.90 -71.59 27.41
N LYS A 1405 -14.41 -71.23 28.60
CA LYS A 1405 -13.56 -70.04 28.72
C LYS A 1405 -12.20 -70.23 28.05
N VAL A 1406 -11.76 -71.46 27.82
CA VAL A 1406 -10.50 -71.74 27.15
C VAL A 1406 -10.82 -72.09 25.69
N PHE A 1407 -12.03 -72.60 25.45
CA PHE A 1407 -12.45 -72.94 24.08
C PHE A 1407 -12.67 -71.68 23.25
N VAL A 1408 -13.19 -70.61 23.87
CA VAL A 1408 -13.37 -69.35 23.17
C VAL A 1408 -12.02 -68.77 22.75
N ASP A 1409 -11.03 -68.87 23.65
CA ASP A 1409 -9.69 -68.39 23.33
C ASP A 1409 -9.00 -69.27 22.29
N LEU A 1410 -9.29 -70.57 22.30
CA LEU A 1410 -8.72 -71.46 21.29
C LEU A 1410 -9.39 -71.28 19.94
N ALA A 1411 -10.65 -70.84 19.93
CA ALA A 1411 -11.32 -70.58 18.66
C ALA A 1411 -10.94 -69.21 18.10
N SER A 1412 -10.63 -68.25 18.96
CA SER A 1412 -10.30 -66.89 18.54
C SER A 1412 -8.96 -66.78 17.81
N ILE A 1413 -8.09 -67.78 17.87
CA ILE A 1413 -6.96 -67.81 16.93
C ILE A 1413 -7.39 -68.34 15.56
N SER A 1414 -8.15 -69.43 15.52
CA SER A 1414 -8.44 -70.08 14.25
C SER A 1414 -9.52 -69.35 13.45
N ALA A 1415 -10.27 -68.45 14.09
CA ALA A 1415 -11.14 -67.53 13.37
C ALA A 1415 -10.31 -66.53 12.57
N GLY A 1416 -10.97 -65.84 11.64
CA GLY A 1416 -10.31 -64.89 10.77
C GLY A 1416 -9.96 -63.58 11.44
N GLU A 1417 -9.95 -62.50 10.65
CA GLU A 1417 -9.73 -61.16 11.15
C GLU A 1417 -10.88 -60.21 10.88
N ASN A 1418 -11.72 -60.51 9.90
CA ASN A 1418 -12.89 -59.70 9.58
C ASN A 1418 -14.02 -59.99 10.57
N ASP A 1419 -15.09 -59.20 10.46
CA ASP A 1419 -15.96 -58.96 11.60
C ASP A 1419 -16.96 -60.09 11.77
N ILE A 1420 -17.44 -60.66 10.66
CA ILE A 1420 -18.23 -61.89 10.71
C ILE A 1420 -17.42 -63.03 11.34
N ASP A 1421 -16.16 -63.15 10.93
CA ASP A 1421 -15.29 -64.24 11.40
C ASP A 1421 -15.02 -64.12 12.89
N VAL A 1422 -14.89 -62.89 13.39
CA VAL A 1422 -14.71 -62.70 14.83
C VAL A 1422 -16.03 -62.95 15.56
N ASP A 1423 -17.13 -62.42 15.03
CA ASP A 1423 -18.39 -62.47 15.77
C ASP A 1423 -19.06 -63.84 15.75
N ARG A 1424 -18.57 -64.78 14.93
CA ARG A 1424 -18.98 -66.18 15.07
C ARG A 1424 -18.68 -66.72 16.48
N VAL A 1425 -17.55 -66.31 17.05
CA VAL A 1425 -17.15 -66.75 18.38
C VAL A 1425 -18.11 -66.23 19.44
N ALA A 1426 -18.47 -64.95 19.35
CA ALA A 1426 -19.41 -64.37 20.30
C ALA A 1426 -20.83 -64.91 20.11
N CYS A 1427 -21.18 -65.25 18.86
CA CYS A 1427 -22.48 -65.88 18.62
C CYS A 1427 -22.56 -67.26 19.24
N PHE A 1428 -21.47 -68.05 19.12
CA PHE A 1428 -21.41 -69.36 19.74
C PHE A 1428 -21.43 -69.25 21.26
N HIS A 1429 -20.70 -68.27 21.80
CA HIS A 1429 -20.62 -68.08 23.25
C HIS A 1429 -21.98 -67.69 23.83
N ASP A 1430 -22.67 -66.74 23.19
CA ASP A 1430 -23.97 -66.33 23.68
C ASP A 1430 -25.02 -67.42 23.49
N ALA A 1431 -24.88 -68.24 22.44
CA ALA A 1431 -25.80 -69.35 22.22
C ALA A 1431 -25.67 -70.40 23.32
N VAL A 1432 -24.44 -70.81 23.63
CA VAL A 1432 -24.30 -71.86 24.64
C VAL A 1432 -24.44 -71.31 26.06
N GLN A 1433 -24.17 -70.03 26.28
CA GLN A 1433 -24.51 -69.43 27.57
C GLN A 1433 -26.01 -69.27 27.75
N GLY A 1434 -26.76 -69.13 26.65
CA GLY A 1434 -28.20 -69.05 26.77
C GLY A 1434 -28.88 -70.39 26.91
N TYR A 1435 -28.28 -71.44 26.37
CA TYR A 1435 -28.88 -72.78 26.47
C TYR A 1435 -28.18 -73.71 27.45
N ALA A 1436 -27.19 -73.21 28.22
CA ALA A 1436 -26.45 -74.04 29.18
C ALA A 1436 -27.32 -74.57 30.32
N SER A 1437 -28.46 -73.94 30.58
CA SER A 1437 -29.40 -74.43 31.58
C SER A 1437 -30.11 -75.70 31.16
N LEU A 1438 -30.12 -75.99 29.85
CA LEU A 1438 -30.77 -77.17 29.30
C LEU A 1438 -29.82 -78.21 28.74
N LEU A 1439 -28.89 -77.82 27.87
CA LEU A 1439 -28.07 -78.85 27.25
C LEU A 1439 -26.97 -79.45 28.13
N TYR A 1440 -26.69 -78.92 29.32
CA TYR A 1440 -25.66 -79.51 30.18
C TYR A 1440 -26.11 -79.94 31.57
N LYS A 1441 -27.24 -79.45 32.07
CA LYS A 1441 -27.63 -79.70 33.45
C LYS A 1441 -28.83 -80.65 33.57
N MET A 1442 -29.24 -81.31 32.48
CA MET A 1442 -30.38 -82.21 32.55
C MET A 1442 -29.98 -83.62 32.97
N ASP A 1443 -30.71 -84.16 33.95
CA ASP A 1443 -30.77 -85.61 34.13
C ASP A 1443 -31.64 -86.22 33.04
N GLU A 1444 -31.45 -87.52 32.81
CA GLU A 1444 -32.19 -88.24 31.78
C GLU A 1444 -33.62 -88.60 32.14
N ARG A 1445 -34.06 -88.46 33.39
CA ARG A 1445 -35.47 -88.72 33.74
C ARG A 1445 -35.99 -87.61 34.66
N THR A 1446 -36.59 -86.58 34.08
CA THR A 1446 -37.13 -85.49 34.87
C THR A 1446 -38.65 -85.42 34.73
N ASN A 1447 -39.32 -84.97 35.79
CA ASN A 1447 -40.77 -84.79 35.75
C ASN A 1447 -41.10 -83.40 35.20
N PHE A 1448 -42.39 -83.08 35.12
CA PHE A 1448 -42.81 -81.84 34.47
C PHE A 1448 -42.58 -80.61 35.35
N SER A 1449 -42.75 -80.74 36.67
CA SER A 1449 -42.68 -79.59 37.58
C SER A 1449 -41.28 -79.00 37.65
N ASP A 1450 -40.24 -79.83 37.85
CA ASP A 1450 -38.89 -79.26 37.86
C ASP A 1450 -38.46 -78.82 36.46
N PHE A 1451 -39.07 -79.40 35.42
CA PHE A 1451 -38.81 -78.96 34.05
C PHE A 1451 -39.28 -77.54 33.81
N MET A 1452 -40.51 -77.21 34.23
CA MET A 1452 -40.92 -75.82 34.16
C MET A 1452 -40.19 -74.93 35.17
N ASN A 1453 -39.75 -75.50 36.31
CA ASN A 1453 -38.99 -74.70 37.28
C ASN A 1453 -37.64 -74.26 36.74
N HIS A 1454 -36.96 -75.10 35.96
CA HIS A 1454 -35.73 -74.64 35.32
C HIS A 1454 -36.03 -73.79 34.09
N LEU A 1455 -37.15 -74.05 33.40
CA LEU A 1455 -37.53 -73.15 32.31
C LEU A 1455 -37.85 -71.74 32.82
N GLN A 1456 -38.22 -71.60 34.09
CA GLN A 1456 -38.45 -70.28 34.70
C GLN A 1456 -37.18 -69.43 34.70
N GLU A 1457 -36.07 -70.01 35.18
CA GLU A 1457 -34.80 -69.27 35.14
C GLU A 1457 -34.26 -69.22 33.71
N LEU A 1458 -34.72 -70.12 32.84
CA LEU A 1458 -34.47 -69.98 31.42
C LEU A 1458 -35.17 -68.70 30.90
N TRP A 1459 -36.35 -68.36 31.44
CA TRP A 1459 -37.01 -67.15 30.97
C TRP A 1459 -36.32 -65.91 31.51
N ARG A 1460 -35.74 -66.03 32.71
CA ARG A 1460 -34.81 -64.99 33.18
C ARG A 1460 -33.59 -64.86 32.28
N ALA A 1461 -33.09 -65.99 31.77
CA ALA A 1461 -31.97 -65.98 30.83
C ALA A 1461 -32.39 -65.44 29.46
N LEU A 1462 -33.67 -65.54 29.13
CA LEU A 1462 -34.21 -64.99 27.89
C LEU A 1462 -34.45 -63.49 27.96
N ASP A 1463 -34.74 -62.95 29.14
CA ASP A 1463 -35.02 -61.52 29.27
C ASP A 1463 -33.83 -60.61 28.98
N ASN A 1464 -32.59 -61.07 29.12
CA ASN A 1464 -31.49 -60.20 28.71
C ASN A 1464 -31.13 -60.28 27.23
N ASP A 1465 -31.69 -61.23 26.46
CA ASP A 1465 -31.28 -61.39 25.06
C ASP A 1465 -32.41 -62.07 24.28
N GLN A 1466 -33.16 -61.27 23.52
CA GLN A 1466 -34.27 -61.74 22.69
C GLN A 1466 -33.81 -62.49 21.44
N HIS A 1467 -32.57 -62.30 21.01
CA HIS A 1467 -32.04 -62.85 19.75
C HIS A 1467 -31.38 -64.21 19.90
N LEU A 1468 -31.60 -64.92 20.98
CA LEU A 1468 -30.90 -66.18 21.19
C LEU A 1468 -31.22 -67.37 20.27
N PRO A 1469 -32.45 -67.64 19.80
CA PRO A 1469 -32.59 -68.71 18.78
C PRO A 1469 -32.00 -68.43 17.41
N ASP A 1470 -31.94 -67.17 16.95
CA ASP A 1470 -31.20 -66.91 15.72
C ASP A 1470 -29.70 -67.07 15.93
N LYS A 1471 -29.22 -66.80 17.14
CA LYS A 1471 -27.82 -67.07 17.48
C LYS A 1471 -27.55 -68.56 17.51
N LEU A 1472 -28.51 -69.34 18.01
CA LEU A 1472 -28.38 -70.80 17.97
C LEU A 1472 -28.35 -71.32 16.54
N LYS A 1473 -29.19 -70.77 15.67
CA LYS A 1473 -29.22 -71.23 14.27
C LYS A 1473 -27.96 -70.84 13.52
N ASP A 1474 -27.49 -69.59 13.72
CA ASP A 1474 -26.28 -69.13 13.04
C ASP A 1474 -25.02 -69.75 13.63
N SER A 1475 -25.07 -70.27 14.85
CA SER A 1475 -23.99 -71.10 15.35
C SER A 1475 -24.12 -72.53 14.84
N ALA A 1476 -25.35 -73.00 14.63
CA ALA A 1476 -25.60 -74.37 14.22
C ALA A 1476 -25.29 -74.59 12.76
N ARG A 1477 -25.24 -73.55 11.96
CA ARG A 1477 -24.75 -73.72 10.60
C ARG A 1477 -23.25 -73.45 10.47
N ASN A 1478 -22.52 -73.39 11.60
CA ASN A 1478 -21.06 -73.29 11.61
C ASN A 1478 -20.44 -74.49 12.32
N LEU A 1479 -21.12 -75.65 12.27
CA LEU A 1479 -20.63 -76.84 12.96
C LEU A 1479 -19.34 -77.36 12.35
N GLU A 1480 -19.10 -77.16 11.06
CA GLU A 1480 -17.88 -77.65 10.42
C GLU A 1480 -16.67 -76.86 10.91
N TRP A 1481 -16.84 -75.55 11.05
CA TRP A 1481 -15.81 -74.72 11.69
C TRP A 1481 -15.59 -75.12 13.15
N LEU A 1482 -16.69 -75.37 13.88
CA LEU A 1482 -16.53 -75.74 15.29
C LEU A 1482 -15.89 -77.11 15.47
N LYS A 1483 -16.07 -78.00 14.49
CA LYS A 1483 -15.31 -79.25 14.46
C LYS A 1483 -13.86 -79.01 14.08
N THR A 1484 -13.60 -77.98 13.26
CA THR A 1484 -12.22 -77.69 12.88
C THR A 1484 -11.44 -77.04 14.02
N VAL A 1485 -12.14 -76.47 15.01
CA VAL A 1485 -11.49 -75.68 16.07
C VAL A 1485 -10.55 -76.56 16.91
N LYS A 1486 -11.07 -77.66 17.47
CA LYS A 1486 -10.30 -78.46 18.42
C LYS A 1486 -9.15 -79.20 17.76
N GLU A 1487 -9.40 -79.84 16.62
CA GLU A 1487 -8.38 -80.60 15.90
C GLU A 1487 -7.55 -79.74 14.94
N SER A 1488 -7.47 -78.45 15.17
CA SER A 1488 -6.72 -77.57 14.29
C SER A 1488 -5.23 -77.76 14.49
N HIS A 1489 -4.51 -77.94 13.38
CA HIS A 1489 -3.06 -77.96 13.39
C HIS A 1489 -2.55 -76.51 13.35
N GLY A 1490 -1.27 -76.33 13.05
CA GLY A 1490 -0.81 -74.98 12.81
C GLY A 1490 -1.37 -74.43 11.51
N SER A 1491 -2.36 -73.54 11.63
CA SER A 1491 -3.01 -72.90 10.50
C SER A 1491 -2.05 -71.84 9.97
N VAL A 1492 -1.31 -72.14 8.91
CA VAL A 1492 -0.25 -71.23 8.50
C VAL A 1492 -0.89 -70.15 7.63
N GLU A 1493 -1.51 -69.19 8.30
CA GLU A 1493 -1.79 -67.84 7.80
C GLU A 1493 -1.50 -66.96 9.01
N LEU A 1494 -0.47 -66.12 8.92
CA LEU A 1494 0.13 -65.46 10.08
C LEU A 1494 -0.87 -64.56 10.80
N SER A 1495 -1.23 -63.46 10.13
CA SER A 1495 -2.49 -62.72 10.17
C SER A 1495 -2.27 -61.52 9.26
N SER A 1496 -3.30 -60.70 9.07
CA SER A 1496 -3.01 -59.38 8.51
C SER A 1496 -2.53 -58.40 9.57
N LEU A 1497 -2.65 -58.73 10.85
CA LEU A 1497 -2.22 -57.85 11.94
C LEU A 1497 -0.82 -58.16 12.43
N SER A 1498 -0.52 -59.42 12.73
CA SER A 1498 0.83 -59.76 13.21
C SER A 1498 1.86 -59.62 12.10
N LEU A 1499 1.42 -59.64 10.84
CA LEU A 1499 2.26 -59.24 9.73
C LEU A 1499 2.63 -57.76 9.83
N ALA A 1500 1.67 -56.91 10.24
CA ALA A 1500 1.95 -55.49 10.41
C ALA A 1500 2.88 -55.24 11.58
N THR A 1501 2.79 -56.05 12.64
CA THR A 1501 3.74 -55.94 13.74
C THR A 1501 5.11 -56.42 13.29
N ALA A 1502 5.17 -57.40 12.40
CA ALA A 1502 6.45 -57.85 11.87
C ALA A 1502 7.07 -56.81 10.96
N ILE A 1503 6.24 -56.05 10.23
CA ILE A 1503 6.72 -54.91 9.45
C ILE A 1503 7.26 -53.82 10.37
N ASN A 1504 6.53 -53.53 11.44
CA ASN A 1504 6.98 -52.51 12.40
C ASN A 1504 8.09 -53.00 13.31
N SER A 1505 8.44 -54.27 13.23
CA SER A 1505 9.54 -54.86 14.00
C SER A 1505 10.82 -55.00 13.20
N ARG A 1506 10.75 -55.50 11.96
CA ARG A 1506 11.97 -55.70 11.18
C ARG A 1506 11.84 -55.35 9.70
N GLY A 1507 10.85 -54.56 9.30
CA GLY A 1507 10.67 -54.26 7.89
C GLY A 1507 11.56 -53.10 7.45
N VAL A 1508 12.08 -53.22 6.23
CA VAL A 1508 13.05 -52.26 5.67
C VAL A 1508 12.51 -51.72 4.36
N TYR A 1509 12.30 -50.41 4.28
CA TYR A 1509 11.87 -49.80 3.03
C TYR A 1509 13.11 -49.49 2.18
N VAL A 1510 13.00 -49.70 0.87
CA VAL A 1510 14.12 -49.51 -0.05
C VAL A 1510 13.70 -48.67 -1.26
N ILE A 1511 14.35 -47.52 -1.43
CA ILE A 1511 14.30 -46.75 -2.68
C ILE A 1511 15.60 -47.00 -3.42
N GLU A 1512 15.50 -47.38 -4.69
CA GLU A 1512 16.59 -48.05 -5.40
C GLU A 1512 16.87 -47.47 -6.77
N ALA A 1513 15.88 -46.81 -7.43
CA ALA A 1513 15.89 -46.35 -8.82
C ALA A 1513 16.24 -47.47 -9.79
N PRO A 1514 15.27 -48.32 -10.15
CA PRO A 1514 15.56 -49.71 -10.58
C PRO A 1514 16.43 -49.81 -11.83
N LYS A 1515 17.48 -50.63 -11.73
CA LYS A 1515 18.51 -50.80 -12.74
C LYS A 1515 18.01 -51.51 -14.00
N ASP A 1516 16.82 -52.10 -13.97
CA ASP A 1516 16.28 -52.79 -15.15
C ASP A 1516 15.81 -51.79 -16.20
N GLY A 1517 15.41 -52.34 -17.35
CA GLY A 1517 14.96 -51.55 -18.49
C GLY A 1517 13.58 -50.93 -18.33
N GLN A 1518 12.85 -51.30 -17.27
CA GLN A 1518 11.50 -50.81 -17.05
C GLN A 1518 11.54 -49.35 -16.61
N LYS A 1519 10.37 -48.71 -16.60
CA LYS A 1519 10.32 -47.27 -16.41
C LYS A 1519 10.46 -46.92 -14.91
N ILE A 1520 10.15 -45.68 -14.58
CA ILE A 1520 10.44 -45.15 -13.25
C ILE A 1520 9.10 -44.81 -12.61
N SER A 1521 8.11 -45.68 -12.81
CA SER A 1521 6.85 -45.56 -12.07
C SER A 1521 7.12 -45.73 -10.56
N PRO A 1522 6.23 -45.19 -9.71
CA PRO A 1522 6.32 -45.47 -8.27
C PRO A 1522 6.03 -46.91 -7.88
N ASP A 1523 5.47 -47.73 -8.78
CA ASP A 1523 5.28 -49.15 -8.48
C ASP A 1523 6.60 -49.91 -8.45
N THR A 1524 7.60 -49.47 -9.21
CA THR A 1524 8.84 -50.22 -9.37
C THR A 1524 10.03 -49.55 -8.72
N VAL A 1525 9.83 -48.45 -8.00
CA VAL A 1525 10.90 -47.81 -7.23
C VAL A 1525 10.94 -48.37 -5.82
N LEU A 1526 9.82 -48.37 -5.12
CA LEU A 1526 9.80 -48.74 -3.71
C LEU A 1526 9.71 -50.25 -3.55
N ARG A 1527 10.45 -50.77 -2.57
CA ARG A 1527 10.30 -52.15 -2.14
C ARG A 1527 10.29 -52.20 -0.61
N LEU A 1528 9.86 -53.34 -0.08
CA LEU A 1528 9.92 -53.59 1.35
C LEU A 1528 10.52 -54.97 1.60
N LEU A 1529 11.46 -55.05 2.53
CA LEU A 1529 12.13 -56.30 2.86
C LEU A 1529 11.78 -56.76 4.27
N LEU A 1530 11.51 -58.05 4.40
CA LEU A 1530 11.38 -58.73 5.70
C LEU A 1530 12.42 -59.84 5.81
N PRO A 1531 13.38 -59.73 6.72
CA PRO A 1531 14.15 -60.91 7.14
C PRO A 1531 13.32 -61.78 8.09
N ASP A 1532 13.97 -62.82 8.61
CA ASP A 1532 13.32 -63.69 9.60
C ASP A 1532 14.01 -63.59 10.95
N PRO A 1537 13.84 -68.89 10.08
CA PRO A 1537 15.20 -69.21 9.63
C PRO A 1537 15.96 -67.97 9.18
N GLU A 1538 16.48 -67.98 7.94
CA GLU A 1538 17.29 -66.88 7.43
C GLU A 1538 16.85 -66.44 6.04
N ALA A 1539 15.60 -66.70 5.67
CA ALA A 1539 15.11 -66.29 4.36
C ALA A 1539 14.65 -64.84 4.40
N LEU A 1540 14.08 -64.37 3.29
CA LEU A 1540 13.57 -63.02 3.24
C LEU A 1540 12.36 -62.96 2.33
N ARG A 1541 11.58 -61.90 2.49
CA ARG A 1541 10.32 -61.74 1.76
C ARG A 1541 10.24 -60.30 1.25
N THR A 1542 10.10 -60.14 -0.06
CA THR A 1542 10.09 -58.82 -0.67
C THR A 1542 8.67 -58.46 -1.08
N TYR A 1543 8.19 -57.31 -0.63
CA TYR A 1543 6.88 -56.81 -1.01
C TYR A 1543 6.95 -55.58 -1.90
N SER A 1544 6.24 -55.60 -3.03
CA SER A 1544 6.08 -54.38 -3.82
C SER A 1544 5.00 -53.52 -3.15
N THR A 1545 4.80 -52.31 -3.66
CA THR A 1545 3.84 -51.40 -3.05
C THR A 1545 2.35 -51.70 -3.30
N GLU A 1546 2.00 -52.47 -4.34
CA GLU A 1546 0.59 -52.83 -4.50
C GLU A 1546 0.11 -53.80 -3.42
N GLU A 1547 0.93 -54.78 -3.04
CA GLU A 1547 0.53 -55.65 -1.94
C GLU A 1547 0.55 -54.93 -0.59
N LEU A 1548 1.40 -53.91 -0.41
CA LEU A 1548 1.29 -53.17 0.85
C LEU A 1548 0.05 -52.30 0.86
N LYS A 1549 -0.37 -51.79 -0.30
CA LYS A 1549 -1.63 -51.06 -0.32
C LYS A 1549 -2.85 -51.96 -0.08
N GLU A 1550 -2.87 -53.18 -0.64
CA GLU A 1550 -3.99 -54.08 -0.32
C GLU A 1550 -4.00 -54.51 1.15
N LEU A 1551 -2.83 -54.79 1.74
CA LEU A 1551 -2.80 -55.12 3.17
C LEU A 1551 -3.24 -53.93 4.03
N LEU A 1552 -2.85 -52.69 3.67
CA LEU A 1552 -3.29 -51.54 4.48
C LEU A 1552 -4.79 -51.36 4.36
N ASN A 1553 -5.37 -51.62 3.18
CA ASN A 1553 -6.82 -51.56 3.07
C ASN A 1553 -7.47 -52.64 3.91
N LYS A 1554 -6.91 -53.86 3.92
CA LYS A 1554 -7.47 -54.89 4.80
C LYS A 1554 -7.32 -54.55 6.27
N LEU A 1555 -6.29 -53.79 6.64
CA LEU A 1555 -6.01 -53.48 8.05
C LEU A 1555 -6.68 -52.23 8.56
N MET A 1556 -7.00 -51.30 7.68
CA MET A 1556 -7.71 -50.12 8.10
C MET A 1556 -9.18 -50.44 8.34
N LEU A 1557 -9.70 -51.46 7.65
CA LEU A 1557 -11.11 -51.83 7.66
C LEU A 1557 -11.37 -53.14 8.42
N MET A 1558 -10.37 -53.69 9.12
CA MET A 1558 -10.56 -54.92 9.88
C MET A 1558 -11.29 -54.61 11.20
N SER A 1559 -11.67 -55.67 11.92
CA SER A 1559 -12.52 -55.52 13.10
C SER A 1559 -11.79 -54.90 14.29
N GLY A 1560 -12.48 -53.97 14.95
CA GLY A 1560 -11.90 -53.29 16.09
C GLY A 1560 -11.68 -54.16 17.32
N LYS A 1561 -10.40 -54.41 17.61
CA LYS A 1561 -10.00 -55.20 18.76
C LYS A 1561 -10.31 -54.49 20.08
N LYS A 1562 -10.43 -53.16 20.04
CA LYS A 1562 -10.55 -52.27 21.20
C LYS A 1562 -9.38 -52.49 22.15
N ASP A 1563 -8.19 -52.15 21.64
CA ASP A 1563 -6.95 -52.21 22.41
C ASP A 1563 -6.01 -51.16 21.85
N HIS A 1564 -5.17 -50.61 22.73
CA HIS A 1564 -4.31 -49.51 22.33
C HIS A 1564 -3.13 -49.96 21.46
N ASN A 1565 -2.64 -51.19 21.69
CA ASN A 1565 -1.52 -51.68 20.89
C ASN A 1565 -1.92 -51.92 19.44
N SER A 1566 -3.14 -52.40 19.22
CA SER A 1566 -3.63 -52.71 17.87
C SER A 1566 -3.71 -51.45 17.02
N ASN A 1567 -4.47 -50.46 17.48
CA ASN A 1567 -4.60 -49.26 16.67
C ASN A 1567 -3.33 -48.40 16.69
N THR A 1568 -2.44 -48.55 17.68
CA THR A 1568 -1.20 -47.81 17.53
C THR A 1568 -0.24 -48.48 16.54
N GLU A 1569 -0.32 -49.81 16.36
CA GLU A 1569 0.47 -50.44 15.32
C GLU A 1569 -0.06 -50.13 13.92
N VAL A 1570 -1.39 -50.13 13.73
CA VAL A 1570 -1.92 -49.75 12.41
C VAL A 1570 -1.59 -48.29 12.09
N GLU A 1571 -1.70 -47.39 13.09
CA GLU A 1571 -1.39 -45.98 12.85
C GLU A 1571 0.09 -45.76 12.59
N LYS A 1572 0.97 -46.49 13.29
CA LYS A 1572 2.40 -46.36 13.05
C LYS A 1572 2.77 -46.85 11.65
N PHE A 1573 2.23 -48.02 11.26
CA PHE A 1573 2.49 -48.55 9.92
C PHE A 1573 1.97 -47.61 8.84
N SER A 1574 0.76 -47.07 9.00
CA SER A 1574 0.16 -46.21 8.00
C SER A 1574 0.90 -44.89 7.90
N GLU A 1575 1.40 -44.37 9.02
CA GLU A 1575 2.07 -43.07 8.96
C GLU A 1575 3.48 -43.20 8.40
N VAL A 1576 4.22 -44.24 8.82
CA VAL A 1576 5.53 -44.50 8.22
C VAL A 1576 5.39 -44.77 6.72
N PHE A 1577 4.36 -45.51 6.31
CA PHE A 1577 4.19 -45.78 4.88
C PHE A 1577 3.76 -44.54 4.10
N SER A 1578 2.91 -43.68 4.68
CA SER A 1578 2.51 -42.47 3.97
C SER A 1578 3.65 -41.47 3.86
N ASN A 1579 4.48 -41.35 4.89
CA ASN A 1579 5.62 -40.47 4.80
C ASN A 1579 6.68 -41.03 3.85
N MET A 1580 6.85 -42.36 3.86
CA MET A 1580 7.79 -43.02 2.96
C MET A 1580 7.34 -42.90 1.50
N GLN A 1581 6.02 -43.04 1.24
CA GLN A 1581 5.49 -42.89 -0.12
C GLN A 1581 5.56 -41.44 -0.57
N ARG A 1582 5.46 -40.50 0.38
CA ARG A 1582 5.62 -39.09 0.04
C ARG A 1582 7.07 -38.80 -0.30
N LEU A 1583 8.01 -39.48 0.37
CA LEU A 1583 9.42 -39.39 -0.01
C LEU A 1583 9.64 -39.95 -1.41
N VAL A 1584 8.95 -41.05 -1.74
CA VAL A 1584 8.97 -41.60 -3.10
C VAL A 1584 8.42 -40.59 -4.11
N HIS A 1585 7.36 -39.86 -3.72
CA HIS A 1585 6.75 -38.84 -4.56
C HIS A 1585 7.74 -37.71 -4.87
N VAL A 1586 8.40 -37.20 -3.82
CA VAL A 1586 9.37 -36.12 -4.01
C VAL A 1586 10.58 -36.63 -4.80
N PHE A 1587 10.96 -37.90 -4.58
CA PHE A 1587 12.08 -38.49 -5.32
C PHE A 1587 11.75 -38.64 -6.81
N ILE A 1588 10.53 -39.06 -7.15
CA ILE A 1588 10.18 -39.17 -8.56
C ILE A 1588 10.05 -37.79 -9.20
N LYS A 1589 9.60 -36.77 -8.44
CA LYS A 1589 9.63 -35.41 -8.99
C LYS A 1589 11.05 -34.94 -9.27
N LEU A 1590 11.99 -35.22 -8.36
CA LEU A 1590 13.38 -34.88 -8.60
C LEU A 1590 14.00 -35.68 -9.74
N HIS A 1591 13.55 -36.93 -9.93
CA HIS A 1591 14.01 -37.74 -11.04
C HIS A 1591 13.54 -37.16 -12.37
N CYS A 1592 12.22 -36.96 -12.51
CA CYS A 1592 11.67 -36.56 -13.79
C CYS A 1592 11.96 -35.10 -14.11
N ALA A 1593 12.31 -34.29 -13.10
CA ALA A 1593 12.84 -32.96 -13.40
C ALA A 1593 14.23 -33.04 -14.03
N GLY A 1594 14.97 -34.13 -13.78
CA GLY A 1594 16.25 -34.35 -14.41
C GLY A 1594 17.39 -33.80 -13.57
N ASN A 1595 18.10 -34.65 -12.84
CA ASN A 1595 18.99 -34.10 -11.84
C ASN A 1595 20.42 -34.64 -11.90
N MET A 1596 20.60 -35.94 -12.16
CA MET A 1596 21.88 -36.66 -12.31
C MET A 1596 22.69 -36.74 -11.00
N LEU A 1597 22.21 -36.08 -9.95
CA LEU A 1597 22.74 -36.24 -8.60
C LEU A 1597 21.94 -37.29 -7.85
N PHE A 1598 20.63 -37.08 -7.74
CA PHE A 1598 19.70 -38.04 -7.16
C PHE A 1598 19.18 -39.04 -8.18
N ARG A 1599 19.94 -39.27 -9.25
CA ARG A 1599 19.65 -40.32 -10.23
C ARG A 1599 20.01 -41.70 -9.69
N THR A 1600 21.21 -41.84 -9.14
CA THR A 1600 21.68 -43.09 -8.57
C THR A 1600 21.51 -43.14 -7.05
N TRP A 1601 20.59 -42.35 -6.51
CA TRP A 1601 20.34 -42.30 -5.08
C TRP A 1601 19.73 -43.62 -4.61
N THR A 1602 19.97 -43.96 -3.34
CA THR A 1602 19.29 -45.08 -2.71
C THR A 1602 19.14 -44.84 -1.22
N ALA A 1603 18.07 -45.40 -0.65
CA ALA A 1603 17.80 -45.20 0.77
C ALA A 1603 17.09 -46.40 1.36
N LYS A 1604 17.66 -46.97 2.41
CA LYS A 1604 17.00 -47.93 3.27
C LYS A 1604 16.45 -47.22 4.50
N VAL A 1605 15.26 -47.63 4.94
CA VAL A 1605 14.60 -47.04 6.10
C VAL A 1605 14.20 -48.19 7.02
N TYR A 1606 14.74 -48.18 8.24
CA TYR A 1606 14.56 -49.27 9.18
C TYR A 1606 13.39 -48.95 10.11
N CYS A 1607 12.32 -49.74 10.03
CA CYS A 1607 11.13 -49.56 10.84
C CYS A 1607 11.26 -50.10 12.26
N CYS A 1608 12.46 -50.54 12.65
CA CYS A 1608 12.73 -50.89 14.04
C CYS A 1608 12.57 -49.67 14.94
N PRO A 1609 12.23 -49.88 16.22
CA PRO A 1609 12.31 -48.79 17.19
C PRO A 1609 13.76 -48.36 17.37
N ASP A 1610 14.00 -47.06 17.15
CA ASP A 1610 15.33 -46.47 16.97
C ASP A 1610 16.10 -47.23 15.88
N GLY A 1611 15.48 -47.27 14.70
CA GLY A 1611 16.04 -47.96 13.56
C GLY A 1611 16.85 -47.06 12.66
N GLY A 1612 16.23 -45.97 12.19
CA GLY A 1612 16.98 -44.96 11.46
C GLY A 1612 16.97 -45.14 9.95
N ILE A 1613 17.57 -44.15 9.31
CA ILE A 1613 17.68 -44.07 7.87
C ILE A 1613 19.13 -44.34 7.49
N PHE A 1614 19.32 -45.22 6.51
CA PHE A 1614 20.63 -45.50 5.93
C PHE A 1614 20.60 -45.05 4.48
N MET A 1615 21.31 -43.98 4.17
CA MET A 1615 21.22 -43.29 2.90
C MET A 1615 22.54 -43.47 2.17
N ASN A 1616 22.48 -43.59 0.84
CA ASN A 1616 23.68 -43.85 0.06
C ASN A 1616 23.46 -43.31 -1.34
N PHE A 1617 24.55 -42.93 -1.99
CA PHE A 1617 24.54 -42.47 -3.36
C PHE A 1617 25.14 -43.54 -4.26
N GLY A 1618 25.32 -43.21 -5.54
CA GLY A 1618 26.03 -44.12 -6.41
C GLY A 1618 27.39 -43.56 -6.76
N LEU A 1619 27.92 -42.80 -5.82
CA LEU A 1619 29.11 -41.96 -5.96
C LEU A 1619 30.26 -42.57 -5.18
N GLU A 1620 31.47 -42.23 -5.60
CA GLU A 1620 32.71 -42.79 -5.06
C GLU A 1620 33.31 -41.90 -3.98
N LEU A 1621 33.10 -40.61 -4.10
CA LEU A 1621 33.59 -39.58 -3.19
C LEU A 1621 32.67 -39.33 -2.00
N LEU A 1622 31.59 -40.08 -1.86
CA LEU A 1622 30.68 -39.92 -0.74
C LEU A 1622 30.60 -41.22 0.05
N SER A 1623 30.20 -41.11 1.31
CA SER A 1623 30.25 -42.23 2.24
C SER A 1623 28.85 -42.65 2.64
N GLN A 1624 28.77 -43.78 3.35
CA GLN A 1624 27.49 -44.34 3.76
C GLN A 1624 26.89 -43.48 4.86
N LEU A 1625 25.84 -42.72 4.52
CA LEU A 1625 25.14 -41.93 5.51
C LEU A 1625 24.23 -42.80 6.37
N THR A 1626 24.17 -42.51 7.67
CA THR A 1626 23.29 -43.25 8.57
C THR A 1626 22.89 -42.38 9.75
N GLU A 1627 21.65 -42.55 10.22
CA GLU A 1627 21.21 -41.85 11.42
C GLU A 1627 20.07 -42.61 12.10
N LYS A 1628 20.24 -42.89 13.39
CA LYS A 1628 19.22 -43.51 14.21
C LYS A 1628 18.32 -42.42 14.83
N GLY A 1629 17.25 -42.86 15.49
CA GLY A 1629 16.33 -41.93 16.11
C GLY A 1629 14.89 -42.24 15.75
N ASP A 1630 14.02 -41.27 16.00
CA ASP A 1630 12.59 -41.43 15.73
C ASP A 1630 12.32 -41.29 14.24
N VAL A 1631 11.64 -42.29 13.68
CA VAL A 1631 11.63 -42.48 12.23
C VAL A 1631 10.75 -41.44 11.53
N ILE A 1632 9.62 -41.08 12.16
CA ILE A 1632 8.65 -40.19 11.51
C ILE A 1632 9.20 -38.77 11.40
N GLN A 1633 9.90 -38.27 12.42
CA GLN A 1633 10.48 -36.94 12.32
C GLN A 1633 11.63 -36.88 11.33
N LEU A 1634 12.42 -37.96 11.23
CA LEU A 1634 13.47 -38.00 10.22
C LEU A 1634 12.90 -37.98 8.80
N LEU A 1635 11.83 -38.74 8.54
CA LEU A 1635 11.20 -38.68 7.22
C LEU A 1635 10.54 -37.34 6.96
N GLY A 1636 9.95 -36.71 7.99
CA GLY A 1636 9.33 -35.40 7.78
C GLY A 1636 10.34 -34.31 7.45
N ALA A 1637 11.45 -34.27 8.21
CA ALA A 1637 12.52 -33.32 7.94
C ALA A 1637 13.17 -33.58 6.58
N LEU A 1638 13.37 -34.86 6.25
CA LEU A 1638 13.96 -35.23 4.97
C LEU A 1638 13.07 -34.81 3.81
N CYS A 1639 11.76 -35.02 3.93
CA CYS A 1639 10.85 -34.66 2.86
C CYS A 1639 10.75 -33.14 2.69
N ARG A 1640 10.71 -32.39 3.80
CA ARG A 1640 10.72 -30.92 3.69
C ARG A 1640 12.00 -30.42 3.04
N GLN A 1641 13.12 -31.06 3.38
CA GLN A 1641 14.42 -30.70 2.81
C GLN A 1641 14.46 -30.99 1.32
N MET A 1642 13.94 -32.15 0.92
CA MET A 1642 13.93 -32.53 -0.49
C MET A 1642 12.95 -31.69 -1.30
N GLU A 1643 11.89 -31.19 -0.66
CA GLU A 1643 10.98 -30.27 -1.36
C GLU A 1643 11.64 -28.92 -1.59
N ASP A 1644 12.36 -28.41 -0.58
CA ASP A 1644 13.13 -27.18 -0.78
C ASP A 1644 14.22 -27.37 -1.82
N PHE A 1645 14.81 -28.57 -1.89
CA PHE A 1645 15.79 -28.85 -2.92
C PHE A 1645 15.17 -28.92 -4.31
N LEU A 1646 13.95 -29.47 -4.45
CA LEU A 1646 13.30 -29.46 -5.76
C LEU A 1646 13.02 -28.03 -6.22
N ASP A 1647 12.58 -27.16 -5.29
CA ASP A 1647 12.33 -25.77 -5.69
C ASP A 1647 13.64 -25.06 -6.06
N ASN A 1648 14.72 -25.32 -5.31
CA ASN A 1648 16.00 -24.71 -5.65
C ASN A 1648 16.58 -25.26 -6.94
N TRP A 1649 16.36 -26.55 -7.21
CA TRP A 1649 16.85 -27.14 -8.45
C TRP A 1649 16.06 -26.64 -9.66
N LYS A 1650 14.75 -26.45 -9.51
CA LYS A 1650 13.98 -25.86 -10.61
C LYS A 1650 14.40 -24.42 -10.87
N THR A 1651 14.72 -23.66 -9.81
CA THR A 1651 15.23 -22.30 -10.00
C THR A 1651 16.58 -22.27 -10.70
N VAL A 1652 17.51 -23.16 -10.31
CA VAL A 1652 18.83 -23.19 -10.94
C VAL A 1652 18.72 -23.64 -12.40
N VAL A 1653 17.88 -24.64 -12.70
CA VAL A 1653 17.80 -25.10 -14.09
C VAL A 1653 17.06 -24.07 -14.94
N ALA A 1654 16.16 -23.29 -14.33
CA ALA A 1654 15.54 -22.17 -15.06
C ALA A 1654 16.57 -21.10 -15.39
N GLN A 1655 17.50 -20.83 -14.46
CA GLN A 1655 18.50 -19.82 -14.76
C GLN A 1655 19.63 -20.36 -15.63
N LYS A 1656 19.76 -21.67 -15.78
CA LYS A 1656 20.68 -22.19 -16.79
C LYS A 1656 20.03 -22.24 -18.17
N ARG A 1657 18.71 -22.50 -18.23
CA ARG A 1657 18.00 -22.44 -19.51
C ARG A 1657 17.87 -21.02 -20.03
N ALA A 1658 17.85 -20.04 -19.12
CA ALA A 1658 17.73 -18.64 -19.54
C ALA A 1658 19.03 -18.07 -20.09
N GLU A 1659 20.19 -18.60 -19.68
CA GLU A 1659 21.46 -18.06 -20.14
C GLU A 1659 22.11 -18.88 -21.25
N HIS A 1660 21.65 -20.11 -21.48
CA HIS A 1660 22.12 -20.92 -22.61
C HIS A 1660 20.96 -21.20 -23.55
N PHE A 1661 21.05 -20.67 -24.77
CA PHE A 1661 19.94 -20.73 -25.70
C PHE A 1661 19.74 -22.13 -26.28
N TYR A 1662 20.82 -22.83 -26.62
CA TYR A 1662 20.66 -24.10 -27.32
C TYR A 1662 20.26 -25.23 -26.39
N LEU A 1663 20.47 -25.06 -25.07
CA LEU A 1663 19.97 -26.01 -24.07
C LEU A 1663 18.45 -26.10 -24.08
N ASN A 1664 17.78 -25.04 -24.54
CA ASN A 1664 16.33 -25.03 -24.71
C ASN A 1664 15.86 -25.85 -25.90
N PHE A 1665 16.76 -26.42 -26.72
CA PHE A 1665 16.28 -27.30 -27.78
C PHE A 1665 15.82 -28.64 -27.24
N TYR A 1666 16.33 -29.05 -26.08
CA TYR A 1666 16.16 -30.41 -25.59
C TYR A 1666 15.40 -30.41 -24.28
N THR A 1667 14.68 -31.50 -24.02
CA THR A 1667 13.98 -31.68 -22.76
C THR A 1667 14.95 -32.14 -21.68
N ALA A 1668 14.42 -32.53 -20.52
CA ALA A 1668 15.27 -32.89 -19.38
C ALA A 1668 16.06 -34.17 -19.64
N GLU A 1669 15.37 -35.23 -20.06
CA GLU A 1669 16.03 -36.51 -20.27
C GLU A 1669 16.94 -36.48 -21.49
N GLN A 1670 16.63 -35.63 -22.47
CA GLN A 1670 17.52 -35.46 -23.61
C GLN A 1670 18.82 -34.77 -23.20
N LEU A 1671 18.74 -33.80 -22.29
CA LEU A 1671 19.95 -33.19 -21.77
C LEU A 1671 20.74 -34.16 -20.90
N VAL A 1672 20.04 -35.04 -20.17
CA VAL A 1672 20.73 -36.07 -19.39
C VAL A 1672 21.48 -37.02 -20.30
N TYR A 1673 20.84 -37.44 -21.40
CA TYR A 1673 21.47 -38.34 -22.35
C TYR A 1673 22.65 -37.68 -23.06
N LEU A 1674 22.51 -36.41 -23.45
CA LEU A 1674 23.62 -35.71 -24.10
C LEU A 1674 24.78 -35.48 -23.14
N SER A 1675 24.48 -35.13 -21.89
CA SER A 1675 25.51 -34.92 -20.89
C SER A 1675 26.24 -36.21 -20.54
N SER A 1676 25.54 -37.35 -20.60
CA SER A 1676 26.24 -38.61 -20.45
C SER A 1676 27.05 -38.96 -21.69
N GLU A 1677 26.59 -38.57 -22.88
CA GLU A 1677 27.24 -39.05 -24.10
C GLU A 1677 28.45 -38.23 -24.53
N LEU A 1678 28.47 -36.91 -24.29
CA LEU A 1678 29.55 -36.10 -24.87
C LEU A 1678 30.88 -36.29 -24.15
N ARG A 1679 30.85 -36.67 -22.86
CA ARG A 1679 32.09 -36.97 -22.14
C ARG A 1679 32.72 -38.28 -22.57
N LYS A 1680 31.97 -39.16 -23.23
CA LYS A 1680 32.53 -40.42 -23.67
C LYS A 1680 33.50 -40.20 -24.84
N PRO A 1681 34.51 -41.06 -24.99
CA PRO A 1681 35.45 -40.89 -26.11
C PRO A 1681 34.82 -41.22 -27.46
N ARG A 1682 33.93 -42.19 -27.51
CA ARG A 1682 33.14 -42.50 -28.71
C ARG A 1682 31.67 -42.42 -28.32
N PRO A 1683 31.03 -41.27 -28.54
CA PRO A 1683 29.60 -41.14 -28.20
C PRO A 1683 28.74 -41.92 -29.18
N SER A 1684 27.48 -42.12 -28.79
CA SER A 1684 26.59 -42.96 -29.58
C SER A 1684 26.14 -42.24 -30.84
N GLU A 1685 25.63 -43.01 -31.80
CA GLU A 1685 25.19 -42.42 -33.05
C GLU A 1685 23.86 -41.68 -32.91
N ALA A 1686 23.03 -42.07 -31.93
CA ALA A 1686 21.81 -41.32 -31.66
C ALA A 1686 22.11 -39.94 -31.10
N ALA A 1687 23.13 -39.82 -30.25
CA ALA A 1687 23.53 -38.51 -29.77
C ALA A 1687 24.20 -37.68 -30.87
N LEU A 1688 25.04 -38.31 -31.68
CA LEU A 1688 25.67 -37.59 -32.79
C LEU A 1688 24.74 -37.33 -33.96
N MET A 1689 23.51 -37.84 -33.96
CA MET A 1689 22.52 -37.43 -34.95
C MET A 1689 21.48 -36.44 -34.41
N MET A 1690 21.13 -36.50 -33.12
CA MET A 1690 20.29 -35.47 -32.50
C MET A 1690 20.98 -34.11 -32.40
N LEU A 1691 22.31 -34.06 -32.49
CA LEU A 1691 23.06 -32.80 -32.52
C LEU A 1691 23.27 -32.27 -33.93
N SER A 1692 22.80 -33.00 -34.94
CA SER A 1692 22.77 -32.52 -36.32
C SER A 1692 21.76 -31.39 -36.50
N PHE A 1693 20.81 -31.24 -35.58
CA PHE A 1693 19.84 -30.15 -35.67
C PHE A 1693 20.44 -28.82 -35.25
N ILE A 1694 21.52 -28.82 -34.48
CA ILE A 1694 22.23 -27.58 -34.18
C ILE A 1694 23.33 -27.32 -35.19
N LYS A 1695 24.24 -28.26 -35.39
CA LYS A 1695 25.38 -28.04 -36.28
C LYS A 1695 25.06 -28.37 -37.73
N GLY A 1696 24.68 -29.62 -38.00
CA GLY A 1696 24.45 -30.05 -39.37
C GLY A 1696 25.58 -30.88 -39.93
N LYS A 1697 25.31 -32.17 -40.17
CA LYS A 1697 26.32 -33.18 -40.53
C LYS A 1697 27.47 -33.20 -39.51
N CYS A 1698 27.07 -33.28 -38.24
CA CYS A 1698 28.04 -33.26 -37.14
C CYS A 1698 28.80 -34.58 -37.08
N THR A 1699 30.02 -34.53 -36.54
CA THR A 1699 30.89 -35.70 -36.49
C THR A 1699 31.71 -35.64 -35.21
N VAL A 1700 32.54 -36.67 -35.01
CA VAL A 1700 33.29 -36.80 -33.77
C VAL A 1700 34.44 -35.81 -33.64
N GLN A 1701 34.97 -35.28 -34.74
CA GLN A 1701 36.10 -34.36 -34.61
C GLN A 1701 35.64 -32.98 -34.17
N ASP A 1702 34.51 -32.51 -34.73
CA ASP A 1702 33.89 -31.27 -34.26
C ASP A 1702 33.48 -31.38 -32.81
N LEU A 1703 33.01 -32.56 -32.40
CA LEU A 1703 32.54 -32.74 -31.02
C LEU A 1703 33.71 -32.84 -30.05
N VAL A 1704 34.81 -33.47 -30.44
CA VAL A 1704 35.96 -33.53 -29.53
C VAL A 1704 36.64 -32.16 -29.45
N GLN A 1705 36.58 -31.38 -30.55
CA GLN A 1705 37.04 -30.00 -30.50
C GLN A 1705 36.17 -29.16 -29.57
N ALA A 1706 34.86 -29.38 -29.59
CA ALA A 1706 33.96 -28.60 -28.75
C ALA A 1706 34.07 -28.99 -27.28
N THR A 1707 34.26 -30.28 -26.99
CA THR A 1707 34.37 -30.71 -25.60
C THR A 1707 35.78 -30.57 -25.05
N SER A 1708 36.77 -30.27 -25.89
CA SER A 1708 38.09 -29.89 -25.38
C SER A 1708 38.20 -28.40 -25.08
N ALA A 1709 37.59 -27.57 -25.93
CA ALA A 1709 37.68 -26.12 -25.84
C ALA A 1709 36.60 -25.50 -24.96
N CYS A 1710 35.88 -26.29 -24.17
CA CYS A 1710 34.77 -25.77 -23.38
C CYS A 1710 35.19 -25.30 -21.98
N GLU A 1711 35.74 -26.18 -21.17
CA GLU A 1711 35.97 -25.86 -19.76
C GLU A 1711 37.47 -25.73 -19.46
N SER A 1712 37.79 -24.82 -18.55
CA SER A 1712 39.18 -24.49 -18.21
C SER A 1712 39.76 -25.49 -17.23
N LYS A 1713 40.91 -25.14 -16.64
CA LYS A 1713 41.56 -25.91 -15.58
C LYS A 1713 41.45 -25.28 -14.20
N ALA A 1714 40.80 -24.12 -14.07
CA ALA A 1714 40.50 -23.52 -12.77
C ALA A 1714 39.34 -24.22 -12.07
N ASP A 1715 38.46 -24.85 -12.84
CA ASP A 1715 37.41 -25.66 -12.26
C ASP A 1715 37.98 -26.88 -11.54
N ARG A 1716 39.07 -27.44 -12.07
CA ARG A 1716 39.81 -28.49 -11.35
C ARG A 1716 40.34 -27.98 -10.00
N TYR A 1717 40.86 -26.75 -9.95
CA TYR A 1717 41.38 -26.23 -8.68
C TYR A 1717 40.27 -25.98 -7.69
N CYS A 1718 39.12 -25.49 -8.14
CA CYS A 1718 38.07 -25.25 -7.16
C CYS A 1718 37.38 -26.54 -6.73
N LEU A 1719 37.28 -27.54 -7.61
CA LEU A 1719 36.74 -28.82 -7.14
C LEU A 1719 37.70 -29.56 -6.21
N ARG A 1720 39.02 -29.48 -6.44
CA ARG A 1720 39.95 -30.03 -5.45
C ARG A 1720 39.91 -29.26 -4.13
N GLU A 1721 39.67 -27.95 -4.18
CA GLU A 1721 39.52 -27.16 -2.96
C GLU A 1721 38.29 -27.62 -2.18
N VAL A 1722 37.21 -27.90 -2.89
CA VAL A 1722 36.02 -28.46 -2.26
C VAL A 1722 36.32 -29.86 -1.71
N MET A 1723 37.05 -30.68 -2.46
CA MET A 1723 37.38 -32.04 -2.01
C MET A 1723 38.26 -32.06 -0.76
N LYS A 1724 39.04 -31.01 -0.53
CA LYS A 1724 39.82 -31.04 0.70
C LYS A 1724 39.10 -30.33 1.84
N LYS A 1725 38.23 -29.36 1.53
CA LYS A 1725 37.50 -28.69 2.60
C LYS A 1725 36.31 -29.50 3.10
N LEU A 1726 35.70 -30.33 2.24
CA LEU A 1726 34.49 -31.08 2.60
C LEU A 1726 34.59 -32.08 3.75
N PRO A 1727 35.70 -32.81 3.99
CA PRO A 1727 35.73 -33.65 5.22
C PRO A 1727 35.66 -32.88 6.53
N GLN A 1728 36.36 -31.74 6.66
CA GLN A 1728 36.21 -30.92 7.85
C GLN A 1728 35.06 -29.92 7.74
N GLN A 1729 34.23 -30.04 6.72
CA GLN A 1729 32.99 -29.28 6.60
C GLN A 1729 31.76 -30.11 6.91
N LEU A 1730 31.77 -31.40 6.58
CA LEU A 1730 30.69 -32.29 6.98
C LEU A 1730 30.70 -32.58 8.47
N LEU A 1731 31.89 -32.71 9.05
CA LEU A 1731 32.05 -32.97 10.48
C LEU A 1731 31.81 -31.75 11.36
N SER A 1732 31.48 -30.59 10.81
CA SER A 1732 30.94 -29.51 11.63
C SER A 1732 29.45 -29.66 11.92
N GLU A 1733 28.77 -30.59 11.27
CA GLU A 1733 27.34 -30.81 11.47
C GLU A 1733 27.10 -32.12 12.20
N PRO A 1734 26.29 -32.12 13.25
CA PRO A 1734 26.13 -33.35 14.04
C PRO A 1734 25.15 -34.30 13.38
N SER A 1735 24.18 -33.78 12.65
CA SER A 1735 23.08 -34.56 12.13
C SER A 1735 23.22 -34.71 10.62
N LEU A 1736 22.22 -35.35 10.02
CA LEU A 1736 22.19 -35.62 8.59
C LEU A 1736 21.69 -34.44 7.77
N MET A 1737 20.80 -33.61 8.32
CA MET A 1737 20.22 -32.51 7.56
C MET A 1737 21.27 -31.45 7.22
N GLY A 1738 22.22 -31.21 8.13
CA GLY A 1738 23.27 -30.26 7.82
C GLY A 1738 24.21 -30.77 6.74
N LYS A 1739 24.58 -32.07 6.80
CA LYS A 1739 25.44 -32.65 5.78
C LYS A 1739 24.76 -32.65 4.41
N LEU A 1740 23.47 -32.99 4.37
CA LEU A 1740 22.75 -32.93 3.10
C LEU A 1740 22.61 -31.50 2.60
N GLN A 1741 22.41 -30.52 3.50
CA GLN A 1741 22.32 -29.14 3.04
C GLN A 1741 23.64 -28.67 2.44
N VAL A 1742 24.77 -29.07 3.03
CA VAL A 1742 26.07 -28.73 2.46
C VAL A 1742 26.26 -29.38 1.09
N ILE A 1743 25.92 -30.67 0.98
CA ILE A 1743 26.07 -31.39 -0.28
C ILE A 1743 25.15 -30.81 -1.36
N MET A 1744 23.93 -30.41 -0.99
CA MET A 1744 22.98 -29.90 -1.98
C MET A 1744 23.34 -28.49 -2.44
N MET A 1745 23.77 -27.60 -1.52
CA MET A 1745 24.17 -26.27 -2.00
C MET A 1745 25.46 -26.33 -2.83
N GLN A 1746 26.39 -27.23 -2.48
CA GLN A 1746 27.56 -27.34 -3.34
C GLN A 1746 27.27 -28.07 -4.64
N SER A 1747 26.23 -28.91 -4.68
CA SER A 1747 25.80 -29.47 -5.95
C SER A 1747 25.09 -28.41 -6.79
N LEU A 1748 24.45 -27.43 -6.15
CA LEU A 1748 23.88 -26.32 -6.89
C LEU A 1748 24.96 -25.44 -7.51
N VAL A 1749 26.03 -25.15 -6.77
CA VAL A 1749 27.01 -24.21 -7.28
C VAL A 1749 28.17 -24.86 -8.05
N TYR A 1750 28.51 -26.11 -7.77
CA TYR A 1750 29.56 -26.84 -8.50
C TYR A 1750 29.14 -28.29 -8.76
N MET A 1751 28.50 -28.53 -9.92
CA MET A 1751 27.88 -29.82 -10.16
C MET A 1751 28.91 -30.87 -10.53
N SER A 1752 29.93 -30.51 -11.31
CA SER A 1752 30.90 -31.47 -11.79
C SER A 1752 31.91 -31.91 -10.73
N ALA A 1753 31.90 -31.30 -9.55
CA ALA A 1753 32.69 -31.81 -8.43
C ALA A 1753 32.15 -33.15 -7.92
N PHE A 1754 30.85 -33.39 -8.05
CA PHE A 1754 30.27 -34.64 -7.58
C PHE A 1754 30.25 -35.73 -8.64
N LEU A 1755 30.13 -35.35 -9.92
CA LEU A 1755 29.91 -36.30 -11.01
C LEU A 1755 31.06 -36.16 -12.01
N PRO A 1756 32.20 -36.84 -11.78
CA PRO A 1756 33.35 -36.64 -12.66
C PRO A 1756 33.31 -37.52 -13.90
N HIS A 1757 32.14 -37.64 -14.52
CA HIS A 1757 32.03 -38.33 -15.81
C HIS A 1757 31.01 -37.69 -16.74
N CYS A 1758 30.39 -36.58 -16.36
CA CYS A 1758 29.37 -35.96 -17.19
C CYS A 1758 29.55 -34.44 -17.16
N LEU A 1759 29.10 -33.80 -18.23
CA LEU A 1759 29.07 -32.35 -18.30
C LEU A 1759 27.95 -31.79 -17.42
N ASP A 1760 28.17 -30.60 -16.88
CA ASP A 1760 27.09 -29.83 -16.26
C ASP A 1760 26.46 -28.90 -17.30
N LEU A 1761 25.48 -28.11 -16.87
CA LEU A 1761 24.66 -27.33 -17.79
C LEU A 1761 25.43 -26.15 -18.38
N ASP A 1762 26.42 -25.62 -17.66
CA ASP A 1762 27.27 -24.57 -18.18
C ASP A 1762 28.12 -25.08 -19.33
N ALA A 1763 28.78 -26.23 -19.13
CA ALA A 1763 29.64 -26.78 -20.16
C ALA A 1763 28.83 -27.32 -21.33
N LEU A 1764 27.62 -27.83 -21.08
CA LEU A 1764 26.75 -28.25 -22.18
C LEU A 1764 26.31 -27.05 -23.02
N GLY A 1765 25.91 -25.96 -22.37
CA GLY A 1765 25.51 -24.78 -23.13
C GLY A 1765 26.65 -24.17 -23.91
N ARG A 1766 27.87 -24.18 -23.34
CA ARG A 1766 29.02 -23.66 -24.07
C ARG A 1766 29.41 -24.58 -25.21
N CYS A 1767 29.30 -25.90 -25.02
CA CYS A 1767 29.59 -26.85 -26.09
C CYS A 1767 28.59 -26.75 -27.23
N LEU A 1768 27.31 -26.53 -26.91
CA LEU A 1768 26.31 -26.37 -27.97
C LEU A 1768 26.49 -25.06 -28.73
N ALA A 1769 26.77 -23.96 -28.02
CA ALA A 1769 26.99 -22.70 -28.71
C ALA A 1769 28.30 -22.69 -29.50
N HIS A 1770 29.26 -23.52 -29.12
CA HIS A 1770 30.48 -23.66 -29.90
C HIS A 1770 30.21 -24.50 -31.14
N LEU A 1771 29.44 -25.59 -30.98
CA LEU A 1771 29.04 -26.41 -32.14
C LEU A 1771 28.20 -25.58 -33.10
N ALA A 1772 27.44 -24.63 -32.55
CA ALA A 1772 26.65 -23.71 -33.35
C ALA A 1772 27.55 -22.79 -34.15
N THR A 1773 28.67 -22.37 -33.56
CA THR A 1773 29.52 -21.48 -34.35
C THR A 1773 30.47 -22.19 -35.32
N MET A 1774 30.69 -23.52 -35.25
CA MET A 1774 31.48 -24.10 -36.36
C MET A 1774 30.70 -24.11 -37.68
N GLY A 1775 29.40 -24.37 -37.63
CA GLY A 1775 28.63 -24.40 -38.86
C GLY A 1775 27.71 -23.22 -39.07
N GLY A 1776 28.06 -22.44 -40.09
CA GLY A 1776 27.48 -21.13 -40.34
C GLY A 1776 26.23 -21.17 -41.20
N THR A 1777 26.00 -20.05 -41.90
CA THR A 1777 24.84 -19.73 -42.73
C THR A 1777 23.54 -19.91 -41.94
N PRO A 1778 23.21 -18.96 -41.04
CA PRO A 1778 21.95 -19.09 -40.29
C PRO A 1778 20.74 -18.77 -41.13
N VAL A 1779 19.55 -18.93 -40.55
CA VAL A 1779 18.30 -18.78 -41.28
C VAL A 1779 17.72 -17.42 -40.94
N GLU A 1780 17.39 -16.66 -41.98
CA GLU A 1780 16.73 -15.36 -41.84
C GLU A 1780 15.33 -15.44 -42.44
N ARG A 1781 14.31 -15.20 -41.62
CA ARG A 1781 12.94 -15.31 -42.10
C ARG A 1781 12.19 -14.01 -41.83
N PRO A 1782 11.54 -13.44 -42.84
CA PRO A 1782 10.59 -12.34 -42.61
C PRO A 1782 9.19 -12.85 -42.33
N LEU A 1783 8.46 -12.11 -41.50
CA LEU A 1783 7.03 -12.32 -41.38
C LEU A 1783 6.33 -11.77 -42.62
N PRO A 1784 5.11 -12.28 -42.92
CA PRO A 1784 4.39 -11.79 -44.10
C PRO A 1784 3.92 -10.35 -43.92
N LYS A 1785 3.46 -9.77 -45.03
CA LYS A 1785 2.99 -8.39 -45.05
C LYS A 1785 1.66 -8.27 -44.34
N GLY A 1786 1.70 -7.96 -43.04
CA GLY A 1786 0.50 -7.83 -42.25
C GLY A 1786 0.60 -8.55 -40.92
N LEU A 1787 1.80 -8.99 -40.55
CA LEU A 1787 2.06 -9.58 -39.25
C LEU A 1787 3.15 -8.78 -38.55
N GLN A 1788 2.85 -8.30 -37.35
CA GLN A 1788 3.81 -7.53 -36.58
C GLN A 1788 4.86 -8.44 -35.96
N ALA A 1789 6.08 -7.93 -35.87
CA ALA A 1789 7.25 -8.71 -35.47
C ALA A 1789 7.72 -8.37 -34.06
N GLY A 1790 6.80 -8.03 -33.16
CA GLY A 1790 7.18 -7.75 -31.80
C GLY A 1790 6.17 -8.23 -30.77
N GLN A 1791 5.08 -8.85 -31.23
CA GLN A 1791 4.00 -9.28 -30.36
C GLN A 1791 3.52 -10.66 -30.80
N PRO A 1792 2.59 -11.32 -30.09
CA PRO A 1792 1.91 -12.48 -30.67
C PRO A 1792 1.16 -12.14 -31.94
N ASN A 1793 1.05 -13.13 -32.82
CA ASN A 1793 0.22 -13.04 -34.01
C ASN A 1793 -0.79 -14.19 -33.99
N LEU A 1794 -1.91 -13.98 -33.29
CA LEU A 1794 -2.96 -14.98 -33.25
C LEU A 1794 -3.75 -14.94 -34.56
N ILE A 1795 -3.87 -16.09 -35.21
CA ILE A 1795 -4.50 -16.22 -36.52
C ILE A 1795 -5.53 -17.32 -36.40
N LEU A 1796 -6.75 -17.04 -36.87
CA LEU A 1796 -7.84 -18.01 -36.83
C LEU A 1796 -8.19 -18.40 -38.24
N CYS A 1797 -8.12 -19.70 -38.53
CA CYS A 1797 -8.07 -20.16 -39.91
C CYS A 1797 -9.29 -20.97 -40.32
N GLY A 1798 -9.74 -21.91 -39.49
CA GLY A 1798 -10.59 -22.98 -39.96
C GLY A 1798 -9.75 -24.22 -40.14
N HIS A 1799 -10.30 -25.40 -39.80
CA HIS A 1799 -9.48 -26.59 -39.57
C HIS A 1799 -8.83 -27.14 -40.83
N SER A 1800 -9.45 -26.96 -41.99
CA SER A 1800 -8.81 -27.46 -43.20
C SER A 1800 -7.69 -26.56 -43.71
N GLU A 1801 -7.59 -25.33 -43.20
CA GLU A 1801 -6.67 -24.32 -43.74
C GLU A 1801 -5.71 -23.82 -42.67
N VAL A 1802 -5.32 -24.69 -41.74
CA VAL A 1802 -4.27 -24.38 -40.76
C VAL A 1802 -2.92 -24.86 -41.26
N LEU A 1803 -2.85 -26.14 -41.64
CA LEU A 1803 -1.61 -26.71 -42.17
C LEU A 1803 -1.16 -26.09 -43.51
N PRO A 1804 -2.03 -25.65 -44.43
CA PRO A 1804 -1.50 -24.87 -45.57
C PRO A 1804 -1.00 -23.49 -45.16
N ALA A 1805 -1.69 -22.81 -44.24
CA ALA A 1805 -1.34 -21.42 -43.93
C ALA A 1805 0.05 -21.29 -43.28
N ALA A 1806 0.46 -22.27 -42.45
CA ALA A 1806 1.84 -22.25 -41.96
C ALA A 1806 2.84 -22.37 -43.09
N LEU A 1807 2.53 -23.22 -44.07
CA LEU A 1807 3.36 -23.32 -45.25
C LEU A 1807 3.26 -22.08 -46.12
N ALA A 1808 2.22 -21.26 -45.97
CA ALA A 1808 2.21 -19.93 -46.58
C ALA A 1808 3.23 -19.03 -45.91
N ILE A 1809 3.26 -19.08 -44.57
CA ILE A 1809 4.06 -18.17 -43.75
C ILE A 1809 5.55 -18.39 -44.02
N TYR A 1810 6.00 -19.63 -44.02
CA TYR A 1810 7.40 -19.96 -44.27
C TYR A 1810 7.88 -19.82 -45.74
N MET A 1811 7.08 -19.29 -46.67
CA MET A 1811 7.58 -18.95 -48.01
C MET A 1811 7.88 -17.47 -48.16
N GLN A 1812 7.96 -16.71 -47.08
CA GLN A 1812 8.43 -15.34 -47.20
C GLN A 1812 9.93 -15.26 -47.47
N ALA A 1813 10.67 -16.35 -47.30
CA ALA A 1813 12.05 -16.43 -47.78
C ALA A 1813 12.30 -17.82 -48.35
N PRO A 1814 12.02 -18.03 -49.64
CA PRO A 1814 12.44 -19.28 -50.30
C PRO A 1814 13.95 -19.37 -50.42
N ARG A 1815 14.41 -20.62 -50.66
CA ARG A 1815 15.81 -21.10 -50.63
C ARG A 1815 16.42 -21.12 -49.23
N GLN A 1816 15.70 -20.62 -48.23
CA GLN A 1816 16.02 -20.90 -46.83
C GLN A 1816 15.48 -22.28 -46.47
N PRO A 1817 16.28 -23.12 -45.80
CA PRO A 1817 15.92 -24.53 -45.63
C PRO A 1817 14.70 -24.74 -44.74
N LEU A 1818 14.15 -25.95 -44.84
CA LEU A 1818 12.87 -26.27 -44.23
C LEU A 1818 12.96 -26.23 -42.71
N PRO A 1819 11.85 -25.96 -42.03
CA PRO A 1819 11.81 -26.08 -40.56
C PRO A 1819 12.06 -27.49 -40.05
N THR A 1820 12.28 -27.56 -38.75
CA THR A 1820 12.59 -28.78 -38.02
C THR A 1820 11.74 -28.76 -36.75
N PHE A 1821 12.17 -29.47 -35.71
CA PHE A 1821 11.35 -29.55 -34.51
C PHE A 1821 11.35 -28.24 -33.72
N ASP A 1822 12.43 -27.46 -33.80
CA ASP A 1822 12.37 -26.06 -33.43
C ASP A 1822 11.56 -25.26 -34.45
N GLU A 1823 11.08 -24.09 -34.02
CA GLU A 1823 10.41 -23.02 -34.77
C GLU A 1823 9.03 -23.41 -35.34
N VAL A 1824 8.63 -24.67 -35.21
CA VAL A 1824 7.26 -25.11 -35.45
C VAL A 1824 6.93 -26.18 -34.41
N LEU A 1825 5.83 -25.98 -33.67
CA LEU A 1825 5.32 -27.00 -32.76
C LEU A 1825 3.89 -27.33 -33.18
N LEU A 1826 3.63 -28.61 -33.44
CA LEU A 1826 2.28 -29.09 -33.77
C LEU A 1826 1.59 -29.51 -32.48
N CYS A 1827 0.80 -28.60 -31.91
CA CYS A 1827 0.06 -28.92 -30.71
C CYS A 1827 -1.10 -29.86 -31.03
N THR A 1828 -1.48 -30.66 -30.04
CA THR A 1828 -2.47 -31.72 -30.16
C THR A 1828 -2.86 -32.13 -28.74
N PRO A 1829 -3.98 -32.82 -28.55
CA PRO A 1829 -4.24 -33.43 -27.23
C PRO A 1829 -3.17 -34.46 -26.86
N ALA A 1830 -2.88 -34.50 -25.56
CA ALA A 1830 -1.68 -35.11 -24.98
C ALA A 1830 -0.41 -34.51 -25.60
N THR A 1831 -0.30 -33.18 -25.46
CA THR A 1831 0.95 -32.46 -25.60
C THR A 1831 1.35 -31.90 -24.25
N THR A 1832 2.54 -32.24 -23.78
CA THR A 1832 2.98 -31.82 -22.46
C THR A 1832 3.33 -30.33 -22.46
N ILE A 1833 3.48 -29.79 -21.26
CA ILE A 1833 3.77 -28.37 -21.11
C ILE A 1833 5.21 -28.05 -21.47
N GLU A 1834 6.12 -29.03 -21.39
CA GLU A 1834 7.53 -28.75 -21.61
C GLU A 1834 7.85 -28.47 -23.08
N GLU A 1835 7.09 -29.05 -24.02
CA GLU A 1835 7.30 -28.75 -25.43
C GLU A 1835 6.94 -27.30 -25.75
N VAL A 1836 5.79 -26.85 -25.24
CA VAL A 1836 5.34 -25.47 -25.45
C VAL A 1836 6.28 -24.49 -24.76
N GLU A 1837 6.67 -24.80 -23.53
CA GLU A 1837 7.58 -23.93 -22.79
C GLU A 1837 8.96 -23.86 -23.45
N LEU A 1838 9.43 -24.95 -24.06
CA LEU A 1838 10.72 -24.86 -24.74
C LEU A 1838 10.61 -24.14 -26.07
N LEU A 1839 9.47 -24.21 -26.76
CA LEU A 1839 9.27 -23.35 -27.93
C LEU A 1839 9.25 -21.88 -27.55
N LEU A 1840 8.56 -21.54 -26.46
CA LEU A 1840 8.51 -20.15 -26.01
C LEU A 1840 9.87 -19.67 -25.52
N ARG A 1841 10.69 -20.56 -24.96
CA ARG A 1841 12.06 -20.21 -24.64
C ARG A 1841 12.91 -20.03 -25.90
N ARG A 1842 12.62 -20.80 -26.96
CA ARG A 1842 13.36 -20.62 -28.20
C ARG A 1842 12.97 -19.34 -28.92
N CYS A 1843 11.75 -18.85 -28.69
CA CYS A 1843 11.30 -17.62 -29.32
C CYS A 1843 11.68 -16.37 -28.55
N LEU A 1844 11.87 -16.48 -27.24
CA LEU A 1844 12.02 -15.31 -26.37
C LEU A 1844 13.35 -15.25 -25.63
N THR A 1845 14.40 -15.90 -26.15
CA THR A 1845 15.72 -15.77 -25.55
C THR A 1845 16.73 -15.35 -26.61
N SER A 1846 17.92 -15.00 -26.14
CA SER A 1846 18.72 -13.96 -26.78
C SER A 1846 19.62 -14.49 -27.89
N GLY A 1847 20.55 -15.38 -27.54
CA GLY A 1847 21.68 -15.63 -28.42
C GLY A 1847 21.39 -16.66 -29.49
N SER A 1848 20.99 -16.18 -30.67
CA SER A 1848 20.33 -17.01 -31.66
C SER A 1848 20.90 -16.86 -33.07
N GLN A 1849 21.72 -15.84 -33.32
CA GLN A 1849 22.43 -15.51 -34.57
C GLN A 1849 21.54 -15.50 -35.82
N GLY A 1850 20.22 -15.32 -35.66
CA GLY A 1850 19.35 -15.29 -36.81
C GLY A 1850 17.95 -14.85 -36.42
N HIS A 1851 17.10 -14.74 -37.44
CA HIS A 1851 15.69 -14.39 -37.27
C HIS A 1851 14.86 -15.53 -37.81
N LYS A 1852 14.06 -16.13 -36.94
CA LYS A 1852 13.26 -17.30 -37.29
C LYS A 1852 11.83 -17.11 -36.82
N VAL A 1853 10.90 -17.71 -37.56
CA VAL A 1853 9.48 -17.62 -37.23
C VAL A 1853 9.12 -18.82 -36.37
N TYR A 1854 8.53 -18.57 -35.21
CA TYR A 1854 8.21 -19.59 -34.24
C TYR A 1854 6.70 -19.80 -34.20
N SER A 1855 6.24 -20.98 -34.59
CA SER A 1855 4.82 -21.23 -34.84
C SER A 1855 4.27 -22.24 -33.84
N LEU A 1856 3.03 -21.99 -33.42
CA LEU A 1856 2.20 -22.93 -32.67
C LEU A 1856 1.03 -23.32 -33.55
N LEU A 1857 1.10 -24.49 -34.17
CA LEU A 1857 -0.02 -24.98 -34.95
C LEU A 1857 -0.98 -25.75 -34.06
N PHE A 1858 -2.27 -25.49 -34.24
CA PHE A 1858 -3.37 -26.11 -33.50
C PHE A 1858 -3.23 -25.86 -31.99
N ALA A 1859 -2.92 -24.61 -31.64
CA ALA A 1859 -2.74 -24.24 -30.24
C ALA A 1859 -4.02 -24.24 -29.43
N ASP A 1860 -5.18 -24.30 -30.09
CA ASP A 1860 -6.44 -24.49 -29.40
C ASP A 1860 -6.64 -25.91 -28.90
N GLN A 1861 -5.92 -26.87 -29.47
CA GLN A 1861 -6.10 -28.29 -29.15
C GLN A 1861 -5.49 -28.69 -27.81
N LEU A 1862 -4.78 -27.79 -27.14
CA LEU A 1862 -4.20 -28.10 -25.84
C LEU A 1862 -5.29 -28.23 -24.79
N SER A 1863 -4.92 -28.84 -23.67
CA SER A 1863 -5.82 -28.90 -22.52
C SER A 1863 -5.87 -27.55 -21.81
N TYR A 1864 -6.80 -27.46 -20.85
CA TYR A 1864 -6.99 -26.20 -20.11
C TYR A 1864 -5.81 -25.91 -19.19
N GLU A 1865 -5.26 -26.94 -18.55
CA GLU A 1865 -4.16 -26.73 -17.62
C GLU A 1865 -2.87 -26.36 -18.36
N VAL A 1866 -2.59 -27.05 -19.47
CA VAL A 1866 -1.42 -26.73 -20.29
C VAL A 1866 -1.56 -25.35 -20.91
N GLY A 1867 -2.79 -24.96 -21.27
CA GLY A 1867 -3.02 -23.63 -21.81
C GLY A 1867 -2.82 -22.53 -20.77
N CYS A 1868 -3.31 -22.74 -19.55
CA CYS A 1868 -3.10 -21.78 -18.48
C CYS A 1868 -1.62 -21.66 -18.13
N GLN A 1869 -0.91 -22.80 -18.08
CA GLN A 1869 0.50 -22.75 -17.76
C GLN A 1869 1.31 -22.09 -18.87
N ALA A 1870 0.93 -22.33 -20.14
CA ALA A 1870 1.63 -21.67 -21.25
C ALA A 1870 1.35 -20.18 -21.32
N GLU A 1871 0.13 -19.73 -20.99
CA GLU A 1871 -0.13 -18.29 -20.95
C GLU A 1871 0.70 -17.63 -19.85
N GLU A 1872 0.65 -18.15 -18.62
CA GLU A 1872 1.42 -17.52 -17.55
C GLU A 1872 2.92 -17.66 -17.76
N PHE A 1873 3.37 -18.69 -18.50
CA PHE A 1873 4.79 -18.80 -18.80
C PHE A 1873 5.22 -17.79 -19.86
N PHE A 1874 4.37 -17.55 -20.86
CA PHE A 1874 4.65 -16.49 -21.83
C PHE A 1874 4.64 -15.12 -21.15
N GLN A 1875 3.75 -14.92 -20.17
CA GLN A 1875 3.75 -13.69 -19.38
C GLN A 1875 5.03 -13.57 -18.55
N SER A 1876 5.51 -14.69 -18.00
CA SER A 1876 6.76 -14.67 -17.23
C SER A 1876 7.94 -14.31 -18.12
N LEU A 1877 8.01 -14.91 -19.32
CA LEU A 1877 9.11 -14.59 -20.22
C LEU A 1877 9.03 -13.17 -20.76
N CYS A 1878 7.83 -12.60 -20.89
CA CYS A 1878 7.80 -11.21 -21.34
C CYS A 1878 8.02 -10.24 -20.19
N THR A 1879 7.86 -10.68 -18.94
CA THR A 1879 8.30 -9.86 -17.80
C THR A 1879 9.82 -9.87 -17.66
N ARG A 1880 10.45 -11.06 -17.65
CA ARG A 1880 11.84 -11.19 -17.22
C ARG A 1880 12.83 -10.48 -18.14
N ALA A 1881 13.06 -11.05 -19.33
CA ALA A 1881 14.02 -10.55 -20.31
C ALA A 1881 13.87 -11.30 -21.63
N HIS A 1882 13.76 -10.58 -22.74
CA HIS A 1882 13.55 -11.24 -24.02
C HIS A 1882 14.01 -10.34 -25.14
N ARG A 1883 14.33 -10.95 -26.28
CA ARG A 1883 14.58 -10.21 -27.50
C ARG A 1883 13.29 -9.56 -27.99
N GLU A 1884 13.33 -8.26 -28.24
CA GLU A 1884 12.17 -7.55 -28.77
C GLU A 1884 12.30 -7.38 -30.28
N ASP A 1885 12.49 -8.52 -30.94
CA ASP A 1885 12.36 -8.62 -32.39
C ASP A 1885 11.79 -9.99 -32.77
N TYR A 1886 10.95 -10.57 -31.92
CA TYR A 1886 10.60 -11.97 -32.01
C TYR A 1886 9.35 -12.15 -32.86
N GLN A 1887 9.29 -13.30 -33.53
CA GLN A 1887 8.25 -13.58 -34.53
C GLN A 1887 7.46 -14.81 -34.06
N LEU A 1888 6.50 -14.58 -33.17
CA LEU A 1888 5.62 -15.62 -32.67
C LEU A 1888 4.30 -15.59 -33.44
N VAL A 1889 3.96 -16.71 -34.07
CA VAL A 1889 2.73 -16.86 -34.84
C VAL A 1889 1.93 -18.00 -34.24
N ILE A 1890 0.63 -17.78 -34.02
CA ILE A 1890 -0.27 -18.80 -33.50
C ILE A 1890 -1.36 -19.06 -34.53
N LEU A 1891 -1.68 -20.33 -34.76
CA LEU A 1891 -2.77 -20.74 -35.64
C LEU A 1891 -3.73 -21.66 -34.90
N CYS A 1892 -5.01 -21.30 -34.90
CA CYS A 1892 -6.04 -22.09 -34.25
C CYS A 1892 -7.16 -22.36 -35.24
N ASP A 1893 -7.91 -23.45 -35.01
CA ASP A 1893 -9.15 -23.67 -35.73
C ASP A 1893 -10.16 -22.59 -35.37
N ALA A 1894 -10.72 -21.94 -36.40
CA ALA A 1894 -11.57 -20.78 -36.15
C ALA A 1894 -12.91 -21.17 -35.55
N ALA A 1895 -13.39 -22.37 -35.85
CA ALA A 1895 -14.69 -22.83 -35.36
C ALA A 1895 -14.62 -23.50 -34.00
N ARG A 1896 -13.54 -23.28 -33.25
CA ARG A 1896 -13.37 -23.89 -31.94
C ARG A 1896 -12.88 -22.79 -30.99
N GLU A 1897 -13.62 -21.70 -30.94
CA GLU A 1897 -13.14 -20.46 -30.34
C GLU A 1897 -13.53 -20.34 -28.87
N HIS A 1898 -14.48 -21.14 -28.41
CA HIS A 1898 -14.94 -21.07 -27.02
C HIS A 1898 -13.93 -21.63 -26.01
N CYS A 1899 -12.79 -22.18 -26.47
CA CYS A 1899 -11.78 -22.70 -25.56
C CYS A 1899 -10.88 -21.54 -25.11
N TYR A 1900 -9.73 -21.87 -24.53
CA TYR A 1900 -9.00 -20.92 -23.69
C TYR A 1900 -8.04 -20.03 -24.49
N ILE A 1901 -7.10 -20.64 -25.22
CA ILE A 1901 -5.96 -19.92 -25.79
C ILE A 1901 -6.33 -18.95 -26.92
N PRO A 1902 -7.19 -19.28 -27.92
CA PRO A 1902 -7.60 -18.21 -28.86
C PRO A 1902 -8.51 -17.16 -28.24
N SER A 1903 -9.11 -17.43 -27.08
CA SER A 1903 -9.91 -16.39 -26.42
C SER A 1903 -9.03 -15.41 -25.66
N THR A 1904 -8.03 -15.89 -24.93
CA THR A 1904 -7.21 -15.03 -24.09
C THR A 1904 -6.03 -14.40 -24.82
N PHE A 1905 -5.94 -14.61 -26.14
CA PHE A 1905 -4.99 -13.88 -26.99
C PHE A 1905 -5.71 -13.09 -28.08
N SER A 1906 -7.00 -12.82 -27.89
CA SER A 1906 -7.86 -12.29 -28.96
C SER A 1906 -7.51 -10.87 -29.36
N GLN A 1907 -6.79 -10.12 -28.52
CA GLN A 1907 -6.39 -8.77 -28.88
C GLN A 1907 -5.32 -8.75 -29.97
N TYR A 1908 -4.53 -9.82 -30.09
CA TYR A 1908 -3.54 -9.92 -31.18
C TYR A 1908 -4.11 -10.71 -32.35
N LYS A 1909 -5.33 -10.38 -32.78
CA LYS A 1909 -5.99 -11.07 -33.88
C LYS A 1909 -5.60 -10.45 -35.22
N VAL A 1910 -5.06 -11.27 -36.12
CA VAL A 1910 -4.64 -10.82 -37.44
C VAL A 1910 -5.72 -11.21 -38.43
N PRO A 1911 -6.47 -10.26 -39.01
CA PRO A 1911 -7.60 -10.59 -39.90
C PRO A 1911 -7.25 -10.65 -41.39
N LEU A 1912 -6.24 -11.44 -41.75
CA LEU A 1912 -5.98 -11.63 -43.17
C LEU A 1912 -5.83 -13.10 -43.57
N VAL A 1913 -5.32 -13.92 -42.65
CA VAL A 1913 -5.16 -15.38 -42.76
C VAL A 1913 -4.36 -15.75 -44.01
N PRO A 1914 -3.03 -15.61 -43.97
CA PRO A 1914 -2.21 -15.62 -45.20
C PRO A 1914 -2.22 -16.98 -45.91
N GLN A 1915 -2.51 -16.97 -47.20
CA GLN A 1915 -2.57 -18.20 -48.00
C GLN A 1915 -1.81 -18.02 -49.30
N ALA A 1916 -0.99 -19.02 -49.65
CA ALA A 1916 -0.36 -19.19 -50.96
C ALA A 1916 -1.17 -20.12 -51.84
N PRO A 1917 -1.05 -20.01 -53.17
CA PRO A 1917 -1.73 -20.96 -54.06
C PRO A 1917 -1.10 -22.35 -54.03
N LEU A 1918 -1.80 -23.30 -54.67
CA LEU A 1918 -1.38 -24.70 -54.65
C LEU A 1918 -0.08 -24.99 -55.42
N PRO A 1919 0.11 -24.60 -56.71
CA PRO A 1919 1.36 -25.00 -57.39
C PRO A 1919 2.59 -24.29 -56.85
N ASN A 1920 2.42 -23.17 -56.15
CA ASN A 1920 3.54 -22.53 -55.49
C ASN A 1920 4.03 -23.39 -54.32
N ILE A 1921 3.08 -23.93 -53.53
CA ILE A 1921 3.44 -24.82 -52.44
C ILE A 1921 4.07 -26.10 -52.96
N GLN A 1922 3.57 -26.59 -54.10
CA GLN A 1922 4.15 -27.78 -54.71
C GLN A 1922 5.58 -27.53 -55.20
N ALA A 1923 5.81 -26.39 -55.85
CA ALA A 1923 7.16 -26.08 -56.33
C ALA A 1923 8.13 -25.76 -55.20
N TYR A 1924 7.64 -25.18 -54.10
CA TYR A 1924 8.49 -24.92 -52.93
C TYR A 1924 8.96 -26.22 -52.30
N LEU A 1925 8.00 -27.12 -52.01
CA LEU A 1925 8.34 -28.41 -51.41
C LEU A 1925 9.20 -29.26 -52.34
N GLN A 1926 8.92 -29.21 -53.66
CA GLN A 1926 9.72 -30.00 -54.58
C GLN A 1926 11.12 -29.40 -54.76
N SER A 1927 11.26 -28.07 -54.65
CA SER A 1927 12.57 -27.45 -54.72
C SER A 1927 13.42 -27.77 -53.51
N HIS A 1928 12.81 -27.95 -52.34
CA HIS A 1928 13.62 -28.40 -51.20
C HIS A 1928 13.78 -29.90 -51.12
N TYR A 1929 12.89 -30.68 -51.71
CA TYR A 1929 13.04 -32.13 -51.72
C TYR A 1929 14.02 -32.59 -52.79
N GLN A 1930 14.39 -31.72 -53.72
CA GLN A 1930 15.32 -32.06 -54.80
C GLN A 1930 16.71 -32.32 -54.23
N VAL A 1931 17.06 -33.59 -54.11
CA VAL A 1931 18.41 -34.00 -53.70
C VAL A 1931 19.40 -33.65 -54.79
N PRO A 1932 20.49 -32.95 -54.48
CA PRO A 1932 21.50 -32.66 -55.50
C PRO A 1932 22.26 -33.90 -55.91
N LYS A 1933 22.97 -33.79 -57.04
CA LYS A 1933 23.73 -34.92 -57.56
C LYS A 1933 24.97 -35.19 -56.69
N ARG A 1934 25.74 -36.20 -57.10
CA ARG A 1934 26.98 -36.68 -56.45
C ARG A 1934 26.87 -36.85 -54.94
N LEU A 1935 25.70 -37.25 -54.44
CA LEU A 1935 25.46 -37.36 -53.01
C LEU A 1935 25.27 -38.80 -52.55
N LEU A 1936 25.11 -39.74 -53.49
CA LEU A 1936 24.84 -41.17 -53.24
C LEU A 1936 23.56 -41.33 -52.40
N SER A 1937 22.45 -40.99 -53.04
CA SER A 1937 21.11 -41.09 -52.49
C SER A 1937 20.35 -42.25 -53.12
N ALA A 1938 19.37 -42.76 -52.38
CA ALA A 1938 18.39 -43.68 -52.94
C ALA A 1938 17.34 -42.99 -53.79
N ALA A 1939 17.30 -41.66 -53.78
CA ALA A 1939 16.28 -40.91 -54.48
C ALA A 1939 16.50 -40.88 -55.99
N THR A 1940 17.66 -41.31 -56.47
CA THR A 1940 18.01 -41.26 -57.89
C THR A 1940 17.21 -42.23 -58.75
N VAL A 1941 16.47 -43.17 -58.15
CA VAL A 1941 15.56 -44.02 -58.91
C VAL A 1941 14.12 -43.51 -58.86
N PHE A 1942 13.82 -42.54 -57.99
CA PHE A 1942 12.56 -41.82 -58.03
C PHE A 1942 12.69 -40.71 -59.08
N ARG A 1943 11.77 -39.74 -59.10
CA ARG A 1943 11.68 -38.75 -60.18
C ARG A 1943 12.84 -37.76 -60.15
N ASP A 1944 14.03 -38.24 -60.51
CA ASP A 1944 15.34 -37.57 -60.56
C ASP A 1944 15.70 -36.89 -59.23
N GLY A 1945 15.75 -37.72 -58.18
CA GLY A 1945 16.18 -37.26 -56.88
C GLY A 1945 15.23 -36.34 -56.14
N LEU A 1946 14.09 -36.86 -55.68
CA LEU A 1946 13.14 -36.06 -54.92
C LEU A 1946 12.91 -36.53 -53.49
N CYS A 1947 13.50 -37.64 -53.06
CA CYS A 1947 13.73 -38.02 -51.66
C CYS A 1947 12.48 -38.36 -50.85
N VAL A 1948 11.30 -38.02 -51.39
CA VAL A 1948 10.01 -38.24 -50.75
C VAL A 1948 9.00 -38.44 -51.87
N GLY A 1949 8.22 -39.52 -51.78
CA GLY A 1949 7.10 -39.70 -52.67
C GLY A 1949 5.91 -40.20 -51.88
N ILE A 1950 4.73 -40.00 -52.47
CA ILE A 1950 3.49 -40.58 -51.96
C ILE A 1950 2.79 -41.32 -53.09
N VAL A 1951 2.61 -42.63 -52.91
CA VAL A 1951 2.02 -43.49 -53.91
C VAL A 1951 0.57 -43.74 -53.51
N THR A 1952 -0.35 -42.95 -54.06
CA THR A 1952 -1.74 -42.99 -53.67
C THR A 1952 -2.60 -43.53 -54.81
N SER A 1953 -3.85 -43.84 -54.48
CA SER A 1953 -4.83 -44.26 -55.47
C SER A 1953 -6.23 -44.08 -54.92
N GLU A 1954 -7.20 -43.92 -55.83
CA GLU A 1954 -8.58 -43.68 -55.42
C GLU A 1954 -9.22 -44.95 -54.88
N ARG A 1955 -9.08 -46.06 -55.59
CA ARG A 1955 -9.55 -47.36 -55.13
C ARG A 1955 -8.37 -48.28 -54.90
N ALA A 1956 -8.50 -49.16 -53.91
CA ALA A 1956 -7.37 -49.88 -53.32
C ALA A 1956 -7.14 -51.23 -53.98
N GLY A 1957 -5.88 -51.54 -54.25
CA GLY A 1957 -5.52 -52.80 -54.86
C GLY A 1957 -5.12 -52.73 -56.31
N VAL A 1958 -4.36 -51.71 -56.70
CA VAL A 1958 -4.07 -51.49 -58.12
C VAL A 1958 -2.59 -51.63 -58.45
N GLY A 1959 -1.71 -50.76 -57.95
CA GLY A 1959 -0.32 -50.87 -58.35
C GLY A 1959 0.75 -50.42 -57.38
N LYS A 1960 0.37 -50.11 -56.14
CA LYS A 1960 1.21 -49.26 -55.28
C LYS A 1960 2.45 -49.99 -54.78
N SER A 1961 2.25 -51.12 -54.09
CA SER A 1961 3.39 -51.83 -53.50
C SER A 1961 4.26 -52.47 -54.57
N LEU A 1962 3.67 -52.88 -55.70
CA LEU A 1962 4.50 -53.35 -56.81
C LEU A 1962 5.30 -52.22 -57.44
N TYR A 1963 4.75 -51.00 -57.43
CA TYR A 1963 5.51 -49.84 -57.89
C TYR A 1963 6.71 -49.59 -56.99
N VAL A 1964 6.50 -49.68 -55.67
CA VAL A 1964 7.58 -49.50 -54.70
C VAL A 1964 8.64 -50.59 -54.87
N ASN A 1965 8.19 -51.81 -55.18
CA ASN A 1965 9.13 -52.90 -55.44
C ASN A 1965 9.89 -52.69 -56.75
N THR A 1966 9.28 -52.04 -57.75
CA THR A 1966 10.03 -51.78 -58.97
C THR A 1966 11.08 -50.69 -58.77
N LEU A 1967 10.79 -49.67 -57.94
CA LEU A 1967 11.87 -48.76 -57.55
C LEU A 1967 12.94 -49.44 -56.72
N HIS A 1968 12.58 -50.45 -55.92
CA HIS A 1968 13.60 -51.13 -55.13
C HIS A 1968 14.49 -51.99 -56.03
N THR A 1969 13.91 -52.67 -57.01
CA THR A 1969 14.75 -53.44 -57.94
C THR A 1969 15.52 -52.52 -58.89
N LYS A 1970 15.00 -51.32 -59.16
CA LYS A 1970 15.76 -50.36 -59.94
C LYS A 1970 16.92 -49.78 -59.15
N LEU A 1971 16.76 -49.63 -57.83
CA LEU A 1971 17.89 -49.32 -56.97
C LEU A 1971 18.83 -50.51 -56.80
N LYS A 1972 18.35 -51.72 -57.08
CA LYS A 1972 19.25 -52.86 -57.13
C LYS A 1972 20.02 -52.91 -58.45
N ALA A 1973 19.45 -52.38 -59.54
CA ALA A 1973 20.12 -52.44 -60.83
C ALA A 1973 21.26 -51.43 -60.93
N LYS A 1974 20.93 -50.14 -60.88
CA LYS A 1974 21.93 -49.10 -60.69
C LYS A 1974 22.52 -49.20 -59.30
N LEU A 1975 23.76 -48.71 -59.14
CA LEU A 1975 24.59 -48.89 -57.94
C LEU A 1975 24.72 -50.37 -57.56
N ARG A 1976 25.44 -51.08 -58.43
CA ARG A 1976 25.68 -52.53 -58.37
C ARG A 1976 26.21 -53.05 -57.04
N ASP A 1977 26.11 -54.36 -56.86
CA ASP A 1977 26.36 -55.09 -55.62
C ASP A 1977 25.48 -54.52 -54.49
N GLU A 1978 24.18 -54.70 -54.71
CA GLU A 1978 23.11 -53.92 -54.09
C GLU A 1978 23.04 -54.04 -52.56
N THR A 1979 22.61 -55.20 -52.04
CA THR A 1979 22.34 -55.47 -50.61
C THR A 1979 21.52 -54.37 -49.93
N VAL A 1980 20.63 -53.71 -50.69
CA VAL A 1980 19.96 -52.53 -50.18
C VAL A 1980 18.71 -52.89 -49.39
N PRO A 1981 18.48 -52.24 -48.25
CA PRO A 1981 17.31 -52.58 -47.41
C PRO A 1981 16.04 -51.95 -47.96
N LEU A 1982 14.96 -52.72 -47.94
CA LEU A 1982 13.61 -52.22 -48.22
C LEU A 1982 12.84 -52.38 -46.92
N LYS A 1983 12.93 -51.36 -46.06
CA LYS A 1983 12.20 -51.42 -44.80
C LYS A 1983 10.72 -51.14 -45.05
N ILE A 1984 9.86 -52.05 -44.57
CA ILE A 1984 8.42 -51.92 -44.72
C ILE A 1984 7.83 -51.65 -43.34
N ILE A 1985 7.06 -50.56 -43.21
CA ILE A 1985 6.51 -50.19 -41.91
C ILE A 1985 4.99 -50.14 -42.05
N ARG A 1986 4.31 -51.21 -41.69
CA ARG A 1986 2.85 -51.30 -41.82
C ARG A 1986 2.16 -50.61 -40.64
N LEU A 1987 1.54 -49.45 -40.89
CA LEU A 1987 0.78 -48.74 -39.87
C LEU A 1987 -0.69 -49.14 -40.00
N THR A 1988 -1.21 -49.90 -39.02
CA THR A 1988 -2.56 -50.45 -39.16
C THR A 1988 -3.47 -50.11 -37.98
N GLU A 1989 -3.11 -49.15 -37.14
CA GLU A 1989 -3.94 -48.86 -35.99
C GLU A 1989 -4.61 -47.48 -36.08
N PRO A 1990 -5.88 -47.37 -35.68
CA PRO A 1990 -6.54 -46.06 -35.61
C PRO A 1990 -6.01 -45.14 -34.53
N HIS A 1991 -6.09 -43.84 -34.80
CA HIS A 1991 -5.41 -42.78 -34.06
C HIS A 1991 -3.90 -43.11 -34.01
N LEU A 1992 -3.29 -42.89 -35.18
CA LEU A 1992 -1.86 -43.08 -35.48
C LEU A 1992 -0.95 -42.67 -34.34
N ASP A 1993 -0.05 -43.58 -33.99
CA ASP A 1993 0.89 -43.43 -32.88
C ASP A 1993 2.29 -43.30 -33.48
N GLU A 1994 2.90 -42.12 -33.30
CA GLU A 1994 4.22 -41.88 -33.85
C GLU A 1994 5.32 -42.67 -33.14
N ASN A 1995 5.06 -43.11 -31.90
CA ASN A 1995 6.04 -43.93 -31.18
C ASN A 1995 6.25 -45.28 -31.84
N GLN A 1996 5.24 -45.81 -32.54
CA GLN A 1996 5.40 -47.04 -33.31
C GLN A 1996 6.42 -46.87 -34.42
N VAL A 1997 6.32 -45.79 -35.18
CA VAL A 1997 7.22 -45.55 -36.30
C VAL A 1997 8.62 -45.21 -35.78
N LEU A 1998 8.68 -44.44 -34.69
CA LEU A 1998 9.97 -44.14 -34.07
C LEU A 1998 10.64 -45.39 -33.53
N SER A 1999 9.86 -46.29 -32.92
CA SER A 1999 10.44 -47.52 -32.38
C SER A 1999 10.84 -48.48 -33.49
N ALA A 2000 10.19 -48.40 -34.65
CA ALA A 2000 10.65 -49.19 -35.79
C ALA A 2000 11.86 -48.58 -36.48
N LEU A 2001 12.10 -47.28 -36.32
CA LEU A 2001 13.25 -46.65 -36.97
C LEU A 2001 14.48 -46.50 -36.08
N LEU A 2002 14.34 -46.58 -34.76
CA LEU A 2002 15.50 -46.46 -33.88
C LEU A 2002 16.59 -47.53 -34.01
N PRO A 2003 16.32 -48.85 -34.22
CA PRO A 2003 17.46 -49.76 -34.43
C PRO A 2003 18.05 -49.76 -35.83
N PHE A 2004 17.76 -48.76 -36.66
CA PHE A 2004 18.04 -48.87 -38.09
C PHE A 2004 19.11 -47.90 -38.59
N LEU A 2005 18.94 -46.59 -38.40
CA LEU A 2005 19.94 -45.63 -38.86
C LEU A 2005 20.71 -44.98 -37.70
N LYS A 2006 20.73 -45.63 -36.54
CA LYS A 2006 21.67 -45.33 -35.47
C LYS A 2006 22.89 -46.26 -35.51
N GLU A 2007 23.31 -46.66 -36.71
CA GLU A 2007 24.28 -47.73 -36.89
C GLU A 2007 25.48 -47.35 -37.75
N LYS A 2008 25.32 -46.34 -38.63
CA LYS A 2008 26.35 -45.70 -39.45
C LYS A 2008 26.84 -46.59 -40.62
N TYR A 2009 26.47 -47.87 -40.64
CA TYR A 2009 26.77 -48.67 -41.82
C TYR A 2009 25.57 -48.80 -42.74
N GLN A 2010 24.40 -48.38 -42.27
CA GLN A 2010 23.19 -48.30 -43.07
C GLN A 2010 22.93 -46.88 -43.59
N LYS A 2011 23.92 -45.99 -43.49
CA LYS A 2011 23.94 -44.71 -44.19
C LYS A 2011 24.23 -44.87 -45.69
N MET A 2012 24.43 -46.10 -46.15
CA MET A 2012 24.25 -46.47 -47.53
C MET A 2012 22.75 -46.37 -47.88
N PRO A 2013 22.41 -46.17 -49.16
CA PRO A 2013 21.02 -45.80 -49.50
C PRO A 2013 19.98 -46.90 -49.24
N VAL A 2014 19.01 -46.55 -48.38
CA VAL A 2014 17.91 -47.41 -47.97
C VAL A 2014 16.60 -46.78 -48.44
N ILE A 2015 15.70 -47.59 -49.00
CA ILE A 2015 14.31 -47.19 -49.16
C ILE A 2015 13.48 -47.60 -47.95
N PHE A 2016 12.70 -46.65 -47.42
CA PHE A 2016 11.70 -46.90 -46.40
C PHE A 2016 10.32 -46.75 -47.03
N HIS A 2017 9.43 -47.69 -46.71
CA HIS A 2017 8.09 -47.76 -47.27
C HIS A 2017 7.07 -47.77 -46.12
N ILE A 2018 6.68 -46.60 -45.65
CA ILE A 2018 5.62 -46.50 -44.65
C ILE A 2018 4.28 -46.75 -45.35
N ASP A 2019 3.50 -47.69 -44.83
CA ASP A 2019 2.22 -48.10 -45.42
C ASP A 2019 1.10 -47.72 -44.45
N ILE A 2020 0.55 -46.53 -44.60
CA ILE A 2020 -0.62 -46.15 -43.82
C ILE A 2020 -1.83 -46.88 -44.37
N SER A 2021 -2.42 -47.77 -43.57
CA SER A 2021 -3.52 -48.61 -44.02
C SER A 2021 -4.84 -47.83 -44.04
N THR A 2022 -5.95 -48.54 -44.26
CA THR A 2022 -7.28 -47.93 -44.32
C THR A 2022 -7.94 -47.75 -42.96
N SER A 2023 -7.38 -48.30 -41.89
CA SER A 2023 -7.97 -48.20 -40.56
C SER A 2023 -7.12 -47.31 -39.66
N VAL A 2024 -6.59 -46.23 -40.22
CA VAL A 2024 -5.67 -45.33 -39.55
C VAL A 2024 -6.35 -43.96 -39.59
N GLN A 2025 -7.64 -43.96 -39.23
CA GLN A 2025 -8.60 -42.84 -39.37
C GLN A 2025 -8.09 -41.43 -39.09
N THR A 2026 -7.56 -41.18 -37.90
CA THR A 2026 -7.46 -39.83 -37.33
C THR A 2026 -6.03 -39.49 -36.92
N GLY A 2027 -5.07 -39.72 -37.81
CA GLY A 2027 -3.72 -39.29 -37.51
C GLY A 2027 -2.80 -38.84 -38.63
N ILE A 2028 -3.31 -38.73 -39.86
CA ILE A 2028 -2.45 -38.73 -41.05
C ILE A 2028 -1.67 -37.42 -41.26
N PRO A 2029 -2.30 -36.22 -41.32
CA PRO A 2029 -1.51 -35.04 -41.75
C PRO A 2029 -0.52 -34.54 -40.72
N ILE A 2030 -0.76 -34.77 -39.42
CA ILE A 2030 0.23 -34.44 -38.39
C ILE A 2030 1.50 -35.27 -38.59
N PHE A 2031 1.33 -36.57 -38.82
CA PHE A 2031 2.48 -37.44 -39.06
C PHE A 2031 3.19 -37.08 -40.35
N LEU A 2032 2.45 -36.79 -41.42
CA LEU A 2032 3.10 -36.40 -42.68
C LEU A 2032 3.81 -35.06 -42.56
N PHE A 2033 3.28 -34.14 -41.74
CA PHE A 2033 3.93 -32.84 -41.57
C PHE A 2033 5.19 -32.99 -40.73
N LYS A 2034 5.16 -33.86 -39.73
CA LYS A 2034 6.35 -34.10 -38.91
C LYS A 2034 7.44 -34.78 -39.72
N LEU A 2035 7.15 -35.93 -40.32
CA LEU A 2035 8.21 -36.68 -40.99
C LEU A 2035 8.60 -36.06 -42.32
N LEU A 2036 7.64 -35.65 -43.14
CA LEU A 2036 8.00 -35.25 -44.49
C LEU A 2036 8.38 -33.79 -44.62
N ILE A 2037 7.90 -32.91 -43.76
CA ILE A 2037 8.21 -31.49 -43.85
C ILE A 2037 9.04 -31.01 -42.66
N LEU A 2038 8.60 -31.29 -41.43
CA LEU A 2038 9.42 -30.93 -40.29
C LEU A 2038 10.55 -31.90 -40.00
N GLN A 2039 10.67 -32.99 -40.76
CA GLN A 2039 11.83 -33.88 -40.82
C GLN A 2039 12.16 -34.57 -39.50
N TYR A 2040 11.25 -34.61 -38.53
CA TYR A 2040 11.58 -35.21 -37.24
C TYR A 2040 10.44 -36.07 -36.71
N LEU A 2041 10.81 -36.95 -35.77
CA LEU A 2041 9.87 -37.58 -34.85
C LEU A 2041 10.54 -37.66 -33.49
N MET A 2042 9.88 -37.17 -32.44
CA MET A 2042 10.58 -36.92 -31.20
C MET A 2042 9.83 -37.64 -30.07
N ASP A 2043 10.61 -38.26 -29.18
CA ASP A 2043 10.18 -38.74 -27.87
C ASP A 2043 10.75 -37.87 -26.75
N ILE A 2044 9.88 -37.28 -25.94
CA ILE A 2044 10.34 -36.26 -25.00
C ILE A 2044 11.11 -36.88 -23.84
N ASN A 2045 10.97 -38.17 -23.59
CA ASN A 2045 11.81 -38.87 -22.63
C ASN A 2045 12.93 -39.66 -23.29
N GLY A 2046 13.26 -39.34 -24.55
CA GLY A 2046 14.27 -40.12 -25.24
C GLY A 2046 14.78 -39.55 -26.55
N LYS A 2047 14.96 -40.42 -27.53
CA LYS A 2047 15.67 -40.12 -28.75
C LYS A 2047 14.83 -39.27 -29.70
N ILE A 2048 15.51 -38.71 -30.71
CA ILE A 2048 14.92 -37.82 -31.71
C ILE A 2048 15.33 -38.36 -33.08
N TRP A 2049 14.39 -38.39 -34.02
CA TRP A 2049 14.60 -38.91 -35.37
C TRP A 2049 14.64 -37.76 -36.36
N ARG A 2050 15.70 -37.71 -37.18
CA ARG A 2050 15.93 -36.72 -38.22
C ARG A 2050 15.89 -37.31 -39.62
N ARG A 2051 14.96 -36.83 -40.45
CA ARG A 2051 14.88 -37.24 -41.84
C ARG A 2051 16.13 -36.76 -42.58
N SER A 2052 16.68 -37.62 -43.44
CA SER A 2052 17.97 -37.27 -44.00
C SER A 2052 17.92 -37.21 -45.52
N PRO A 2053 18.63 -36.26 -46.14
CA PRO A 2053 18.71 -36.20 -47.61
C PRO A 2053 19.61 -37.29 -48.20
N GLY A 2054 19.03 -38.42 -48.59
CA GLY A 2054 19.84 -39.58 -48.88
C GLY A 2054 19.11 -40.89 -48.68
N HIS A 2055 17.91 -40.84 -48.13
CA HIS A 2055 16.99 -41.97 -48.14
C HIS A 2055 15.65 -41.54 -48.70
N LEU A 2056 14.96 -42.50 -49.32
CA LEU A 2056 13.70 -42.27 -49.98
C LEU A 2056 12.58 -42.87 -49.13
N TYR A 2057 11.56 -42.05 -48.83
CA TYR A 2057 10.42 -42.47 -48.03
C TYR A 2057 9.19 -42.49 -48.91
N LEU A 2058 8.71 -43.68 -49.25
CA LEU A 2058 7.44 -43.82 -49.95
C LEU A 2058 6.37 -44.12 -48.92
N VAL A 2059 5.27 -43.39 -48.97
CA VAL A 2059 4.18 -43.50 -47.99
C VAL A 2059 2.91 -43.89 -48.74
N GLU A 2060 2.56 -45.16 -48.64
CA GLU A 2060 1.40 -45.73 -49.33
C GLU A 2060 0.14 -45.43 -48.55
N ILE A 2061 -0.63 -44.46 -49.05
CA ILE A 2061 -1.90 -44.03 -48.48
C ILE A 2061 -3.02 -44.25 -49.50
N PRO A 2062 -4.03 -45.06 -49.21
CA PRO A 2062 -5.16 -45.21 -50.13
C PRO A 2062 -6.07 -44.00 -50.06
N GLN A 2063 -7.05 -43.96 -50.94
CA GLN A 2063 -8.14 -43.01 -50.82
C GLN A 2063 -9.50 -43.70 -50.96
N PRO A 2080 -11.01 -32.61 -47.54
CA PRO A 2080 -10.53 -33.62 -46.60
C PRO A 2080 -9.03 -33.86 -46.73
N LEU A 2081 -8.64 -35.13 -46.84
CA LEU A 2081 -7.24 -35.48 -47.11
C LEU A 2081 -6.85 -35.24 -48.57
N PHE A 2082 -7.83 -35.24 -49.49
CA PHE A 2082 -7.56 -35.23 -50.93
C PHE A 2082 -6.78 -33.99 -51.36
N LYS A 2083 -6.97 -32.89 -50.64
CA LYS A 2083 -6.23 -31.66 -50.90
C LYS A 2083 -4.90 -31.62 -50.17
N PHE A 2084 -4.81 -32.20 -48.96
CA PHE A 2084 -3.55 -32.17 -48.22
C PHE A 2084 -2.50 -33.05 -48.88
N LEU A 2085 -2.90 -34.17 -49.47
CA LEU A 2085 -1.91 -35.00 -50.16
C LEU A 2085 -1.40 -34.38 -51.46
N ASP A 2086 -2.05 -33.31 -51.96
CA ASP A 2086 -1.62 -32.66 -53.18
C ASP A 2086 -0.37 -31.81 -53.00
N LEU A 2087 0.01 -31.53 -51.76
CA LEU A 2087 1.15 -30.65 -51.51
C LEU A 2087 2.46 -31.31 -51.87
N PHE A 2088 2.50 -32.62 -51.84
CA PHE A 2088 3.65 -33.50 -51.94
C PHE A 2088 3.83 -33.99 -53.37
N PRO A 2089 5.06 -34.38 -53.76
CA PRO A 2089 5.26 -35.03 -55.06
C PRO A 2089 4.60 -36.40 -55.13
N LYS A 2090 3.57 -36.51 -55.97
CA LYS A 2090 2.56 -37.56 -55.90
C LYS A 2090 2.58 -38.43 -57.14
N VAL A 2091 2.56 -39.74 -56.93
CA VAL A 2091 2.55 -40.73 -57.99
C VAL A 2091 1.20 -41.43 -57.88
N THR A 2092 0.27 -41.10 -58.75
CA THR A 2092 -1.06 -41.68 -58.70
C THR A 2092 -1.17 -42.92 -59.58
N CYS A 2093 -1.95 -43.90 -59.10
CA CYS A 2093 -2.04 -45.21 -59.70
C CYS A 2093 -3.50 -45.51 -60.00
N ARG A 2094 -3.75 -46.11 -61.14
CA ARG A 2094 -5.08 -46.20 -61.72
C ARG A 2094 -5.41 -47.64 -62.08
N PRO A 2095 -6.70 -47.99 -62.14
CA PRO A 2095 -7.10 -49.32 -62.61
C PRO A 2095 -6.76 -49.52 -64.09
N PRO A 2096 -6.68 -50.77 -64.56
CA PRO A 2096 -6.23 -51.01 -65.94
C PRO A 2096 -7.15 -50.47 -67.02
N LYS A 2097 -8.45 -50.35 -66.75
CA LYS A 2097 -9.35 -49.75 -67.73
C LYS A 2097 -9.11 -48.25 -67.86
N GLU A 2098 -8.57 -47.60 -66.82
CA GLU A 2098 -8.36 -46.16 -66.85
C GLU A 2098 -6.99 -45.76 -67.38
N VAL A 2099 -6.07 -46.71 -67.57
CA VAL A 2099 -4.79 -46.44 -68.20
C VAL A 2099 -4.68 -47.11 -69.56
N ILE A 2100 -5.76 -47.72 -70.06
CA ILE A 2100 -5.76 -48.28 -71.41
C ILE A 2100 -6.42 -47.31 -72.40
N ASP A 2101 -7.19 -46.33 -71.92
CA ASP A 2101 -7.73 -45.26 -72.75
C ASP A 2101 -6.90 -43.99 -72.70
N MET A 2102 -6.18 -43.76 -71.61
CA MET A 2102 -5.37 -42.55 -71.44
C MET A 2102 -3.90 -42.87 -71.74
N GLU A 2103 -3.33 -43.87 -71.06
CA GLU A 2103 -1.90 -44.17 -71.25
C GLU A 2103 -1.77 -45.36 -72.19
N PRO A 2113 4.37 -49.23 -70.72
CA PRO A 2113 2.94 -49.56 -70.72
C PRO A 2113 2.30 -49.33 -69.35
N ALA A 2114 1.45 -50.25 -68.90
CA ALA A 2114 0.88 -50.14 -67.56
C ALA A 2114 1.15 -51.35 -66.70
N MET A 2115 1.08 -52.56 -67.24
CA MET A 2115 1.41 -53.76 -66.48
C MET A 2115 2.92 -53.86 -66.36
N ASP A 2116 3.38 -54.28 -65.19
CA ASP A 2116 4.79 -54.56 -64.93
C ASP A 2116 5.34 -55.67 -65.83
N PRO A 2117 6.39 -55.38 -66.62
CA PRO A 2117 6.92 -56.37 -67.58
C PRO A 2117 7.61 -57.57 -66.95
N VAL A 2118 7.94 -57.53 -65.65
CA VAL A 2118 8.50 -58.72 -65.00
C VAL A 2118 7.37 -59.72 -64.79
N GLU A 2119 6.13 -59.25 -64.73
CA GLU A 2119 4.96 -60.12 -64.70
C GLU A 2119 4.64 -60.60 -66.12
N PHE A 2120 4.95 -59.79 -67.14
CA PHE A 2120 4.70 -60.20 -68.51
C PHE A 2120 5.64 -61.32 -68.93
N CYS A 2121 6.88 -61.29 -68.46
CA CYS A 2121 7.80 -62.38 -68.76
C CYS A 2121 7.67 -63.54 -67.78
N SER A 2122 6.79 -63.41 -66.79
CA SER A 2122 6.52 -64.50 -65.87
C SER A 2122 5.73 -65.60 -66.59
N GLU A 2123 5.92 -66.84 -66.12
CA GLU A 2123 5.10 -67.97 -66.58
C GLU A 2123 3.62 -67.72 -66.35
N ALA A 2124 3.27 -67.17 -65.19
CA ALA A 2124 1.89 -67.09 -64.72
C ALA A 2124 1.02 -66.17 -65.55
N PHE A 2125 1.60 -65.16 -66.20
CA PHE A 2125 0.84 -64.42 -67.19
C PHE A 2125 1.04 -64.94 -68.60
N GLN A 2126 2.17 -65.59 -68.90
CA GLN A 2126 2.47 -65.88 -70.29
C GLN A 2126 1.70 -67.09 -70.79
N ARG A 2127 1.63 -68.16 -70.00
CA ARG A 2127 0.84 -69.34 -70.38
C ARG A 2127 -0.65 -69.06 -70.59
N PRO A 2128 -1.37 -68.34 -69.70
CA PRO A 2128 -2.75 -67.97 -70.06
C PRO A 2128 -2.83 -67.05 -71.26
N TYR A 2129 -1.86 -66.17 -71.48
CA TYR A 2129 -1.89 -65.36 -72.69
C TYR A 2129 -1.55 -66.19 -73.92
N GLN A 2130 -0.65 -67.18 -73.78
CA GLN A 2130 -0.37 -68.04 -74.93
C GLN A 2130 -1.53 -68.96 -75.27
N TYR A 2131 -2.45 -69.21 -74.34
CA TYR A 2131 -3.68 -69.90 -74.76
C TYR A 2131 -4.77 -68.94 -75.25
N LEU A 2132 -4.96 -67.79 -74.60
CA LEU A 2132 -6.03 -66.87 -75.00
C LEU A 2132 -5.72 -66.16 -76.31
N LYS A 2133 -4.45 -66.02 -76.68
CA LYS A 2133 -4.12 -65.41 -77.97
C LYS A 2133 -4.50 -66.33 -79.11
N ARG A 2134 -4.24 -67.63 -78.97
CA ARG A 2134 -4.67 -68.61 -79.94
C ARG A 2134 -6.15 -68.95 -79.81
N PHE A 2135 -6.79 -68.56 -78.71
CA PHE A 2135 -8.21 -68.83 -78.51
C PHE A 2135 -9.12 -67.70 -78.99
N HIS A 2136 -8.64 -66.45 -79.03
CA HIS A 2136 -9.47 -65.32 -79.43
C HIS A 2136 -9.94 -65.45 -80.88
N GLN A 2137 -9.01 -65.43 -81.83
CA GLN A 2137 -9.27 -66.00 -83.15
C GLN A 2137 -9.33 -67.51 -83.06
N GLN A 2138 -10.16 -68.11 -83.91
CA GLN A 2138 -10.51 -69.54 -83.79
C GLN A 2138 -9.48 -70.41 -84.53
N GLN A 2139 -8.24 -70.32 -84.06
CA GLN A 2139 -7.18 -71.22 -84.49
C GLN A 2139 -7.37 -72.61 -83.89
N ASN A 2140 -6.70 -73.58 -84.51
CA ASN A 2140 -6.72 -74.96 -84.02
C ASN A 2140 -5.69 -75.10 -82.90
N LEU A 2141 -6.14 -75.68 -81.78
CA LEU A 2141 -5.34 -75.88 -80.58
C LEU A 2141 -4.63 -77.22 -80.53
N ASP A 2142 -4.45 -77.89 -81.67
CA ASP A 2142 -3.84 -79.21 -81.68
C ASP A 2142 -2.36 -79.17 -81.32
N THR A 2143 -1.64 -78.20 -81.87
CA THR A 2143 -0.21 -78.05 -81.59
C THR A 2143 0.06 -77.59 -80.17
N PHE A 2144 1.23 -77.99 -79.67
CA PHE A 2144 1.57 -77.91 -78.26
C PHE A 2144 2.02 -76.48 -77.93
N GLN A 2145 1.65 -76.00 -76.75
CA GLN A 2145 2.07 -74.66 -76.34
C GLN A 2145 2.93 -74.72 -75.07
N TYR A 2146 3.32 -73.54 -74.61
CA TYR A 2146 4.26 -73.29 -73.52
C TYR A 2146 5.59 -74.00 -73.75
N GLU A 2147 6.41 -73.47 -74.66
CA GLU A 2147 7.79 -73.93 -74.80
C GLU A 2147 8.75 -73.16 -73.91
N LYS A 2148 8.28 -72.72 -72.73
CA LYS A 2148 9.07 -72.17 -71.63
C LYS A 2148 9.70 -70.83 -71.97
N GLY A 2149 9.12 -70.10 -72.92
CA GLY A 2149 9.63 -68.79 -73.29
C GLY A 2149 8.51 -67.89 -73.76
N SER A 2150 8.79 -66.60 -73.76
CA SER A 2150 7.79 -65.60 -74.13
C SER A 2150 7.65 -65.55 -75.64
N VAL A 2151 6.41 -65.71 -76.13
CA VAL A 2151 6.11 -65.53 -77.54
C VAL A 2151 6.02 -64.04 -77.85
N GLU A 2152 5.91 -63.71 -79.13
CA GLU A 2152 5.78 -62.33 -79.56
C GLU A 2152 4.40 -61.81 -79.19
N GLY A 2153 4.28 -61.32 -77.95
CA GLY A 2153 3.12 -60.55 -77.52
C GLY A 2153 3.56 -59.20 -76.99
N SER A 2154 2.57 -58.35 -76.74
CA SER A 2154 2.81 -57.06 -76.11
C SER A 2154 2.09 -57.00 -74.77
N PRO A 2155 2.51 -56.10 -73.87
CA PRO A 2155 1.70 -55.84 -72.67
C PRO A 2155 0.32 -55.26 -72.95
N GLU A 2156 0.19 -54.50 -74.03
CA GLU A 2156 -1.12 -53.95 -74.42
C GLU A 2156 -2.07 -55.06 -74.84
N GLU A 2157 -1.60 -56.00 -75.66
CA GLU A 2157 -2.48 -57.02 -76.19
C GLU A 2157 -2.90 -58.02 -75.11
N CYS A 2158 -1.96 -58.44 -74.26
CA CYS A 2158 -2.32 -59.37 -73.19
C CYS A 2158 -3.17 -58.70 -72.12
N LEU A 2159 -2.94 -57.40 -71.86
CA LEU A 2159 -3.85 -56.64 -71.02
C LEU A 2159 -5.25 -56.55 -71.62
N GLN A 2160 -5.33 -56.42 -72.95
CA GLN A 2160 -6.63 -56.31 -73.60
C GLN A 2160 -7.38 -57.63 -73.55
N HIS A 2161 -6.67 -58.75 -73.73
CA HIS A 2161 -7.29 -60.08 -73.61
C HIS A 2161 -7.75 -60.34 -72.18
N PHE A 2162 -6.96 -59.96 -71.19
CA PHE A 2162 -7.39 -60.16 -69.81
C PHE A 2162 -8.56 -59.25 -69.44
N LEU A 2163 -8.64 -58.05 -70.02
CA LEU A 2163 -9.79 -57.18 -69.76
C LEU A 2163 -11.05 -57.71 -70.43
N ILE A 2164 -10.93 -58.30 -71.62
CA ILE A 2164 -12.12 -58.73 -72.34
C ILE A 2164 -12.60 -60.12 -71.93
N TYR A 2165 -11.74 -60.95 -71.34
CA TYR A 2165 -12.16 -62.28 -70.94
C TYR A 2165 -12.34 -62.48 -69.44
N CYS A 2166 -12.10 -61.46 -68.61
CA CYS A 2166 -12.36 -61.64 -67.19
C CYS A 2166 -13.83 -61.50 -66.83
N GLY A 2167 -14.64 -60.96 -67.72
CA GLY A 2167 -16.08 -60.84 -67.46
C GLY A 2167 -16.60 -59.54 -66.86
N LEU A 2168 -15.98 -59.10 -65.77
CA LEU A 2168 -16.46 -57.93 -65.05
C LEU A 2168 -15.91 -56.65 -65.68
N ILE A 2169 -16.63 -55.55 -65.44
CA ILE A 2169 -16.54 -54.38 -66.30
C ILE A 2169 -15.28 -53.55 -65.99
N ASN A 2170 -15.13 -53.05 -64.77
CA ASN A 2170 -13.99 -52.22 -64.37
C ASN A 2170 -13.21 -52.93 -63.27
N PRO A 2171 -12.31 -53.84 -63.63
CA PRO A 2171 -11.58 -54.59 -62.60
C PRO A 2171 -10.39 -53.80 -62.07
N SER A 2172 -9.97 -54.18 -60.85
CA SER A 2172 -8.67 -53.77 -60.35
C SER A 2172 -7.61 -54.73 -60.88
N TRP A 2173 -6.34 -54.47 -60.53
CA TRP A 2173 -5.28 -55.35 -61.01
C TRP A 2173 -5.21 -56.64 -60.21
N SER A 2174 -5.69 -56.63 -58.96
CA SER A 2174 -5.74 -57.82 -58.14
C SER A 2174 -6.65 -58.88 -58.74
N GLU A 2175 -7.77 -58.44 -59.33
CA GLU A 2175 -8.75 -59.38 -59.87
C GLU A 2175 -8.24 -60.00 -61.17
N LEU A 2176 -7.55 -59.21 -62.00
CA LEU A 2176 -6.95 -59.77 -63.21
C LEU A 2176 -5.79 -60.70 -62.85
N ARG A 2177 -5.05 -60.38 -61.78
CA ARG A 2177 -3.99 -61.26 -61.30
C ARG A 2177 -4.55 -62.58 -60.79
N ASN A 2178 -5.69 -62.53 -60.11
CA ASN A 2178 -6.33 -63.75 -59.61
C ASN A 2178 -6.89 -64.59 -60.76
N PHE A 2179 -7.54 -63.92 -61.73
CA PHE A 2179 -8.05 -64.59 -62.93
C PHE A 2179 -6.94 -65.30 -63.71
N ALA A 2180 -5.81 -64.59 -63.92
CA ALA A 2180 -4.71 -65.17 -64.68
C ALA A 2180 -4.03 -66.30 -63.91
N TRP A 2181 -3.90 -66.18 -62.58
CA TRP A 2181 -3.26 -67.26 -61.83
C TRP A 2181 -4.15 -68.49 -61.72
N PHE A 2182 -5.47 -68.28 -61.64
CA PHE A 2182 -6.41 -69.40 -61.67
C PHE A 2182 -6.33 -70.14 -63.01
N LEU A 2183 -6.34 -69.40 -64.12
CA LEU A 2183 -6.13 -70.02 -65.43
C LEU A 2183 -4.75 -70.66 -65.53
N ASN A 2184 -3.75 -70.12 -64.85
CA ASN A 2184 -2.42 -70.72 -64.84
C ASN A 2184 -2.44 -72.10 -64.20
N CYS A 2185 -3.04 -72.19 -63.00
CA CYS A 2185 -3.09 -73.47 -62.30
C CYS A 2185 -3.92 -74.49 -63.07
N GLN A 2186 -5.01 -74.05 -63.70
CA GLN A 2186 -5.85 -75.00 -64.43
C GLN A 2186 -5.20 -75.47 -65.72
N LEU A 2187 -4.56 -74.56 -66.46
CA LEU A 2187 -3.90 -75.02 -67.69
C LEU A 2187 -2.61 -75.78 -67.39
N LYS A 2188 -1.97 -75.50 -66.25
CA LYS A 2188 -0.84 -76.32 -65.81
C LYS A 2188 -1.29 -77.73 -65.44
N ASP A 2189 -2.48 -77.85 -64.82
CA ASP A 2189 -3.03 -79.16 -64.57
C ASP A 2189 -3.44 -79.84 -65.87
N CYS A 2190 -3.89 -79.07 -66.87
CA CYS A 2190 -4.21 -79.65 -68.16
C CYS A 2190 -2.96 -80.15 -68.88
N GLU A 2191 -1.83 -79.47 -68.66
CA GLU A 2191 -0.57 -79.87 -69.29
C GLU A 2191 0.11 -80.98 -68.52
N ALA A 2192 -0.23 -81.19 -67.25
CA ALA A 2192 0.40 -82.24 -66.48
C ALA A 2192 -0.33 -83.57 -66.61
N SER A 2193 -1.59 -83.55 -67.03
CA SER A 2193 -2.40 -84.74 -67.14
C SER A 2193 -2.21 -85.36 -68.53
N ILE A 2194 -2.70 -86.59 -68.69
CA ILE A 2194 -2.42 -87.35 -69.90
C ILE A 2194 -3.55 -87.24 -70.92
N PHE A 2195 -4.49 -86.31 -70.72
CA PHE A 2195 -5.55 -86.15 -71.70
C PHE A 2195 -5.05 -85.45 -72.95
N CYS A 2196 -4.09 -84.53 -72.81
CA CYS A 2196 -3.46 -83.99 -74.01
C CYS A 2196 -2.55 -85.03 -74.65
N LYS A 2197 -1.94 -85.89 -73.83
CA LYS A 2197 -1.12 -86.99 -74.36
C LYS A 2197 -1.99 -88.03 -75.07
N SER A 2198 -3.14 -88.38 -74.47
CA SER A 2198 -4.05 -89.30 -75.14
C SER A 2198 -4.74 -88.66 -76.34
N ALA A 2199 -4.88 -87.33 -76.34
CA ALA A 2199 -5.34 -86.64 -77.54
C ALA A 2199 -4.31 -86.71 -78.65
N PHE A 2200 -3.02 -86.63 -78.28
CA PHE A 2200 -1.95 -86.73 -79.28
C PHE A 2200 -1.82 -88.14 -79.83
N THR A 2201 -2.05 -89.15 -79.00
CA THR A 2201 -1.95 -90.55 -79.41
C THR A 2201 -3.24 -91.09 -80.03
N GLY A 2202 -4.38 -90.45 -79.80
CA GLY A 2202 -5.65 -90.97 -80.27
C GLY A 2202 -6.23 -90.27 -81.48
N ASP A 2203 -6.06 -88.93 -81.55
CA ASP A 2203 -6.46 -88.06 -82.65
C ASP A 2203 -7.97 -87.98 -82.87
N THR A 2204 -8.79 -88.61 -82.01
CA THR A 2204 -10.17 -88.18 -81.82
C THR A 2204 -10.40 -87.92 -80.32
N LEU A 2205 -9.85 -86.80 -79.88
CA LEU A 2205 -10.19 -86.16 -78.61
C LEU A 2205 -10.20 -84.63 -78.74
N ARG A 2206 -9.74 -84.08 -79.86
CA ARG A 2206 -9.41 -82.67 -79.99
C ARG A 2206 -10.63 -81.78 -79.93
N GLY A 2207 -10.38 -80.49 -79.74
CA GLY A 2207 -11.40 -79.50 -79.48
C GLY A 2207 -11.85 -79.41 -78.04
N PHE A 2208 -11.28 -80.20 -77.13
CA PHE A 2208 -11.73 -80.21 -75.75
C PHE A 2208 -11.17 -79.05 -74.94
N LYS A 2209 -10.08 -78.43 -75.38
CA LYS A 2209 -9.51 -77.33 -74.63
C LYS A 2209 -10.27 -76.02 -74.79
N ASN A 2210 -11.04 -75.85 -75.87
CA ASN A 2210 -11.98 -74.73 -75.93
C ASN A 2210 -13.04 -74.86 -74.85
N PHE A 2211 -13.60 -76.07 -74.68
CA PHE A 2211 -14.46 -76.39 -73.55
C PHE A 2211 -13.78 -76.12 -72.23
N VAL A 2212 -12.51 -76.51 -72.13
CA VAL A 2212 -11.75 -76.35 -70.89
C VAL A 2212 -11.61 -74.88 -70.53
N VAL A 2213 -11.17 -74.03 -71.47
CA VAL A 2213 -10.92 -72.63 -71.15
C VAL A 2213 -12.22 -71.86 -70.95
N THR A 2214 -13.29 -72.23 -71.68
CA THR A 2214 -14.58 -71.60 -71.50
C THR A 2214 -15.19 -71.94 -70.15
N PHE A 2215 -15.06 -73.21 -69.74
CA PHE A 2215 -15.62 -73.59 -68.46
C PHE A 2215 -14.78 -73.05 -67.32
N MET A 2216 -13.46 -72.78 -67.52
CA MET A 2216 -12.77 -72.06 -66.46
C MET A 2216 -13.18 -70.61 -66.42
N ILE A 2217 -13.60 -70.03 -67.54
CA ILE A 2217 -14.15 -68.67 -67.47
C ILE A 2217 -15.42 -68.66 -66.64
N LEU A 2218 -16.28 -69.67 -66.77
CA LEU A 2218 -17.47 -69.71 -65.90
C LEU A 2218 -17.14 -69.96 -64.43
N MET A 2219 -16.30 -70.95 -64.12
CA MET A 2219 -15.90 -71.16 -62.72
C MET A 2219 -15.14 -69.95 -62.15
N ALA A 2220 -14.29 -69.31 -62.94
CA ALA A 2220 -13.58 -68.11 -62.49
C ALA A 2220 -14.54 -66.96 -62.24
N ARG A 2221 -15.62 -66.88 -63.03
CA ARG A 2221 -16.69 -65.93 -62.75
C ARG A 2221 -17.35 -66.24 -61.42
N ASP A 2222 -17.44 -67.53 -61.06
CA ASP A 2222 -17.94 -67.88 -59.74
C ASP A 2222 -16.95 -67.50 -58.64
N PHE A 2223 -15.66 -67.80 -58.83
CA PHE A 2223 -14.67 -67.58 -57.77
C PHE A 2223 -14.20 -66.13 -57.69
N ALA A 2224 -13.57 -65.64 -58.75
CA ALA A 2224 -12.85 -64.38 -58.73
C ALA A 2224 -13.65 -63.22 -59.31
N THR A 2225 -14.95 -63.17 -59.08
CA THR A 2225 -15.79 -62.09 -59.60
C THR A 2225 -16.98 -61.90 -58.68
N PRO A 2226 -16.93 -60.91 -57.80
CA PRO A 2226 -18.14 -60.23 -57.35
C PRO A 2226 -18.48 -59.07 -58.26
N THR A 2227 -19.78 -58.74 -58.29
CA THR A 2227 -20.39 -57.74 -59.19
C THR A 2227 -20.06 -58.00 -60.66
N GLU A 2247 -28.39 -50.22 -46.94
CA GLU A 2247 -28.12 -48.95 -46.27
C GLU A 2247 -26.83 -48.35 -46.84
N GLU A 2248 -26.75 -47.02 -46.87
CA GLU A 2248 -25.66 -46.33 -47.54
C GLU A 2248 -24.29 -46.57 -46.88
N ASP A 2249 -24.27 -46.80 -45.57
CA ASP A 2249 -23.01 -47.10 -44.90
C ASP A 2249 -22.65 -48.58 -44.93
N LEU A 2250 -23.63 -49.46 -45.16
CA LEU A 2250 -23.38 -50.88 -45.29
C LEU A 2250 -23.41 -51.35 -46.74
N ALA A 2251 -23.51 -50.42 -47.69
CA ALA A 2251 -23.64 -50.79 -49.10
C ALA A 2251 -22.46 -51.56 -49.70
N PRO A 2252 -21.18 -51.30 -49.40
CA PRO A 2252 -20.15 -52.19 -49.94
C PRO A 2252 -20.09 -53.55 -49.27
N PHE A 2253 -20.75 -53.75 -48.13
CA PHE A 2253 -20.62 -54.99 -47.36
C PHE A 2253 -21.89 -55.81 -47.32
N SER A 2254 -23.00 -55.19 -46.87
CA SER A 2254 -24.26 -55.90 -46.73
C SER A 2254 -24.85 -56.35 -48.07
N LEU A 2255 -24.54 -55.65 -49.16
CA LEU A 2255 -25.01 -56.08 -50.48
C LEU A 2255 -24.17 -57.26 -50.96
N ARG A 2256 -24.56 -58.45 -50.50
CA ARG A 2256 -24.12 -59.70 -51.11
C ARG A 2256 -24.74 -59.83 -52.50
N LYS A 2257 -23.90 -59.68 -53.53
CA LYS A 2257 -24.38 -59.78 -54.90
C LYS A 2257 -24.84 -61.18 -55.26
N ARG A 2258 -24.34 -62.20 -54.55
CA ARG A 2258 -24.86 -63.55 -54.69
C ARG A 2258 -24.70 -64.29 -53.38
N TRP A 2259 -25.52 -65.30 -53.19
CA TRP A 2259 -25.44 -66.22 -52.08
C TRP A 2259 -24.78 -67.52 -52.54
N GLU A 2260 -24.75 -68.53 -51.65
CA GLU A 2260 -24.31 -69.85 -52.08
C GLU A 2260 -25.34 -70.51 -52.99
N SER A 2261 -26.61 -70.10 -52.91
CA SER A 2261 -27.71 -70.78 -53.60
C SER A 2261 -27.90 -70.26 -55.01
N GLU A 2262 -26.80 -70.24 -55.78
CA GLU A 2262 -26.73 -69.84 -57.18
C GLU A 2262 -25.60 -70.68 -57.76
N PRO A 2263 -25.70 -71.15 -59.00
CA PRO A 2263 -25.05 -72.42 -59.39
C PRO A 2263 -23.53 -72.32 -59.41
N HIS A 2264 -22.90 -73.45 -59.11
CA HIS A 2264 -21.44 -73.55 -58.98
C HIS A 2264 -20.91 -74.63 -59.91
N PRO A 2265 -20.74 -74.34 -61.20
CA PRO A 2265 -20.31 -75.38 -62.14
C PRO A 2265 -18.79 -75.54 -62.09
N TYR A 2266 -18.34 -76.72 -61.66
CA TYR A 2266 -16.92 -76.97 -61.41
C TYR A 2266 -16.39 -78.16 -62.22
N VAL A 2267 -15.20 -77.99 -62.79
CA VAL A 2267 -14.41 -79.11 -63.28
C VAL A 2267 -13.06 -79.07 -62.54
N PHE A 2268 -12.53 -80.25 -62.25
CA PHE A 2268 -11.17 -80.40 -61.74
C PHE A 2268 -10.45 -81.55 -62.41
N PHE A 2269 -9.13 -81.38 -62.53
CA PHE A 2269 -8.24 -82.36 -63.13
C PHE A 2269 -7.47 -82.97 -61.97
N ASN A 2270 -7.58 -84.29 -61.82
CA ASN A 2270 -7.12 -84.94 -60.60
C ASN A 2270 -5.60 -84.99 -60.51
N GLY A 2271 -5.10 -84.95 -59.28
CA GLY A 2271 -3.68 -84.81 -59.01
C GLY A 2271 -2.89 -86.06 -59.33
N ASP A 2272 -3.09 -87.11 -58.53
CA ASP A 2272 -2.39 -88.37 -58.76
C ASP A 2272 -3.08 -89.20 -59.84
N HIS A 2273 -4.40 -89.33 -59.77
CA HIS A 2273 -5.15 -89.96 -60.84
C HIS A 2273 -5.24 -89.06 -62.07
N MET A 2274 -5.55 -89.67 -63.21
CA MET A 2274 -5.58 -89.04 -64.53
C MET A 2274 -7.00 -88.99 -65.10
N THR A 2275 -7.96 -88.62 -64.27
CA THR A 2275 -9.38 -88.49 -64.60
C THR A 2275 -9.81 -87.02 -64.44
N MET A 2276 -11.09 -86.76 -64.69
CA MET A 2276 -11.69 -85.44 -64.50
C MET A 2276 -12.88 -85.57 -63.57
N THR A 2277 -13.16 -84.51 -62.81
CA THR A 2277 -14.38 -84.42 -62.03
C THR A 2277 -15.23 -83.29 -62.56
N PHE A 2278 -16.44 -83.64 -63.00
CA PHE A 2278 -17.47 -82.68 -63.40
C PHE A 2278 -18.43 -82.66 -62.22
N ILE A 2279 -18.33 -81.63 -61.36
CA ILE A 2279 -19.15 -81.57 -60.16
C ILE A 2279 -19.88 -80.23 -60.12
N GLY A 2280 -21.19 -80.28 -59.86
CA GLY A 2280 -22.01 -79.10 -59.65
C GLY A 2280 -22.94 -78.76 -60.79
N PHE A 2281 -22.97 -79.57 -61.83
CA PHE A 2281 -23.72 -79.27 -63.05
C PHE A 2281 -23.93 -80.55 -63.81
N HIS A 2282 -24.89 -80.52 -64.74
CA HIS A 2282 -25.19 -81.67 -65.58
C HIS A 2282 -25.04 -81.27 -67.05
N LEU A 2283 -24.70 -82.26 -67.87
CA LEU A 2283 -24.55 -82.08 -69.31
C LEU A 2283 -25.75 -82.69 -70.03
N GLU A 2284 -26.52 -81.84 -70.72
CA GLU A 2284 -27.68 -82.27 -71.48
C GLU A 2284 -27.49 -81.93 -72.96
N THR A 2285 -28.26 -82.61 -73.80
CA THR A 2285 -28.13 -82.48 -75.25
C THR A 2285 -29.14 -81.48 -75.78
N ASN A 2286 -28.66 -80.52 -76.55
CA ASN A 2286 -29.50 -79.58 -77.29
C ASN A 2286 -29.81 -80.17 -78.67
N ASN A 2287 -30.91 -79.72 -79.27
CA ASN A 2287 -31.30 -80.19 -80.58
C ASN A 2287 -30.50 -79.56 -81.73
N ASN A 2288 -29.64 -78.60 -81.45
CA ASN A 2288 -28.71 -78.06 -82.43
C ASN A 2288 -27.45 -78.90 -82.58
N GLY A 2289 -27.38 -80.04 -81.91
CA GLY A 2289 -26.19 -80.86 -81.92
C GLY A 2289 -25.14 -80.43 -80.92
N TYR A 2290 -25.56 -79.77 -79.84
CA TYR A 2290 -24.64 -79.27 -78.84
C TYR A 2290 -25.07 -79.73 -77.45
N VAL A 2291 -24.18 -79.57 -76.49
CA VAL A 2291 -24.37 -80.05 -75.12
C VAL A 2291 -24.15 -78.91 -74.14
N ASP A 2292 -25.14 -78.68 -73.28
CA ASP A 2292 -25.18 -77.52 -72.39
C ASP A 2292 -25.16 -77.95 -70.93
N ALA A 2293 -24.87 -76.98 -70.07
CA ALA A 2293 -24.74 -77.18 -68.64
C ALA A 2293 -26.01 -76.72 -67.93
N ILE A 2294 -26.64 -77.64 -67.18
CA ILE A 2294 -27.89 -77.39 -66.48
C ILE A 2294 -27.72 -77.84 -65.04
N ASN A 2295 -27.98 -76.95 -64.10
CA ASN A 2295 -27.86 -77.25 -62.68
C ASN A 2295 -29.00 -78.15 -62.21
N PRO A 2296 -28.82 -78.87 -61.10
CA PRO A 2296 -29.96 -79.54 -60.46
C PRO A 2296 -30.91 -78.60 -59.74
N SER A 2297 -32.02 -79.16 -59.24
CA SER A 2297 -33.05 -78.55 -58.40
C SER A 2297 -33.95 -77.56 -59.14
N ASN A 2298 -33.62 -77.25 -60.39
CA ASN A 2298 -34.48 -76.51 -61.31
C ASN A 2298 -33.99 -76.75 -62.73
N GLY A 2299 -34.63 -76.07 -63.67
CA GLY A 2299 -34.17 -76.09 -65.05
C GLY A 2299 -33.63 -74.74 -65.50
N LYS A 2300 -32.31 -74.65 -65.64
CA LYS A 2300 -31.66 -73.45 -66.15
C LYS A 2300 -30.67 -73.86 -67.21
N VAL A 2301 -30.74 -73.22 -68.38
CA VAL A 2301 -30.05 -73.70 -69.58
C VAL A 2301 -28.95 -72.68 -69.86
N ILE A 2302 -28.32 -72.20 -68.79
CA ILE A 2302 -27.23 -71.23 -68.90
C ILE A 2302 -26.09 -71.75 -69.78
N LYS A 2303 -25.53 -70.84 -70.59
CA LYS A 2303 -24.44 -71.10 -71.53
C LYS A 2303 -24.80 -72.19 -72.56
N LYS A 2304 -25.71 -71.82 -73.45
CA LYS A 2304 -25.93 -72.61 -74.66
C LYS A 2304 -24.65 -72.65 -75.50
N ASP A 2305 -24.52 -73.74 -76.28
CA ASP A 2305 -23.46 -73.95 -77.29
C ASP A 2305 -22.07 -73.99 -76.64
N VAL A 2306 -21.89 -74.99 -75.78
CA VAL A 2306 -20.65 -75.21 -75.03
C VAL A 2306 -19.87 -76.41 -75.57
N MET A 2307 -20.51 -77.58 -75.65
CA MET A 2307 -19.87 -78.83 -76.04
C MET A 2307 -20.48 -79.42 -77.31
N THR A 2308 -19.64 -79.81 -78.25
CA THR A 2308 -20.12 -80.54 -79.42
C THR A 2308 -20.47 -81.98 -79.05
N LYS A 2309 -21.42 -82.56 -79.77
CA LYS A 2309 -21.91 -83.88 -79.38
C LYS A 2309 -20.98 -85.03 -79.74
N GLU A 2310 -20.15 -84.89 -80.77
CA GLU A 2310 -19.15 -85.93 -81.06
C GLU A 2310 -18.00 -85.96 -80.06
N LEU A 2311 -17.68 -84.81 -79.47
CA LEU A 2311 -16.70 -84.77 -78.39
C LEU A 2311 -17.28 -85.40 -77.14
N PHE A 2312 -18.57 -85.20 -76.93
CA PHE A 2312 -19.31 -85.78 -75.82
C PHE A 2312 -19.36 -87.31 -75.97
N ASP A 2313 -19.47 -87.77 -77.22
CA ASP A 2313 -19.38 -89.21 -77.53
C ASP A 2313 -17.96 -89.72 -77.29
N GLY A 2314 -16.98 -88.87 -77.56
CA GLY A 2314 -15.59 -89.20 -77.27
C GLY A 2314 -15.37 -89.40 -75.79
N LEU A 2315 -15.98 -88.53 -74.97
CA LEU A 2315 -15.88 -88.70 -73.53
C LEU A 2315 -16.65 -89.92 -73.05
N ARG A 2316 -17.64 -90.42 -73.82
CA ARG A 2316 -18.10 -91.79 -73.57
C ARG A 2316 -16.99 -92.80 -73.84
N LEU A 2317 -16.23 -92.62 -74.92
CA LEU A 2317 -15.23 -93.62 -75.29
C LEU A 2317 -14.08 -93.72 -74.28
N GLN A 2318 -13.50 -92.59 -73.88
CA GLN A 2318 -12.42 -92.67 -72.89
C GLN A 2318 -12.90 -92.76 -71.43
N ARG A 2319 -14.22 -92.81 -71.19
CA ARG A 2319 -14.82 -93.28 -69.93
C ARG A 2319 -14.42 -92.33 -68.77
N VAL A 2320 -14.69 -91.05 -68.98
CA VAL A 2320 -14.59 -90.06 -67.90
C VAL A 2320 -15.78 -90.25 -66.97
N PRO A 2321 -15.65 -90.02 -65.65
CA PRO A 2321 -16.85 -89.96 -64.79
C PRO A 2321 -17.63 -88.68 -65.03
N PHE A 2322 -18.37 -88.62 -66.13
CA PHE A 2322 -19.18 -87.46 -66.50
C PHE A 2322 -20.60 -87.54 -65.93
N ASN A 2323 -21.13 -86.36 -65.61
CA ASN A 2323 -22.57 -86.09 -65.41
C ASN A 2323 -23.17 -86.95 -64.30
N ILE A 2324 -22.64 -86.78 -63.09
CA ILE A 2324 -23.02 -87.60 -61.95
C ILE A 2324 -23.61 -86.68 -60.89
N ASP A 2325 -24.84 -86.96 -60.49
CA ASP A 2325 -25.46 -86.31 -59.34
C ASP A 2325 -25.08 -87.05 -58.06
N PHE A 2326 -24.75 -86.29 -57.02
CA PHE A 2326 -24.28 -86.86 -55.77
C PHE A 2326 -25.41 -87.00 -54.75
N ASP A 2327 -26.63 -87.22 -55.21
CA ASP A 2327 -27.72 -87.56 -54.30
C ASP A 2327 -27.76 -89.06 -53.99
N ASN A 2328 -27.37 -89.90 -54.96
CA ASN A 2328 -27.51 -91.35 -54.85
C ASN A 2328 -26.16 -92.06 -54.74
N LEU A 2329 -25.14 -91.38 -54.23
CA LEU A 2329 -23.88 -92.07 -53.98
C LEU A 2329 -23.73 -92.44 -52.52
N PRO A 2330 -23.21 -93.63 -52.24
CA PRO A 2330 -22.91 -94.00 -50.85
C PRO A 2330 -21.68 -93.27 -50.33
N ARG A 2331 -21.46 -93.43 -49.02
CA ARG A 2331 -20.48 -92.60 -48.32
C ARG A 2331 -19.04 -92.92 -48.74
N TYR A 2332 -18.75 -94.20 -48.98
CA TYR A 2332 -17.40 -94.58 -49.41
C TYR A 2332 -17.11 -94.09 -50.83
N GLU A 2333 -18.13 -94.05 -51.69
CA GLU A 2333 -17.90 -93.59 -53.06
C GLU A 2333 -17.68 -92.08 -53.09
N LYS A 2334 -18.43 -91.33 -52.28
CA LYS A 2334 -18.18 -89.90 -52.16
C LYS A 2334 -16.81 -89.62 -51.54
N LEU A 2335 -16.40 -90.46 -50.59
CA LEU A 2335 -15.09 -90.28 -49.97
C LEU A 2335 -13.96 -90.59 -50.93
N GLU A 2336 -14.12 -91.60 -51.80
CA GLU A 2336 -13.07 -91.84 -52.78
C GLU A 2336 -13.10 -90.85 -53.94
N ARG A 2337 -14.26 -90.25 -54.24
CA ARG A 2337 -14.25 -89.11 -55.18
C ARG A 2337 -13.58 -87.89 -54.57
N LEU A 2338 -13.71 -87.72 -53.26
CA LEU A 2338 -12.99 -86.65 -52.57
C LEU A 2338 -11.48 -86.89 -52.60
N CYS A 2339 -11.02 -88.10 -52.25
CA CYS A 2339 -9.59 -88.35 -52.24
C CYS A 2339 -8.97 -88.37 -53.64
N LEU A 2340 -9.75 -88.70 -54.68
CA LEU A 2340 -9.22 -88.55 -56.03
C LEU A 2340 -9.15 -87.06 -56.40
N ALA A 2341 -10.15 -86.28 -55.99
CA ALA A 2341 -10.18 -84.87 -56.35
C ALA A 2341 -9.23 -84.05 -55.50
N LEU A 2342 -9.16 -84.31 -54.19
CA LEU A 2342 -8.27 -83.56 -53.33
C LEU A 2342 -6.82 -84.07 -53.39
N GLY A 2343 -6.55 -85.09 -54.20
CA GLY A 2343 -5.22 -85.64 -54.33
C GLY A 2343 -4.73 -86.45 -53.14
N ILE A 2344 -5.63 -86.79 -52.22
CA ILE A 2344 -5.26 -87.55 -51.03
C ILE A 2344 -5.14 -89.02 -51.41
N GLU A 2345 -4.07 -89.67 -50.95
CA GLU A 2345 -3.91 -91.10 -51.15
C GLU A 2345 -4.24 -91.83 -49.87
N TRP A 2346 -4.95 -92.97 -50.00
CA TRP A 2346 -5.34 -93.90 -48.94
C TRP A 2346 -6.20 -93.20 -47.88
N PRO A 2347 -7.44 -92.85 -48.19
CA PRO A 2347 -8.25 -92.08 -47.23
C PRO A 2347 -8.89 -92.97 -46.17
N ILE A 2348 -9.31 -92.31 -45.09
CA ILE A 2348 -10.28 -92.87 -44.15
C ILE A 2348 -11.44 -91.89 -44.03
N ASP A 2349 -12.45 -92.30 -43.29
CA ASP A 2349 -13.57 -91.42 -42.99
C ASP A 2349 -13.41 -90.89 -41.57
N PRO A 2350 -13.02 -89.63 -41.38
CA PRO A 2350 -12.69 -89.17 -40.02
C PRO A 2350 -13.89 -88.80 -39.17
N ASP A 2351 -15.02 -88.42 -39.78
CA ASP A 2351 -16.23 -88.08 -39.03
C ASP A 2351 -17.42 -88.69 -39.75
N GLU A 2352 -17.92 -89.81 -39.23
CA GLU A 2352 -19.09 -90.44 -39.83
C GLU A 2352 -20.38 -89.69 -39.53
N THR A 2353 -20.40 -88.89 -38.46
CA THR A 2353 -21.59 -88.09 -38.16
C THR A 2353 -21.73 -86.93 -39.13
N TYR A 2354 -20.62 -86.43 -39.66
CA TYR A 2354 -20.62 -85.29 -40.58
C TYR A 2354 -21.10 -85.78 -41.94
N GLU A 2355 -22.26 -85.30 -42.37
CA GLU A 2355 -22.84 -85.77 -43.62
C GLU A 2355 -22.21 -85.02 -44.79
N LEU A 2356 -22.22 -85.67 -45.96
CA LEU A 2356 -21.64 -85.10 -47.17
C LEU A 2356 -22.71 -84.95 -48.24
N THR A 2357 -23.44 -83.84 -48.17
CA THR A 2357 -24.29 -83.43 -49.28
C THR A 2357 -23.46 -82.66 -50.31
N THR A 2358 -24.09 -82.34 -51.45
CA THR A 2358 -23.33 -81.91 -52.63
C THR A 2358 -22.72 -80.51 -52.50
N ASP A 2359 -23.34 -79.62 -51.72
CA ASP A 2359 -22.71 -78.33 -51.55
C ASP A 2359 -21.56 -78.38 -50.54
N ASN A 2360 -21.56 -79.36 -49.62
CA ASN A 2360 -20.36 -79.51 -48.80
C ASN A 2360 -19.16 -80.01 -49.61
N MET A 2361 -19.39 -80.92 -50.58
CA MET A 2361 -18.33 -81.24 -51.55
C MET A 2361 -17.88 -80.00 -52.32
N LEU A 2362 -18.84 -79.18 -52.78
CA LEU A 2362 -18.44 -78.01 -53.56
C LEU A 2362 -17.68 -77.00 -52.71
N LYS A 2363 -18.04 -76.83 -51.43
CA LYS A 2363 -17.31 -75.91 -50.58
C LYS A 2363 -15.91 -76.42 -50.24
N ILE A 2364 -15.79 -77.73 -49.93
CA ILE A 2364 -14.47 -78.31 -49.65
C ILE A 2364 -13.55 -78.22 -50.87
N LEU A 2365 -14.07 -78.57 -52.05
CA LEU A 2365 -13.28 -78.52 -53.26
C LEU A 2365 -13.00 -77.08 -53.70
N ALA A 2366 -13.88 -76.14 -53.36
CA ALA A 2366 -13.67 -74.73 -53.67
C ALA A 2366 -12.54 -74.15 -52.84
N ILE A 2367 -12.58 -74.39 -51.52
CA ILE A 2367 -11.54 -73.90 -50.62
C ILE A 2367 -10.20 -74.54 -50.96
N GLU A 2368 -10.20 -75.84 -51.32
CA GLU A 2368 -8.95 -76.51 -51.65
C GLU A 2368 -8.40 -75.99 -52.98
N MET A 2369 -9.26 -75.61 -53.92
CA MET A 2369 -8.77 -74.99 -55.15
C MET A 2369 -8.20 -73.61 -54.88
N ARG A 2370 -8.85 -72.85 -53.99
CA ARG A 2370 -8.40 -71.49 -53.68
C ARG A 2370 -7.03 -71.46 -53.03
N PHE A 2371 -6.75 -72.35 -52.06
CA PHE A 2371 -5.35 -72.42 -51.66
C PHE A 2371 -4.57 -73.55 -52.32
N ARG A 2372 -5.03 -74.06 -53.46
CA ARG A 2372 -4.12 -74.80 -54.32
C ARG A 2372 -3.49 -73.90 -55.36
N CYS A 2373 -4.22 -72.90 -55.84
CA CYS A 2373 -3.65 -71.98 -56.82
C CYS A 2373 -3.07 -70.72 -56.19
N GLY A 2374 -3.68 -70.18 -55.15
CA GLY A 2374 -3.08 -69.03 -54.51
C GLY A 2374 -4.06 -67.98 -54.04
N ILE A 2375 -5.33 -68.15 -54.39
CA ILE A 2375 -6.37 -67.18 -54.03
C ILE A 2375 -6.58 -67.19 -52.52
N PRO A 2376 -6.68 -66.04 -51.86
CA PRO A 2376 -6.92 -66.05 -50.42
C PRO A 2376 -8.33 -66.55 -50.08
N VAL A 2377 -8.46 -67.13 -48.91
CA VAL A 2377 -9.70 -67.78 -48.48
C VAL A 2377 -10.30 -66.94 -47.37
N ILE A 2378 -11.34 -66.18 -47.69
CA ILE A 2378 -12.11 -65.44 -46.71
C ILE A 2378 -13.57 -65.84 -46.85
N ILE A 2379 -14.17 -66.25 -45.74
CA ILE A 2379 -15.53 -66.79 -45.69
C ILE A 2379 -16.35 -65.82 -44.86
N MET A 2380 -17.41 -65.29 -45.45
CA MET A 2380 -18.37 -64.45 -44.72
C MET A 2380 -19.61 -65.28 -44.42
N GLY A 2381 -19.65 -65.87 -43.23
CA GLY A 2381 -20.84 -66.55 -42.77
C GLY A 2381 -21.10 -66.26 -41.31
N GLU A 2382 -22.32 -66.58 -40.88
CA GLU A 2382 -22.74 -66.34 -39.51
C GLU A 2382 -22.07 -67.35 -38.56
N THR A 2383 -22.31 -67.16 -37.26
CA THR A 2383 -21.68 -68.05 -36.28
C THR A 2383 -22.32 -69.43 -36.26
N GLY A 2384 -23.59 -69.55 -36.67
CA GLY A 2384 -24.27 -70.82 -36.58
C GLY A 2384 -23.91 -71.82 -37.67
N CYS A 2385 -23.61 -71.32 -38.87
CA CYS A 2385 -23.37 -72.19 -40.02
C CYS A 2385 -22.07 -72.98 -39.86
N GLY A 2386 -22.02 -74.13 -40.54
CA GLY A 2386 -20.94 -75.07 -40.39
C GLY A 2386 -19.65 -74.70 -41.09
N LYS A 2387 -18.96 -73.68 -40.57
CA LYS A 2387 -17.66 -73.32 -41.11
C LYS A 2387 -16.51 -74.09 -40.43
N THR A 2388 -16.47 -74.12 -39.09
CA THR A 2388 -15.37 -74.79 -38.41
C THR A 2388 -15.48 -76.30 -38.51
N ARG A 2389 -16.69 -76.84 -38.63
CA ARG A 2389 -16.86 -78.28 -38.79
C ARG A 2389 -16.41 -78.74 -40.17
N LEU A 2390 -16.73 -77.96 -41.22
CA LEU A 2390 -16.28 -78.28 -42.56
C LEU A 2390 -14.76 -78.20 -42.70
N ILE A 2391 -14.13 -77.20 -42.09
CA ILE A 2391 -12.68 -77.08 -42.22
C ILE A 2391 -11.95 -78.11 -41.35
N LYS A 2392 -12.51 -78.48 -40.18
CA LYS A 2392 -11.90 -79.55 -39.41
C LYS A 2392 -12.04 -80.89 -40.13
N PHE A 2393 -13.16 -81.09 -40.84
CA PHE A 2393 -13.28 -82.30 -41.65
C PHE A 2393 -12.26 -82.28 -42.79
N LEU A 2394 -12.00 -81.10 -43.36
CA LEU A 2394 -11.01 -80.98 -44.43
C LEU A 2394 -9.60 -81.24 -43.92
N SER A 2395 -9.27 -80.72 -42.74
CA SER A 2395 -7.97 -80.96 -42.14
C SER A 2395 -7.77 -82.43 -41.76
N ASP A 2396 -8.79 -83.04 -41.16
CA ASP A 2396 -8.69 -84.45 -40.77
C ASP A 2396 -8.67 -85.37 -41.99
N LEU A 2397 -9.26 -84.94 -43.10
CA LEU A 2397 -9.19 -85.72 -44.32
C LEU A 2397 -7.86 -85.54 -45.02
N LYS A 2398 -7.31 -84.32 -45.00
CA LYS A 2398 -6.04 -84.07 -45.67
C LYS A 2398 -4.87 -84.67 -44.90
N ARG A 2399 -5.01 -84.84 -43.58
CA ARG A 2399 -3.93 -85.47 -42.84
C ARG A 2399 -4.04 -86.99 -42.84
N GLY A 2400 -5.26 -87.51 -42.96
CA GLY A 2400 -5.49 -88.93 -43.08
C GLY A 2400 -5.46 -89.65 -41.74
N SER A 2401 -4.26 -89.94 -41.24
CA SER A 2401 -4.12 -90.68 -40.00
C SER A 2401 -2.99 -90.18 -39.11
N VAL A 2402 -2.22 -89.18 -39.54
CA VAL A 2402 -1.03 -88.77 -38.82
C VAL A 2402 -1.43 -87.93 -37.60
N GLU A 2403 -0.83 -88.24 -36.45
CA GLU A 2403 -1.03 -87.60 -35.15
C GLU A 2403 -0.52 -86.15 -35.08
N ALA A 2404 -0.02 -85.57 -36.16
CA ALA A 2404 0.52 -84.22 -36.13
C ALA A 2404 -0.59 -83.18 -36.04
N GLU A 2405 -0.19 -81.92 -35.95
CA GLU A 2405 -1.11 -80.80 -35.73
C GLU A 2405 -1.18 -79.97 -37.00
N THR A 2406 -2.33 -80.00 -37.67
CA THR A 2406 -2.49 -79.44 -39.00
C THR A 2406 -3.29 -78.15 -39.01
N MET A 2407 -4.47 -78.15 -38.40
CA MET A 2407 -5.31 -76.96 -38.32
C MET A 2407 -5.05 -76.30 -36.97
N LYS A 2408 -4.83 -74.98 -36.98
CA LYS A 2408 -4.75 -74.18 -35.76
C LYS A 2408 -5.79 -73.06 -35.82
N LEU A 2409 -6.73 -73.07 -34.86
CA LEU A 2409 -7.87 -72.15 -34.88
C LEU A 2409 -7.57 -71.02 -33.89
N VAL A 2410 -7.42 -69.80 -34.41
CA VAL A 2410 -7.18 -68.61 -33.62
C VAL A 2410 -8.52 -67.88 -33.46
N LYS A 2411 -9.02 -67.81 -32.24
CA LYS A 2411 -10.25 -67.08 -31.94
C LYS A 2411 -9.95 -65.59 -31.85
N VAL A 2412 -10.20 -64.86 -32.93
CA VAL A 2412 -10.00 -63.42 -32.95
C VAL A 2412 -11.17 -62.74 -32.26
N HIS A 2413 -10.86 -61.91 -31.26
CA HIS A 2413 -11.86 -61.12 -30.57
C HIS A 2413 -11.54 -59.63 -30.75
N GLY A 2414 -12.29 -58.78 -30.04
CA GLY A 2414 -12.13 -57.34 -30.24
C GLY A 2414 -10.87 -56.76 -29.62
N GLY A 2415 -10.24 -57.47 -28.69
CA GLY A 2415 -9.06 -56.98 -28.01
C GLY A 2415 -7.81 -57.65 -28.53
N THR A 2416 -7.93 -58.31 -29.68
CA THR A 2416 -6.81 -59.00 -30.31
C THR A 2416 -5.88 -57.96 -30.95
N THR A 2417 -4.74 -57.72 -30.30
CA THR A 2417 -3.76 -56.77 -30.82
C THR A 2417 -3.02 -57.35 -32.04
N PRO A 2418 -2.35 -56.50 -32.84
CA PRO A 2418 -1.55 -57.04 -33.96
C PRO A 2418 -0.35 -57.89 -33.58
N SER A 2419 0.30 -57.62 -32.42
CA SER A 2419 1.50 -58.38 -32.07
C SER A 2419 1.22 -59.85 -31.76
N MET A 2420 0.07 -60.14 -31.15
CA MET A 2420 -0.34 -61.53 -30.96
C MET A 2420 -0.53 -62.24 -32.30
N ILE A 2421 -1.18 -61.56 -33.26
CA ILE A 2421 -1.47 -62.17 -34.54
C ILE A 2421 -0.16 -62.40 -35.31
N TYR A 2422 0.78 -61.47 -35.20
CA TYR A 2422 2.08 -61.62 -35.86
C TYR A 2422 2.87 -62.78 -35.25
N SER A 2423 2.84 -62.91 -33.91
CA SER A 2423 3.55 -64.00 -33.25
C SER A 2423 2.91 -65.34 -33.57
N LYS A 2424 1.57 -65.37 -33.71
CA LYS A 2424 0.89 -66.61 -34.03
C LYS A 2424 1.12 -67.04 -35.47
N VAL A 2425 1.21 -66.06 -36.39
CA VAL A 2425 1.56 -66.41 -37.77
C VAL A 2425 3.00 -66.90 -37.86
N LYS A 2426 3.91 -66.33 -37.05
CA LYS A 2426 5.30 -66.81 -37.12
C LYS A 2426 5.44 -68.20 -36.51
N GLU A 2427 4.73 -68.49 -35.41
CA GLU A 2427 4.82 -69.83 -34.86
C GLU A 2427 4.07 -70.84 -35.71
N ALA A 2428 2.99 -70.43 -36.39
CA ALA A 2428 2.35 -71.31 -37.36
C ALA A 2428 3.24 -71.56 -38.57
N GLU A 2429 4.09 -70.60 -38.92
CA GLU A 2429 5.02 -70.77 -40.02
C GLU A 2429 6.15 -71.72 -39.64
N ARG A 2430 6.63 -71.63 -38.39
CA ARG A 2430 7.63 -72.55 -37.88
C ARG A 2430 7.09 -73.98 -37.81
N THR A 2431 5.90 -74.16 -37.24
CA THR A 2431 5.34 -75.50 -37.20
C THR A 2431 4.90 -75.99 -38.58
N ALA A 2432 4.68 -75.09 -39.54
CA ALA A 2432 4.40 -75.52 -40.90
C ALA A 2432 5.65 -76.10 -41.55
N PHE A 2433 6.80 -75.44 -41.38
CA PHE A 2433 8.07 -76.03 -41.81
C PHE A 2433 8.33 -77.36 -41.12
N SER A 2434 8.02 -77.46 -39.82
CA SER A 2434 8.30 -78.71 -39.11
C SER A 2434 7.40 -79.84 -39.59
N ASN A 2435 6.12 -79.56 -39.83
CA ASN A 2435 5.19 -80.58 -40.32
C ASN A 2435 5.49 -81.00 -41.75
N LYS A 2436 5.96 -80.08 -42.59
CA LYS A 2436 6.34 -80.48 -43.94
C LYS A 2436 7.64 -81.28 -43.91
N ALA A 2437 8.55 -80.97 -42.99
CA ALA A 2437 9.80 -81.71 -42.91
C ALA A 2437 9.57 -83.12 -42.37
N GLN A 2438 8.66 -83.28 -41.41
CA GLN A 2438 8.51 -84.62 -40.82
C GLN A 2438 7.51 -85.48 -41.59
N HIS A 2439 6.40 -84.92 -42.09
CA HIS A 2439 5.31 -85.74 -42.61
C HIS A 2439 4.85 -85.37 -44.01
N LYS A 2440 5.50 -84.41 -44.68
CA LYS A 2440 5.13 -83.90 -46.00
C LYS A 2440 3.67 -83.42 -46.03
N LEU A 2441 3.38 -82.47 -45.15
CA LEU A 2441 2.01 -82.10 -44.83
C LEU A 2441 1.97 -80.62 -44.49
N ASP A 2442 0.92 -79.95 -44.93
CA ASP A 2442 0.79 -78.50 -44.85
C ASP A 2442 -0.24 -78.10 -43.78
N THR A 2443 -0.04 -76.89 -43.25
CA THR A 2443 -0.66 -76.44 -42.01
C THR A 2443 -1.64 -75.33 -42.35
N ILE A 2444 -2.87 -75.44 -41.84
CA ILE A 2444 -3.87 -74.39 -42.03
C ILE A 2444 -3.97 -73.55 -40.76
N LEU A 2445 -4.00 -72.23 -40.93
CA LEU A 2445 -4.16 -71.26 -39.85
C LEU A 2445 -5.50 -70.57 -40.01
N PHE A 2446 -6.47 -70.91 -39.17
CA PHE A 2446 -7.85 -70.46 -39.31
C PHE A 2446 -8.15 -69.35 -38.29
N PHE A 2447 -8.13 -68.11 -38.75
CA PHE A 2447 -8.63 -66.99 -37.96
C PHE A 2447 -10.15 -67.02 -37.97
N ASP A 2448 -10.75 -67.26 -36.80
CA ASP A 2448 -12.20 -67.24 -36.63
C ASP A 2448 -12.62 -65.88 -36.11
N GLU A 2449 -13.74 -65.36 -36.65
CA GLU A 2449 -14.29 -64.04 -36.32
C GLU A 2449 -13.27 -62.95 -36.61
N ALA A 2450 -12.73 -62.96 -37.82
CA ALA A 2450 -11.66 -62.03 -38.19
C ALA A 2450 -12.20 -60.71 -38.72
N ASN A 2451 -13.17 -60.16 -38.00
CA ASN A 2451 -13.84 -58.93 -38.39
C ASN A 2451 -14.15 -58.06 -37.17
N THR A 2452 -13.91 -58.56 -35.96
CA THR A 2452 -14.26 -57.85 -34.73
C THR A 2452 -13.15 -56.90 -34.29
N THR A 2453 -11.92 -57.12 -34.73
CA THR A 2453 -10.78 -56.31 -34.32
C THR A 2453 -10.51 -55.19 -35.32
N GLU A 2454 -9.79 -54.18 -34.84
CA GLU A 2454 -9.24 -53.16 -35.71
C GLU A 2454 -8.04 -53.64 -36.52
N ALA A 2455 -7.45 -54.78 -36.17
CA ALA A 2455 -6.30 -55.35 -36.86
C ALA A 2455 -6.65 -56.22 -38.06
N VAL A 2456 -7.86 -56.08 -38.64
CA VAL A 2456 -8.26 -56.89 -39.79
C VAL A 2456 -7.38 -56.60 -41.00
N SER A 2457 -6.91 -55.34 -41.13
CA SER A 2457 -5.97 -54.99 -42.19
C SER A 2457 -4.64 -55.70 -41.99
N CYS A 2458 -4.27 -55.98 -40.74
CA CYS A 2458 -3.11 -56.82 -40.45
C CYS A 2458 -3.30 -58.20 -41.06
N ILE A 2459 -4.53 -58.73 -40.97
CA ILE A 2459 -4.84 -60.02 -41.59
C ILE A 2459 -4.80 -59.87 -43.10
N LYS A 2460 -5.13 -58.67 -43.61
CA LYS A 2460 -4.95 -58.37 -45.03
C LYS A 2460 -3.47 -58.39 -45.41
N GLU A 2461 -2.58 -58.04 -44.47
CA GLU A 2461 -1.16 -58.17 -44.75
C GLU A 2461 -0.76 -59.64 -44.88
N ILE A 2462 -1.41 -60.52 -44.13
CA ILE A 2462 -0.98 -61.92 -44.05
C ILE A 2462 -1.33 -62.68 -45.33
N LEU A 2463 -2.49 -62.39 -45.91
CA LEU A 2463 -3.00 -63.18 -47.02
C LEU A 2463 -3.15 -62.45 -48.34
N CYS A 2464 -3.44 -61.14 -48.35
CA CYS A 2464 -3.61 -60.48 -49.64
C CYS A 2464 -2.28 -60.16 -50.30
N ASP A 2465 -1.21 -59.93 -49.53
CA ASP A 2465 0.09 -59.73 -50.14
C ASP A 2465 1.24 -60.43 -49.41
N ARG A 2466 0.92 -61.39 -48.52
CA ARG A 2466 1.83 -62.45 -48.08
C ARG A 2466 3.07 -61.90 -47.35
N THR A 2467 2.82 -61.20 -46.24
CA THR A 2467 3.88 -60.49 -45.53
C THR A 2467 3.54 -60.55 -44.04
N VAL A 2468 4.57 -60.66 -43.20
CA VAL A 2468 4.41 -60.65 -41.75
C VAL A 2468 5.23 -59.49 -41.19
N ASP A 2469 4.56 -58.38 -40.89
CA ASP A 2469 5.15 -57.18 -40.26
C ASP A 2469 6.35 -56.64 -41.04
N GLY A 2470 6.28 -56.70 -42.37
CA GLY A 2470 7.37 -56.29 -43.22
C GLY A 2470 8.19 -57.42 -43.79
N GLU A 2471 8.16 -58.60 -43.19
CA GLU A 2471 8.94 -59.74 -43.67
C GLU A 2471 8.06 -60.69 -44.47
N HIS A 2472 8.61 -61.22 -45.55
CA HIS A 2472 7.86 -62.05 -46.48
C HIS A 2472 7.62 -63.44 -45.91
N LEU A 2473 6.52 -64.06 -46.34
CA LEU A 2473 6.29 -65.48 -46.13
C LEU A 2473 6.94 -66.30 -47.23
N HIS A 2474 7.52 -67.44 -46.84
CA HIS A 2474 8.18 -68.31 -47.79
C HIS A 2474 7.14 -69.04 -48.63
N GLU A 2475 7.32 -69.00 -49.96
CA GLU A 2475 6.28 -69.51 -50.85
C GLU A 2475 6.25 -71.04 -50.85
N ASP A 2476 7.40 -71.69 -50.66
CA ASP A 2476 7.48 -73.13 -50.62
C ASP A 2476 7.55 -73.67 -49.20
N SER A 2477 6.88 -73.00 -48.26
CA SER A 2477 6.83 -73.42 -46.87
C SER A 2477 5.70 -74.41 -46.64
N GLY A 2478 4.51 -74.08 -47.13
CA GLY A 2478 3.32 -74.89 -46.98
C GLY A 2478 2.50 -74.40 -45.82
N LEU A 2479 1.57 -73.48 -46.07
CA LEU A 2479 0.87 -72.76 -45.03
C LEU A 2479 -0.28 -72.00 -45.65
N HIS A 2480 -1.49 -72.13 -45.11
CA HIS A 2480 -2.67 -71.53 -45.71
C HIS A 2480 -3.48 -70.83 -44.64
N ILE A 2481 -3.82 -69.56 -44.88
CA ILE A 2481 -4.59 -68.75 -43.94
C ILE A 2481 -6.03 -68.64 -44.42
N ILE A 2482 -6.97 -69.12 -43.62
CA ILE A 2482 -8.39 -68.95 -43.86
C ILE A 2482 -8.95 -67.99 -42.82
N ALA A 2483 -9.66 -66.96 -43.27
CA ALA A 2483 -10.26 -65.98 -42.38
C ALA A 2483 -11.77 -66.03 -42.49
N ALA A 2484 -12.45 -65.93 -41.35
CA ALA A 2484 -13.91 -65.89 -41.31
C ALA A 2484 -14.39 -64.57 -40.75
N CYS A 2485 -15.49 -64.06 -41.31
CA CYS A 2485 -16.02 -62.75 -40.96
C CYS A 2485 -17.49 -62.84 -40.62
N ASN A 2486 -17.92 -61.98 -39.68
CA ASN A 2486 -19.31 -61.84 -39.27
C ASN A 2486 -20.03 -60.82 -40.15
N PRO A 2487 -21.30 -61.05 -40.50
CA PRO A 2487 -21.99 -60.16 -41.44
C PRO A 2487 -22.37 -58.82 -40.84
N TYR A 2488 -22.76 -57.91 -41.74
CA TYR A 2488 -23.04 -56.52 -41.40
C TYR A 2488 -24.54 -56.37 -41.61
N ARG A 2489 -25.27 -56.13 -40.52
CA ARG A 2489 -26.68 -55.78 -40.61
C ARG A 2489 -27.07 -54.92 -39.42
N LYS A 2490 -28.02 -54.02 -39.63
CA LYS A 2490 -28.47 -53.17 -38.54
C LYS A 2490 -29.64 -53.86 -37.86
N HIS A 2491 -29.74 -53.68 -36.54
CA HIS A 2491 -30.91 -54.14 -35.80
C HIS A 2491 -32.18 -53.48 -36.31
N SER A 2492 -33.28 -54.24 -36.30
CA SER A 2492 -34.57 -53.64 -36.59
C SER A 2492 -34.98 -52.70 -35.46
N GLN A 2493 -35.76 -51.68 -35.82
CA GLN A 2493 -35.83 -50.44 -35.04
C GLN A 2493 -36.52 -50.64 -33.69
N GLU A 2494 -37.42 -51.62 -33.58
CA GLU A 2494 -38.13 -51.87 -32.32
C GLU A 2494 -37.20 -52.37 -31.21
N MET A 2495 -36.16 -53.15 -31.54
CA MET A 2495 -35.26 -53.56 -30.46
C MET A 2495 -34.33 -52.42 -30.07
N ILE A 2496 -34.00 -51.53 -31.01
CA ILE A 2496 -33.24 -50.34 -30.65
C ILE A 2496 -34.09 -49.42 -29.78
N LEU A 2497 -35.43 -49.46 -29.96
CA LEU A 2497 -36.30 -48.72 -29.05
C LEU A 2497 -36.28 -49.37 -27.66
N ARG A 2498 -36.38 -50.70 -27.58
CA ARG A 2498 -36.42 -51.33 -26.26
C ARG A 2498 -35.04 -51.33 -25.60
N LEU A 2499 -33.97 -51.11 -26.36
CA LEU A 2499 -32.61 -51.05 -25.81
C LEU A 2499 -32.26 -49.64 -25.35
N GLU A 2500 -32.74 -48.60 -26.05
CA GLU A 2500 -32.46 -47.25 -25.57
C GLU A 2500 -33.26 -46.93 -24.31
N SER A 2501 -34.32 -47.69 -24.03
CA SER A 2501 -35.21 -47.43 -22.91
C SER A 2501 -35.06 -48.46 -21.79
N ALA A 2502 -34.13 -49.40 -21.92
CA ALA A 2502 -33.94 -50.45 -20.92
C ALA A 2502 -33.29 -49.83 -19.68
N GLY A 2503 -34.10 -49.64 -18.63
CA GLY A 2503 -33.64 -48.96 -17.45
C GLY A 2503 -33.39 -47.49 -17.76
N LEU A 2504 -32.40 -46.91 -17.08
CA LEU A 2504 -31.76 -45.72 -17.61
C LEU A 2504 -31.07 -46.06 -18.92
N GLY A 2505 -31.02 -45.09 -19.85
CA GLY A 2505 -30.47 -45.38 -21.16
C GLY A 2505 -28.97 -45.51 -21.23
N TYR A 2506 -28.39 -45.30 -22.40
CA TYR A 2506 -26.95 -45.39 -22.55
C TYR A 2506 -26.28 -44.15 -21.96
N ARG A 2507 -25.04 -44.34 -21.50
CA ARG A 2507 -24.30 -43.24 -20.87
C ARG A 2507 -23.98 -42.16 -21.89
N VAL A 2508 -23.70 -42.56 -23.13
CA VAL A 2508 -23.53 -41.62 -24.23
C VAL A 2508 -24.76 -41.68 -25.11
N SER A 2509 -24.84 -40.76 -26.07
CA SER A 2509 -25.96 -40.75 -27.00
C SER A 2509 -25.60 -41.58 -28.24
N ALA A 2510 -26.43 -41.49 -29.28
CA ALA A 2510 -26.16 -42.16 -30.54
C ALA A 2510 -25.44 -41.28 -31.56
N GLU A 2511 -25.43 -39.96 -31.36
CA GLU A 2511 -24.74 -39.06 -32.27
C GLU A 2511 -23.43 -38.49 -31.71
N GLU A 2512 -23.24 -38.52 -30.40
CA GLU A 2512 -21.96 -38.15 -29.80
C GLU A 2512 -21.20 -39.35 -29.26
N THR A 2513 -21.50 -40.54 -29.77
CA THR A 2513 -20.65 -41.70 -29.49
C THR A 2513 -19.46 -41.73 -30.45
N ALA A 2514 -18.40 -42.42 -30.02
CA ALA A 2514 -17.16 -42.50 -30.78
C ALA A 2514 -16.97 -43.79 -31.56
N ASP A 2515 -17.65 -44.87 -31.18
CA ASP A 2515 -17.45 -46.17 -31.82
C ASP A 2515 -18.40 -46.30 -33.00
N ARG A 2516 -17.91 -45.97 -34.19
CA ARG A 2516 -18.70 -45.99 -35.41
C ARG A 2516 -18.15 -47.02 -36.38
N LEU A 2517 -18.93 -47.25 -37.44
CA LEU A 2517 -18.43 -47.82 -38.68
C LEU A 2517 -18.53 -46.80 -39.82
N GLY A 2518 -19.73 -46.30 -40.08
CA GLY A 2518 -19.93 -45.14 -40.92
C GLY A 2518 -20.57 -44.03 -40.13
N SER A 2519 -21.85 -43.76 -40.35
CA SER A 2519 -22.65 -42.98 -39.42
C SER A 2519 -23.43 -43.87 -38.47
N ILE A 2520 -23.12 -45.16 -38.42
CA ILE A 2520 -23.83 -46.12 -37.57
C ILE A 2520 -22.93 -46.43 -36.38
N PRO A 2521 -23.44 -46.41 -35.16
CA PRO A 2521 -22.67 -46.94 -34.03
C PRO A 2521 -22.55 -48.46 -34.12
N LEU A 2522 -21.45 -48.98 -33.57
CA LEU A 2522 -21.31 -50.42 -33.40
C LEU A 2522 -22.26 -50.95 -32.34
N ARG A 2523 -22.75 -50.07 -31.46
CA ARG A 2523 -23.79 -50.39 -30.50
C ARG A 2523 -25.09 -50.84 -31.17
N GLN A 2524 -25.38 -50.35 -32.37
CA GLN A 2524 -26.62 -50.65 -33.06
C GLN A 2524 -26.48 -51.74 -34.12
N LEU A 2525 -25.32 -52.40 -34.20
CA LEU A 2525 -25.14 -53.49 -35.14
C LEU A 2525 -25.34 -54.83 -34.44
N VAL A 2526 -25.71 -55.84 -35.23
CA VAL A 2526 -25.93 -57.18 -34.67
C VAL A 2526 -24.61 -57.83 -34.30
N TYR A 2527 -23.64 -57.78 -35.20
CA TYR A 2527 -22.27 -58.20 -34.93
C TYR A 2527 -21.40 -56.96 -34.83
N ARG A 2528 -20.54 -56.91 -33.80
CA ARG A 2528 -19.67 -55.75 -33.63
C ARG A 2528 -18.49 -55.93 -34.57
N VAL A 2529 -18.67 -55.45 -35.79
CA VAL A 2529 -17.69 -55.62 -36.86
C VAL A 2529 -17.12 -54.25 -37.24
N HIS A 2530 -15.81 -54.21 -37.46
CA HIS A 2530 -15.19 -53.07 -38.10
C HIS A 2530 -15.23 -53.24 -39.61
N ALA A 2531 -14.90 -52.16 -40.32
CA ALA A 2531 -14.95 -52.20 -41.78
C ALA A 2531 -13.82 -53.06 -42.32
N LEU A 2532 -14.16 -53.97 -43.23
CA LEU A 2532 -13.15 -54.66 -44.01
C LEU A 2532 -12.35 -53.66 -44.84
N PRO A 2533 -11.03 -53.80 -44.92
CA PRO A 2533 -10.27 -53.04 -45.91
C PRO A 2533 -10.60 -53.49 -47.32
N PRO A 2534 -10.54 -52.59 -48.30
CA PRO A 2534 -10.65 -52.99 -49.70
C PRO A 2534 -9.46 -53.84 -50.14
N SER A 2535 -9.64 -54.50 -51.29
CA SER A 2535 -8.90 -55.64 -51.85
C SER A 2535 -9.08 -56.93 -51.06
N LEU A 2536 -9.94 -56.95 -50.04
CA LEU A 2536 -10.52 -58.18 -49.55
C LEU A 2536 -12.02 -58.27 -49.81
N ILE A 2537 -12.66 -57.16 -50.13
CA ILE A 2537 -14.07 -57.20 -50.54
C ILE A 2537 -14.31 -57.99 -51.83
N PRO A 2538 -13.49 -57.89 -52.90
CA PRO A 2538 -13.68 -58.82 -54.01
C PRO A 2538 -13.08 -60.21 -53.81
N LEU A 2539 -12.64 -60.58 -52.61
CA LEU A 2539 -12.15 -61.93 -52.36
C LEU A 2539 -13.02 -62.70 -51.38
N VAL A 2540 -13.79 -62.03 -50.54
CA VAL A 2540 -14.72 -62.68 -49.63
C VAL A 2540 -15.86 -63.34 -50.41
N TRP A 2541 -16.29 -64.50 -49.94
CA TRP A 2541 -17.47 -65.16 -50.51
C TRP A 2541 -18.21 -65.92 -49.42
N ASP A 2542 -19.48 -66.21 -49.70
CA ASP A 2542 -20.45 -66.66 -48.70
C ASP A 2542 -20.64 -68.17 -48.75
N PHE A 2543 -20.79 -68.76 -47.57
CA PHE A 2543 -21.33 -70.11 -47.39
C PHE A 2543 -22.86 -70.09 -47.48
N GLY A 2544 -23.47 -71.19 -47.05
CA GLY A 2544 -24.89 -71.22 -46.80
C GLY A 2544 -25.27 -70.46 -45.54
N GLN A 2545 -26.57 -70.45 -45.26
CA GLN A 2545 -27.10 -69.73 -44.11
C GLN A 2545 -27.91 -70.62 -43.16
N LEU A 2546 -27.81 -71.95 -43.30
CA LEU A 2546 -28.58 -72.94 -42.55
C LEU A 2546 -30.09 -72.73 -42.73
N ASN A 2547 -30.62 -73.13 -43.87
CA ASN A 2547 -31.94 -72.78 -44.43
C ASN A 2547 -33.16 -73.34 -43.61
N ASP A 2548 -32.94 -73.83 -42.39
CA ASP A 2548 -33.89 -74.26 -41.36
C ASP A 2548 -34.41 -75.67 -41.61
N SER A 2549 -34.00 -76.33 -42.71
CA SER A 2549 -34.38 -77.72 -42.90
C SER A 2549 -33.40 -78.66 -42.23
N ALA A 2550 -32.09 -78.44 -42.44
CA ALA A 2550 -31.07 -79.28 -41.83
C ALA A 2550 -30.71 -78.87 -40.41
N GLU A 2551 -31.21 -77.72 -39.94
CA GLU A 2551 -30.91 -77.26 -38.57
C GLU A 2551 -31.44 -78.23 -37.52
N LYS A 2552 -32.58 -78.88 -37.80
CA LYS A 2552 -33.09 -79.93 -36.91
C LYS A 2552 -32.12 -81.08 -36.80
N LEU A 2553 -31.47 -81.45 -37.92
CA LEU A 2553 -30.50 -82.55 -37.88
C LEU A 2553 -29.29 -82.20 -37.01
N TYR A 2554 -28.77 -80.98 -37.14
CA TYR A 2554 -27.60 -80.57 -36.35
C TYR A 2554 -27.94 -80.47 -34.87
N ILE A 2555 -29.13 -79.96 -34.54
CA ILE A 2555 -29.45 -79.88 -33.11
C ILE A 2555 -29.77 -81.27 -32.57
N GLN A 2556 -30.23 -82.21 -33.42
CA GLN A 2556 -30.38 -83.58 -32.98
C GLN A 2556 -29.04 -84.25 -32.70
N GLN A 2557 -28.02 -84.03 -33.56
CA GLN A 2557 -26.72 -84.62 -33.27
C GLN A 2557 -26.09 -84.00 -32.04
N ILE A 2558 -26.28 -82.68 -31.83
CA ILE A 2558 -25.73 -82.04 -30.65
C ILE A 2558 -26.42 -82.54 -29.38
N VAL A 2559 -27.75 -82.73 -29.43
CA VAL A 2559 -28.44 -83.16 -28.22
C VAL A 2559 -28.17 -84.63 -27.92
N GLN A 2560 -28.08 -85.48 -28.95
CA GLN A 2560 -27.75 -86.88 -28.69
C GLN A 2560 -26.29 -87.06 -28.27
N ARG A 2561 -25.40 -86.16 -28.69
CA ARG A 2561 -24.05 -86.21 -28.16
C ARG A 2561 -23.92 -85.56 -26.79
N LEU A 2562 -24.91 -84.79 -26.32
CA LEU A 2562 -24.79 -84.21 -24.99
C LEU A 2562 -25.92 -84.55 -24.02
N VAL A 2563 -26.88 -85.39 -24.40
CA VAL A 2563 -27.79 -85.95 -23.40
C VAL A 2563 -27.05 -86.96 -22.52
N ASP A 2564 -26.16 -87.75 -23.14
CA ASP A 2564 -25.54 -88.95 -22.57
C ASP A 2564 -26.63 -89.93 -22.13
N SER A 2565 -27.29 -90.49 -23.14
CA SER A 2565 -28.52 -91.27 -23.00
C SER A 2565 -28.26 -92.74 -22.71
N VAL A 2566 -27.16 -93.06 -22.01
CA VAL A 2566 -26.97 -94.42 -21.49
C VAL A 2566 -28.09 -94.81 -20.53
N SER A 2567 -28.58 -93.84 -19.74
CA SER A 2567 -29.89 -93.98 -19.10
C SER A 2567 -30.48 -92.58 -18.92
N VAL A 2568 -31.19 -92.11 -19.95
CA VAL A 2568 -32.13 -91.00 -19.79
C VAL A 2568 -33.48 -91.47 -20.29
N ASN A 2569 -33.59 -91.67 -21.62
CA ASN A 2569 -34.81 -91.95 -22.37
C ASN A 2569 -34.49 -92.35 -23.81
N PRO A 2570 -35.33 -93.15 -24.47
CA PRO A 2570 -35.29 -93.24 -25.93
C PRO A 2570 -36.05 -92.18 -26.75
N SER A 2571 -37.20 -91.70 -26.30
CA SER A 2571 -38.12 -90.88 -27.08
C SER A 2571 -38.17 -89.44 -26.62
N GLU A 2572 -37.91 -89.18 -25.34
CA GLU A 2572 -37.93 -87.82 -24.82
C GLU A 2572 -36.73 -87.00 -25.28
N THR A 2573 -35.68 -87.65 -25.81
CA THR A 2573 -34.63 -86.92 -26.51
C THR A 2573 -35.17 -86.26 -27.77
N CYS A 2574 -36.06 -86.94 -28.49
CA CYS A 2574 -36.75 -86.32 -29.62
C CYS A 2574 -37.67 -85.21 -29.17
N VAL A 2575 -38.24 -85.33 -27.96
CA VAL A 2575 -39.07 -84.25 -27.41
C VAL A 2575 -38.21 -83.02 -27.12
N ILE A 2576 -37.01 -83.23 -26.57
CA ILE A 2576 -36.06 -82.13 -26.37
C ILE A 2576 -35.68 -81.51 -27.70
N ALA A 2577 -35.43 -82.35 -28.70
CA ALA A 2577 -34.97 -81.89 -30.01
C ALA A 2577 -36.04 -81.03 -30.70
N ASP A 2578 -37.29 -81.49 -30.72
CA ASP A 2578 -38.27 -80.68 -31.43
C ASP A 2578 -38.80 -79.51 -30.59
N VAL A 2579 -38.68 -79.55 -29.26
CA VAL A 2579 -39.05 -78.33 -28.54
C VAL A 2579 -37.95 -77.28 -28.70
N LEU A 2580 -36.68 -77.69 -28.86
CA LEU A 2580 -35.63 -76.73 -29.13
C LEU A 2580 -35.73 -76.21 -30.56
N SER A 2581 -36.15 -77.05 -31.50
CA SER A 2581 -36.39 -76.57 -32.87
C SER A 2581 -37.54 -75.58 -32.89
N ALA A 2582 -38.60 -75.85 -32.13
CA ALA A 2582 -39.75 -74.94 -32.08
C ALA A 2582 -39.37 -73.62 -31.41
N SER A 2583 -38.50 -73.66 -30.40
CA SER A 2583 -38.09 -72.42 -29.75
C SER A 2583 -37.16 -71.62 -30.65
N GLN A 2584 -36.29 -72.30 -31.40
CA GLN A 2584 -35.44 -71.61 -32.37
C GLN A 2584 -36.27 -71.00 -33.49
N MET A 2585 -37.30 -71.71 -33.98
CA MET A 2585 -38.19 -71.15 -34.98
C MET A 2585 -39.02 -69.99 -34.43
N PHE A 2586 -39.34 -70.02 -33.14
CA PHE A 2586 -40.00 -68.88 -32.52
C PHE A 2586 -39.06 -67.69 -32.48
N MET A 2587 -37.77 -67.94 -32.26
CA MET A 2587 -36.79 -66.87 -32.35
C MET A 2587 -36.66 -66.36 -33.78
N ARG A 2588 -36.83 -67.25 -34.77
CA ARG A 2588 -36.77 -66.82 -36.16
C ARG A 2588 -38.05 -66.12 -36.60
N LYS A 2589 -39.20 -66.51 -36.06
CA LYS A 2589 -40.48 -65.89 -36.44
C LYS A 2589 -40.71 -64.62 -35.63
N ARG A 2590 -39.82 -63.66 -35.87
CA ARG A 2590 -39.77 -62.32 -35.32
C ARG A 2590 -38.62 -61.64 -36.06
N GLU A 2591 -38.70 -60.33 -36.21
CA GLU A 2591 -37.73 -59.61 -37.05
C GLU A 2591 -36.32 -59.56 -36.46
N ASN A 2592 -36.09 -60.10 -35.28
CA ASN A 2592 -34.82 -59.99 -34.57
C ASN A 2592 -34.59 -61.26 -33.76
N GLU A 2593 -33.35 -61.48 -33.36
CA GLU A 2593 -33.02 -62.27 -32.19
C GLU A 2593 -32.15 -61.40 -31.29
N CYS A 2594 -31.57 -62.01 -30.25
CA CYS A 2594 -30.68 -61.25 -29.37
C CYS A 2594 -29.38 -60.91 -30.07
N GLY A 2595 -28.60 -61.94 -30.42
CA GLY A 2595 -27.37 -61.76 -31.16
C GLY A 2595 -27.14 -62.85 -32.19
N PHE A 2596 -28.23 -63.49 -32.64
CA PHE A 2596 -28.22 -64.64 -33.57
C PHE A 2596 -27.37 -65.77 -32.98
N VAL A 2597 -27.91 -66.32 -31.88
CA VAL A 2597 -27.19 -67.23 -31.00
C VAL A 2597 -27.42 -68.68 -31.37
N SER A 2598 -27.82 -68.94 -32.62
CA SER A 2598 -28.17 -70.28 -33.05
C SER A 2598 -26.97 -71.23 -32.97
N LEU A 2599 -27.25 -72.46 -32.51
CA LEU A 2599 -26.31 -73.57 -32.31
C LEU A 2599 -25.22 -73.27 -31.27
N ARG A 2600 -25.35 -72.21 -30.47
CA ARG A 2600 -24.50 -72.08 -29.30
C ARG A 2600 -25.34 -71.91 -28.05
N ASP A 2601 -26.48 -71.22 -28.19
CA ASP A 2601 -27.50 -71.22 -27.15
C ASP A 2601 -28.10 -72.60 -26.95
N VAL A 2602 -28.14 -73.42 -28.00
CA VAL A 2602 -28.73 -74.76 -27.88
C VAL A 2602 -27.85 -75.68 -27.05
N GLU A 2603 -26.53 -75.70 -27.28
CA GLU A 2603 -25.68 -76.56 -26.47
C GLU A 2603 -25.48 -76.02 -25.05
N ARG A 2604 -25.54 -74.71 -24.85
CA ARG A 2604 -25.57 -74.14 -23.51
C ARG A 2604 -26.86 -74.52 -22.79
N CYS A 2605 -27.96 -74.58 -23.53
CA CYS A 2605 -29.22 -74.86 -22.89
C CYS A 2605 -29.34 -76.35 -22.57
N VAL A 2606 -28.72 -77.20 -23.41
CA VAL A 2606 -28.59 -78.63 -23.11
C VAL A 2606 -27.68 -78.84 -21.89
N LYS A 2607 -26.66 -77.99 -21.72
CA LYS A 2607 -25.83 -78.03 -20.52
C LYS A 2607 -26.67 -77.70 -19.28
N VAL A 2608 -27.57 -76.73 -19.40
CA VAL A 2608 -28.48 -76.39 -18.32
C VAL A 2608 -29.41 -77.57 -18.01
N PHE A 2609 -29.94 -78.19 -19.07
CA PHE A 2609 -30.78 -79.38 -18.92
C PHE A 2609 -30.03 -80.52 -18.21
N ARG A 2610 -28.73 -80.67 -18.51
CA ARG A 2610 -27.93 -81.70 -17.86
C ARG A 2610 -27.72 -81.38 -16.39
N TRP A 2611 -27.57 -80.10 -16.06
CA TRP A 2611 -27.46 -79.69 -14.67
C TRP A 2611 -28.74 -80.00 -13.90
N PHE A 2612 -29.89 -79.68 -14.51
CA PHE A 2612 -31.17 -79.95 -13.84
C PHE A 2612 -31.42 -81.45 -13.71
N HIS A 2613 -31.16 -82.23 -14.76
CA HIS A 2613 -31.46 -83.65 -14.73
C HIS A 2613 -30.49 -84.43 -13.84
N ASP A 2614 -29.25 -83.94 -13.68
CA ASP A 2614 -28.38 -84.52 -12.68
C ASP A 2614 -28.84 -84.20 -11.26
N HIS A 2615 -29.45 -83.03 -11.07
CA HIS A 2615 -29.93 -82.60 -9.77
C HIS A 2615 -31.43 -82.81 -9.58
N SER A 2616 -32.09 -83.56 -10.47
CA SER A 2616 -33.54 -83.76 -10.35
C SER A 2616 -33.86 -84.95 -9.44
N ASP A 2617 -33.24 -84.99 -8.28
CA ASP A 2617 -33.57 -85.90 -7.19
C ASP A 2617 -33.82 -85.19 -5.87
N MET A 2618 -33.04 -84.15 -5.53
CA MET A 2618 -33.34 -83.38 -4.33
C MET A 2618 -34.21 -82.18 -4.65
N LEU A 2619 -34.13 -81.65 -5.87
CA LEU A 2619 -34.99 -80.55 -6.29
C LEU A 2619 -36.45 -80.98 -6.30
N LEU A 2620 -36.73 -82.21 -6.73
CA LEU A 2620 -38.12 -82.65 -6.76
C LEU A 2620 -38.64 -83.01 -5.38
N LYS A 2621 -37.77 -83.50 -4.49
CA LYS A 2621 -38.18 -83.71 -3.10
C LYS A 2621 -38.47 -82.39 -2.40
N GLU A 2622 -37.62 -81.38 -2.59
CA GLU A 2622 -37.88 -80.08 -1.99
C GLU A 2622 -39.09 -79.38 -2.61
N LEU A 2623 -39.33 -79.60 -3.90
CA LEU A 2623 -40.52 -79.05 -4.54
C LEU A 2623 -41.79 -79.75 -4.05
N ASP A 2624 -41.69 -81.06 -3.79
CA ASP A 2624 -42.81 -81.80 -3.21
C ASP A 2624 -43.12 -81.30 -1.80
N LYS A 2625 -42.07 -81.10 -0.98
CA LYS A 2625 -42.24 -80.59 0.38
C LYS A 2625 -42.86 -79.19 0.37
N PHE A 2626 -42.34 -78.31 -0.50
CA PHE A 2626 -42.82 -76.93 -0.58
C PHE A 2626 -44.25 -76.85 -1.08
N LEU A 2627 -44.58 -77.60 -2.12
CA LEU A 2627 -45.94 -77.56 -2.64
C LEU A 2627 -46.91 -78.28 -1.73
N HIS A 2628 -46.44 -79.18 -0.85
CA HIS A 2628 -47.37 -79.77 0.09
C HIS A 2628 -47.62 -78.80 1.25
N GLU A 2629 -46.56 -78.12 1.72
CA GLU A 2629 -46.75 -77.23 2.86
C GLU A 2629 -47.37 -75.90 2.47
N SER A 2630 -47.52 -75.62 1.16
CA SER A 2630 -47.93 -74.27 0.76
C SER A 2630 -48.95 -74.23 -0.38
N SER A 2631 -49.59 -75.34 -0.72
CA SER A 2631 -50.52 -75.35 -1.83
C SER A 2631 -51.53 -76.48 -1.62
N ASP A 2632 -52.40 -76.64 -2.61
CA ASP A 2632 -53.38 -77.73 -2.61
C ASP A 2632 -52.80 -78.95 -3.32
N SER A 2633 -53.65 -79.93 -3.60
CA SER A 2633 -53.20 -81.15 -4.27
C SER A 2633 -53.14 -81.02 -5.78
N THR A 2634 -53.47 -79.84 -6.32
CA THR A 2634 -53.40 -79.65 -7.78
C THR A 2634 -51.95 -79.62 -8.25
N HIS A 2635 -51.11 -78.87 -7.55
CA HIS A 2635 -49.66 -78.89 -7.79
C HIS A 2635 -48.97 -79.90 -6.86
N THR A 2636 -49.49 -81.12 -6.77
CA THR A 2636 -48.88 -82.14 -5.93
C THR A 2636 -48.95 -83.47 -6.69
N PHE A 2637 -48.60 -83.41 -7.96
CA PHE A 2637 -48.52 -84.59 -8.82
C PHE A 2637 -47.06 -85.00 -8.97
N GLU A 2638 -46.86 -86.25 -9.38
CA GLU A 2638 -45.51 -86.74 -9.61
C GLU A 2638 -44.98 -86.16 -10.92
N ARG A 2639 -43.74 -85.71 -10.89
CA ARG A 2639 -43.15 -85.00 -12.02
C ARG A 2639 -42.08 -85.86 -12.66
N ASP A 2640 -42.06 -85.84 -13.98
CA ASP A 2640 -41.05 -86.56 -14.75
C ASP A 2640 -39.70 -85.88 -14.61
N PRO A 2641 -38.65 -86.57 -14.16
CA PRO A 2641 -37.35 -85.92 -13.94
C PRO A 2641 -36.60 -85.55 -15.22
N VAL A 2642 -37.22 -85.73 -16.38
CA VAL A 2642 -36.67 -85.34 -17.66
C VAL A 2642 -37.49 -84.24 -18.31
N LEU A 2643 -38.82 -84.27 -18.18
CA LEU A 2643 -39.65 -83.26 -18.80
C LEU A 2643 -39.70 -81.98 -17.97
N TRP A 2644 -39.64 -82.11 -16.64
CA TRP A 2644 -39.55 -80.95 -15.76
C TRP A 2644 -38.25 -80.20 -16.01
N SER A 2645 -37.15 -80.93 -16.15
CA SER A 2645 -35.86 -80.31 -16.44
C SER A 2645 -35.86 -79.62 -17.81
N LEU A 2646 -36.62 -80.16 -18.76
CA LEU A 2646 -36.74 -79.51 -20.07
C LEU A 2646 -37.56 -78.22 -19.98
N VAL A 2647 -38.62 -78.24 -19.16
CA VAL A 2647 -39.43 -77.04 -18.94
C VAL A 2647 -38.60 -75.96 -18.28
N MET A 2648 -37.78 -76.33 -17.29
CA MET A 2648 -36.97 -75.30 -16.65
C MET A 2648 -35.80 -74.86 -17.51
N ALA A 2649 -35.30 -75.76 -18.37
CA ALA A 2649 -34.29 -75.38 -19.35
C ALA A 2649 -34.81 -74.29 -20.27
N ILE A 2650 -35.98 -74.49 -20.89
CA ILE A 2650 -36.52 -73.40 -21.70
C ILE A 2650 -37.07 -72.25 -20.86
N GLY A 2651 -37.27 -72.45 -19.56
CA GLY A 2651 -37.60 -71.34 -18.69
C GLY A 2651 -36.45 -70.36 -18.49
N VAL A 2652 -35.24 -70.88 -18.38
CA VAL A 2652 -34.08 -70.02 -18.17
C VAL A 2652 -33.30 -69.70 -19.44
N CYS A 2653 -33.46 -70.47 -20.51
CA CYS A 2653 -32.75 -70.19 -21.74
C CYS A 2653 -33.42 -69.06 -22.52
N TYR A 2654 -34.72 -69.21 -22.78
CA TYR A 2654 -35.48 -68.31 -23.63
C TYR A 2654 -36.51 -67.47 -22.90
N HIS A 2655 -37.24 -68.06 -21.94
CA HIS A 2655 -38.37 -67.40 -21.30
C HIS A 2655 -37.94 -66.24 -20.41
N ALA A 2656 -36.73 -66.27 -19.87
CA ALA A 2656 -36.29 -65.23 -18.95
C ALA A 2656 -35.94 -63.93 -19.66
N SER A 2657 -35.34 -64.02 -20.85
CA SER A 2657 -34.86 -62.82 -21.52
C SER A 2657 -35.97 -62.10 -22.28
N LEU A 2658 -36.97 -62.83 -22.74
CA LEU A 2658 -38.02 -62.28 -23.58
C LEU A 2658 -38.95 -61.37 -22.79
N GLU A 2659 -39.59 -60.44 -23.52
CA GLU A 2659 -40.56 -59.52 -22.97
C GLU A 2659 -41.99 -59.90 -23.38
N GLU A 2660 -42.13 -60.69 -24.43
CA GLU A 2660 -43.40 -61.17 -24.97
C GLU A 2660 -43.73 -62.58 -24.45
N LYS A 2661 -43.47 -62.79 -23.15
CA LYS A 2661 -43.32 -64.11 -22.54
C LYS A 2661 -44.55 -64.99 -22.74
N ALA A 2662 -45.75 -64.41 -22.67
CA ALA A 2662 -46.98 -65.19 -22.80
C ALA A 2662 -47.14 -65.76 -24.20
N SER A 2663 -46.72 -65.01 -25.22
CA SER A 2663 -46.72 -65.54 -26.59
C SER A 2663 -45.73 -66.68 -26.74
N TYR A 2664 -44.58 -66.58 -26.07
CA TYR A 2664 -43.60 -67.66 -26.09
C TYR A 2664 -44.15 -68.91 -25.42
N ARG A 2665 -44.83 -68.74 -24.28
CA ARG A 2665 -45.38 -69.88 -23.57
C ARG A 2665 -46.50 -70.54 -24.35
N THR A 2666 -47.38 -69.75 -24.98
CA THR A 2666 -48.46 -70.36 -25.74
C THR A 2666 -48.01 -70.86 -27.11
N ALA A 2667 -46.83 -70.47 -27.58
CA ALA A 2667 -46.28 -71.05 -28.80
C ALA A 2667 -45.37 -72.23 -28.55
N ILE A 2668 -44.87 -72.39 -27.33
CA ILE A 2668 -44.03 -73.54 -27.00
C ILE A 2668 -44.81 -74.67 -26.33
N ALA A 2669 -46.03 -74.40 -25.85
CA ALA A 2669 -46.86 -75.43 -25.22
C ALA A 2669 -47.54 -76.36 -26.21
N ARG A 2670 -47.46 -76.07 -27.51
CA ARG A 2670 -47.98 -76.97 -28.54
C ARG A 2670 -47.06 -78.15 -28.83
N CYS A 2671 -45.90 -78.23 -28.18
CA CYS A 2671 -44.96 -79.32 -28.37
C CYS A 2671 -44.85 -80.23 -27.15
N PHE A 2672 -45.11 -79.72 -25.95
CA PHE A 2672 -44.96 -80.50 -24.74
C PHE A 2672 -46.08 -81.54 -24.58
N PRO A 2673 -45.78 -82.66 -23.91
CA PRO A 2673 -46.82 -83.64 -23.60
C PRO A 2673 -47.81 -83.21 -22.51
N LYS A 2674 -48.61 -84.18 -22.06
CA LYS A 2674 -49.78 -83.99 -21.18
C LYS A 2674 -49.64 -83.05 -19.98
N PRO A 2675 -48.59 -83.10 -19.13
CA PRO A 2675 -48.60 -82.19 -17.96
C PRO A 2675 -48.28 -80.74 -18.30
N TYR A 2676 -47.90 -80.41 -19.53
CA TYR A 2676 -47.52 -79.05 -19.87
C TYR A 2676 -48.15 -78.63 -21.20
N ASN A 2677 -49.40 -79.05 -21.44
CA ASN A 2677 -50.06 -78.66 -22.67
C ASN A 2677 -50.47 -77.19 -22.67
N SER A 2678 -50.69 -76.61 -21.50
CA SER A 2678 -51.08 -75.21 -21.41
C SER A 2678 -49.88 -74.33 -21.10
N SER A 2679 -50.04 -73.04 -21.38
CA SER A 2679 -49.05 -72.05 -20.95
C SER A 2679 -49.14 -71.80 -19.45
N ARG A 2680 -50.34 -71.95 -18.88
CA ARG A 2680 -50.56 -71.74 -17.46
C ARG A 2680 -49.79 -72.74 -16.61
N ALA A 2681 -49.63 -73.98 -17.10
CA ALA A 2681 -48.89 -74.99 -16.34
C ALA A 2681 -47.41 -74.65 -16.26
N ILE A 2682 -46.84 -74.19 -17.37
CA ILE A 2682 -45.42 -73.81 -17.40
C ILE A 2682 -45.19 -72.57 -16.53
N LEU A 2683 -46.10 -71.60 -16.60
CA LEU A 2683 -45.99 -70.39 -15.79
C LEU A 2683 -46.12 -70.71 -14.29
N ASP A 2684 -47.05 -71.60 -13.94
CA ASP A 2684 -47.22 -72.02 -12.55
C ASP A 2684 -45.99 -72.78 -12.06
N GLU A 2685 -45.39 -73.61 -12.92
CA GLU A 2685 -44.24 -74.40 -12.50
C GLU A 2685 -43.02 -73.53 -12.26
N VAL A 2686 -42.76 -72.57 -13.16
CA VAL A 2686 -41.62 -71.69 -12.95
C VAL A 2686 -41.89 -70.75 -11.78
N THR A 2687 -43.16 -70.40 -11.53
CA THR A 2687 -43.50 -69.56 -10.38
C THR A 2687 -43.25 -70.28 -9.06
N HIS A 2688 -43.66 -71.56 -8.98
CA HIS A 2688 -43.45 -72.31 -7.74
C HIS A 2688 -41.98 -72.60 -7.48
N VAL A 2689 -41.18 -72.83 -8.54
CA VAL A 2689 -39.78 -73.10 -8.25
C VAL A 2689 -39.01 -71.82 -7.94
N GLN A 2690 -39.39 -70.68 -8.53
CA GLN A 2690 -38.84 -69.40 -8.10
C GLN A 2690 -39.22 -69.09 -6.65
N ASP A 2691 -40.45 -69.42 -6.24
CA ASP A 2691 -40.82 -69.27 -4.84
C ASP A 2691 -40.01 -70.21 -3.94
N LEU A 2692 -39.70 -71.41 -4.44
CA LEU A 2692 -38.89 -72.36 -3.68
C LEU A 2692 -37.47 -71.85 -3.48
N PHE A 2693 -36.89 -71.22 -4.51
CA PHE A 2693 -35.54 -70.70 -4.32
C PHE A 2693 -35.53 -69.42 -3.52
N LEU A 2694 -36.62 -68.63 -3.55
CA LEU A 2694 -36.62 -67.44 -2.71
C LEU A 2694 -36.85 -67.81 -1.25
N ARG A 2695 -37.62 -68.87 -0.99
CA ARG A 2695 -37.81 -69.32 0.39
C ARG A 2695 -36.60 -70.07 0.92
N GLY A 2696 -35.80 -70.69 0.03
CA GLY A 2696 -34.58 -71.33 0.49
C GLY A 2696 -33.53 -70.34 0.96
N ALA A 2697 -33.65 -69.08 0.56
CA ALA A 2697 -32.84 -68.00 1.07
C ALA A 2697 -33.23 -67.73 2.53
N PRO A 2698 -32.39 -67.05 3.31
CA PRO A 2698 -32.81 -66.62 4.64
C PRO A 2698 -33.94 -65.61 4.56
N ILE A 2699 -34.75 -65.57 5.61
CA ILE A 2699 -36.01 -64.85 5.60
C ILE A 2699 -35.73 -63.35 5.74
N ARG A 2700 -36.49 -62.56 5.00
CA ARG A 2700 -36.43 -61.11 5.03
C ARG A 2700 -37.82 -60.55 5.22
N THR A 2701 -37.93 -59.55 6.08
CA THR A 2701 -39.15 -58.79 6.27
C THR A 2701 -38.97 -57.39 5.69
N ASN A 2702 -40.10 -56.78 5.32
CA ASN A 2702 -40.16 -55.47 4.63
C ASN A 2702 -39.34 -55.49 3.34
N ILE A 2703 -39.39 -56.62 2.64
CA ILE A 2703 -38.70 -56.77 1.35
C ILE A 2703 -39.73 -56.60 0.23
N ALA A 2704 -39.24 -56.12 -0.93
CA ALA A 2704 -40.07 -55.98 -2.12
C ALA A 2704 -40.19 -57.31 -2.85
N ARG A 2705 -40.98 -58.20 -2.25
CA ARG A 2705 -41.10 -59.57 -2.75
C ARG A 2705 -42.00 -59.56 -3.98
N ASN A 2706 -41.37 -59.46 -5.15
CA ASN A 2706 -42.11 -59.35 -6.40
C ASN A 2706 -41.56 -60.35 -7.40
N LEU A 2707 -42.11 -60.32 -8.62
CA LEU A 2707 -41.69 -61.26 -9.66
C LEU A 2707 -40.27 -60.97 -10.14
N ALA A 2708 -39.85 -59.71 -10.09
CA ALA A 2708 -38.52 -59.34 -10.58
C ALA A 2708 -37.42 -59.86 -9.66
N LEU A 2709 -37.61 -59.74 -8.34
CA LEU A 2709 -36.64 -60.27 -7.39
C LEU A 2709 -36.53 -61.78 -7.49
N LYS A 2710 -37.66 -62.47 -7.65
CA LYS A 2710 -37.69 -63.92 -7.78
C LYS A 2710 -36.94 -64.36 -9.04
N GLU A 2711 -37.22 -63.67 -10.16
CA GLU A 2711 -36.57 -64.01 -11.43
C GLU A 2711 -35.07 -63.74 -11.36
N ASN A 2712 -34.65 -62.64 -10.73
CA ASN A 2712 -33.24 -62.31 -10.66
C ASN A 2712 -32.49 -63.28 -9.76
N VAL A 2713 -33.08 -63.64 -8.62
CA VAL A 2713 -32.46 -64.61 -7.71
C VAL A 2713 -32.36 -65.98 -8.36
N PHE A 2714 -33.41 -66.40 -9.08
CA PHE A 2714 -33.45 -67.71 -9.72
C PHE A 2714 -32.40 -67.81 -10.83
N MET A 2715 -32.36 -66.79 -11.71
CA MET A 2715 -31.38 -66.76 -12.78
C MET A 2715 -29.95 -66.66 -12.26
N MET A 2716 -29.75 -65.87 -11.19
CA MET A 2716 -28.40 -65.66 -10.69
C MET A 2716 -27.87 -66.91 -10.00
N VAL A 2717 -28.73 -67.62 -9.26
CA VAL A 2717 -28.34 -68.87 -8.63
C VAL A 2717 -27.96 -69.91 -9.68
N ILE A 2718 -28.76 -70.00 -10.76
CA ILE A 2718 -28.49 -71.03 -11.76
C ILE A 2718 -27.22 -70.69 -12.55
N CYS A 2719 -27.10 -69.46 -13.06
CA CYS A 2719 -25.93 -69.11 -13.84
C CYS A 2719 -24.65 -68.91 -13.02
N ILE A 2720 -24.73 -68.81 -11.69
CA ILE A 2720 -23.52 -68.93 -10.88
C ILE A 2720 -23.16 -70.40 -10.67
N GLU A 2721 -24.17 -71.28 -10.59
CA GLU A 2721 -23.87 -72.71 -10.51
C GLU A 2721 -23.24 -73.23 -11.79
N LEU A 2722 -23.73 -72.78 -12.94
CA LEU A 2722 -23.28 -73.29 -14.23
C LEU A 2722 -22.15 -72.51 -14.87
N LYS A 2723 -21.72 -71.39 -14.25
CA LYS A 2723 -20.69 -70.48 -14.79
C LYS A 2723 -21.07 -69.96 -16.18
N ILE A 2724 -22.34 -69.60 -16.33
CA ILE A 2724 -22.80 -68.81 -17.48
C ILE A 2724 -22.77 -67.35 -17.04
N PRO A 2725 -22.27 -66.43 -17.85
CA PRO A 2725 -22.39 -65.01 -17.50
C PRO A 2725 -23.83 -64.56 -17.66
N LEU A 2726 -24.24 -63.66 -16.77
CA LEU A 2726 -25.53 -62.99 -16.90
C LEU A 2726 -25.41 -61.49 -16.74
N PHE A 2727 -26.16 -60.76 -17.57
CA PHE A 2727 -26.16 -59.30 -17.53
C PHE A 2727 -27.56 -58.88 -17.12
N LEU A 2728 -27.63 -57.89 -16.22
CA LEU A 2728 -28.90 -57.47 -15.64
C LEU A 2728 -29.02 -55.95 -15.71
N VAL A 2729 -29.87 -55.44 -16.60
CA VAL A 2729 -30.15 -54.00 -16.68
C VAL A 2729 -31.55 -53.73 -16.13
N GLY A 2730 -31.65 -52.78 -15.21
CA GLY A 2730 -32.93 -52.33 -14.72
C GLY A 2730 -32.89 -50.87 -14.31
N LYS A 2731 -34.02 -50.38 -13.82
CA LYS A 2731 -34.10 -49.08 -13.16
C LYS A 2731 -33.35 -49.16 -11.83
N PRO A 2732 -32.99 -48.02 -11.22
CA PRO A 2732 -32.22 -48.08 -9.96
C PRO A 2732 -33.01 -48.46 -8.73
N GLY A 2733 -34.22 -49.01 -8.87
CA GLY A 2733 -34.92 -49.62 -7.76
C GLY A 2733 -35.52 -50.96 -8.11
N SER A 2734 -34.90 -51.67 -9.04
CA SER A 2734 -35.47 -52.87 -9.64
C SER A 2734 -35.35 -54.10 -8.75
N SER A 2735 -34.79 -53.97 -7.54
CA SER A 2735 -34.44 -55.07 -6.65
C SER A 2735 -33.55 -56.07 -7.39
N LYS A 2736 -32.46 -55.51 -7.94
CA LYS A 2736 -31.43 -56.26 -8.63
C LYS A 2736 -30.10 -56.31 -7.89
N SER A 2737 -29.89 -55.43 -6.91
CA SER A 2737 -28.75 -55.53 -6.01
C SER A 2737 -29.12 -56.17 -4.68
N LEU A 2738 -30.39 -56.03 -4.28
CA LEU A 2738 -30.94 -56.84 -3.20
C LEU A 2738 -30.85 -58.32 -3.50
N ALA A 2739 -31.07 -58.69 -4.77
CA ALA A 2739 -30.90 -60.07 -5.18
C ALA A 2739 -29.46 -60.52 -5.04
N LYS A 2740 -28.50 -59.64 -5.34
CA LYS A 2740 -27.08 -59.95 -5.15
C LYS A 2740 -26.77 -60.22 -3.68
N ILE A 2741 -27.33 -59.40 -2.78
CA ILE A 2741 -27.10 -59.56 -1.34
C ILE A 2741 -27.69 -60.89 -0.85
N ILE A 2742 -28.95 -61.16 -1.20
CA ILE A 2742 -29.60 -62.34 -0.64
C ILE A 2742 -29.10 -63.62 -1.31
N VAL A 2743 -28.59 -63.55 -2.54
CA VAL A 2743 -27.97 -64.72 -3.16
C VAL A 2743 -26.61 -64.98 -2.55
N ALA A 2744 -25.77 -63.94 -2.44
CA ALA A 2744 -24.43 -64.10 -1.87
C ALA A 2744 -24.47 -64.53 -0.40
N ASP A 2745 -25.56 -64.21 0.31
CA ASP A 2745 -25.69 -64.75 1.65
C ASP A 2745 -26.36 -66.12 1.68
N ALA A 2746 -27.18 -66.46 0.68
CA ALA A 2746 -27.82 -67.77 0.68
C ALA A 2746 -27.01 -68.88 0.00
N MET A 2747 -26.14 -68.53 -0.96
CA MET A 2747 -25.40 -69.49 -1.77
C MET A 2747 -24.06 -69.91 -1.10
N GLN A 2748 -23.98 -69.82 0.22
CA GLN A 2748 -22.88 -70.46 0.92
C GLN A 2748 -23.01 -71.98 0.82
N GLY A 2749 -21.86 -72.65 0.77
CA GLY A 2749 -21.84 -74.06 0.45
C GLY A 2749 -22.37 -74.97 1.55
N GLN A 2750 -21.62 -75.07 2.65
CA GLN A 2750 -21.99 -75.95 3.73
C GLN A 2750 -22.56 -75.20 4.92
N ALA A 2751 -22.27 -73.92 5.05
CA ALA A 2751 -22.87 -73.03 6.04
C ALA A 2751 -24.16 -72.38 5.55
N ALA A 2752 -24.86 -73.01 4.60
CA ALA A 2752 -26.13 -72.47 4.12
C ALA A 2752 -27.23 -72.63 5.19
N PHE A 2753 -28.35 -71.94 4.93
CA PHE A 2753 -29.48 -71.89 5.85
C PHE A 2753 -30.41 -73.08 5.64
N SER A 2754 -30.89 -73.25 4.42
CA SER A 2754 -31.80 -74.33 4.07
C SER A 2754 -30.99 -75.54 3.60
N GLU A 2755 -31.69 -76.55 3.06
CA GLU A 2755 -31.04 -77.76 2.61
C GLU A 2755 -30.70 -77.74 1.13
N LEU A 2756 -31.54 -77.06 0.32
CA LEU A 2756 -31.29 -76.92 -1.11
C LEU A 2756 -29.98 -76.19 -1.40
N PHE A 2757 -29.75 -75.07 -0.70
CA PHE A 2757 -28.51 -74.34 -0.86
C PHE A 2757 -27.34 -75.00 -0.13
N ARG A 2758 -27.63 -75.88 0.83
CA ARG A 2758 -26.58 -76.66 1.46
C ARG A 2758 -26.04 -77.71 0.51
N CYS A 2759 -26.87 -78.18 -0.42
CA CYS A 2759 -26.48 -79.12 -1.45
C CYS A 2759 -25.83 -78.47 -2.67
N LEU A 2760 -25.42 -77.21 -2.57
CA LEU A 2760 -24.82 -76.53 -3.72
C LEU A 2760 -23.45 -75.98 -3.39
N LYS A 2761 -22.88 -75.19 -4.30
CA LYS A 2761 -21.48 -74.80 -4.21
C LYS A 2761 -21.30 -73.63 -3.25
N GLN A 2762 -20.07 -73.48 -2.75
CA GLN A 2762 -19.68 -72.31 -1.98
C GLN A 2762 -19.18 -71.20 -2.90
N VAL A 2763 -19.61 -69.97 -2.64
CA VAL A 2763 -19.31 -68.82 -3.50
C VAL A 2763 -18.66 -67.71 -2.68
N HIS A 2764 -17.49 -67.27 -3.13
CA HIS A 2764 -16.83 -66.05 -2.66
C HIS A 2764 -16.67 -65.14 -3.87
N LEU A 2765 -17.27 -63.96 -3.81
CA LEU A 2765 -17.28 -63.03 -4.94
C LEU A 2765 -16.43 -61.80 -4.67
N VAL A 2766 -15.72 -61.37 -5.70
CA VAL A 2766 -14.87 -60.17 -5.67
C VAL A 2766 -15.56 -59.12 -6.53
N SER A 2767 -15.96 -58.01 -5.90
CA SER A 2767 -16.68 -56.98 -6.62
C SER A 2767 -15.73 -55.93 -7.20
N PHE A 2768 -16.17 -55.30 -8.29
CA PHE A 2768 -15.41 -54.21 -8.90
C PHE A 2768 -16.41 -53.25 -9.53
N GLN A 2769 -16.56 -52.07 -8.94
CA GLN A 2769 -17.50 -51.09 -9.47
C GLN A 2769 -16.87 -50.35 -10.63
N CYS A 2770 -17.40 -50.57 -11.83
CA CYS A 2770 -16.89 -49.92 -13.03
C CYS A 2770 -17.23 -48.43 -13.02
N SER A 2771 -16.46 -47.68 -13.80
CA SER A 2771 -16.56 -46.24 -13.86
C SER A 2771 -16.24 -45.82 -15.30
N PRO A 2772 -16.57 -44.58 -15.69
CA PRO A 2772 -16.05 -44.10 -16.98
C PRO A 2772 -14.53 -43.97 -17.02
N HIS A 2773 -13.88 -43.78 -15.88
CA HIS A 2773 -12.42 -43.77 -15.80
C HIS A 2773 -11.90 -45.12 -15.32
N SER A 2774 -12.27 -46.18 -16.04
CA SER A 2774 -11.87 -47.54 -15.70
C SER A 2774 -10.91 -48.06 -16.77
N THR A 2775 -9.73 -48.49 -16.34
CA THR A 2775 -8.79 -49.15 -17.21
C THR A 2775 -9.14 -50.63 -17.32
N PRO A 2776 -8.73 -51.31 -18.41
CA PRO A 2776 -8.92 -52.76 -18.48
C PRO A 2776 -8.00 -53.54 -17.55
N GLN A 2777 -6.92 -52.92 -17.06
CA GLN A 2777 -5.99 -53.59 -16.16
C GLN A 2777 -6.66 -53.91 -14.82
N GLY A 2778 -7.59 -53.06 -14.38
CA GLY A 2778 -8.36 -53.38 -13.18
C GLY A 2778 -9.26 -54.58 -13.38
N ILE A 2779 -9.83 -54.73 -14.58
CA ILE A 2779 -10.67 -55.87 -14.89
C ILE A 2779 -9.85 -57.15 -14.93
N ILE A 2780 -8.66 -57.08 -15.54
CA ILE A 2780 -7.76 -58.23 -15.59
C ILE A 2780 -7.28 -58.60 -14.19
N SER A 2781 -7.04 -57.59 -13.34
CA SER A 2781 -6.63 -57.84 -11.97
C SER A 2781 -7.76 -58.46 -11.15
N THR A 2782 -9.01 -58.09 -11.42
CA THR A 2782 -10.14 -58.68 -10.71
C THR A 2782 -10.35 -60.14 -11.11
N PHE A 2783 -10.22 -60.43 -12.42
CA PHE A 2783 -10.28 -61.82 -12.87
C PHE A 2783 -9.14 -62.66 -12.30
N LYS A 2784 -7.92 -62.11 -12.26
CA LYS A 2784 -6.81 -62.87 -11.71
C LYS A 2784 -6.93 -63.02 -10.20
N GLN A 2785 -7.57 -62.07 -9.53
CA GLN A 2785 -7.76 -62.17 -8.09
C GLN A 2785 -8.80 -63.22 -7.73
N CYS A 2786 -9.92 -63.27 -8.46
CA CYS A 2786 -10.90 -64.30 -8.16
C CYS A 2786 -10.40 -65.68 -8.59
N ALA A 2787 -9.61 -65.76 -9.66
CA ALA A 2787 -8.98 -67.03 -10.00
C ALA A 2787 -7.94 -67.44 -8.96
N ARG A 2788 -7.30 -66.47 -8.31
CA ARG A 2788 -6.40 -66.78 -7.21
C ARG A 2788 -7.16 -67.26 -5.98
N PHE A 2789 -8.37 -66.74 -5.75
CA PHE A 2789 -9.24 -67.34 -4.73
C PHE A 2789 -9.66 -68.76 -5.11
N GLN A 2790 -9.85 -69.04 -6.40
CA GLN A 2790 -10.47 -70.30 -6.77
C GLN A 2790 -9.47 -71.45 -6.84
N GLN A 2791 -8.18 -71.18 -6.78
CA GLN A 2791 -7.18 -72.22 -6.98
C GLN A 2791 -6.94 -73.00 -5.69
N GLY A 2792 -6.56 -74.27 -5.85
CA GLY A 2792 -6.28 -75.15 -4.75
C GLY A 2792 -7.48 -75.79 -4.10
N LYS A 2793 -8.69 -75.44 -4.52
CA LYS A 2793 -9.91 -75.92 -3.89
C LYS A 2793 -10.65 -76.88 -4.81
N ASP A 2794 -11.60 -77.60 -4.24
CA ASP A 2794 -12.46 -78.50 -5.00
C ASP A 2794 -13.45 -77.67 -5.80
N LEU A 2795 -13.34 -77.71 -7.13
CA LEU A 2795 -14.12 -76.84 -7.99
C LEU A 2795 -15.55 -77.31 -8.18
N GLY A 2796 -15.91 -78.48 -7.67
CA GLY A 2796 -17.32 -78.85 -7.60
C GLY A 2796 -18.05 -78.33 -6.39
N GLN A 2797 -17.33 -77.77 -5.42
CA GLN A 2797 -17.93 -77.18 -4.23
C GLN A 2797 -17.40 -75.77 -3.96
N TYR A 2798 -16.82 -75.12 -4.97
CA TYR A 2798 -16.33 -73.76 -4.80
C TYR A 2798 -16.30 -73.09 -6.17
N VAL A 2799 -16.96 -71.94 -6.27
CA VAL A 2799 -17.00 -71.13 -7.49
C VAL A 2799 -16.75 -69.67 -7.13
N SER A 2800 -15.76 -69.07 -7.79
CA SER A 2800 -15.57 -67.63 -7.73
C SER A 2800 -16.33 -66.96 -8.87
N VAL A 2801 -16.82 -65.75 -8.61
CA VAL A 2801 -17.65 -65.03 -9.58
C VAL A 2801 -17.31 -63.54 -9.48
N VAL A 2802 -16.94 -62.95 -10.61
CA VAL A 2802 -16.77 -61.50 -10.66
C VAL A 2802 -18.14 -60.84 -10.83
N VAL A 2803 -18.37 -59.79 -10.06
CA VAL A 2803 -19.60 -58.99 -10.15
C VAL A 2803 -19.15 -57.61 -10.57
N LEU A 2804 -19.41 -57.25 -11.82
CA LEU A 2804 -19.12 -55.90 -12.29
C LEU A 2804 -20.36 -55.03 -12.12
N ASP A 2805 -20.20 -53.93 -11.38
CA ASP A 2805 -21.34 -53.21 -10.85
C ASP A 2805 -21.86 -52.07 -11.71
N GLU A 2806 -21.03 -51.47 -12.58
CA GLU A 2806 -21.53 -50.38 -13.42
C GLU A 2806 -21.03 -50.49 -14.85
N VAL A 2807 -21.20 -51.66 -15.49
CA VAL A 2807 -20.78 -51.83 -16.88
C VAL A 2807 -21.50 -50.89 -17.86
N GLY A 2808 -22.64 -50.31 -17.48
CA GLY A 2808 -23.21 -49.24 -18.28
C GLY A 2808 -22.39 -47.97 -18.27
N LEU A 2809 -21.59 -47.74 -17.22
CA LEU A 2809 -20.75 -46.57 -17.14
C LEU A 2809 -19.43 -46.76 -17.86
N ALA A 2810 -19.05 -48.02 -18.13
CA ALA A 2810 -17.86 -48.34 -18.88
C ALA A 2810 -18.15 -48.64 -20.35
N GLU A 2811 -19.17 -47.97 -20.90
CA GLU A 2811 -19.75 -48.41 -22.17
C GLU A 2811 -18.91 -47.92 -23.35
N ASP A 2812 -18.85 -46.60 -23.54
CA ASP A 2812 -18.03 -46.00 -24.58
C ASP A 2812 -16.96 -45.12 -23.97
N SER A 2813 -16.37 -45.59 -22.87
CA SER A 2813 -15.20 -44.94 -22.30
C SER A 2813 -14.01 -45.10 -23.24
N PRO A 2814 -13.24 -44.03 -23.50
CA PRO A 2814 -12.14 -44.13 -24.48
C PRO A 2814 -10.94 -44.92 -24.00
N LYS A 2815 -10.93 -45.35 -22.73
CA LYS A 2815 -9.93 -46.32 -22.27
C LYS A 2815 -10.25 -47.74 -22.72
N MET A 2816 -11.51 -48.00 -23.10
CA MET A 2816 -12.14 -49.24 -23.55
C MET A 2816 -11.85 -50.43 -22.60
N PRO A 2817 -12.47 -50.46 -21.41
CA PRO A 2817 -12.17 -51.55 -20.48
C PRO A 2817 -12.93 -52.84 -20.77
N LEU A 2818 -14.12 -52.74 -21.37
CA LEU A 2818 -14.89 -53.95 -21.64
C LEU A 2818 -14.46 -54.68 -22.90
N LYS A 2819 -13.55 -54.10 -23.69
CA LYS A 2819 -13.00 -54.79 -24.86
C LYS A 2819 -12.27 -56.08 -24.47
N THR A 2820 -11.65 -56.10 -23.30
CA THR A 2820 -10.98 -57.29 -22.79
C THR A 2820 -11.97 -58.30 -22.19
N LEU A 2821 -13.26 -57.95 -22.12
CA LEU A 2821 -14.22 -58.79 -21.40
C LEU A 2821 -14.55 -60.05 -22.18
N HIS A 2822 -14.64 -59.93 -23.51
CA HIS A 2822 -15.01 -61.07 -24.36
C HIS A 2822 -14.08 -62.28 -24.29
N PRO A 2823 -12.73 -62.16 -24.25
CA PRO A 2823 -11.95 -63.38 -23.99
C PRO A 2823 -12.00 -63.85 -22.53
N LEU A 2824 -12.08 -62.93 -21.57
CA LEU A 2824 -12.01 -63.30 -20.15
C LEU A 2824 -13.23 -64.09 -19.69
N LEU A 2825 -14.33 -64.04 -20.43
CA LEU A 2825 -15.50 -64.87 -20.14
C LEU A 2825 -15.50 -66.20 -20.85
N GLU A 2826 -14.58 -66.41 -21.80
CA GLU A 2826 -14.58 -67.64 -22.58
C GLU A 2826 -13.65 -68.70 -21.99
N ASP A 2827 -12.36 -68.41 -21.90
CA ASP A 2827 -11.42 -69.34 -21.28
C ASP A 2827 -10.92 -68.88 -19.92
N GLY A 2828 -11.29 -67.68 -19.49
CA GLY A 2828 -10.94 -67.16 -18.18
C GLY A 2828 -9.66 -66.36 -18.10
N CYS A 2829 -8.86 -66.31 -19.17
CA CYS A 2829 -7.59 -65.60 -19.11
C CYS A 2829 -7.17 -65.20 -20.52
N ILE A 2830 -6.74 -63.95 -20.68
CA ILE A 2830 -6.08 -63.48 -21.88
C ILE A 2830 -4.56 -63.59 -21.70
N GLU A 2831 -3.85 -63.83 -22.82
CA GLU A 2831 -2.38 -63.99 -22.92
C GLU A 2831 -1.89 -65.14 -22.05
N ASP A 2832 -2.68 -66.21 -21.98
CA ASP A 2832 -2.24 -67.44 -21.33
C ASP A 2832 -3.08 -68.59 -21.86
N ASP A 2833 -2.51 -69.79 -21.80
CA ASP A 2833 -3.26 -70.99 -22.15
C ASP A 2833 -4.29 -71.30 -21.08
N PRO A 2834 -5.46 -71.83 -21.46
CA PRO A 2834 -6.51 -72.10 -20.47
C PRO A 2834 -6.14 -73.26 -19.54
N ALA A 2835 -6.93 -73.38 -18.48
CA ALA A 2835 -6.63 -74.27 -17.37
C ALA A 2835 -7.90 -74.45 -16.56
N PRO A 2836 -7.92 -75.37 -15.59
CA PRO A 2836 -8.85 -75.21 -14.47
C PRO A 2836 -8.47 -74.03 -13.58
N TYR A 2837 -9.40 -73.72 -12.66
CA TYR A 2837 -9.38 -72.57 -11.74
C TYR A 2837 -9.17 -71.21 -12.43
N LYS A 2838 -9.36 -71.13 -13.75
CA LYS A 2838 -9.33 -69.88 -14.49
C LYS A 2838 -10.69 -69.44 -15.00
N LYS A 2839 -11.55 -70.38 -15.39
CA LYS A 2839 -12.89 -70.03 -15.85
C LYS A 2839 -13.76 -69.74 -14.64
N VAL A 2840 -14.26 -68.52 -14.55
CA VAL A 2840 -14.97 -68.05 -13.38
C VAL A 2840 -16.36 -67.56 -13.81
N GLY A 2841 -17.24 -67.46 -12.83
CA GLY A 2841 -18.57 -66.94 -13.10
C GLY A 2841 -18.60 -65.44 -13.27
N PHE A 2842 -19.70 -64.95 -13.85
CA PHE A 2842 -19.80 -63.54 -14.17
C PHE A 2842 -21.22 -63.03 -14.00
N VAL A 2843 -21.36 -62.01 -13.16
CA VAL A 2843 -22.60 -61.26 -12.99
C VAL A 2843 -22.28 -59.81 -13.33
N GLY A 2844 -22.83 -59.32 -14.43
CA GLY A 2844 -22.70 -57.92 -14.73
C GLY A 2844 -24.00 -57.21 -14.42
N ILE A 2845 -24.04 -56.57 -13.27
CA ILE A 2845 -25.19 -55.75 -12.90
C ILE A 2845 -24.96 -54.35 -13.47
N SER A 2846 -26.00 -53.77 -14.06
CA SER A 2846 -25.91 -52.40 -14.57
C SER A 2846 -27.18 -51.63 -14.29
N ASN A 2847 -27.02 -50.31 -14.25
CA ASN A 2847 -28.14 -49.39 -14.18
C ASN A 2847 -28.35 -48.63 -15.49
N TRP A 2848 -27.28 -48.43 -16.25
CA TRP A 2848 -27.33 -47.93 -17.62
C TRP A 2848 -27.31 -49.08 -18.63
N ALA A 2849 -27.75 -48.78 -19.84
CA ALA A 2849 -27.99 -49.79 -20.86
C ALA A 2849 -26.68 -50.34 -21.43
N LEU A 2850 -26.80 -51.45 -22.15
CA LEU A 2850 -25.67 -52.20 -22.69
C LEU A 2850 -25.91 -52.50 -24.16
N ASP A 2851 -24.83 -52.84 -24.88
CA ASP A 2851 -24.89 -53.16 -26.30
C ASP A 2851 -24.88 -54.66 -26.52
N PRO A 2852 -25.62 -55.17 -27.52
CA PRO A 2852 -25.84 -56.61 -27.61
C PRO A 2852 -24.65 -57.44 -28.07
N ALA A 2853 -23.56 -56.82 -28.48
CA ALA A 2853 -22.32 -57.54 -28.77
C ALA A 2853 -21.67 -58.23 -27.56
N LYS A 2854 -21.93 -57.77 -26.34
CA LYS A 2854 -21.51 -58.49 -25.14
C LYS A 2854 -22.49 -59.53 -24.60
N MET A 2855 -23.78 -59.43 -24.91
CA MET A 2855 -24.77 -60.34 -24.33
C MET A 2855 -25.22 -61.42 -25.30
N ASN A 2856 -24.54 -61.62 -26.43
CA ASN A 2856 -24.66 -62.87 -27.14
C ASN A 2856 -23.87 -64.00 -26.47
N ARG A 2857 -23.01 -63.67 -25.51
CA ARG A 2857 -22.28 -64.70 -24.77
C ARG A 2857 -23.20 -65.42 -23.80
N GLY A 2858 -23.78 -64.68 -22.84
CA GLY A 2858 -24.65 -65.28 -21.86
C GLY A 2858 -26.06 -64.73 -21.86
N ILE A 2859 -26.74 -64.84 -20.72
CA ILE A 2859 -28.16 -64.51 -20.62
C ILE A 2859 -28.32 -63.08 -20.14
N PHE A 2860 -29.20 -62.34 -20.81
CA PHE A 2860 -29.44 -60.92 -20.58
C PHE A 2860 -30.86 -60.69 -20.11
N VAL A 2861 -31.03 -59.97 -19.00
CA VAL A 2861 -32.36 -59.68 -18.47
C VAL A 2861 -32.49 -58.16 -18.32
N SER A 2862 -33.43 -57.58 -19.07
CA SER A 2862 -33.72 -56.16 -19.06
C SER A 2862 -35.16 -55.90 -18.63
N ARG A 2863 -35.35 -54.79 -17.92
CA ARG A 2863 -36.68 -54.39 -17.48
C ARG A 2863 -36.80 -52.89 -17.73
N GLY A 2864 -37.88 -52.50 -18.41
CA GLY A 2864 -38.06 -51.11 -18.79
C GLY A 2864 -38.38 -50.20 -17.62
N SER A 2865 -39.58 -50.39 -17.06
CA SER A 2865 -40.11 -49.67 -15.90
C SER A 2865 -41.37 -50.38 -15.46
N PRO A 2866 -41.61 -50.50 -14.15
CA PRO A 2866 -42.82 -51.19 -13.68
C PRO A 2866 -44.07 -50.35 -13.90
N ASN A 2867 -45.10 -50.99 -14.43
CA ASN A 2867 -46.38 -50.31 -14.66
C ASN A 2867 -47.19 -50.36 -13.37
N GLU A 2868 -48.46 -49.94 -13.43
CA GLU A 2868 -49.23 -49.69 -12.22
C GLU A 2868 -49.58 -50.99 -11.49
N LYS A 2869 -49.76 -52.08 -12.22
CA LYS A 2869 -50.10 -53.35 -11.59
C LYS A 2869 -48.86 -53.95 -10.92
N GLU A 2870 -47.69 -53.79 -11.54
CA GLU A 2870 -46.46 -54.22 -10.88
C GLU A 2870 -46.12 -53.33 -9.70
N LEU A 2871 -46.50 -52.05 -9.74
CA LEU A 2871 -46.25 -51.17 -8.60
C LEU A 2871 -47.15 -51.54 -7.41
N ILE A 2872 -48.43 -51.82 -7.66
CA ILE A 2872 -49.30 -52.21 -6.55
C ILE A 2872 -48.96 -53.62 -6.07
N GLU A 2873 -48.43 -54.47 -6.95
CA GLU A 2873 -47.95 -55.78 -6.52
C GLU A 2873 -46.68 -55.67 -5.68
N SER A 2874 -45.77 -54.77 -6.05
CA SER A 2874 -44.58 -54.52 -5.24
C SER A 2874 -44.94 -53.92 -3.89
N ALA A 2875 -45.96 -53.06 -3.86
CA ALA A 2875 -46.42 -52.47 -2.60
C ALA A 2875 -47.03 -53.54 -1.70
N GLU A 2876 -47.81 -54.46 -2.28
CA GLU A 2876 -48.33 -55.58 -1.49
C GLU A 2876 -47.22 -56.52 -1.05
N GLY A 2877 -46.18 -56.69 -1.85
CA GLY A 2877 -45.05 -57.50 -1.44
C GLY A 2877 -44.25 -56.88 -0.33
N ILE A 2878 -44.18 -55.55 -0.28
CA ILE A 2878 -43.60 -54.86 0.87
C ILE A 2878 -44.47 -55.06 2.10
N CYS A 2879 -45.77 -54.78 1.97
CA CYS A 2879 -46.66 -54.82 3.12
C CYS A 2879 -47.11 -56.22 3.50
N SER A 2880 -46.60 -57.27 2.83
CA SER A 2880 -47.03 -58.64 3.10
C SER A 2880 -46.58 -59.17 4.45
N SER A 2881 -45.68 -58.49 5.16
CA SER A 2881 -45.20 -59.01 6.43
C SER A 2881 -46.23 -58.91 7.54
N ASP A 2882 -47.28 -58.11 7.35
CA ASP A 2882 -48.40 -58.06 8.27
C ASP A 2882 -49.68 -58.06 7.44
N ARG A 2883 -50.72 -58.68 8.00
CA ARG A 2883 -51.97 -58.88 7.27
C ARG A 2883 -53.02 -57.80 7.48
N LEU A 2884 -53.23 -57.36 8.73
CA LEU A 2884 -54.32 -56.43 9.00
C LEU A 2884 -54.05 -55.02 8.49
N VAL A 2885 -52.82 -54.54 8.68
CA VAL A 2885 -52.47 -53.20 8.23
C VAL A 2885 -52.44 -53.13 6.71
N GLN A 2886 -51.97 -54.20 6.07
CA GLN A 2886 -51.99 -54.26 4.61
C GLN A 2886 -53.41 -54.25 4.06
N ASP A 2887 -54.33 -54.95 4.70
CA ASP A 2887 -55.71 -54.91 4.24
C ASP A 2887 -56.44 -53.67 4.72
N LYS A 2888 -55.83 -52.84 5.56
CA LYS A 2888 -56.33 -51.50 5.80
C LYS A 2888 -55.83 -50.49 4.77
N ILE A 2889 -54.55 -50.56 4.40
CA ILE A 2889 -53.93 -49.54 3.57
C ILE A 2889 -53.73 -50.05 2.13
N ARG A 2890 -54.46 -51.09 1.71
CA ARG A 2890 -54.52 -51.32 0.26
C ARG A 2890 -55.33 -50.26 -0.49
N GLY A 2891 -56.10 -49.43 0.20
CA GLY A 2891 -56.81 -48.36 -0.48
C GLY A 2891 -55.92 -47.27 -1.04
N TYR A 2892 -54.69 -47.14 -0.53
CA TYR A 2892 -53.79 -46.07 -0.92
C TYR A 2892 -52.67 -46.54 -1.84
N PHE A 2893 -52.73 -47.77 -2.35
CA PHE A 2893 -51.60 -48.26 -3.13
C PHE A 2893 -51.68 -47.80 -4.57
N ALA A 2894 -52.85 -47.97 -5.19
CA ALA A 2894 -53.11 -47.50 -6.55
C ALA A 2894 -53.12 -45.98 -6.68
N PRO A 2895 -53.69 -45.19 -5.73
CA PRO A 2895 -53.44 -43.74 -5.78
C PRO A 2895 -51.98 -43.34 -5.73
N PHE A 2896 -51.19 -43.95 -4.84
CA PHE A 2896 -49.77 -43.63 -4.76
C PHE A 2896 -49.04 -44.06 -6.02
N ALA A 2897 -49.49 -45.14 -6.66
CA ALA A 2897 -48.84 -45.61 -7.88
C ALA A 2897 -49.12 -44.67 -9.05
N LYS A 2898 -50.39 -44.27 -9.22
CA LYS A 2898 -50.72 -43.31 -10.27
C LYS A 2898 -50.07 -41.96 -10.02
N ALA A 2899 -49.95 -41.56 -8.74
CA ALA A 2899 -49.37 -40.28 -8.42
C ALA A 2899 -47.86 -40.29 -8.62
N TYR A 2900 -47.22 -41.42 -8.32
CA TYR A 2900 -45.81 -41.60 -8.62
C TYR A 2900 -45.55 -41.62 -10.12
N GLU A 2901 -46.46 -42.21 -10.90
CA GLU A 2901 -46.29 -42.21 -12.35
C GLU A 2901 -46.44 -40.81 -12.93
N THR A 2902 -47.37 -40.02 -12.38
CA THR A 2902 -47.49 -38.63 -12.82
C THR A 2902 -46.30 -37.78 -12.39
N VAL A 2903 -45.70 -38.09 -11.24
CA VAL A 2903 -44.46 -37.40 -10.83
C VAL A 2903 -43.32 -37.76 -11.78
N CYS A 2904 -43.11 -39.04 -12.05
CA CYS A 2904 -41.96 -39.45 -12.87
C CYS A 2904 -42.15 -39.10 -14.34
N GLN A 2905 -43.38 -38.83 -14.78
CA GLN A 2905 -43.58 -38.29 -16.12
C GLN A 2905 -43.59 -36.77 -16.15
N LYS A 2906 -43.87 -36.11 -15.03
CA LYS A 2906 -43.88 -34.65 -15.00
C LYS A 2906 -42.47 -34.10 -15.05
N GLN A 2907 -41.56 -34.64 -14.24
CA GLN A 2907 -40.18 -34.20 -14.20
C GLN A 2907 -39.45 -34.59 -15.49
N ASP A 2908 -38.27 -33.99 -15.66
CA ASP A 2908 -37.45 -34.21 -16.85
C ASP A 2908 -36.19 -35.02 -16.53
N LYS A 2909 -35.37 -34.55 -15.59
CA LYS A 2909 -34.29 -35.37 -15.05
C LYS A 2909 -34.88 -36.42 -14.11
N GLU A 2910 -34.27 -37.60 -14.11
CA GLU A 2910 -34.80 -38.78 -13.43
C GLU A 2910 -34.55 -38.74 -11.91
N PHE A 2911 -35.03 -37.64 -11.30
CA PHE A 2911 -34.68 -37.29 -9.94
C PHE A 2911 -35.29 -38.24 -8.92
N PHE A 2912 -36.53 -38.65 -9.13
CA PHE A 2912 -37.19 -39.61 -8.25
C PHE A 2912 -37.28 -40.98 -8.92
N GLY A 2913 -37.10 -42.03 -8.12
CA GLY A 2913 -37.12 -43.38 -8.66
C GLY A 2913 -37.89 -44.37 -7.80
N LEU A 2914 -37.58 -45.67 -7.95
CA LEU A 2914 -38.38 -46.68 -7.26
C LEU A 2914 -38.08 -46.76 -5.76
N ARG A 2915 -36.86 -46.41 -5.33
CA ARG A 2915 -36.58 -46.37 -3.90
C ARG A 2915 -37.42 -45.33 -3.17
N ASP A 2916 -37.82 -44.27 -3.87
CA ASP A 2916 -38.64 -43.22 -3.25
C ASP A 2916 -40.05 -43.74 -2.99
N TYR A 2917 -40.65 -44.40 -3.99
CA TYR A 2917 -41.96 -45.01 -3.80
C TYR A 2917 -41.92 -46.14 -2.79
N TYR A 2918 -40.85 -46.95 -2.82
CA TYR A 2918 -40.71 -48.04 -1.86
C TYR A 2918 -40.56 -47.52 -0.44
N SER A 2919 -39.80 -46.45 -0.25
CA SER A 2919 -39.64 -45.88 1.09
C SER A 2919 -40.91 -45.19 1.54
N LEU A 2920 -41.69 -44.65 0.60
CA LEU A 2920 -43.01 -44.12 0.92
C LEU A 2920 -43.93 -45.20 1.45
N ILE A 2921 -43.96 -46.34 0.75
CA ILE A 2921 -44.79 -47.47 1.17
C ILE A 2921 -44.33 -48.02 2.52
N LYS A 2922 -43.00 -48.11 2.71
CA LYS A 2922 -42.46 -48.58 3.99
C LYS A 2922 -42.79 -47.64 5.14
N MET A 2923 -42.68 -46.33 4.94
CA MET A 2923 -42.96 -45.38 6.01
C MET A 2923 -44.46 -45.34 6.34
N VAL A 2924 -45.31 -45.39 5.31
CA VAL A 2924 -46.76 -45.48 5.51
C VAL A 2924 -47.11 -46.75 6.26
N PHE A 2925 -46.46 -47.87 5.89
CA PHE A 2925 -46.70 -49.16 6.51
C PHE A 2925 -46.22 -49.17 7.96
N ALA A 2926 -45.13 -48.48 8.25
CA ALA A 2926 -44.62 -48.40 9.62
C ALA A 2926 -45.52 -47.55 10.50
N LYS A 2927 -46.01 -46.42 9.96
CA LYS A 2927 -46.94 -45.59 10.70
C LYS A 2927 -48.26 -46.30 10.94
N ALA A 2928 -48.71 -47.12 9.98
CA ALA A 2928 -49.96 -47.83 10.16
C ALA A 2928 -49.80 -49.02 11.09
N LYS A 2929 -48.61 -49.62 11.16
CA LYS A 2929 -48.35 -50.63 12.18
C LYS A 2929 -48.30 -50.01 13.57
N ALA A 2930 -47.53 -48.94 13.74
CA ALA A 2930 -47.37 -48.30 15.05
C ALA A 2930 -48.59 -47.49 15.50
N SER A 2931 -49.55 -47.20 14.62
CA SER A 2931 -50.71 -46.39 14.99
C SER A 2931 -51.92 -47.16 15.50
N LYS A 2932 -52.22 -48.33 14.93
CA LYS A 2932 -53.33 -49.23 15.28
C LYS A 2932 -54.71 -48.58 15.11
N ARG A 2933 -54.84 -47.51 14.31
CA ARG A 2933 -56.15 -46.95 14.02
C ARG A 2933 -56.35 -46.58 12.56
N GLY A 2934 -55.32 -46.57 11.73
CA GLY A 2934 -55.42 -46.07 10.37
C GLY A 2934 -54.39 -45.00 10.14
N LEU A 2935 -54.65 -44.14 9.16
CA LEU A 2935 -53.74 -43.06 8.80
C LEU A 2935 -54.44 -41.73 8.98
N SER A 2936 -53.84 -40.85 9.77
CA SER A 2936 -54.22 -39.45 9.77
C SER A 2936 -53.67 -38.78 8.52
N PRO A 2937 -54.26 -37.66 8.08
CA PRO A 2937 -53.65 -36.92 6.97
C PRO A 2937 -52.32 -36.27 7.33
N GLN A 2938 -52.07 -36.06 8.63
CA GLN A 2938 -50.77 -35.61 9.10
C GLN A 2938 -49.68 -36.64 8.83
N ASP A 2939 -50.00 -37.93 9.03
CA ASP A 2939 -49.03 -38.99 8.76
C ASP A 2939 -48.73 -39.10 7.28
N ILE A 2940 -49.76 -38.98 6.45
CA ILE A 2940 -49.60 -39.04 5.00
C ILE A 2940 -48.79 -37.86 4.48
N THR A 2941 -49.08 -36.64 4.98
CA THR A 2941 -48.33 -35.48 4.48
C THR A 2941 -46.88 -35.51 4.99
N HIS A 2942 -46.63 -36.10 6.16
CA HIS A 2942 -45.24 -36.23 6.61
C HIS A 2942 -44.50 -37.27 5.78
N ALA A 2943 -45.17 -38.34 5.38
CA ALA A 2943 -44.51 -39.36 4.57
C ALA A 2943 -44.20 -38.83 3.17
N VAL A 2944 -45.17 -38.15 2.56
CA VAL A 2944 -44.98 -37.58 1.22
C VAL A 2944 -43.91 -36.49 1.25
N LEU A 2945 -43.87 -35.69 2.31
CA LEU A 2945 -42.97 -34.55 2.31
C LEU A 2945 -41.58 -34.91 2.82
N ARG A 2946 -41.44 -35.98 3.60
CA ARG A 2946 -40.11 -36.52 3.86
C ARG A 2946 -39.55 -37.27 2.67
N ASN A 2947 -40.40 -37.89 1.86
CA ASN A 2947 -39.84 -38.68 0.77
C ASN A 2947 -39.65 -37.88 -0.51
N PHE A 2948 -40.68 -37.17 -0.96
CA PHE A 2948 -40.65 -36.49 -2.24
C PHE A 2948 -40.34 -34.99 -2.08
N SER A 2949 -39.15 -34.71 -1.56
CA SER A 2949 -38.64 -33.36 -1.40
C SER A 2949 -37.35 -33.22 -2.21
N GLY A 2950 -36.68 -32.08 -2.06
CA GLY A 2950 -35.42 -31.81 -2.71
C GLY A 2950 -35.46 -31.21 -4.09
N LYS A 2951 -36.42 -31.63 -4.91
CA LYS A 2951 -36.57 -31.07 -6.24
C LYS A 2951 -37.39 -29.79 -6.15
N ASP A 2952 -36.95 -28.74 -6.84
CA ASP A 2952 -37.55 -27.43 -6.67
C ASP A 2952 -38.78 -27.22 -7.56
N ASN A 2953 -38.72 -27.60 -8.84
CA ASN A 2953 -39.85 -27.39 -9.73
C ASN A 2953 -40.82 -28.58 -9.74
N ILE A 2954 -41.17 -29.07 -8.55
CA ILE A 2954 -42.14 -30.14 -8.34
C ILE A 2954 -42.87 -29.82 -7.05
N GLN A 2955 -44.20 -29.66 -7.12
CA GLN A 2955 -45.02 -29.55 -5.92
C GLN A 2955 -45.65 -30.90 -5.66
N ALA A 2956 -44.94 -31.75 -4.91
CA ALA A 2956 -45.36 -33.13 -4.75
C ALA A 2956 -46.51 -33.29 -3.77
N LEU A 2957 -46.68 -32.34 -2.85
CA LEU A 2957 -47.87 -32.33 -2.00
C LEU A 2957 -49.13 -32.10 -2.83
N SER A 2958 -49.10 -31.16 -3.78
CA SER A 2958 -50.28 -30.88 -4.58
C SER A 2958 -50.57 -32.02 -5.54
N ILE A 2959 -49.53 -32.71 -6.03
CA ILE A 2959 -49.74 -33.87 -6.90
C ILE A 2959 -50.33 -35.02 -6.10
N PHE A 2960 -49.79 -35.29 -4.91
CA PHE A 2960 -50.27 -36.43 -4.15
C PHE A 2960 -51.59 -36.16 -3.43
N THR A 2961 -52.00 -34.90 -3.30
CA THR A 2961 -53.30 -34.61 -2.73
C THR A 2961 -54.30 -34.12 -3.77
N ALA A 2962 -53.90 -34.11 -5.05
CA ALA A 2962 -54.89 -33.97 -6.12
C ALA A 2962 -55.76 -35.21 -6.16
N SER A 2963 -55.12 -36.38 -6.20
CA SER A 2963 -55.80 -37.66 -6.25
C SER A 2963 -56.36 -38.06 -4.90
N LEU A 2964 -55.90 -37.42 -3.81
CA LEU A 2964 -56.25 -37.79 -2.44
C LEU A 2964 -56.84 -36.56 -1.77
N PRO A 2965 -58.12 -36.25 -2.02
CA PRO A 2965 -58.65 -34.95 -1.60
C PRO A 2965 -59.05 -34.89 -0.14
N GLU A 2966 -58.89 -35.98 0.60
CA GLU A 2966 -59.10 -35.95 2.04
C GLU A 2966 -57.88 -35.41 2.78
N ALA A 2967 -56.69 -35.64 2.23
CA ALA A 2967 -55.47 -35.33 2.96
C ALA A 2967 -54.93 -33.93 2.72
N ARG A 2968 -55.79 -32.92 2.82
CA ARG A 2968 -55.34 -31.53 2.85
C ARG A 2968 -55.02 -31.17 4.29
N TYR A 2969 -53.80 -30.74 4.53
CA TYR A 2969 -53.34 -30.37 5.86
C TYR A 2969 -53.11 -28.87 5.83
N LYS A 2970 -53.94 -28.14 6.58
CA LYS A 2970 -53.94 -26.69 6.52
C LYS A 2970 -52.86 -26.06 7.38
N GLU A 2971 -52.11 -26.86 8.13
CA GLU A 2971 -51.09 -26.34 9.02
C GLU A 2971 -49.73 -26.49 8.34
N GLU A 2972 -48.80 -25.62 8.71
CA GLU A 2972 -47.49 -25.64 8.08
C GLU A 2972 -46.66 -26.78 8.65
N VAL A 2973 -45.84 -27.37 7.79
CA VAL A 2973 -44.93 -28.44 8.18
C VAL A 2973 -43.52 -27.99 7.85
N SER A 2974 -42.74 -27.69 8.89
CA SER A 2974 -41.39 -27.20 8.69
C SER A 2974 -40.46 -28.34 8.25
N THR A 2975 -39.46 -27.98 7.45
CA THR A 2975 -38.47 -28.95 7.02
C THR A 2975 -37.59 -29.39 8.19
N VAL A 2976 -37.43 -28.50 9.19
CA VAL A 2976 -36.56 -28.76 10.33
C VAL A 2976 -37.07 -29.90 11.19
N GLU A 2977 -38.39 -30.05 11.34
CA GLU A 2977 -38.89 -31.15 12.15
C GLU A 2977 -38.88 -32.46 11.39
N LEU A 2978 -38.93 -32.39 10.05
CA LEU A 2978 -38.78 -33.60 9.24
C LEU A 2978 -37.35 -34.12 9.33
N ILE A 2979 -36.39 -33.19 9.31
CA ILE A 2979 -34.99 -33.56 9.52
C ILE A 2979 -34.78 -34.09 10.93
N LYS A 2980 -35.44 -33.48 11.93
CA LYS A 2980 -35.31 -33.94 13.31
C LYS A 2980 -35.90 -35.32 13.53
N GLN A 2981 -36.97 -35.67 12.84
CA GLN A 2981 -37.52 -37.02 13.00
C GLN A 2981 -36.93 -38.02 12.01
N ASN A 2982 -36.10 -37.56 11.08
CA ASN A 2982 -35.22 -38.49 10.38
C ASN A 2982 -34.00 -38.85 11.25
N ILE A 2983 -33.33 -37.83 11.81
CA ILE A 2983 -32.10 -38.07 12.56
C ILE A 2983 -32.39 -38.77 13.90
N TYR A 2984 -33.46 -38.37 14.60
CA TYR A 2984 -33.72 -38.78 15.97
C TYR A 2984 -35.04 -39.54 16.14
N PRO A 2985 -35.07 -40.83 15.78
CA PRO A 2985 -36.24 -41.65 16.09
C PRO A 2985 -36.19 -42.03 17.57
N GLY A 2986 -37.35 -42.31 18.14
CA GLY A 2986 -37.40 -42.71 19.53
C GLY A 2986 -37.46 -44.21 19.74
N PRO A 2987 -37.77 -44.63 20.97
CA PRO A 2987 -37.85 -46.07 21.25
C PRO A 2987 -39.11 -46.74 20.69
N GLN A 2988 -40.10 -45.97 20.26
CA GLN A 2988 -41.23 -46.56 19.56
C GLN A 2988 -40.81 -47.06 18.18
N ALA A 2989 -39.99 -46.29 17.48
CA ALA A 2989 -39.45 -46.73 16.21
C ALA A 2989 -38.23 -47.63 16.42
N SER A 2990 -38.00 -48.51 15.44
CA SER A 2990 -36.85 -49.43 15.38
C SER A 2990 -36.77 -50.33 16.61
N SER A 2991 -37.93 -50.80 17.08
CA SER A 2991 -38.01 -51.73 18.23
C SER A 2991 -38.89 -52.92 17.83
N ARG A 2992 -38.26 -53.91 17.19
CA ARG A 2992 -38.95 -55.07 16.65
C ARG A 2992 -37.89 -56.09 16.25
N GLY A 2993 -38.37 -57.19 15.67
CA GLY A 2993 -37.47 -58.09 14.95
C GLY A 2993 -37.02 -57.45 13.66
N LEU A 2994 -35.69 -57.43 13.43
CA LEU A 2994 -35.03 -56.82 12.28
C LEU A 2994 -35.30 -55.32 12.18
N ASP A 2995 -34.91 -54.71 11.05
CA ASP A 2995 -35.14 -53.28 10.82
C ASP A 2995 -35.46 -53.08 9.34
N GLY A 2996 -36.76 -53.08 9.02
CA GLY A 2996 -37.16 -52.80 7.65
C GLY A 2996 -37.85 -51.46 7.51
N ALA A 2997 -38.10 -50.79 8.64
CA ALA A 2997 -38.80 -49.51 8.60
C ALA A 2997 -37.83 -48.36 8.88
N GLU A 2998 -36.53 -48.63 8.80
CA GLU A 2998 -35.49 -47.63 8.96
C GLU A 2998 -35.52 -46.64 7.80
N SER A 2999 -35.11 -45.40 8.04
CA SER A 2999 -35.08 -44.43 6.96
C SER A 2999 -33.82 -44.67 6.12
N ARG A 3000 -33.80 -44.03 4.95
CA ARG A 3000 -32.72 -44.26 4.00
C ARG A 3000 -31.34 -43.78 4.45
N TYR A 3001 -31.16 -42.45 4.52
CA TYR A 3001 -30.15 -41.57 5.14
C TYR A 3001 -30.55 -40.13 4.79
N LEU A 3002 -29.75 -39.12 5.14
CA LEU A 3002 -30.02 -37.78 4.65
C LEU A 3002 -29.04 -37.38 3.55
N LEU A 3003 -29.55 -36.67 2.55
CA LEU A 3003 -28.77 -35.79 1.67
C LEU A 3003 -29.32 -34.39 1.85
N VAL A 3004 -28.51 -33.48 2.38
CA VAL A 3004 -28.91 -32.10 2.59
C VAL A 3004 -28.27 -31.22 1.51
N LEU A 3005 -29.12 -30.71 0.61
CA LEU A 3005 -28.69 -29.86 -0.49
C LEU A 3005 -28.67 -28.41 -0.03
N THR A 3006 -27.63 -27.69 -0.38
CA THR A 3006 -27.46 -26.31 0.08
C THR A 3006 -26.94 -25.41 -1.02
N ARG A 3007 -26.83 -24.13 -0.66
CA ARG A 3007 -26.02 -23.13 -1.34
C ARG A 3007 -25.00 -22.60 -0.36
N ASN A 3008 -23.76 -22.40 -0.84
CA ASN A 3008 -22.69 -21.69 -0.12
C ASN A 3008 -22.29 -22.32 1.22
N TYR A 3009 -22.50 -23.63 1.34
CA TYR A 3009 -21.93 -24.49 2.40
C TYR A 3009 -22.39 -24.08 3.81
N VAL A 3010 -23.70 -24.15 4.02
CA VAL A 3010 -24.31 -23.53 5.20
C VAL A 3010 -25.25 -24.52 5.90
N ALA A 3011 -25.16 -25.81 5.52
CA ALA A 3011 -25.89 -26.84 6.25
C ALA A 3011 -25.36 -27.05 7.66
N LEU A 3012 -24.05 -27.14 7.81
CA LEU A 3012 -23.45 -27.64 9.04
C LEU A 3012 -23.65 -26.69 10.21
N GLN A 3013 -23.69 -25.38 9.95
CA GLN A 3013 -24.01 -24.41 10.98
C GLN A 3013 -25.42 -24.62 11.54
N ILE A 3014 -26.40 -24.82 10.65
CA ILE A 3014 -27.78 -25.01 11.08
C ILE A 3014 -27.93 -26.34 11.81
N LEU A 3015 -27.32 -27.40 11.26
CA LEU A 3015 -27.36 -28.71 11.90
C LEU A 3015 -26.67 -28.73 13.25
N GLN A 3016 -25.61 -27.93 13.43
CA GLN A 3016 -24.89 -27.91 14.70
C GLN A 3016 -25.48 -26.97 15.73
N GLN A 3017 -26.27 -25.98 15.32
CA GLN A 3017 -26.98 -25.19 16.33
C GLN A 3017 -28.33 -25.78 16.68
N THR A 3018 -29.18 -26.01 15.68
CA THR A 3018 -30.58 -26.34 15.93
C THR A 3018 -30.75 -27.82 16.28
N PHE A 3019 -30.08 -28.70 15.54
CA PHE A 3019 -30.45 -30.11 15.49
C PHE A 3019 -29.62 -30.99 16.42
N PHE A 3020 -28.30 -30.89 16.34
CA PHE A 3020 -27.40 -31.84 17.00
C PHE A 3020 -27.46 -31.66 18.51
N GLU A 3021 -28.09 -32.61 19.20
CA GLU A 3021 -28.34 -32.53 20.62
C GLU A 3021 -27.64 -33.67 21.34
N GLY A 3022 -27.06 -33.37 22.50
CA GLY A 3022 -26.49 -34.40 23.34
C GLY A 3022 -25.09 -34.78 22.96
N GLN A 3023 -24.94 -35.55 21.89
CA GLN A 3023 -23.64 -35.98 21.39
C GLN A 3023 -23.46 -35.48 19.96
N GLN A 3024 -22.40 -34.71 19.74
CA GLN A 3024 -22.11 -34.22 18.40
C GLN A 3024 -21.65 -35.37 17.51
N PRO A 3025 -21.98 -35.34 16.22
CA PRO A 3025 -21.46 -36.35 15.29
C PRO A 3025 -19.97 -36.24 15.02
N GLU A 3026 -19.46 -37.15 14.20
CA GLU A 3026 -18.04 -37.31 13.93
C GLU A 3026 -17.87 -36.92 12.46
N ILE A 3027 -17.54 -35.65 12.23
CA ILE A 3027 -17.50 -35.05 10.90
C ILE A 3027 -16.36 -35.62 10.05
N ILE A 3028 -16.70 -36.30 8.95
CA ILE A 3028 -15.72 -36.83 8.00
C ILE A 3028 -15.67 -35.87 6.81
N PHE A 3029 -14.47 -35.39 6.51
CA PHE A 3029 -14.28 -34.23 5.64
C PHE A 3029 -13.03 -34.44 4.80
N GLY A 3030 -12.99 -33.74 3.66
CA GLY A 3030 -11.88 -33.81 2.74
C GLY A 3030 -10.70 -32.92 3.10
N SER A 3031 -9.84 -33.41 4.00
CA SER A 3031 -8.81 -32.62 4.67
C SER A 3031 -7.89 -31.88 3.71
N SER A 3032 -7.59 -30.63 4.06
CA SER A 3032 -6.88 -29.69 3.20
C SER A 3032 -5.47 -29.40 3.69
N PHE A 3033 -4.96 -30.18 4.65
CA PHE A 3033 -3.54 -30.10 5.00
C PHE A 3033 -2.68 -30.43 3.78
N PRO A 3034 -1.57 -29.74 3.59
CA PRO A 3034 -0.72 -30.01 2.42
C PRO A 3034 0.10 -31.28 2.61
N GLN A 3035 0.53 -31.84 1.48
CA GLN A 3035 1.36 -33.02 1.34
C GLN A 3035 0.75 -34.28 1.95
N ASP A 3036 -0.54 -34.26 2.27
CA ASP A 3036 -1.30 -35.46 2.54
C ASP A 3036 -1.74 -36.09 1.22
N GLN A 3037 -1.62 -37.40 1.13
CA GLN A 3037 -2.04 -38.10 -0.07
C GLN A 3037 -3.52 -38.44 0.09
N GLU A 3038 -4.24 -38.36 -1.03
CA GLU A 3038 -5.68 -38.56 -1.01
C GLU A 3038 -6.07 -39.99 -0.62
N TYR A 3039 -5.25 -40.98 -1.00
CA TYR A 3039 -5.60 -42.37 -0.79
C TYR A 3039 -5.60 -42.73 0.69
N THR A 3040 -4.57 -42.31 1.43
CA THR A 3040 -4.49 -42.59 2.86
C THR A 3040 -5.57 -41.83 3.62
N GLN A 3041 -5.97 -40.65 3.14
CA GLN A 3041 -7.05 -39.92 3.79
C GLN A 3041 -8.40 -40.55 3.54
N ILE A 3042 -8.61 -41.14 2.35
CA ILE A 3042 -9.82 -41.91 2.11
C ILE A 3042 -9.86 -43.15 3.00
N CYS A 3043 -8.71 -43.82 3.17
CA CYS A 3043 -8.63 -44.98 4.06
C CYS A 3043 -8.97 -44.61 5.51
N ARG A 3044 -8.41 -43.50 6.01
CA ARG A 3044 -8.67 -43.12 7.40
C ARG A 3044 -10.09 -42.60 7.59
N ASN A 3045 -10.67 -41.97 6.56
CA ASN A 3045 -12.05 -41.52 6.66
C ASN A 3045 -13.01 -42.69 6.68
N ILE A 3046 -12.72 -43.74 5.91
CA ILE A 3046 -13.57 -44.92 5.92
C ILE A 3046 -13.40 -45.72 7.21
N ASN A 3047 -12.21 -45.67 7.81
CA ASN A 3047 -12.03 -46.25 9.13
C ASN A 3047 -12.87 -45.53 10.17
N ARG A 3048 -12.95 -44.19 10.07
CA ARG A 3048 -13.75 -43.45 11.04
C ARG A 3048 -15.24 -43.71 10.83
N VAL A 3049 -15.68 -43.80 9.56
CA VAL A 3049 -17.05 -44.20 9.24
C VAL A 3049 -17.36 -45.59 9.81
N LYS A 3050 -16.42 -46.52 9.70
CA LYS A 3050 -16.65 -47.90 10.12
C LYS A 3050 -16.73 -47.99 11.65
N ILE A 3051 -15.87 -47.25 12.35
CA ILE A 3051 -15.92 -47.20 13.81
C ILE A 3051 -17.23 -46.57 14.27
N CYS A 3052 -17.71 -45.54 13.55
CA CYS A 3052 -18.98 -44.93 13.95
C CYS A 3052 -20.19 -45.81 13.62
N MET A 3053 -20.08 -46.69 12.61
CA MET A 3053 -21.14 -47.69 12.43
C MET A 3053 -21.12 -48.71 13.56
N GLU A 3054 -19.94 -49.08 14.04
CA GLU A 3054 -19.87 -50.02 15.15
C GLU A 3054 -20.42 -49.42 16.44
N THR A 3055 -19.95 -48.23 16.82
CA THR A 3055 -20.34 -47.68 18.12
C THR A 3055 -21.71 -47.01 18.08
N GLY A 3056 -22.19 -46.64 16.91
CA GLY A 3056 -23.54 -46.11 16.77
C GLY A 3056 -23.70 -44.63 17.03
N LYS A 3057 -22.72 -43.82 16.63
CA LYS A 3057 -22.85 -42.38 16.59
C LYS A 3057 -23.02 -41.93 15.14
N MET A 3058 -23.44 -40.68 14.98
CA MET A 3058 -23.81 -40.19 13.67
C MET A 3058 -22.59 -39.89 12.81
N VAL A 3059 -22.83 -39.74 11.51
CA VAL A 3059 -21.79 -39.41 10.53
C VAL A 3059 -22.30 -38.28 9.65
N VAL A 3060 -21.57 -37.18 9.61
CA VAL A 3060 -21.82 -36.09 8.69
C VAL A 3060 -20.70 -36.08 7.65
N LEU A 3061 -21.00 -36.51 6.44
CA LEU A 3061 -20.03 -36.53 5.36
C LEU A 3061 -20.05 -35.18 4.64
N LEU A 3062 -18.88 -34.54 4.54
CA LEU A 3062 -18.76 -33.35 3.70
C LEU A 3062 -18.15 -33.63 2.34
N ASN A 3063 -17.66 -34.83 2.10
CA ASN A 3063 -17.36 -35.32 0.76
C ASN A 3063 -18.11 -36.63 0.50
N LEU A 3064 -18.49 -36.83 -0.76
CA LEU A 3064 -18.99 -38.14 -1.18
C LEU A 3064 -18.44 -38.61 -2.52
N GLN A 3065 -17.98 -37.71 -3.39
CA GLN A 3065 -17.41 -38.05 -4.70
C GLN A 3065 -16.05 -38.74 -4.58
N ASN A 3066 -15.43 -38.73 -3.40
CA ASN A 3066 -14.31 -39.59 -3.08
C ASN A 3066 -14.73 -40.90 -2.43
N LEU A 3067 -15.93 -40.97 -1.85
CA LEU A 3067 -16.34 -42.09 -1.03
C LEU A 3067 -17.49 -42.90 -1.61
N TYR A 3068 -18.01 -42.54 -2.79
CA TYR A 3068 -19.15 -43.24 -3.36
C TYR A 3068 -18.82 -44.67 -3.74
N GLU A 3069 -17.64 -44.90 -4.32
CA GLU A 3069 -17.24 -46.26 -4.68
C GLU A 3069 -17.08 -47.17 -3.46
N SER A 3070 -16.76 -46.59 -2.31
CA SER A 3070 -16.56 -47.37 -1.10
C SER A 3070 -17.76 -47.42 -0.14
N LEU A 3071 -18.89 -46.79 -0.48
CA LEU A 3071 -19.97 -46.72 0.49
C LEU A 3071 -21.34 -46.97 -0.13
N TYR A 3072 -21.43 -47.30 -1.41
CA TYR A 3072 -22.71 -47.43 -2.10
C TYR A 3072 -23.52 -48.60 -1.58
N ASP A 3073 -22.84 -49.70 -1.20
CA ASP A 3073 -23.54 -50.83 -0.60
C ASP A 3073 -24.06 -50.51 0.79
N ALA A 3074 -23.43 -49.57 1.49
CA ALA A 3074 -23.99 -49.12 2.76
C ALA A 3074 -25.18 -48.20 2.54
N LEU A 3075 -25.13 -47.38 1.48
CA LEU A 3075 -26.22 -46.49 1.18
C LEU A 3075 -27.44 -47.26 0.67
N ASN A 3076 -27.20 -48.42 0.04
CA ASN A 3076 -28.26 -49.31 -0.40
C ASN A 3076 -29.13 -49.83 0.75
N GLN A 3077 -28.54 -50.02 1.94
CA GLN A 3077 -29.20 -50.55 3.13
C GLN A 3077 -29.80 -51.94 2.91
N TYR A 3078 -28.98 -52.86 2.43
CA TYR A 3078 -29.37 -54.27 2.40
C TYR A 3078 -28.43 -55.01 3.34
N TYR A 3079 -28.99 -55.71 4.31
CA TYR A 3079 -28.20 -56.21 5.43
C TYR A 3079 -28.15 -57.73 5.45
N VAL A 3080 -27.06 -58.23 6.00
CA VAL A 3080 -26.85 -59.66 6.26
C VAL A 3080 -26.89 -59.85 7.77
N TYR A 3081 -27.78 -60.72 8.26
CA TYR A 3081 -28.01 -60.82 9.69
C TYR A 3081 -27.30 -62.05 10.25
N LEU A 3082 -26.35 -61.80 11.16
CA LEU A 3082 -25.73 -62.83 11.98
C LEU A 3082 -26.03 -62.57 13.44
N GLY A 3083 -26.68 -63.52 14.11
CA GLY A 3083 -26.93 -63.42 15.54
C GLY A 3083 -27.84 -62.29 15.95
N GLY A 3084 -28.73 -61.87 15.06
CA GLY A 3084 -29.55 -60.70 15.32
C GLY A 3084 -28.74 -59.44 15.22
N GLN A 3085 -27.72 -59.43 14.36
CA GLN A 3085 -26.87 -58.28 14.15
C GLN A 3085 -26.71 -58.05 12.66
N LYS A 3086 -26.80 -56.79 12.24
CA LYS A 3086 -26.80 -56.46 10.83
C LYS A 3086 -25.40 -56.10 10.34
N TYR A 3087 -25.08 -56.58 9.14
CA TYR A 3087 -23.76 -56.44 8.55
C TYR A 3087 -23.95 -55.95 7.11
N VAL A 3088 -23.19 -54.93 6.72
CA VAL A 3088 -23.32 -54.38 5.40
C VAL A 3088 -21.93 -54.40 4.76
N ASP A 3089 -21.89 -54.35 3.43
CA ASP A 3089 -20.63 -54.49 2.72
C ASP A 3089 -19.96 -53.13 2.62
N LEU A 3090 -18.69 -53.09 2.99
CA LEU A 3090 -17.82 -51.95 2.77
C LEU A 3090 -16.59 -52.40 1.99
N GLY A 3091 -16.06 -51.48 1.18
CA GLY A 3091 -15.02 -51.82 0.24
C GLY A 3091 -13.88 -50.83 0.30
N LEU A 3092 -12.68 -51.35 0.05
CA LEU A 3092 -11.50 -50.52 -0.18
C LEU A 3092 -10.68 -51.14 -1.29
N GLY A 3093 -10.53 -50.42 -2.40
CA GLY A 3093 -9.91 -50.99 -3.58
C GLY A 3093 -10.75 -52.12 -4.13
N THR A 3094 -10.25 -53.34 -3.95
CA THR A 3094 -10.96 -54.55 -4.34
C THR A 3094 -11.31 -55.42 -3.14
N HIS A 3095 -11.29 -54.83 -1.95
CA HIS A 3095 -11.48 -55.55 -0.68
C HIS A 3095 -12.88 -55.29 -0.14
N ARG A 3096 -13.77 -56.27 -0.26
CA ARG A 3096 -15.13 -56.16 0.28
C ARG A 3096 -15.26 -57.00 1.54
N VAL A 3097 -15.73 -56.38 2.63
CA VAL A 3097 -16.02 -57.09 3.89
C VAL A 3097 -17.36 -56.65 4.45
N LYS A 3098 -17.96 -57.53 5.24
CA LYS A 3098 -19.20 -57.24 5.97
C LYS A 3098 -18.87 -56.64 7.33
N CYS A 3099 -19.18 -55.36 7.51
CA CYS A 3099 -18.97 -54.62 8.74
C CYS A 3099 -20.27 -54.49 9.52
N ARG A 3100 -20.16 -54.64 10.85
CA ARG A 3100 -21.29 -54.53 11.76
C ARG A 3100 -21.84 -53.11 11.83
N VAL A 3101 -23.18 -53.00 11.76
CA VAL A 3101 -23.88 -51.73 11.87
C VAL A 3101 -24.70 -51.71 13.16
N HIS A 3102 -24.53 -50.68 13.97
CA HIS A 3102 -25.28 -50.58 15.21
C HIS A 3102 -26.72 -50.18 14.89
N THR A 3103 -27.63 -50.53 15.80
CA THR A 3103 -29.06 -50.34 15.56
C THR A 3103 -29.50 -48.87 15.61
N ALA A 3104 -28.64 -47.95 16.03
CA ALA A 3104 -28.91 -46.51 15.94
C ALA A 3104 -27.74 -45.86 15.21
N PHE A 3105 -27.78 -45.87 13.88
CA PHE A 3105 -26.75 -45.24 13.08
C PHE A 3105 -27.39 -44.36 12.01
N ARG A 3106 -26.92 -43.12 11.91
CA ARG A 3106 -27.44 -42.14 10.96
C ARG A 3106 -26.29 -41.55 10.15
N LEU A 3107 -26.54 -41.31 8.87
CA LEU A 3107 -25.56 -40.68 7.99
C LEU A 3107 -26.21 -39.51 7.26
N ILE A 3108 -25.51 -38.37 7.26
CA ILE A 3108 -25.93 -37.18 6.53
C ILE A 3108 -24.83 -36.79 5.55
N VAL A 3109 -25.16 -36.77 4.27
CA VAL A 3109 -24.32 -36.13 3.25
C VAL A 3109 -24.73 -34.66 3.17
N ILE A 3110 -23.75 -33.77 3.09
CA ILE A 3110 -23.99 -32.35 2.86
C ILE A 3110 -23.40 -31.98 1.51
N GLU A 3111 -24.22 -31.40 0.62
CA GLU A 3111 -23.73 -31.14 -0.72
C GLU A 3111 -24.48 -29.95 -1.31
N GLU A 3112 -23.78 -29.20 -2.18
CA GLU A 3112 -24.40 -28.11 -2.94
C GLU A 3112 -25.52 -28.64 -3.81
N LYS A 3113 -26.54 -27.78 -4.00
CA LYS A 3113 -27.66 -28.10 -4.89
C LYS A 3113 -27.19 -28.26 -6.33
N ASP A 3114 -26.20 -27.46 -6.75
CA ASP A 3114 -25.71 -27.49 -8.12
C ASP A 3114 -24.94 -28.77 -8.39
N VAL A 3115 -24.07 -29.16 -7.45
CA VAL A 3115 -23.25 -30.35 -7.61
C VAL A 3115 -24.13 -31.60 -7.62
N VAL A 3116 -25.19 -31.61 -6.80
CA VAL A 3116 -26.17 -32.70 -6.85
C VAL A 3116 -26.88 -32.72 -8.20
N TYR A 3117 -27.28 -31.55 -8.70
CA TYR A 3117 -28.06 -31.55 -9.94
C TYR A 3117 -27.22 -31.75 -11.20
N LYS A 3118 -25.89 -31.68 -11.14
CA LYS A 3118 -25.13 -31.87 -12.37
C LYS A 3118 -23.92 -32.79 -12.28
N GLN A 3119 -23.57 -33.33 -11.11
CA GLN A 3119 -22.43 -34.23 -11.02
C GLN A 3119 -22.71 -35.58 -10.38
N PHE A 3120 -23.76 -35.71 -9.59
CA PHE A 3120 -24.09 -36.99 -8.99
C PHE A 3120 -24.72 -37.94 -10.01
N PRO A 3121 -24.36 -39.23 -9.98
CA PRO A 3121 -24.73 -40.16 -11.06
C PRO A 3121 -26.20 -40.57 -11.12
N VAL A 3122 -27.00 -40.33 -10.07
CA VAL A 3122 -28.41 -40.70 -9.87
C VAL A 3122 -28.68 -42.22 -9.96
N PRO A 3123 -27.86 -43.05 -9.30
CA PRO A 3123 -28.44 -43.94 -8.27
C PRO A 3123 -28.40 -43.29 -6.91
N LEU A 3124 -27.57 -42.25 -6.78
CA LEU A 3124 -27.32 -41.62 -5.51
C LEU A 3124 -28.49 -40.76 -5.04
N ILE A 3125 -29.07 -39.96 -5.92
CA ILE A 3125 -30.23 -39.15 -5.54
C ILE A 3125 -31.40 -40.03 -5.13
N ASN A 3126 -31.56 -41.20 -5.76
CA ASN A 3126 -32.65 -42.09 -5.38
C ASN A 3126 -32.44 -42.81 -4.06
N ARG A 3127 -31.23 -42.83 -3.49
CA ARG A 3127 -30.99 -43.56 -2.26
C ARG A 3127 -31.00 -42.74 -0.98
N LEU A 3128 -31.24 -41.43 -1.02
CA LEU A 3128 -30.80 -40.60 0.09
C LEU A 3128 -31.79 -39.65 0.75
N GLU A 3129 -33.07 -39.61 0.33
CA GLU A 3129 -34.15 -38.89 1.03
C GLU A 3129 -33.84 -37.40 1.17
N LYS A 3130 -33.95 -36.71 0.03
CA LYS A 3130 -33.52 -35.33 -0.11
C LYS A 3130 -34.37 -34.36 0.70
N HIS A 3131 -33.73 -33.30 1.18
CA HIS A 3131 -34.39 -32.12 1.73
C HIS A 3131 -33.49 -30.93 1.45
N TYR A 3132 -34.08 -29.74 1.44
CA TYR A 3132 -33.36 -28.52 1.14
C TYR A 3132 -33.41 -27.60 2.33
N LEU A 3133 -32.25 -27.02 2.69
CA LEU A 3133 -32.14 -26.20 3.90
C LEU A 3133 -31.05 -25.15 3.64
N ASP A 3134 -31.46 -23.97 3.15
CA ASP A 3134 -30.42 -23.01 2.85
C ASP A 3134 -30.22 -21.99 3.98
N MET A 3135 -31.04 -20.94 4.08
CA MET A 3135 -31.11 -20.19 5.31
C MET A 3135 -32.54 -19.64 5.41
N ASN A 3136 -33.18 -19.49 4.26
CA ASN A 3136 -34.58 -19.12 4.18
C ASN A 3136 -35.50 -20.25 4.60
N THR A 3137 -35.04 -21.50 4.53
CA THR A 3137 -35.82 -22.63 5.02
C THR A 3137 -35.97 -22.60 6.53
N VAL A 3138 -34.90 -22.25 7.25
CA VAL A 3138 -34.92 -22.34 8.70
C VAL A 3138 -35.39 -21.04 9.35
N LEU A 3139 -35.36 -19.92 8.63
CA LEU A 3139 -35.76 -18.63 9.17
C LEU A 3139 -37.24 -18.39 8.92
N GLN A 3140 -38.00 -18.22 10.00
CA GLN A 3140 -39.36 -17.72 9.93
C GLN A 3140 -39.35 -16.27 9.41
N PRO A 3141 -40.47 -15.78 8.84
CA PRO A 3141 -40.44 -14.44 8.20
C PRO A 3141 -40.15 -13.28 9.15
N TRP A 3142 -40.60 -13.36 10.41
CA TRP A 3142 -40.24 -12.31 11.36
C TRP A 3142 -38.74 -12.35 11.67
N GLN A 3143 -38.13 -13.53 11.62
CA GLN A 3143 -36.69 -13.61 11.79
C GLN A 3143 -35.97 -13.03 10.58
N LYS A 3144 -36.56 -13.14 9.39
CA LYS A 3144 -36.01 -12.47 8.21
C LYS A 3144 -36.13 -10.95 8.33
N SER A 3145 -37.21 -10.48 8.96
CA SER A 3145 -37.34 -9.04 9.21
C SER A 3145 -36.30 -8.58 10.23
N ILE A 3146 -35.99 -9.41 11.22
CA ILE A 3146 -34.88 -9.11 12.13
C ILE A 3146 -33.56 -9.06 11.37
N VAL A 3147 -33.38 -9.95 10.39
CA VAL A 3147 -32.17 -9.95 9.57
C VAL A 3147 -32.04 -8.64 8.79
N GLN A 3148 -33.13 -8.19 8.18
CA GLN A 3148 -33.08 -6.95 7.38
C GLN A 3148 -32.91 -5.72 8.26
N GLU A 3149 -33.61 -5.68 9.40
CA GLU A 3149 -33.44 -4.59 10.37
C GLU A 3149 -32.01 -4.57 10.92
N LEU A 3150 -31.41 -5.75 11.11
CA LEU A 3150 -30.06 -5.82 11.64
C LEU A 3150 -29.04 -5.38 10.59
N GLN A 3151 -29.30 -5.67 9.31
CA GLN A 3151 -28.42 -5.17 8.26
C GLN A 3151 -28.52 -3.65 8.15
N GLN A 3152 -29.72 -3.10 8.31
CA GLN A 3152 -29.87 -1.63 8.33
C GLN A 3152 -29.17 -1.03 9.56
N TRP A 3153 -29.25 -1.73 10.70
CA TRP A 3153 -28.58 -1.30 11.92
C TRP A 3153 -27.07 -1.29 11.74
N ALA A 3154 -26.53 -2.30 11.05
CA ALA A 3154 -25.09 -2.36 10.81
C ALA A 3154 -24.66 -1.27 9.83
N HIS A 3155 -25.42 -1.07 8.75
CA HIS A 3155 -25.07 -0.03 7.78
C HIS A 3155 -25.23 1.39 8.31
N GLU A 3156 -26.01 1.59 9.39
CA GLU A 3156 -25.99 2.91 10.02
C GLU A 3156 -25.12 2.96 11.27
N PHE A 3157 -24.67 1.81 11.77
CA PHE A 3157 -23.57 1.76 12.73
C PHE A 3157 -22.28 2.20 12.07
N ALA A 3158 -22.04 1.75 10.84
CA ALA A 3158 -20.78 1.99 10.15
C ALA A 3158 -20.70 3.39 9.55
N ASP A 3159 -21.76 3.81 8.85
CA ASP A 3159 -21.74 5.07 8.13
C ASP A 3159 -21.77 6.26 9.08
N VAL A 3160 -20.59 6.78 9.41
CA VAL A 3160 -20.44 7.87 10.37
C VAL A 3160 -20.15 9.16 9.60
N LYS A 3161 -20.89 10.21 9.96
CA LYS A 3161 -20.76 11.53 9.34
C LYS A 3161 -20.17 12.50 10.36
N ALA A 3162 -18.85 12.72 10.29
CA ALA A 3162 -18.22 13.65 11.20
C ALA A 3162 -17.09 14.36 10.48
N ASP A 3163 -16.74 15.54 10.99
CA ASP A 3163 -15.62 16.31 10.47
C ASP A 3163 -14.58 16.57 11.54
N GLN A 3164 -14.23 15.54 12.33
CA GLN A 3164 -13.16 15.68 13.31
C GLN A 3164 -11.81 15.84 12.64
N PHE A 3165 -11.54 15.04 11.61
CA PHE A 3165 -10.45 15.27 10.68
C PHE A 3165 -11.04 15.51 9.30
N ILE A 3166 -10.47 16.47 8.57
CA ILE A 3166 -11.01 16.86 7.27
C ILE A 3166 -10.59 15.86 6.20
N ALA A 3167 -11.21 14.68 6.23
CA ALA A 3167 -10.93 13.62 5.27
C ALA A 3167 -12.25 12.94 4.93
N ARG A 3168 -12.27 12.25 3.79
CA ARG A 3168 -13.47 11.55 3.33
C ARG A 3168 -13.17 10.06 3.24
N HIS A 3169 -13.56 9.32 4.27
CA HIS A 3169 -13.39 7.86 4.31
C HIS A 3169 -14.67 7.28 4.90
N LYS A 3170 -15.62 6.95 4.03
CA LYS A 3170 -16.87 6.34 4.46
C LYS A 3170 -16.65 4.89 4.84
N TYR A 3171 -17.04 4.52 6.06
CA TYR A 3171 -16.75 3.19 6.59
C TYR A 3171 -17.90 2.24 6.28
N SER A 3172 -17.56 1.09 5.71
CA SER A 3172 -18.41 -0.05 5.46
C SER A 3172 -18.57 -0.87 6.74
N PRO A 3173 -19.68 -1.61 6.90
CA PRO A 3173 -19.79 -2.51 8.06
C PRO A 3173 -18.87 -3.72 7.98
N ALA A 3174 -18.28 -4.01 6.82
CA ALA A 3174 -17.19 -4.97 6.77
C ALA A 3174 -15.96 -4.43 7.51
N ASP A 3175 -15.74 -3.11 7.40
CA ASP A 3175 -14.61 -2.50 8.09
C ASP A 3175 -14.83 -2.48 9.59
N VAL A 3176 -16.05 -2.11 10.01
CA VAL A 3176 -16.34 -1.91 11.43
C VAL A 3176 -16.44 -3.26 12.14
N PHE A 3177 -17.21 -4.17 11.59
CA PHE A 3177 -17.40 -5.50 12.14
C PHE A 3177 -16.48 -6.46 11.39
N ILE A 3178 -15.46 -6.95 12.07
CA ILE A 3178 -14.41 -7.71 11.39
C ILE A 3178 -14.98 -9.09 11.09
N GLY A 3179 -15.51 -9.26 9.88
CA GLY A 3179 -16.10 -10.53 9.51
C GLY A 3179 -17.37 -10.41 8.69
N TYR A 3180 -17.95 -9.21 8.65
CA TYR A 3180 -19.20 -8.97 7.94
C TYR A 3180 -19.02 -9.19 6.44
N HIS A 3181 -19.90 -10.01 5.85
CA HIS A 3181 -19.76 -10.42 4.46
C HIS A 3181 -21.10 -10.48 3.73
N SER A 3182 -22.06 -9.65 4.15
CA SER A 3182 -23.40 -9.50 3.55
C SER A 3182 -24.22 -10.79 3.63
N ASP A 3183 -23.82 -11.72 4.49
CA ASP A 3183 -24.61 -12.91 4.81
C ASP A 3183 -24.48 -13.21 6.30
N ALA A 3184 -23.89 -12.30 7.07
CA ALA A 3184 -23.56 -12.54 8.46
C ALA A 3184 -24.74 -12.35 9.39
N CYS A 3185 -25.64 -11.42 9.07
CA CYS A 3185 -26.73 -11.10 9.98
C CYS A 3185 -27.76 -12.23 10.08
N ALA A 3186 -27.90 -13.03 9.03
CA ALA A 3186 -28.71 -14.24 9.12
C ALA A 3186 -28.09 -15.25 10.09
N SER A 3187 -26.76 -15.36 10.06
CA SER A 3187 -26.04 -16.23 10.99
C SER A 3187 -26.21 -15.73 12.42
N VAL A 3188 -26.12 -14.40 12.60
CA VAL A 3188 -26.26 -13.80 13.93
C VAL A 3188 -27.66 -14.02 14.49
N VAL A 3189 -28.69 -13.85 13.65
CA VAL A 3189 -30.07 -14.06 14.11
C VAL A 3189 -30.29 -15.53 14.45
N LEU A 3190 -29.71 -16.44 13.66
CA LEU A 3190 -29.81 -17.86 13.98
C LEU A 3190 -29.09 -18.21 15.29
N GLN A 3191 -27.95 -17.56 15.55
CA GLN A 3191 -27.27 -17.78 16.83
C GLN A 3191 -28.10 -17.25 18.00
N ALA A 3192 -28.74 -16.09 17.82
CA ALA A 3192 -29.55 -15.53 18.89
C ALA A 3192 -30.77 -16.40 19.21
N VAL A 3193 -31.51 -16.83 18.17
CA VAL A 3193 -32.65 -17.72 18.38
C VAL A 3193 -32.22 -19.04 19.03
N GLU A 3194 -31.07 -19.60 18.62
CA GLU A 3194 -30.65 -20.83 19.27
C GLU A 3194 -30.09 -20.61 20.67
N ARG A 3195 -29.68 -19.38 21.00
CA ARG A 3195 -29.39 -19.07 22.40
C ARG A 3195 -30.65 -18.84 23.22
N GLN A 3196 -31.81 -18.64 22.59
CA GLN A 3196 -33.01 -18.34 23.36
C GLN A 3196 -33.50 -19.59 24.10
N GLY A 3197 -33.93 -20.61 23.36
CA GLY A 3197 -34.45 -21.82 23.96
C GLY A 3197 -35.94 -21.83 24.22
N CYS A 3198 -36.62 -20.69 24.06
CA CYS A 3198 -38.05 -20.58 24.29
C CYS A 3198 -38.84 -20.72 23.00
N ARG A 3199 -38.59 -19.83 22.03
CA ARG A 3199 -39.03 -19.94 20.63
C ARG A 3199 -40.55 -19.97 20.48
N ASP A 3200 -41.18 -18.88 20.88
CA ASP A 3200 -42.55 -18.56 20.45
C ASP A 3200 -42.74 -17.05 20.46
N LEU A 3201 -43.10 -16.52 19.30
CA LEU A 3201 -43.09 -15.08 19.01
C LEU A 3201 -44.10 -14.35 19.88
N THR A 3202 -43.62 -13.50 20.80
CA THR A 3202 -44.50 -12.97 21.84
C THR A 3202 -44.23 -11.51 22.22
N GLU A 3203 -43.36 -10.81 21.47
CA GLU A 3203 -42.90 -9.42 21.69
C GLU A 3203 -42.12 -9.20 22.99
N GLU A 3204 -41.99 -10.23 23.82
CA GLU A 3204 -41.00 -10.25 24.88
C GLU A 3204 -39.77 -11.05 24.47
N LEU A 3205 -39.94 -11.95 23.51
CA LEU A 3205 -38.87 -12.71 22.90
C LEU A 3205 -38.24 -11.95 21.74
N TYR A 3206 -39.07 -11.30 20.91
CA TYR A 3206 -38.61 -10.59 19.72
C TYR A 3206 -37.60 -9.49 20.06
N ARG A 3207 -37.89 -8.72 21.13
CA ARG A 3207 -37.00 -7.67 21.59
C ARG A 3207 -35.65 -8.23 22.04
N LYS A 3208 -35.66 -9.34 22.75
CA LYS A 3208 -34.38 -9.83 23.25
C LYS A 3208 -33.61 -10.63 22.20
N VAL A 3209 -34.28 -11.17 21.18
CA VAL A 3209 -33.55 -11.67 20.01
C VAL A 3209 -32.86 -10.51 19.30
N SER A 3210 -33.54 -9.37 19.18
CA SER A 3210 -32.93 -8.20 18.55
C SER A 3210 -31.75 -7.68 19.37
N GLU A 3211 -31.89 -7.63 20.69
CA GLU A 3211 -30.81 -7.16 21.54
C GLU A 3211 -29.65 -8.14 21.60
N GLU A 3212 -29.93 -9.45 21.54
CA GLU A 3212 -28.87 -10.44 21.50
C GLU A 3212 -28.13 -10.40 20.17
N ALA A 3213 -28.83 -10.10 19.09
CA ALA A 3213 -28.18 -9.94 17.79
C ALA A 3213 -27.28 -8.71 17.78
N ARG A 3214 -27.75 -7.62 18.38
CA ARG A 3214 -26.91 -6.42 18.50
C ARG A 3214 -25.70 -6.68 19.38
N SER A 3215 -25.88 -7.48 20.44
CA SER A 3215 -24.78 -7.87 21.30
C SER A 3215 -23.75 -8.74 20.56
N ILE A 3216 -24.23 -9.67 19.71
CA ILE A 3216 -23.32 -10.48 18.89
C ILE A 3216 -22.50 -9.62 17.94
N LEU A 3217 -23.12 -8.62 17.30
CA LEU A 3217 -22.32 -7.72 16.45
C LEU A 3217 -21.36 -6.88 17.28
N LEU A 3218 -21.81 -6.38 18.43
CA LEU A 3218 -20.94 -5.53 19.25
C LEU A 3218 -19.78 -6.31 19.84
N ASP A 3219 -19.96 -7.62 20.06
CA ASP A 3219 -18.92 -8.49 20.61
C ASP A 3219 -17.79 -8.78 19.60
N CYS A 3220 -17.85 -8.26 18.39
CA CYS A 3220 -16.81 -8.49 17.40
C CYS A 3220 -16.53 -7.20 16.64
N ALA A 3221 -16.55 -6.07 17.34
CA ALA A 3221 -16.29 -4.78 16.73
C ALA A 3221 -15.02 -4.16 17.30
N THR A 3222 -14.33 -3.40 16.45
CA THR A 3222 -13.09 -2.76 16.87
C THR A 3222 -13.40 -1.59 17.80
N PRO A 3223 -12.51 -1.28 18.75
CA PRO A 3223 -12.83 -0.23 19.73
C PRO A 3223 -12.78 1.19 19.19
N ASP A 3224 -11.98 1.45 18.14
CA ASP A 3224 -12.03 2.76 17.50
C ASP A 3224 -13.34 3.00 16.78
N ALA A 3225 -14.03 1.93 16.38
CA ALA A 3225 -15.37 2.10 15.83
C ALA A 3225 -16.36 2.52 16.91
N VAL A 3226 -16.20 1.97 18.11
CA VAL A 3226 -17.04 2.35 19.24
C VAL A 3226 -16.70 3.76 19.71
N VAL A 3227 -15.48 4.22 19.47
CA VAL A 3227 -15.16 5.62 19.76
C VAL A 3227 -15.73 6.54 18.70
N ARG A 3228 -15.65 6.14 17.42
CA ARG A 3228 -16.28 6.89 16.32
C ARG A 3228 -17.79 6.94 16.41
N LEU A 3229 -18.40 6.00 17.16
CA LEU A 3229 -19.85 5.86 17.24
C LEU A 3229 -20.56 7.07 17.86
N SER A 3230 -19.84 7.99 18.51
CA SER A 3230 -20.47 9.21 19.02
C SER A 3230 -21.01 10.11 17.91
N GLY A 3231 -20.40 10.06 16.72
CA GLY A 3231 -20.87 10.89 15.62
C GLY A 3231 -21.59 10.09 14.57
N SER A 3232 -22.13 8.95 14.97
CA SER A 3232 -22.76 8.00 14.06
C SER A 3232 -24.23 8.34 13.87
N SER A 3233 -24.85 7.67 12.90
CA SER A 3233 -26.23 7.96 12.57
C SER A 3233 -27.22 7.39 13.59
N LEU A 3234 -26.75 6.58 14.53
CA LEU A 3234 -27.64 6.00 15.52
C LEU A 3234 -28.11 7.06 16.51
N GLY A 3235 -27.17 7.78 17.10
CA GLY A 3235 -27.50 8.82 18.08
C GLY A 3235 -26.31 9.05 19.00
N SER A 3236 -26.63 9.42 20.24
CA SER A 3236 -25.60 9.51 21.28
C SER A 3236 -25.93 8.76 22.56
N PHE A 3237 -27.19 8.41 22.80
CA PHE A 3237 -27.55 7.52 23.91
C PHE A 3237 -27.44 6.07 23.53
N THR A 3238 -27.74 5.75 22.26
CA THR A 3238 -27.49 4.40 21.75
C THR A 3238 -26.01 4.10 21.79
N ALA A 3239 -25.17 5.06 21.35
CA ALA A 3239 -23.72 4.90 21.43
C ALA A 3239 -23.24 4.82 22.87
N LYS A 3240 -23.91 5.52 23.78
CA LYS A 3240 -23.59 5.44 25.21
C LYS A 3240 -23.85 4.03 25.75
N GLN A 3241 -25.03 3.47 25.46
CA GLN A 3241 -25.33 2.16 26.01
C GLN A 3241 -24.53 1.06 25.31
N LEU A 3242 -24.16 1.27 24.04
CA LEU A 3242 -23.33 0.29 23.35
C LEU A 3242 -21.90 0.33 23.87
N SER A 3243 -21.40 1.52 24.22
CA SER A 3243 -20.07 1.60 24.80
C SER A 3243 -20.05 1.02 26.22
N GLN A 3244 -21.13 1.22 26.99
CA GLN A 3244 -21.21 0.59 28.30
C GLN A 3244 -21.30 -0.93 28.21
N GLU A 3245 -21.99 -1.45 27.18
CA GLU A 3245 -22.02 -2.90 27.00
C GLU A 3245 -20.68 -3.43 26.51
N TYR A 3246 -20.00 -2.68 25.65
CA TYR A 3246 -18.74 -3.12 25.08
C TYR A 3246 -17.60 -3.07 26.09
N TYR A 3247 -17.68 -2.17 27.08
CA TYR A 3247 -16.62 -2.08 28.08
C TYR A 3247 -16.98 -2.63 29.45
N TYR A 3248 -18.23 -3.03 29.68
CA TYR A 3248 -18.52 -3.53 31.02
C TYR A 3248 -19.19 -4.90 31.03
N ALA A 3249 -20.06 -5.18 30.06
CA ALA A 3249 -20.61 -6.53 29.94
C ALA A 3249 -19.66 -7.45 29.17
N GLN A 3250 -19.18 -6.99 28.03
CA GLN A 3250 -18.36 -7.80 27.13
C GLN A 3250 -16.90 -7.46 27.37
N GLN A 3251 -16.07 -8.50 27.47
CA GLN A 3251 -14.67 -8.36 27.86
C GLN A 3251 -13.83 -8.27 26.58
N HIS A 3252 -13.22 -7.11 26.37
CA HIS A 3252 -12.43 -6.86 25.16
C HIS A 3252 -11.06 -6.28 25.49
N ASN A 3253 -10.63 -6.38 26.76
CA ASN A 3253 -9.36 -5.82 27.19
C ASN A 3253 -8.20 -6.57 26.54
N SER A 3254 -8.07 -7.86 26.85
CA SER A 3254 -6.94 -8.66 26.39
C SER A 3254 -7.39 -10.12 26.35
N PHE A 3255 -6.43 -11.02 26.18
CA PHE A 3255 -6.74 -12.44 26.10
C PHE A 3255 -6.88 -13.05 27.49
N VAL A 3256 -6.11 -12.55 28.45
CA VAL A 3256 -6.11 -13.11 29.80
C VAL A 3256 -7.41 -12.75 30.49
N ASP A 3257 -7.91 -11.55 30.25
CA ASP A 3257 -9.16 -11.10 30.86
C ASP A 3257 -10.34 -11.84 30.25
N PHE A 3258 -10.27 -12.13 28.95
CA PHE A 3258 -11.31 -12.94 28.31
C PHE A 3258 -11.34 -14.36 28.86
N LEU A 3259 -10.18 -14.94 29.15
CA LEU A 3259 -10.14 -16.22 29.86
C LEU A 3259 -10.75 -16.11 31.26
N GLN A 3260 -10.23 -15.19 32.08
CA GLN A 3260 -10.66 -15.10 33.48
C GLN A 3260 -12.11 -14.66 33.64
N ALA A 3261 -12.71 -14.06 32.61
CA ALA A 3261 -14.15 -13.84 32.59
C ALA A 3261 -14.90 -14.98 31.92
N HIS A 3262 -14.21 -15.80 31.13
CA HIS A 3262 -14.84 -16.91 30.42
C HIS A 3262 -14.85 -18.21 31.21
N LEU A 3263 -13.84 -18.43 32.06
CA LEU A 3263 -13.80 -19.64 32.85
C LEU A 3263 -14.79 -19.62 34.01
N ARG A 3264 -15.05 -18.44 34.57
CA ARG A 3264 -15.91 -18.34 35.74
C ARG A 3264 -17.39 -18.32 35.39
N MET A 3265 -17.73 -18.25 34.10
CA MET A 3265 -19.11 -18.41 33.68
C MET A 3265 -19.54 -19.86 33.85
N THR A 3266 -20.60 -20.08 34.63
CA THR A 3266 -21.13 -21.43 34.84
C THR A 3266 -21.86 -21.92 33.59
N HIS A 3267 -21.10 -22.56 32.69
CA HIS A 3267 -21.66 -23.13 31.47
C HIS A 3267 -22.52 -24.34 31.82
N HIS A 3268 -23.84 -24.19 31.75
CA HIS A 3268 -24.74 -25.31 31.99
C HIS A 3268 -24.96 -26.08 30.69
N GLU A 3269 -24.99 -27.42 30.82
CA GLU A 3269 -25.07 -28.45 29.78
C GLU A 3269 -24.21 -28.16 28.56
N CYS A 3270 -23.01 -27.61 28.79
CA CYS A 3270 -21.99 -27.48 27.77
C CYS A 3270 -20.67 -28.03 28.33
N ARG A 3271 -20.31 -29.24 27.92
CA ARG A 3271 -19.08 -29.85 28.39
C ARG A 3271 -17.85 -29.28 27.71
N ALA A 3272 -18.02 -28.53 26.62
CA ALA A 3272 -16.91 -27.92 25.91
C ALA A 3272 -17.40 -26.64 25.23
N VAL A 3273 -16.67 -25.54 25.44
CA VAL A 3273 -17.07 -24.20 25.01
C VAL A 3273 -16.03 -23.70 24.03
N PHE A 3274 -16.47 -23.36 22.82
CA PHE A 3274 -15.60 -23.11 21.67
C PHE A 3274 -15.76 -21.68 21.18
N THR A 3275 -14.65 -20.94 21.14
CA THR A 3275 -14.66 -19.53 20.82
C THR A 3275 -13.54 -19.19 19.85
N GLU A 3276 -13.87 -18.54 18.74
CA GLU A 3276 -12.88 -18.02 17.82
C GLU A 3276 -12.70 -16.52 18.05
N ILE A 3277 -11.46 -16.07 17.96
CA ILE A 3277 -11.05 -14.72 18.36
C ILE A 3277 -10.27 -14.10 17.21
N THR A 3278 -10.59 -12.85 16.88
CA THR A 3278 -9.92 -12.12 15.82
C THR A 3278 -9.14 -10.96 16.41
N THR A 3279 -7.91 -10.75 15.94
CA THR A 3279 -7.03 -9.76 16.53
C THR A 3279 -6.17 -9.09 15.47
N PHE A 3280 -5.65 -7.91 15.81
CA PHE A 3280 -4.64 -7.22 15.02
C PHE A 3280 -3.29 -7.18 15.71
N SER A 3281 -3.17 -7.68 16.94
CA SER A 3281 -1.90 -7.76 17.64
C SER A 3281 -1.02 -8.85 17.04
N ARG A 3282 0.14 -9.05 17.65
CA ARG A 3282 0.96 -10.19 17.29
C ARG A 3282 0.48 -11.43 18.01
N LEU A 3283 0.70 -12.59 17.39
CA LEU A 3283 0.32 -13.84 18.02
C LEU A 3283 1.30 -14.20 19.14
N LEU A 3284 0.83 -15.04 20.06
CA LEU A 3284 1.58 -15.35 21.26
C LEU A 3284 2.79 -16.22 20.92
N THR A 3285 3.89 -16.00 21.63
CA THR A 3285 5.20 -16.48 21.22
C THR A 3285 5.58 -17.81 21.85
N GLY A 3286 5.53 -17.90 23.17
CA GLY A 3286 6.12 -19.00 23.89
C GLY A 3286 6.71 -18.48 25.19
N ASN A 3287 7.07 -17.20 25.17
CA ASN A 3287 7.31 -16.45 26.39
C ASN A 3287 6.02 -15.86 26.92
N ASP A 3288 5.11 -15.46 26.02
CA ASP A 3288 3.81 -14.97 26.45
C ASP A 3288 2.94 -16.09 26.99
N CYS A 3289 3.17 -17.32 26.51
CA CYS A 3289 2.45 -18.48 27.02
C CYS A 3289 2.86 -18.79 28.45
N ASP A 3290 4.11 -18.49 28.80
CA ASP A 3290 4.57 -18.69 30.18
C ASP A 3290 3.92 -17.67 31.12
N VAL A 3291 3.76 -16.43 30.65
CA VAL A 3291 3.07 -15.42 31.44
C VAL A 3291 1.59 -15.77 31.59
N LEU A 3292 0.97 -16.28 30.50
CA LEU A 3292 -0.41 -16.71 30.58
C LEU A 3292 -0.61 -17.91 31.51
N ALA A 3293 0.39 -18.79 31.59
CA ALA A 3293 0.30 -19.91 32.52
C ALA A 3293 0.48 -19.44 33.95
N SER A 3294 1.42 -18.52 34.18
CA SER A 3294 1.65 -18.06 35.54
C SER A 3294 0.49 -17.18 36.02
N GLU A 3295 -0.20 -16.52 35.11
CA GLU A 3295 -1.37 -15.73 35.47
C GLU A 3295 -2.64 -16.59 35.47
N LEU A 3296 -2.53 -17.86 35.10
CA LEU A 3296 -3.65 -18.79 35.25
C LEU A 3296 -3.24 -19.93 36.16
N ARG A 3297 -2.62 -19.58 37.29
CA ARG A 3297 -2.00 -20.55 38.19
C ARG A 3297 -3.07 -21.42 38.86
N GLY A 3298 -4.18 -20.83 39.28
CA GLY A 3298 -5.20 -21.59 39.98
C GLY A 3298 -6.47 -21.82 39.19
N LEU A 3299 -6.51 -21.34 37.95
CA LEU A 3299 -7.71 -21.43 37.12
C LEU A 3299 -7.57 -22.49 36.02
N ALA A 3300 -6.56 -22.38 35.17
CA ALA A 3300 -6.45 -23.24 34.01
C ALA A 3300 -5.41 -24.33 34.24
N SER A 3301 -5.08 -25.06 33.19
CA SER A 3301 -4.29 -26.28 33.27
C SER A 3301 -3.20 -26.28 32.21
N LYS A 3302 -2.39 -25.20 32.20
CA LYS A 3302 -1.19 -25.00 31.36
C LYS A 3302 -1.58 -25.00 29.89
N PRO A 3303 -2.08 -23.87 29.37
CA PRO A 3303 -2.58 -23.80 27.98
C PRO A 3303 -1.53 -24.16 26.94
N VAL A 3304 -1.81 -25.23 26.20
CA VAL A 3304 -0.98 -25.62 25.06
C VAL A 3304 -1.30 -24.71 23.90
N VAL A 3305 -0.27 -24.04 23.37
CA VAL A 3305 -0.39 -23.15 22.22
C VAL A 3305 0.20 -23.83 21.01
N LEU A 3306 -0.62 -24.03 19.98
CA LEU A 3306 -0.20 -24.67 18.74
C LEU A 3306 -0.17 -23.63 17.62
N SER A 3307 0.87 -23.68 16.80
CA SER A 3307 0.99 -22.81 15.63
C SER A 3307 0.65 -23.58 14.37
N LEU A 3308 -0.30 -23.04 13.59
CA LEU A 3308 -0.91 -23.79 12.50
C LEU A 3308 0.02 -23.92 11.29
N GLN A 3309 1.00 -23.04 11.15
CA GLN A 3309 1.94 -23.13 10.05
C GLN A 3309 2.96 -24.25 10.23
N GLN A 3310 3.09 -24.79 11.45
CA GLN A 3310 4.07 -25.81 11.76
C GLN A 3310 3.57 -27.22 11.53
N TYR A 3311 2.51 -27.38 10.72
CA TYR A 3311 1.88 -28.67 10.50
C TYR A 3311 1.67 -28.91 9.01
N ASP A 3312 2.54 -29.73 8.42
CA ASP A 3312 2.27 -30.22 7.07
C ASP A 3312 1.12 -31.23 7.08
N THR A 3313 1.31 -32.38 7.73
CA THR A 3313 0.32 -33.43 7.69
C THR A 3313 -0.74 -33.23 8.79
N GLU A 3314 -1.78 -34.06 8.73
CA GLU A 3314 -2.85 -34.02 9.72
C GLU A 3314 -2.46 -34.80 10.98
N TYR A 3315 -1.69 -35.87 10.82
CA TYR A 3315 -1.34 -36.74 11.94
C TYR A 3315 -0.45 -36.04 12.98
N SER A 3316 0.40 -35.11 12.56
CA SER A 3316 1.18 -34.33 13.52
C SER A 3316 0.27 -33.46 14.38
N PHE A 3317 -0.71 -32.82 13.75
CA PHE A 3317 -1.70 -32.03 14.48
C PHE A 3317 -2.51 -32.90 15.43
N LEU A 3318 -2.89 -34.10 15.00
CA LEU A 3318 -3.60 -35.02 15.88
C LEU A 3318 -2.72 -35.53 17.01
N LYS A 3319 -1.43 -35.72 16.74
CA LYS A 3319 -0.47 -36.09 17.78
C LYS A 3319 -0.40 -35.02 18.87
N ASP A 3320 -0.39 -33.76 18.46
CA ASP A 3320 -0.30 -32.69 19.47
C ASP A 3320 -1.61 -32.46 20.19
N VAL A 3321 -2.75 -32.65 19.51
CA VAL A 3321 -4.05 -32.54 20.19
C VAL A 3321 -4.23 -33.69 21.17
N ARG A 3322 -3.79 -34.90 20.81
CA ARG A 3322 -3.87 -36.04 21.72
C ARG A 3322 -2.92 -35.87 22.90
N SER A 3323 -1.71 -35.34 22.67
CA SER A 3323 -0.79 -35.08 23.78
C SER A 3323 -1.33 -34.00 24.70
N TRP A 3324 -2.08 -33.04 24.17
CA TRP A 3324 -2.78 -32.07 25.02
C TRP A 3324 -3.92 -32.75 25.78
N LEU A 3325 -4.61 -33.70 25.16
CA LEU A 3325 -5.77 -34.33 25.78
C LEU A 3325 -5.37 -35.32 26.87
N THR A 3326 -4.23 -36.00 26.71
CA THR A 3326 -3.83 -37.03 27.67
C THR A 3326 -3.12 -36.49 28.89
N ASN A 3327 -2.90 -35.17 28.96
CA ASN A 3327 -2.35 -34.58 30.16
C ASN A 3327 -3.41 -34.59 31.27
N PRO A 3328 -3.00 -34.70 32.52
CA PRO A 3328 -3.98 -34.69 33.62
C PRO A 3328 -4.48 -33.28 33.90
N GLY A 3329 -5.42 -33.20 34.83
CA GLY A 3329 -6.01 -31.93 35.19
C GLY A 3329 -7.22 -31.60 34.34
N LYS A 3330 -8.17 -30.90 34.96
CA LYS A 3330 -9.37 -30.43 34.29
C LYS A 3330 -9.23 -28.95 33.94
N ARG A 3331 -10.22 -28.46 33.19
CA ARG A 3331 -10.24 -27.13 32.57
C ARG A 3331 -8.99 -26.91 31.71
N LYS A 3332 -8.86 -27.74 30.68
CA LYS A 3332 -7.80 -27.57 29.70
C LYS A 3332 -8.10 -26.37 28.80
N VAL A 3333 -7.04 -25.79 28.24
CA VAL A 3333 -7.12 -24.69 27.28
C VAL A 3333 -6.21 -25.02 26.11
N LEU A 3334 -6.76 -25.02 24.90
CA LEU A 3334 -5.97 -25.13 23.68
C LEU A 3334 -6.06 -23.83 22.90
N VAL A 3335 -4.92 -23.38 22.35
CA VAL A 3335 -4.86 -22.18 21.52
C VAL A 3335 -4.21 -22.55 20.21
N ILE A 3336 -4.99 -22.55 19.14
CA ILE A 3336 -4.49 -22.71 17.78
C ILE A 3336 -4.32 -21.33 17.17
N GLN A 3337 -3.23 -21.13 16.41
CA GLN A 3337 -2.86 -19.80 15.96
C GLN A 3337 -2.63 -19.81 14.45
N ALA A 3338 -3.44 -19.05 13.73
CA ALA A 3338 -3.25 -18.83 12.31
C ALA A 3338 -2.85 -17.38 12.07
N ASP A 3339 -2.13 -17.15 10.97
CA ASP A 3339 -1.80 -15.79 10.53
C ASP A 3339 -2.16 -15.71 9.06
N PHE A 3340 -3.02 -14.76 8.71
CA PHE A 3340 -3.49 -14.64 7.33
C PHE A 3340 -2.66 -13.66 6.52
N ASP A 3341 -1.68 -13.00 7.15
CA ASP A 3341 -0.87 -11.99 6.48
C ASP A 3341 0.59 -12.43 6.58
N ASP A 3342 0.98 -13.32 5.66
CA ASP A 3342 2.33 -13.83 5.50
C ASP A 3342 2.36 -14.65 4.20
N GLY A 3343 3.53 -15.20 3.89
CA GLY A 3343 3.70 -15.97 2.68
C GLY A 3343 3.12 -17.37 2.73
N THR A 3344 2.65 -17.82 3.88
CA THR A 3344 2.08 -19.15 4.02
C THR A 3344 0.67 -19.19 3.46
N ARG A 3345 0.22 -20.40 3.15
CA ARG A 3345 -1.12 -20.68 2.64
C ARG A 3345 -2.13 -20.94 3.73
N SER A 3346 -1.78 -20.70 5.00
CA SER A 3346 -2.63 -21.07 6.13
C SER A 3346 -3.85 -20.17 6.28
N ALA A 3347 -4.76 -20.22 5.30
CA ALA A 3347 -6.02 -19.51 5.34
C ALA A 3347 -7.19 -20.36 4.87
N GLN A 3348 -6.92 -21.51 4.23
CA GLN A 3348 -7.89 -22.56 4.00
C GLN A 3348 -7.64 -23.76 4.92
N LEU A 3349 -6.57 -23.72 5.70
CA LEU A 3349 -6.30 -24.72 6.73
C LEU A 3349 -7.20 -24.58 7.95
N VAL A 3350 -7.95 -23.48 8.04
CA VAL A 3350 -8.69 -23.15 9.27
C VAL A 3350 -9.82 -24.14 9.49
N ALA A 3351 -10.59 -24.41 8.44
CA ALA A 3351 -11.72 -25.35 8.55
C ALA A 3351 -11.24 -26.77 8.82
N SER A 3352 -10.14 -27.19 8.17
CA SER A 3352 -9.60 -28.53 8.41
C SER A 3352 -9.08 -28.67 9.83
N ALA A 3353 -8.43 -27.63 10.35
CA ALA A 3353 -7.96 -27.64 11.73
C ALA A 3353 -9.11 -27.71 12.71
N LYS A 3354 -10.18 -26.95 12.43
CA LYS A 3354 -11.32 -26.94 13.33
C LYS A 3354 -12.06 -28.27 13.31
N TYR A 3355 -12.26 -28.85 12.12
CA TYR A 3355 -12.93 -30.15 12.02
C TYR A 3355 -12.11 -31.25 12.70
N THR A 3356 -10.78 -31.21 12.54
CA THR A 3356 -9.90 -32.21 13.14
C THR A 3356 -9.95 -32.11 14.66
N ALA A 3357 -9.90 -30.87 15.18
CA ALA A 3357 -9.99 -30.64 16.61
C ALA A 3357 -11.34 -31.09 17.16
N ILE A 3358 -12.43 -30.79 16.45
CA ILE A 3358 -13.77 -31.10 16.95
C ILE A 3358 -13.98 -32.62 16.97
N ASN A 3359 -13.45 -33.32 15.97
CA ASN A 3359 -13.57 -34.79 15.96
C ASN A 3359 -12.74 -35.43 17.06
N GLU A 3360 -11.52 -34.93 17.29
CA GLU A 3360 -10.69 -35.53 18.33
C GLU A 3360 -11.21 -35.21 19.73
N ILE A 3361 -11.88 -34.07 19.91
CA ILE A 3361 -12.51 -33.78 21.19
C ILE A 3361 -13.72 -34.67 21.41
N ASN A 3362 -14.57 -34.80 20.38
CA ASN A 3362 -15.77 -35.62 20.52
C ASN A 3362 -15.47 -37.10 20.68
N LYS A 3363 -14.32 -37.58 20.21
CA LYS A 3363 -13.98 -38.99 20.44
C LYS A 3363 -13.02 -39.21 21.61
N THR A 3364 -12.40 -38.17 22.17
CA THR A 3364 -11.35 -38.39 23.15
C THR A 3364 -11.66 -37.84 24.53
N GLN A 3365 -12.50 -36.81 24.65
CA GLN A 3365 -12.79 -36.19 25.94
C GLN A 3365 -13.59 -37.10 26.86
N GLY A 3366 -13.26 -37.08 28.14
CA GLY A 3366 -14.05 -37.70 29.17
C GLY A 3366 -15.26 -36.87 29.55
N THR A 3367 -15.90 -37.27 30.65
CA THR A 3367 -17.06 -36.56 31.16
C THR A 3367 -16.79 -35.77 32.44
N LYS A 3368 -15.55 -35.78 32.94
CA LYS A 3368 -15.20 -34.99 34.11
C LYS A 3368 -14.45 -33.70 33.79
N ASP A 3369 -13.82 -33.63 32.62
CA ASP A 3369 -12.99 -32.49 32.23
C ASP A 3369 -13.71 -31.59 31.23
N PHE A 3370 -13.53 -30.29 31.39
CA PHE A 3370 -14.06 -29.31 30.46
C PHE A 3370 -12.96 -28.86 29.51
N VAL A 3371 -13.37 -28.38 28.35
CA VAL A 3371 -12.47 -28.07 27.24
C VAL A 3371 -12.79 -26.67 26.74
N PHE A 3372 -11.76 -25.84 26.58
CA PHE A 3372 -11.90 -24.50 26.01
C PHE A 3372 -10.87 -24.36 24.90
N VAL A 3373 -11.32 -24.50 23.65
CA VAL A 3373 -10.46 -24.33 22.48
C VAL A 3373 -10.65 -22.93 21.92
N TYR A 3374 -9.57 -22.18 21.84
CA TYR A 3374 -9.56 -20.86 21.23
C TYR A 3374 -8.77 -20.89 19.95
N PHE A 3375 -9.36 -20.38 18.87
CA PHE A 3375 -8.70 -20.22 17.58
C PHE A 3375 -8.50 -18.73 17.35
N VAL A 3376 -7.30 -18.24 17.63
CA VAL A 3376 -6.96 -16.84 17.42
C VAL A 3376 -6.29 -16.67 16.05
N THR A 3377 -6.81 -15.74 15.27
CA THR A 3377 -6.34 -15.46 13.92
C THR A 3377 -5.82 -14.02 13.84
N LYS A 3378 -4.70 -13.84 13.16
CA LYS A 3378 -4.04 -12.54 13.09
C LYS A 3378 -4.35 -11.85 11.78
N LEU A 3379 -4.85 -10.62 11.87
CA LEU A 3379 -5.33 -9.88 10.71
C LEU A 3379 -4.60 -8.53 10.64
N SER A 3380 -4.88 -7.79 9.57
CA SER A 3380 -4.30 -6.47 9.36
C SER A 3380 -5.40 -5.46 9.10
N ARG A 3381 -5.12 -4.20 9.46
CA ARG A 3381 -5.97 -3.08 9.11
C ARG A 3381 -5.76 -2.61 7.68
N MET A 3382 -4.84 -3.23 6.93
CA MET A 3382 -4.50 -2.85 5.58
C MET A 3382 -5.37 -3.53 4.53
N GLY A 3383 -6.58 -3.95 4.88
CA GLY A 3383 -7.51 -4.52 3.92
C GLY A 3383 -7.78 -5.99 4.14
N SER A 3384 -6.96 -6.66 4.94
CA SER A 3384 -7.20 -8.07 5.25
C SER A 3384 -8.28 -8.23 6.30
N GLY A 3385 -8.42 -7.26 7.20
CA GLY A 3385 -9.46 -7.32 8.22
C GLY A 3385 -10.86 -7.11 7.66
N THR A 3386 -10.98 -6.62 6.43
CA THR A 3386 -12.26 -6.41 5.78
C THR A 3386 -12.57 -7.51 4.78
N SER A 3387 -11.55 -8.23 4.31
CA SER A 3387 -11.68 -9.35 3.39
C SER A 3387 -11.81 -10.68 4.12
N TYR A 3388 -12.01 -10.64 5.43
CA TYR A 3388 -12.09 -11.84 6.26
C TYR A 3388 -13.53 -12.32 6.35
N VAL A 3389 -13.79 -13.51 5.82
CA VAL A 3389 -15.11 -14.11 5.97
C VAL A 3389 -15.26 -14.61 7.40
N GLY A 3390 -16.33 -14.19 8.07
CA GLY A 3390 -16.32 -14.12 9.51
C GLY A 3390 -17.22 -15.08 10.24
N PHE A 3391 -18.45 -14.63 10.52
CA PHE A 3391 -19.27 -15.17 11.61
C PHE A 3391 -19.74 -16.59 11.29
N HIS A 3392 -18.82 -17.55 11.40
CA HIS A 3392 -19.20 -18.94 11.28
C HIS A 3392 -19.95 -19.37 12.53
N GLY A 3393 -21.12 -19.96 12.36
CA GLY A 3393 -21.87 -20.42 13.50
C GLY A 3393 -21.53 -21.85 13.84
N GLY A 3394 -22.56 -22.67 14.08
CA GLY A 3394 -22.31 -23.98 14.65
C GLY A 3394 -21.86 -23.80 16.09
N LEU A 3395 -20.81 -24.51 16.47
CA LEU A 3395 -20.26 -24.40 17.81
C LEU A 3395 -19.01 -23.52 17.79
N TRP A 3396 -19.19 -22.25 17.43
CA TRP A 3396 -18.12 -21.28 17.47
C TRP A 3396 -18.69 -19.91 17.83
N ARG A 3397 -18.26 -19.36 18.97
CA ARG A 3397 -18.66 -18.01 19.37
C ARG A 3397 -17.57 -17.04 18.93
N SER A 3398 -17.96 -15.94 18.29
CA SER A 3398 -17.01 -15.09 17.59
C SER A 3398 -16.77 -13.80 18.38
N VAL A 3399 -15.49 -13.54 18.71
CA VAL A 3399 -15.07 -12.39 19.50
C VAL A 3399 -13.97 -11.69 18.71
N HIS A 3400 -13.86 -10.37 18.90
CA HIS A 3400 -12.70 -9.60 18.44
C HIS A 3400 -12.02 -8.94 19.63
N ILE A 3401 -11.01 -9.61 20.16
CA ILE A 3401 -10.08 -9.02 21.11
C ILE A 3401 -9.01 -8.28 20.33
N ASP A 3402 -8.81 -6.99 20.61
CA ASP A 3402 -7.98 -6.18 19.74
C ASP A 3402 -6.49 -6.45 19.94
N ASP A 3403 -6.00 -6.31 21.17
CA ASP A 3403 -4.67 -6.78 21.54
C ASP A 3403 -4.74 -7.98 22.47
N LEU A 3404 -3.90 -8.97 22.21
CA LEU A 3404 -3.89 -10.17 23.03
C LEU A 3404 -3.20 -9.96 24.36
N ARG A 3405 -2.31 -8.99 24.46
CA ARG A 3405 -1.42 -8.85 25.61
C ARG A 3405 -1.92 -7.75 26.52
N ARG A 3406 -2.06 -8.06 27.81
CA ARG A 3406 -2.53 -7.08 28.78
C ARG A 3406 -1.49 -5.98 28.95
N SER A 3407 -1.87 -4.75 28.65
CA SER A 3407 -0.92 -3.65 28.67
C SER A 3407 -0.67 -3.19 30.11
N THR A 3408 0.61 -3.03 30.46
CA THR A 3408 0.99 -2.54 31.77
C THR A 3408 1.26 -1.04 31.76
N ILE A 3409 0.93 -0.36 30.67
CA ILE A 3409 1.19 1.07 30.50
C ILE A 3409 -0.11 1.88 30.56
N MET A 3410 -1.01 1.64 29.62
CA MET A 3410 -2.25 2.40 29.54
C MET A 3410 -3.30 1.78 30.46
N ALA A 3411 -4.27 2.60 30.87
CA ALA A 3411 -5.43 2.07 31.56
C ALA A 3411 -6.33 1.30 30.60
N SER A 3412 -7.03 0.31 31.16
CA SER A 3412 -7.89 -0.59 30.38
C SER A 3412 -9.33 -0.09 30.35
N ASP A 3413 -9.54 1.19 30.03
CA ASP A 3413 -10.87 1.76 29.96
C ASP A 3413 -10.78 3.02 29.10
N VAL A 3414 -11.39 2.98 27.92
CA VAL A 3414 -11.31 4.10 26.99
C VAL A 3414 -12.21 5.26 27.45
N THR A 3415 -13.21 4.98 28.28
CA THR A 3415 -14.11 6.03 28.77
C THR A 3415 -13.39 6.96 29.74
N LYS A 3416 -12.51 6.39 30.57
CA LYS A 3416 -11.67 7.19 31.46
C LYS A 3416 -10.77 8.13 30.67
N LEU A 3417 -10.17 7.64 29.58
CA LEU A 3417 -9.38 8.52 28.72
C LEU A 3417 -10.27 9.51 27.97
N GLN A 3418 -11.56 9.20 27.80
CA GLN A 3418 -12.47 10.12 27.12
C GLN A 3418 -12.97 11.23 28.02
N ASN A 3419 -12.98 11.01 29.34
CA ASN A 3419 -13.30 12.10 30.26
C ASN A 3419 -12.21 13.16 30.27
N VAL A 3420 -11.00 12.78 30.64
CA VAL A 3420 -9.88 13.71 30.79
C VAL A 3420 -9.29 14.12 29.44
N THR A 3421 -8.48 15.17 29.45
CA THR A 3421 -7.66 15.60 28.33
C THR A 3421 -6.19 15.43 28.71
N ILE A 3422 -5.31 15.75 27.75
CA ILE A 3422 -3.91 15.33 27.83
C ILE A 3422 -3.20 16.05 28.97
N SER A 3423 -3.57 17.31 29.21
CA SER A 3423 -2.97 18.06 30.31
C SER A 3423 -3.38 17.52 31.67
N GLN A 3424 -4.60 17.00 31.79
CA GLN A 3424 -5.09 16.44 33.04
C GLN A 3424 -4.56 15.03 33.28
N LEU A 3425 -3.92 14.42 32.27
CA LEU A 3425 -3.26 13.14 32.47
C LEU A 3425 -1.98 13.29 33.29
N PHE A 3426 -1.33 14.45 33.23
CA PHE A 3426 -0.09 14.70 33.94
C PHE A 3426 -0.31 15.42 35.26
N LYS A 3427 -1.56 15.50 35.72
CA LYS A 3427 -1.87 16.24 36.94
C LYS A 3427 -1.46 15.44 38.17
N PRO A 3428 -0.61 15.98 39.05
CA PRO A 3428 -0.17 15.21 40.23
C PRO A 3428 -1.25 15.10 41.28
N GLU A 3429 -0.95 14.38 42.37
CA GLU A 3429 -1.91 14.14 43.44
C GLU A 3429 -2.25 15.43 44.20
N SER A 3472 -2.26 10.58 38.01
CA SER A 3472 -3.23 9.49 37.98
C SER A 3472 -2.57 8.18 37.54
N GLN A 3473 -3.33 7.09 37.60
CA GLN A 3473 -2.87 5.79 37.11
C GLN A 3473 -3.40 5.48 35.71
N PHE A 3474 -3.90 6.49 34.99
CA PHE A 3474 -4.52 6.26 33.69
C PHE A 3474 -3.49 5.96 32.61
N LEU A 3475 -2.23 6.31 32.83
CA LEU A 3475 -1.16 6.06 31.89
C LEU A 3475 0.15 6.09 32.66
N ASP A 3476 1.04 5.15 32.36
CA ASP A 3476 2.35 5.11 33.02
C ASP A 3476 3.19 6.24 32.43
N THR A 3477 3.18 7.38 33.13
CA THR A 3477 3.80 8.60 32.65
C THR A 3477 5.31 8.50 32.61
N THR A 3478 5.90 7.76 33.56
CA THR A 3478 7.35 7.61 33.61
C THR A 3478 7.87 6.88 32.38
N ARG A 3479 7.18 5.79 32.00
CA ARG A 3479 7.52 5.06 30.79
C ARG A 3479 7.32 5.91 29.55
N LEU A 3480 6.34 6.82 29.58
CA LEU A 3480 6.08 7.72 28.46
C LEU A 3480 7.21 8.73 28.30
N VAL A 3481 7.64 9.35 29.40
CA VAL A 3481 8.73 10.33 29.36
C VAL A 3481 10.03 9.66 28.94
N GLN A 3482 10.32 8.48 29.49
CA GLN A 3482 11.52 7.73 29.08
C GLN A 3482 11.45 7.28 27.63
N SER A 3483 10.24 7.10 27.09
CA SER A 3483 10.13 6.82 25.66
C SER A 3483 10.37 8.08 24.84
N CYS A 3484 9.93 9.23 25.35
CA CYS A 3484 10.04 10.47 24.58
C CYS A 3484 11.42 11.12 24.65
N VAL A 3485 12.29 10.64 25.55
CA VAL A 3485 13.61 11.26 25.76
C VAL A 3485 14.44 11.26 24.47
N GLN A 3486 14.47 10.12 23.79
CA GLN A 3486 15.37 9.95 22.65
C GLN A 3486 14.92 10.78 21.46
N GLY A 3487 13.62 10.76 21.15
CA GLY A 3487 13.09 11.63 20.12
C GLY A 3487 13.16 13.10 20.46
N ALA A 3488 13.19 13.43 21.76
CA ALA A 3488 13.37 14.82 22.14
C ALA A 3488 14.81 15.27 21.89
N VAL A 3489 15.78 14.46 22.31
CA VAL A 3489 17.19 14.81 22.16
C VAL A 3489 17.64 14.75 20.69
N GLY A 3490 17.05 13.87 19.88
CA GLY A 3490 17.41 13.84 18.47
C GLY A 3490 16.92 15.00 17.61
N MET A 3491 16.13 15.92 18.15
CA MET A 3491 15.77 17.14 17.45
C MET A 3491 16.68 18.32 17.79
N LEU A 3492 17.49 18.21 18.85
CA LEU A 3492 18.34 19.30 19.28
C LEU A 3492 19.55 19.45 18.39
N ARG A 3493 19.97 20.69 18.18
CA ARG A 3493 21.25 21.02 17.56
C ARG A 3493 21.90 22.18 18.29
N ASP A 3494 23.22 22.13 18.36
CA ASP A 3494 24.04 23.20 18.93
C ASP A 3494 24.44 24.16 17.81
N GLN A 3495 25.45 24.99 18.04
CA GLN A 3495 26.05 25.75 16.94
C GLN A 3495 27.10 24.93 16.19
N ASN A 3496 26.73 23.71 15.78
CA ASN A 3496 27.37 22.85 14.78
C ASN A 3496 28.83 22.48 15.01
N GLU A 3497 29.46 22.99 16.06
CA GLU A 3497 30.69 22.41 16.58
C GLU A 3497 30.80 22.52 18.09
N SER A 3498 29.79 23.09 18.77
CA SER A 3498 29.93 23.48 20.17
C SER A 3498 29.63 22.31 21.12
N CYS A 3499 30.55 21.34 21.12
CA CYS A 3499 30.53 20.17 22.02
C CYS A 3499 29.24 19.35 21.84
N ALA A 3500 29.15 18.66 20.70
CA ALA A 3500 28.03 17.79 20.38
C ALA A 3500 27.83 16.70 21.44
N ARG A 3501 26.72 16.81 22.18
CA ARG A 3501 26.43 16.05 23.39
C ARG A 3501 25.11 15.29 23.34
N ASN A 3502 24.72 14.79 22.17
CA ASN A 3502 23.43 14.10 22.05
C ASN A 3502 23.38 12.80 22.84
N MET A 3503 24.35 11.90 22.63
CA MET A 3503 24.39 10.67 23.43
C MET A 3503 24.66 10.97 24.90
N ARG A 3504 25.38 12.05 25.19
CA ARG A 3504 25.61 12.45 26.57
C ARG A 3504 24.32 12.88 27.24
N ARG A 3505 23.49 13.69 26.56
CA ARG A 3505 22.20 14.08 27.12
C ARG A 3505 21.26 12.88 27.27
N VAL A 3506 21.35 11.91 26.35
CA VAL A 3506 20.56 10.68 26.46
C VAL A 3506 20.95 9.90 27.72
N THR A 3507 22.26 9.71 27.93
CA THR A 3507 22.75 9.00 29.11
C THR A 3507 22.40 9.72 30.40
N ILE A 3508 22.54 11.05 30.41
CA ILE A 3508 22.22 11.85 31.59
C ILE A 3508 20.75 11.73 31.94
N LEU A 3509 19.86 12.00 30.98
CA LEU A 3509 18.43 12.02 31.27
C LEU A 3509 17.91 10.63 31.63
N LEU A 3510 18.42 9.58 30.96
CA LEU A 3510 17.99 8.24 31.33
C LEU A 3510 18.62 7.73 32.63
N ASP A 3511 19.73 8.33 33.08
CA ASP A 3511 20.21 7.99 34.41
C ASP A 3511 19.41 8.66 35.53
N LEU A 3512 18.81 9.82 35.28
CA LEU A 3512 18.14 10.56 36.35
C LEU A 3512 16.67 10.85 36.05
N LEU A 3513 15.99 9.93 35.36
CA LEU A 3513 14.53 9.94 35.30
C LEU A 3513 13.97 8.66 35.87
N ASN A 3514 14.45 8.25 37.03
CA ASN A 3514 14.02 7.03 37.71
C ASN A 3514 13.39 7.38 39.06
N GLU A 3515 12.91 6.36 39.75
CA GLU A 3515 12.27 6.53 41.05
C GLU A 3515 13.08 5.92 42.18
N ASP A 3516 14.34 5.57 41.92
CA ASP A 3516 15.14 4.91 42.95
C ASP A 3516 15.61 5.90 44.00
N ASN A 3517 16.40 6.90 43.61
CA ASN A 3517 16.78 7.95 44.53
C ASN A 3517 15.64 8.95 44.68
N THR A 3518 15.56 9.56 45.87
CA THR A 3518 14.58 10.62 46.10
C THR A 3518 14.94 11.89 45.34
N ARG A 3519 16.22 12.08 45.01
CA ARG A 3519 16.65 13.08 44.04
C ARG A 3519 15.95 12.90 42.70
N ASN A 3520 16.08 11.72 42.11
CA ASN A 3520 15.50 11.47 40.79
C ASN A 3520 13.98 11.39 40.86
N ALA A 3521 13.44 10.95 41.99
CA ALA A 3521 11.99 10.91 42.18
C ALA A 3521 11.41 12.32 42.25
N SER A 3522 12.10 13.20 42.99
CA SER A 3522 11.67 14.59 43.05
C SER A 3522 11.85 15.28 41.71
N PHE A 3523 12.90 14.94 40.96
CA PHE A 3523 13.06 15.50 39.62
C PHE A 3523 11.95 15.03 38.70
N LEU A 3524 11.49 13.80 38.90
CA LEU A 3524 10.32 13.33 38.17
C LEU A 3524 9.06 14.10 38.56
N ARG A 3525 8.81 14.34 39.86
CA ARG A 3525 7.60 15.07 40.25
C ARG A 3525 7.57 16.51 39.73
N GLU A 3526 8.70 17.22 39.77
CA GLU A 3526 8.64 18.58 39.22
C GLU A 3526 8.68 18.60 37.71
N SER A 3527 9.36 17.64 37.06
CA SER A 3527 9.34 17.62 35.60
C SER A 3527 7.96 17.25 35.08
N LYS A 3528 7.24 16.36 35.77
CA LYS A 3528 5.86 16.09 35.40
C LYS A 3528 4.95 17.28 35.68
N MET A 3529 5.29 18.10 36.68
CA MET A 3529 4.51 19.31 36.89
C MET A 3529 4.79 20.34 35.80
N ARG A 3530 6.04 20.39 35.30
CA ARG A 3530 6.34 21.27 34.18
C ARG A 3530 5.64 20.82 32.89
N LEU A 3531 5.57 19.50 32.64
CA LEU A 3531 4.77 19.04 31.50
C LEU A 3531 3.30 19.35 31.70
N HIS A 3532 2.79 19.27 32.94
CA HIS A 3532 1.41 19.63 33.22
C HIS A 3532 1.11 21.08 32.87
N VAL A 3533 1.93 22.01 33.37
CA VAL A 3533 1.62 23.41 33.14
C VAL A 3533 1.92 23.83 31.70
N LEU A 3534 2.92 23.22 31.04
CA LEU A 3534 3.18 23.63 29.66
C LEU A 3534 2.15 23.04 28.69
N LEU A 3535 1.68 21.80 28.91
CA LEU A 3535 0.59 21.29 28.07
C LEU A 3535 -0.72 21.98 28.38
N ASN A 3536 -0.94 22.42 29.62
CA ASN A 3536 -2.20 23.09 29.93
C ASN A 3536 -2.24 24.47 29.28
N LYS A 3537 -1.11 25.17 29.27
CA LYS A 3537 -1.04 26.41 28.50
C LYS A 3537 -1.05 26.14 26.98
N GLN A 3538 -0.54 24.98 26.56
CA GLN A 3538 -0.51 24.62 25.14
C GLN A 3538 -1.89 24.24 24.59
N GLU A 3539 -2.83 23.79 25.43
CA GLU A 3539 -4.06 23.25 24.89
C GLU A 3539 -5.25 24.18 25.09
N GLU A 3540 -5.03 25.38 25.61
CA GLU A 3540 -6.06 26.40 25.56
C GLU A 3540 -6.27 26.94 24.16
N ASN A 3541 -5.25 26.84 23.30
CA ASN A 3541 -5.39 27.21 21.89
C ASN A 3541 -6.23 26.22 21.09
N GLN A 3542 -6.40 24.99 21.59
CA GLN A 3542 -7.09 23.95 20.83
C GLN A 3542 -8.59 24.24 20.76
N VAL A 3543 -9.21 23.70 19.70
CA VAL A 3543 -10.56 24.11 19.32
C VAL A 3543 -11.62 23.16 19.87
N ARG A 3544 -11.24 22.31 20.85
CA ARG A 3544 -12.05 21.36 21.62
C ARG A 3544 -12.48 20.14 20.77
N SER A 3545 -12.24 20.19 19.47
CA SER A 3545 -12.29 18.99 18.64
C SER A 3545 -10.92 18.36 18.45
N LEU A 3546 -9.87 19.05 18.89
CA LEU A 3546 -8.54 18.48 19.01
C LEU A 3546 -8.15 18.21 20.45
N LYS A 3547 -8.91 18.73 21.42
CA LYS A 3547 -8.75 18.29 22.80
C LYS A 3547 -9.22 16.86 22.98
N GLU A 3548 -10.27 16.47 22.27
CA GLU A 3548 -10.73 15.08 22.28
C GLU A 3548 -9.79 14.29 21.38
N TRP A 3549 -8.69 13.81 21.95
CA TRP A 3549 -7.63 13.26 21.13
C TRP A 3549 -7.94 11.82 20.72
N VAL A 3550 -8.64 11.09 21.58
CA VAL A 3550 -9.02 9.71 21.28
C VAL A 3550 -10.00 9.69 20.11
N THR A 3551 -11.00 10.57 20.15
CA THR A 3551 -11.98 10.66 19.06
C THR A 3551 -11.34 11.20 17.79
N ARG A 3552 -10.37 12.12 17.93
CA ARG A 3552 -9.66 12.65 16.77
C ARG A 3552 -8.77 11.59 16.16
N GLU A 3553 -8.32 10.64 16.96
CA GLU A 3553 -7.39 9.62 16.51
C GLU A 3553 -8.10 8.40 15.95
N ALA A 3554 -9.29 8.09 16.48
CA ALA A 3554 -10.10 7.01 15.90
C ALA A 3554 -10.58 7.38 14.51
N ALA A 3555 -10.84 8.66 14.25
CA ALA A 3555 -11.18 9.11 12.91
C ALA A 3555 -9.96 9.21 11.99
N ASN A 3556 -8.75 9.08 12.53
CA ASN A 3556 -7.52 9.19 11.75
C ASN A 3556 -7.17 7.77 11.34
N GLN A 3557 -7.52 7.40 10.11
CA GLN A 3557 -7.37 6.01 9.69
C GLN A 3557 -5.91 5.65 9.45
N ASP A 3558 -5.13 6.57 8.87
CA ASP A 3558 -3.75 6.26 8.49
C ASP A 3558 -2.84 6.05 9.70
N ALA A 3559 -3.06 6.79 10.78
CA ALA A 3559 -2.24 6.56 11.98
C ALA A 3559 -2.64 5.27 12.68
N LEU A 3560 -3.90 4.87 12.57
CA LEU A 3560 -4.34 3.58 13.13
C LEU A 3560 -3.72 2.43 12.37
N GLN A 3561 -3.77 2.49 11.04
CA GLN A 3561 -3.23 1.40 10.23
C GLN A 3561 -1.71 1.51 10.08
N GLU A 3562 -1.11 2.60 10.55
CA GLU A 3562 0.34 2.73 10.68
C GLU A 3562 0.86 2.27 12.03
N ALA A 3563 0.04 2.31 13.08
CA ALA A 3563 0.46 1.87 14.39
C ALA A 3563 -0.13 0.53 14.81
N GLY A 3564 -0.92 -0.12 13.97
CA GLY A 3564 -1.38 -1.46 14.26
C GLY A 3564 -2.66 -1.52 15.06
N THR A 3565 -2.55 -1.71 16.37
CA THR A 3565 -3.73 -1.76 17.21
C THR A 3565 -4.18 -0.34 17.58
N PHE A 3566 -5.22 -0.25 18.41
CA PHE A 3566 -5.76 1.05 18.78
C PHE A 3566 -5.04 1.65 19.98
N ARG A 3567 -4.63 0.82 20.94
CA ARG A 3567 -3.99 1.34 22.14
C ARG A 3567 -2.55 1.77 21.83
N HIS A 3568 -1.88 1.03 20.94
CA HIS A 3568 -0.58 1.46 20.45
C HIS A 3568 -0.68 2.77 19.69
N THR A 3569 -1.79 2.95 18.96
CA THR A 3569 -2.00 4.21 18.24
C THR A 3569 -2.19 5.37 19.21
N LEU A 3570 -2.90 5.13 20.32
CA LEU A 3570 -3.08 6.19 21.31
C LEU A 3570 -1.78 6.51 22.02
N TRP A 3571 -0.97 5.48 22.31
CA TRP A 3571 0.30 5.74 22.98
C TRP A 3571 1.29 6.45 22.06
N LYS A 3572 1.29 6.10 20.76
CA LYS A 3572 2.06 6.86 19.78
C LYS A 3572 1.56 8.29 19.64
N ARG A 3573 0.26 8.53 19.81
CA ARG A 3573 -0.27 9.88 19.76
C ARG A 3573 0.23 10.72 20.94
N VAL A 3574 0.15 10.16 22.16
CA VAL A 3574 0.62 10.93 23.32
C VAL A 3574 2.14 11.08 23.28
N GLN A 3575 2.86 10.11 22.69
CA GLN A 3575 4.30 10.22 22.53
C GLN A 3575 4.66 11.33 21.54
N ASP A 3576 3.93 11.43 20.44
CA ASP A 3576 4.18 12.49 19.46
C ASP A 3576 3.70 13.85 19.93
N VAL A 3577 2.83 13.90 20.94
CA VAL A 3577 2.49 15.19 21.53
C VAL A 3577 3.56 15.62 22.53
N VAL A 3578 3.96 14.72 23.43
CA VAL A 3578 4.90 15.06 24.49
C VAL A 3578 6.32 15.30 23.97
N THR A 3579 6.71 14.62 22.89
CA THR A 3579 8.10 14.68 22.41
C THR A 3579 8.63 16.07 21.99
N PRO A 3580 7.92 16.93 21.24
CA PRO A 3580 8.48 18.27 21.01
C PRO A 3580 8.40 19.17 22.23
N ILE A 3581 7.42 18.95 23.10
CA ILE A 3581 7.34 19.70 24.36
C ILE A 3581 8.51 19.35 25.26
N LEU A 3582 8.84 18.06 25.36
CA LEU A 3582 10.01 17.63 26.11
C LEU A 3582 11.29 18.17 25.50
N ALA A 3583 11.36 18.21 24.17
CA ALA A 3583 12.55 18.73 23.49
C ALA A 3583 12.74 20.22 23.74
N SER A 3584 11.66 21.00 23.71
CA SER A 3584 11.77 22.41 24.03
C SER A 3584 12.11 22.64 25.50
N MET A 3585 11.61 21.79 26.38
CA MET A 3585 11.92 21.94 27.80
C MET A 3585 13.37 21.59 28.13
N ILE A 3586 13.91 20.56 27.50
CA ILE A 3586 15.33 20.24 27.69
C ILE A 3586 16.21 21.29 27.02
N ALA A 3587 15.77 21.81 25.87
CA ALA A 3587 16.47 22.92 25.24
C ALA A 3587 16.45 24.19 26.08
N HIS A 3588 15.46 24.34 26.96
CA HIS A 3588 15.54 25.50 27.85
C HIS A 3588 16.31 25.26 29.14
N ILE A 3589 16.26 24.06 29.73
CA ILE A 3589 17.05 23.82 30.95
C ILE A 3589 18.53 23.70 30.61
N ASP A 3590 18.88 22.74 29.74
CA ASP A 3590 20.25 22.45 29.33
C ASP A 3590 20.75 23.49 28.32
N ARG A 3591 20.83 24.73 28.80
CA ARG A 3591 21.23 25.85 27.96
C ARG A 3591 22.71 25.77 27.59
N ASP A 3592 23.55 25.42 28.56
CA ASP A 3592 24.99 25.34 28.31
C ASP A 3592 25.67 24.17 29.01
N GLY A 3593 24.95 23.29 29.69
CA GLY A 3593 25.61 22.26 30.46
C GLY A 3593 25.10 22.12 31.88
N ASN A 3594 23.92 22.68 32.13
CA ASN A 3594 23.32 22.67 33.46
C ASN A 3594 22.92 21.27 33.92
N LEU A 3595 22.82 20.30 33.01
CA LEU A 3595 22.41 18.95 33.38
C LEU A 3595 23.55 18.16 34.04
N GLU A 3596 24.80 18.38 33.60
CA GLU A 3596 25.92 17.57 34.06
C GLU A 3596 26.26 17.79 35.53
N LEU A 3597 25.83 18.91 36.12
CA LEU A 3597 25.96 19.11 37.56
C LEU A 3597 25.12 18.13 38.36
N LEU A 3598 24.09 17.55 37.75
CA LEU A 3598 23.42 16.36 38.29
C LEU A 3598 24.09 15.06 37.86
N ALA A 3599 24.72 15.03 36.68
CA ALA A 3599 25.38 13.82 36.21
C ALA A 3599 26.72 13.57 36.89
N GLN A 3600 27.32 14.58 37.50
CA GLN A 3600 28.49 14.36 38.32
C GLN A 3600 28.09 13.62 39.59
N PRO A 3601 28.96 12.74 40.09
CA PRO A 3601 28.88 12.39 41.51
C PRO A 3601 29.56 13.43 42.37
N ASP A 3602 29.62 13.17 43.69
CA ASP A 3602 30.31 13.87 44.79
C ASP A 3602 30.21 15.39 44.70
N SER A 3603 29.08 15.91 44.18
CA SER A 3603 28.73 17.33 44.19
C SER A 3603 27.86 17.64 45.39
N PRO A 3604 28.23 18.65 46.19
CA PRO A 3604 27.54 18.88 47.47
C PRO A 3604 26.15 19.49 47.30
N ALA A 3605 25.49 19.73 48.45
CA ALA A 3605 24.07 20.05 48.50
C ALA A 3605 23.70 21.41 47.91
N TRP A 3606 24.63 22.36 47.80
CA TRP A 3606 24.25 23.65 47.22
C TRP A 3606 23.98 23.55 45.72
N VAL A 3607 24.70 22.66 45.04
CA VAL A 3607 24.55 22.48 43.60
C VAL A 3607 23.16 21.96 43.26
N GLN A 3608 22.82 20.79 43.79
CA GLN A 3608 21.54 20.19 43.47
C GLN A 3608 20.39 20.93 44.14
N ASP A 3609 20.64 21.59 45.27
CA ASP A 3609 19.57 22.31 45.94
C ASP A 3609 19.21 23.59 45.18
N LEU A 3610 20.20 24.30 44.64
CA LEU A 3610 19.88 25.46 43.83
C LEU A 3610 19.34 25.05 42.47
N TRP A 3611 19.79 23.91 41.93
CA TRP A 3611 19.28 23.47 40.64
C TRP A 3611 17.80 23.07 40.72
N MET A 3612 17.42 22.38 41.79
CA MET A 3612 16.02 22.04 42.02
C MET A 3612 15.28 23.10 42.83
N PHE A 3613 15.89 24.25 43.07
CA PHE A 3613 15.10 25.44 43.38
C PHE A 3613 14.73 26.23 42.12
N ILE A 3614 15.66 26.37 41.17
CA ILE A 3614 15.37 27.19 39.99
C ILE A 3614 14.40 26.45 39.06
N TYR A 3615 14.59 25.15 38.89
CA TYR A 3615 13.71 24.34 38.05
C TYR A 3615 12.33 24.12 38.67
N SER A 3616 12.19 24.33 39.98
CA SER A 3616 10.90 24.23 40.65
C SER A 3616 10.21 25.58 40.79
N ASP A 3617 10.51 26.53 39.90
CA ASP A 3617 9.86 27.83 39.90
C ASP A 3617 9.40 28.14 38.47
N ILE A 3618 8.11 28.47 38.34
CA ILE A 3618 7.53 28.72 37.02
C ILE A 3618 7.79 30.14 36.57
N LYS A 3619 7.56 31.11 37.45
CA LYS A 3619 7.64 32.52 37.08
C LYS A 3619 9.09 33.00 36.95
N PHE A 3620 10.01 32.45 37.73
CA PHE A 3620 11.42 32.80 37.59
C PHE A 3620 12.02 32.17 36.34
N LEU A 3621 11.49 31.04 35.88
CA LEU A 3621 12.07 30.31 34.75
C LEU A 3621 10.96 29.99 33.74
N ASN A 3622 10.73 30.94 32.83
CA ASN A 3622 9.74 30.74 31.77
C ASN A 3622 10.28 29.75 30.74
N ILE A 3623 9.43 28.85 30.28
CA ILE A 3623 9.74 28.00 29.13
C ILE A 3623 8.68 28.22 28.06
N SER A 3624 8.99 29.07 27.10
CA SER A 3624 8.17 29.26 25.91
C SER A 3624 8.41 28.10 24.93
N LEU A 3625 7.56 28.03 23.90
CA LEU A 3625 7.49 26.87 23.04
C LEU A 3625 7.45 27.31 21.59
N VAL A 3626 7.56 26.35 20.67
CA VAL A 3626 7.60 26.64 19.25
C VAL A 3626 6.30 26.22 18.59
N SER A 3637 9.60 22.04 12.61
CA SER A 3637 9.99 22.17 14.00
C SER A 3637 11.26 21.38 14.30
N PHE A 3638 12.41 22.05 14.21
CA PHE A 3638 13.71 21.42 14.43
C PHE A 3638 14.46 22.39 15.35
N ILE A 3639 14.26 22.22 16.65
CA ILE A 3639 14.57 23.29 17.60
C ILE A 3639 16.08 23.44 17.80
N LEU A 3640 16.51 24.70 17.91
CA LEU A 3640 17.91 25.08 18.07
C LEU A 3640 18.10 25.35 19.56
N VAL A 3641 19.06 24.68 20.20
CA VAL A 3641 19.46 25.07 21.55
C VAL A 3641 20.77 25.83 21.45
N GLN A 3642 20.79 27.01 22.07
CA GLN A 3642 21.84 28.00 21.89
C GLN A 3642 22.74 28.06 23.11
N SER A 3643 24.03 28.24 22.86
CA SER A 3643 24.99 28.41 23.94
C SER A 3643 25.10 29.90 24.23
N HIS A 3644 25.46 30.22 25.48
CA HIS A 3644 25.57 31.61 25.90
C HIS A 3644 26.96 31.95 26.39
N MET A 3645 27.71 30.96 26.84
CA MET A 3645 28.99 31.15 27.50
C MET A 3645 30.15 30.86 26.53
N ASN A 3646 29.81 30.61 25.26
CA ASN A 3646 30.67 30.18 24.13
C ASN A 3646 31.81 29.23 24.52
N LEU A 3647 31.45 28.18 25.23
CA LEU A 3647 32.35 27.46 26.10
C LEU A 3647 33.25 26.46 25.37
N LEU A 3648 34.17 25.90 26.14
CA LEU A 3648 35.18 24.91 25.72
C LEU A 3648 34.65 23.50 25.65
N LYS A 3649 35.55 22.52 25.63
CA LYS A 3649 35.15 21.12 25.72
C LYS A 3649 34.58 20.84 27.11
N ASP A 3650 33.26 20.64 27.17
CA ASP A 3650 32.53 20.10 28.34
C ASP A 3650 32.68 21.00 29.58
N ALA A 3651 32.07 22.18 29.48
CA ALA A 3651 32.18 23.20 30.52
C ALA A 3651 31.46 22.80 31.81
N TYR A 3652 30.15 22.53 31.70
CA TYR A 3652 29.19 22.35 32.80
C TYR A 3652 29.30 23.42 33.89
N ASN A 3653 28.81 24.61 33.50
CA ASN A 3653 28.80 25.86 34.29
C ASN A 3653 28.50 25.65 35.77
N ALA A 3654 29.37 26.18 36.62
CA ALA A 3654 29.41 25.75 38.02
C ALA A 3654 28.24 26.24 38.87
N VAL A 3655 27.69 27.43 38.63
CA VAL A 3655 26.43 27.79 39.30
C VAL A 3655 25.37 27.05 38.49
N PRO A 3656 24.31 26.51 39.11
CA PRO A 3656 23.40 25.61 38.37
C PRO A 3656 22.61 26.27 37.24
N PHE A 3657 22.43 27.59 37.24
CA PHE A 3657 21.98 28.31 36.04
C PHE A 3657 22.74 29.63 36.01
N SER A 3658 23.66 29.77 35.05
CA SER A 3658 24.39 31.02 34.89
C SER A 3658 23.56 32.12 34.25
N TRP A 3659 22.85 31.80 33.17
CA TRP A 3659 22.28 32.85 32.34
C TRP A 3659 21.02 33.46 32.94
N ARG A 3660 20.21 32.67 33.63
CA ARG A 3660 18.99 33.20 34.22
C ARG A 3660 19.30 34.09 35.41
N ILE A 3661 20.27 33.69 36.23
CA ILE A 3661 20.68 34.51 37.36
C ILE A 3661 21.38 35.78 36.87
N ARG A 3662 22.18 35.67 35.79
CA ARG A 3662 22.84 36.85 35.25
C ARG A 3662 21.85 37.86 34.66
N ASP A 3663 20.86 37.38 33.90
CA ASP A 3663 19.88 38.29 33.33
C ASP A 3663 18.94 38.86 34.40
N TYR A 3664 18.65 38.07 35.44
CA TYR A 3664 17.82 38.54 36.54
C TYR A 3664 18.56 39.61 37.34
N LEU A 3665 19.86 39.40 37.57
CA LEU A 3665 20.65 40.38 38.30
C LEU A 3665 20.90 41.63 37.47
N GLU A 3666 20.95 41.53 36.15
CA GLU A 3666 21.06 42.75 35.37
C GLU A 3666 19.73 43.51 35.28
N GLU A 3667 18.60 42.80 35.34
CA GLU A 3667 17.32 43.48 35.51
C GLU A 3667 17.25 44.19 36.86
N LEU A 3668 17.75 43.52 37.91
CA LEU A 3668 17.84 44.14 39.22
C LEU A 3668 18.81 45.32 39.21
N TRP A 3669 19.84 45.26 38.36
CA TRP A 3669 20.78 46.36 38.25
C TRP A 3669 20.13 47.59 37.62
N VAL A 3670 19.36 47.38 36.56
CA VAL A 3670 18.71 48.50 35.88
C VAL A 3670 17.66 49.12 36.80
N GLN A 3671 16.88 48.28 37.50
CA GLN A 3671 15.92 48.82 38.46
C GLN A 3671 16.59 49.49 39.66
N ALA A 3672 17.76 48.99 40.08
CA ALA A 3672 18.46 49.57 41.22
C ALA A 3672 19.09 50.90 40.88
N GLN A 3673 19.68 51.01 39.69
CA GLN A 3673 20.30 52.27 39.29
C GLN A 3673 19.27 53.25 38.74
N TYR A 3674 18.03 52.83 38.53
CA TYR A 3674 17.01 53.84 38.29
C TYR A 3674 16.33 54.33 39.57
N ILE A 3675 16.09 53.45 40.54
CA ILE A 3675 15.38 53.86 41.76
C ILE A 3675 16.22 54.84 42.59
N THR A 3676 17.44 54.45 42.97
CA THR A 3676 18.22 55.29 43.84
C THR A 3676 19.35 55.97 43.08
N ASP A 3677 20.12 56.79 43.80
CA ASP A 3677 21.23 57.54 43.24
C ASP A 3677 22.51 56.71 43.32
N THR A 3678 23.62 57.29 42.89
CA THR A 3678 24.89 56.56 42.91
C THR A 3678 25.67 56.86 44.20
N GLU A 3679 24.99 56.75 45.33
CA GLU A 3679 25.66 56.76 46.62
C GLU A 3679 25.22 55.62 47.52
N GLY A 3680 23.93 55.29 47.53
CA GLY A 3680 23.42 54.14 48.26
C GLY A 3680 23.03 53.07 47.27
N LEU A 3681 23.76 53.01 46.16
CA LEU A 3681 23.43 52.08 45.08
C LEU A 3681 23.77 50.65 45.45
N SER A 3682 24.94 50.43 46.07
CA SER A 3682 25.31 49.09 46.51
C SER A 3682 24.39 48.57 47.61
N LYS A 3683 24.02 49.44 48.56
CA LYS A 3683 23.12 49.06 49.65
C LYS A 3683 21.74 48.67 49.10
N LYS A 3684 21.17 49.51 48.24
CA LYS A 3684 19.85 49.23 47.70
C LYS A 3684 19.87 48.03 46.77
N PHE A 3685 20.97 47.81 46.06
CA PHE A 3685 21.08 46.68 45.14
C PHE A 3685 21.19 45.36 45.90
N VAL A 3686 22.01 45.32 46.96
CA VAL A 3686 22.10 44.11 47.77
C VAL A 3686 20.80 43.86 48.55
N GLU A 3687 20.11 44.93 48.98
CA GLU A 3687 18.85 44.71 49.70
C GLU A 3687 17.73 44.29 48.77
N ILE A 3688 17.71 44.78 47.53
CA ILE A 3688 16.68 44.33 46.58
C ILE A 3688 17.01 42.93 46.08
N PHE A 3689 18.27 42.50 46.21
CA PHE A 3689 18.57 41.09 46.00
C PHE A 3689 18.10 40.23 47.17
N GLN A 3690 18.34 40.68 48.39
CA GLN A 3690 17.92 39.92 49.57
C GLN A 3690 16.40 39.82 49.74
N LYS A 3691 15.61 40.68 49.08
CA LYS A 3691 14.16 40.54 49.10
C LYS A 3691 13.63 39.38 48.27
N THR A 3692 14.31 38.99 47.19
CA THR A 3692 13.69 38.08 46.23
C THR A 3692 13.74 36.65 46.78
N PRO A 3693 12.88 35.74 46.32
CA PRO A 3693 12.93 34.37 46.86
C PRO A 3693 14.21 33.61 46.57
N LEU A 3694 14.92 33.95 45.49
CA LEU A 3694 16.24 33.38 45.26
C LEU A 3694 17.23 33.85 46.32
N GLY A 3695 17.10 35.10 46.77
CA GLY A 3695 17.97 35.61 47.81
C GLY A 3695 17.72 34.95 49.16
N VAL A 3696 16.44 34.79 49.53
CA VAL A 3696 16.13 34.13 50.80
C VAL A 3696 16.28 32.62 50.70
N PHE A 3697 16.46 32.07 49.49
CA PHE A 3697 16.87 30.68 49.39
C PHE A 3697 18.37 30.54 49.60
N LEU A 3698 19.16 31.42 48.99
CA LEU A 3698 20.61 31.36 49.12
C LEU A 3698 21.10 31.90 50.45
N ALA A 3699 20.24 32.60 51.21
CA ALA A 3699 20.63 33.09 52.53
C ALA A 3699 20.68 31.96 53.56
N GLN A 3700 19.89 30.91 53.39
CA GLN A 3700 19.88 29.82 54.37
C GLN A 3700 21.06 28.87 54.22
N PHE A 3701 21.85 29.00 53.15
CA PHE A 3701 23.13 28.31 53.08
C PHE A 3701 24.10 28.85 54.14
N PRO A 3702 24.97 28.00 54.67
CA PRO A 3702 26.04 28.49 55.55
C PRO A 3702 27.17 29.14 54.75
N VAL A 3703 28.20 29.58 55.48
CA VAL A 3703 29.19 30.52 54.95
C VAL A 3703 30.08 29.87 53.88
N ALA A 3704 30.43 28.59 54.06
CA ALA A 3704 31.39 27.93 53.19
C ALA A 3704 30.79 27.64 51.82
N GLN A 3705 29.55 27.16 51.78
CA GLN A 3705 28.89 26.94 50.50
C GLN A 3705 28.61 28.26 49.79
N GLN A 3706 28.35 29.34 50.56
CA GLN A 3706 28.20 30.66 49.95
C GLN A 3706 29.49 31.16 49.30
N GLN A 3707 30.64 30.95 49.95
CA GLN A 3707 31.88 31.41 49.34
C GLN A 3707 32.26 30.56 48.13
N LYS A 3708 32.03 29.23 48.19
CA LYS A 3708 32.32 28.38 47.04
C LYS A 3708 31.43 28.70 45.84
N LEU A 3709 30.13 28.97 46.09
CA LEU A 3709 29.26 29.43 45.02
C LEU A 3709 29.71 30.78 44.48
N LEU A 3710 30.27 31.63 45.34
CA LEU A 3710 30.72 32.94 44.89
C LEU A 3710 31.93 32.84 43.97
N GLN A 3711 32.90 31.96 44.28
CA GLN A 3711 34.03 31.81 43.36
C GLN A 3711 33.60 31.14 42.06
N SER A 3712 32.67 30.19 42.16
CA SER A 3712 32.13 29.55 40.96
C SER A 3712 31.39 30.55 40.07
N TYR A 3713 30.64 31.47 40.69
CA TYR A 3713 29.92 32.48 39.94
C TYR A 3713 30.86 33.51 39.35
N LEU A 3714 31.98 33.79 40.04
CA LEU A 3714 33.02 34.62 39.45
C LEU A 3714 33.57 34.01 38.17
N LYS A 3715 33.96 32.73 38.21
CA LYS A 3715 34.58 32.13 37.03
C LYS A 3715 33.62 32.04 35.85
N ASP A 3716 32.38 31.65 36.09
CA ASP A 3716 31.48 31.54 34.95
C ASP A 3716 30.92 32.89 34.49
N PHE A 3717 30.74 33.87 35.38
CA PHE A 3717 30.33 35.22 34.95
C PHE A 3717 31.41 35.87 34.10
N LEU A 3718 32.68 35.64 34.45
CA LEU A 3718 33.76 36.16 33.63
C LEU A 3718 33.81 35.45 32.29
N LEU A 3719 33.49 34.16 32.28
CA LEU A 3719 33.41 33.45 31.00
C LEU A 3719 32.20 33.89 30.18
N LEU A 3720 31.14 34.35 30.85
CA LEU A 3720 29.96 34.87 30.17
C LEU A 3720 30.22 36.23 29.52
N THR A 3721 30.86 37.13 30.25
CA THR A 3721 30.99 38.50 29.76
C THR A 3721 32.12 38.61 28.74
N MET A 3722 33.33 38.25 29.11
CA MET A 3722 34.50 38.40 28.25
C MET A 3722 34.91 37.05 27.72
N LYS A 3723 34.97 36.92 26.39
CA LYS A 3723 35.47 35.69 25.77
C LYS A 3723 36.97 35.60 26.01
N VAL A 3724 37.38 34.59 26.75
CA VAL A 3724 38.77 34.40 27.14
C VAL A 3724 39.30 33.08 26.59
N SER A 3725 40.37 33.16 25.80
CA SER A 3725 40.91 32.00 25.08
C SER A 3725 42.05 31.31 25.82
N SER A 3726 41.86 30.94 27.10
CA SER A 3726 42.89 30.23 27.86
C SER A 3726 42.22 29.57 29.06
N ARG A 3727 43.03 28.87 29.86
CA ARG A 3727 42.62 28.46 31.21
C ARG A 3727 43.25 29.27 32.33
N GLU A 3728 44.54 29.60 32.23
CA GLU A 3728 45.22 30.28 33.34
C GLU A 3728 45.12 31.79 33.26
N GLU A 3729 44.88 32.33 32.06
CA GLU A 3729 44.47 33.72 31.93
C GLU A 3729 43.13 33.93 32.63
N LEU A 3730 42.22 32.97 32.49
CA LEU A 3730 40.96 33.03 33.24
C LEU A 3730 41.18 32.97 34.74
N MET A 3731 42.22 32.25 35.18
CA MET A 3731 42.55 32.24 36.61
C MET A 3731 43.03 33.61 37.07
N PHE A 3732 43.91 34.25 36.27
CA PHE A 3732 44.39 35.59 36.65
C PHE A 3732 43.28 36.64 36.57
N LEU A 3733 42.40 36.53 35.59
CA LEU A 3733 41.27 37.46 35.52
C LEU A 3733 40.26 37.22 36.64
N GLN A 3734 40.06 35.96 37.07
CA GLN A 3734 39.20 35.68 38.22
C GLN A 3734 39.77 36.19 39.54
N MET A 3735 41.10 36.08 39.73
CA MET A 3735 41.74 36.65 40.92
C MET A 3735 41.61 38.17 40.86
N ALA A 3736 41.68 38.75 39.66
CA ALA A 3736 41.59 40.19 39.50
C ALA A 3736 40.19 40.67 39.87
N LEU A 3737 39.14 39.93 39.48
CA LEU A 3737 37.80 40.37 39.85
C LEU A 3737 37.51 40.08 41.32
N TRP A 3738 38.20 39.09 41.90
CA TRP A 3738 38.13 38.92 43.36
C TRP A 3738 38.80 40.08 44.09
N SER A 3739 39.89 40.59 43.51
CA SER A 3739 40.54 41.77 44.06
C SER A 3739 39.65 43.00 43.93
N CYS A 3740 38.95 43.13 42.79
CA CYS A 3740 38.02 44.23 42.60
C CYS A 3740 36.87 44.19 43.61
N LEU A 3741 36.29 43.01 43.81
CA LEU A 3741 35.16 42.89 44.75
C LEU A 3741 35.61 43.16 46.17
N ARG A 3742 36.79 42.64 46.56
CA ARG A 3742 37.30 42.89 47.89
C ARG A 3742 37.71 44.34 48.08
N GLU A 3743 38.23 44.98 47.03
CA GLU A 3743 38.53 46.41 47.07
C GLU A 3743 37.26 47.22 47.29
N LEU A 3744 36.20 46.88 46.56
CA LEU A 3744 34.95 47.62 46.66
C LEU A 3744 34.28 47.36 48.02
N GLN A 3745 34.47 46.18 48.59
CA GLN A 3745 34.01 45.94 49.95
C GLN A 3745 34.93 46.60 50.97
N GLU A 3746 36.16 46.93 50.61
CA GLU A 3746 36.99 47.74 51.49
C GLU A 3746 36.78 49.24 51.30
N ALA A 3747 35.97 49.64 50.31
CA ALA A 3747 35.74 51.07 50.08
C ALA A 3747 34.86 51.68 51.17
N SER A 3748 33.71 51.06 51.42
CA SER A 3748 32.85 51.50 52.51
C SER A 3748 33.48 51.11 53.85
N GLY A 3749 33.35 51.99 54.84
CA GLY A 3749 34.03 51.79 56.10
C GLY A 3749 33.46 50.67 56.95
N THR A 3750 32.28 50.90 57.53
CA THR A 3750 31.63 49.93 58.42
C THR A 3750 30.10 50.05 58.52
N PRO A 3751 29.34 49.75 57.44
CA PRO A 3751 27.88 49.65 57.61
C PRO A 3751 27.46 48.42 58.41
N ASP A 3752 27.99 47.24 58.03
CA ASP A 3752 27.76 45.95 58.69
C ASP A 3752 26.27 45.56 58.73
N GLU A 3753 25.52 45.92 57.70
CA GLU A 3753 24.23 45.29 57.43
C GLU A 3753 24.16 44.69 56.03
N THR A 3754 24.82 45.29 55.05
CA THR A 3754 25.14 44.65 53.79
C THR A 3754 26.52 44.00 53.80
N TYR A 3755 27.34 44.24 54.83
CA TYR A 3755 28.49 43.43 55.12
C TYR A 3755 28.22 42.27 56.07
N LYS A 3756 26.96 41.97 56.38
CA LYS A 3756 26.62 40.61 56.82
C LYS A 3756 26.47 39.65 55.65
N PHE A 3757 26.51 40.14 54.42
CA PHE A 3757 26.66 39.32 53.21
C PHE A 3757 27.72 39.90 52.28
N PRO A 3758 29.01 39.73 52.59
CA PRO A 3758 30.03 40.01 51.57
C PRO A 3758 30.19 38.85 50.60
N LEU A 3759 29.80 37.64 51.00
CA LEU A 3759 29.91 36.44 50.19
C LEU A 3759 28.60 36.19 49.46
N SER A 3760 28.15 37.22 48.74
CA SER A 3760 26.83 37.24 48.12
C SER A 3760 27.00 37.54 46.64
N LEU A 3761 25.96 37.19 45.87
CA LEU A 3761 25.99 37.36 44.42
C LEU A 3761 26.18 38.80 43.93
N PRO A 3762 25.37 39.81 44.34
CA PRO A 3762 25.33 41.06 43.55
C PRO A 3762 26.62 41.90 43.62
N TRP A 3763 27.51 41.65 44.59
CA TRP A 3763 28.83 42.26 44.64
C TRP A 3763 29.61 42.10 43.34
N VAL A 3764 29.50 40.93 42.70
CA VAL A 3764 30.15 40.65 41.41
C VAL A 3764 29.77 41.71 40.38
N HIS A 3765 28.46 41.92 40.24
CA HIS A 3765 27.92 42.90 39.30
C HIS A 3765 28.33 44.31 39.68
N LEU A 3766 28.28 44.63 40.99
CA LEU A 3766 28.74 45.93 41.47
C LEU A 3766 30.21 46.19 41.08
N ALA A 3767 31.06 45.17 41.24
CA ALA A 3767 32.47 45.27 40.90
C ALA A 3767 32.67 45.51 39.41
N PHE A 3768 31.94 44.77 38.57
CA PHE A 3768 32.06 44.98 37.12
C PHE A 3768 31.52 46.35 36.70
N GLN A 3769 30.38 46.75 37.26
CA GLN A 3769 29.79 48.05 36.93
C GLN A 3769 30.54 49.21 37.56
N HIS A 3770 31.51 48.94 38.42
CA HIS A 3770 32.37 49.98 38.96
C HIS A 3770 33.75 49.97 38.32
N PHE A 3771 34.11 48.90 37.60
CA PHE A 3771 35.50 48.69 37.23
C PHE A 3771 35.65 48.20 35.78
N ARG A 3772 34.63 48.42 34.94
CA ARG A 3772 34.49 47.67 33.69
C ARG A 3772 35.67 47.95 32.75
N THR A 3773 36.12 49.21 32.65
CA THR A 3773 37.20 49.52 31.72
C THR A 3773 38.53 48.94 32.20
N ARG A 3774 38.74 48.93 33.53
CA ARG A 3774 39.95 48.36 34.10
C ARG A 3774 39.96 46.84 34.01
N LEU A 3775 38.82 46.23 33.73
CA LEU A 3775 38.85 44.81 33.37
C LEU A 3775 39.00 44.60 31.87
N GLN A 3776 38.29 45.41 31.06
CA GLN A 3776 38.19 45.17 29.63
C GLN A 3776 39.50 45.48 28.92
N ASN A 3777 40.10 46.63 29.26
CA ASN A 3777 41.48 46.93 28.88
C ASN A 3777 42.44 45.82 29.28
N PHE A 3778 42.30 45.27 30.49
CA PHE A 3778 43.18 44.18 30.93
C PHE A 3778 42.99 42.94 30.06
N SER A 3779 41.76 42.67 29.65
CA SER A 3779 41.48 41.60 28.70
C SER A 3779 42.14 41.88 27.35
N ARG A 3780 42.07 43.13 26.88
CA ARG A 3780 42.73 43.47 25.62
C ARG A 3780 44.26 43.42 25.71
N ILE A 3781 44.83 43.73 26.87
CA ILE A 3781 46.30 43.71 26.98
C ILE A 3781 46.79 42.28 27.16
N LEU A 3782 45.88 41.35 27.46
CA LEU A 3782 46.21 39.94 27.41
C LEU A 3782 45.82 39.30 26.09
N THR A 3783 45.08 40.00 25.23
CA THR A 3783 44.60 39.46 23.98
C THR A 3783 45.50 39.83 22.80
N ILE A 3784 45.98 41.07 22.74
CA ILE A 3784 47.01 41.44 21.76
C ILE A 3784 48.33 40.73 22.07
N HIS A 3785 48.73 40.69 23.34
CA HIS A 3785 50.01 40.12 23.75
C HIS A 3785 49.79 38.86 24.58
N PRO A 3786 49.93 37.67 24.00
CA PRO A 3786 49.67 36.44 24.77
C PRO A 3786 50.83 36.01 25.64
N GLN A 3787 52.07 36.35 25.24
CA GLN A 3787 53.26 35.85 25.94
C GLN A 3787 53.40 36.46 27.33
N VAL A 3788 52.86 37.68 27.52
CA VAL A 3788 53.11 38.46 28.73
C VAL A 3788 52.47 37.81 29.96
N LEU A 3789 51.49 36.93 29.72
CA LEU A 3789 50.86 36.13 30.76
C LEU A 3789 51.87 35.25 31.47
N SER A 3790 52.85 34.72 30.72
CA SER A 3790 53.95 33.95 31.31
C SER A 3790 54.72 34.79 32.33
N SER A 3791 54.97 36.06 32.00
CA SER A 3791 55.56 36.96 32.99
C SER A 3791 54.61 37.18 34.16
N LEU A 3792 53.31 37.30 33.86
CA LEU A 3792 52.31 37.34 34.93
C LEU A 3792 52.25 36.02 35.71
N SER A 3793 52.69 34.91 35.08
CA SER A 3793 52.81 33.65 35.81
C SER A 3793 53.91 33.67 36.86
N GLN A 3794 54.69 34.74 36.95
CA GLN A 3794 55.58 34.97 38.08
C GLN A 3794 55.05 36.02 39.04
N ALA A 3795 54.13 36.89 38.59
CA ALA A 3795 53.88 38.17 39.27
C ALA A 3795 53.23 37.97 40.64
N ALA A 3796 52.15 37.19 40.70
CA ALA A 3796 51.52 36.87 41.98
C ALA A 3796 52.44 36.02 42.87
N GLU A 3797 53.42 35.35 42.27
CA GLU A 3797 54.43 34.62 43.01
C GLU A 3797 55.53 35.52 43.58
N LYS A 3798 55.66 36.74 43.06
CA LYS A 3798 56.68 37.66 43.57
C LYS A 3798 56.13 38.88 44.29
N HIS A 3799 54.82 39.10 44.29
CA HIS A 3799 54.26 40.27 44.96
C HIS A 3799 53.19 39.91 45.98
N SER A 3800 52.51 38.78 45.75
CA SER A 3800 51.32 38.35 46.50
C SER A 3800 50.24 39.44 46.46
N LEU A 3801 49.79 39.67 45.24
CA LEU A 3801 48.75 40.64 44.90
C LEU A 3801 47.36 40.08 45.21
N ALA A 3802 46.33 40.76 44.69
CA ALA A 3802 44.90 40.40 44.81
C ALA A 3802 44.44 40.30 46.26
N GLY A 3803 45.06 41.10 47.13
CA GLY A 3803 44.68 41.07 48.54
C GLY A 3803 43.89 42.31 48.86
N CYS A 3804 44.28 43.45 48.30
CA CYS A 3804 43.62 44.71 48.65
C CYS A 3804 43.01 45.41 47.45
N GLU A 3805 43.76 45.61 46.36
CA GLU A 3805 43.35 46.49 45.28
C GLU A 3805 43.62 45.84 43.92
N MET A 3806 42.93 46.37 42.90
CA MET A 3806 43.09 45.95 41.50
C MET A 3806 44.44 46.41 40.98
N THR A 3807 45.38 45.47 40.90
CA THR A 3807 46.75 45.76 40.54
C THR A 3807 47.24 45.00 39.31
N LEU A 3808 46.52 43.96 38.86
CA LEU A 3808 46.99 43.11 37.77
C LEU A 3808 47.09 43.85 36.44
N ASP A 3809 46.28 44.89 36.23
CA ASP A 3809 46.47 45.74 35.05
C ASP A 3809 47.83 46.45 35.13
N ALA A 3810 48.19 46.92 36.32
CA ALA A 3810 49.46 47.62 36.50
C ALA A 3810 50.64 46.66 36.43
N PHE A 3811 50.48 45.45 36.98
CA PHE A 3811 51.57 44.48 36.91
C PHE A 3811 51.70 43.89 35.51
N ALA A 3812 50.61 43.79 34.76
CA ALA A 3812 50.68 43.42 33.35
C ALA A 3812 51.39 44.51 32.54
N ALA A 3813 51.15 45.78 32.91
CA ALA A 3813 51.87 46.90 32.31
C ALA A 3813 53.36 46.77 32.62
N MET A 3814 53.68 46.40 33.86
CA MET A 3814 55.06 46.23 34.27
C MET A 3814 55.72 45.09 33.53
N ALA A 3815 54.99 43.98 33.33
CA ALA A 3815 55.56 42.85 32.63
C ALA A 3815 55.79 43.16 31.15
N CYS A 3816 54.89 43.92 30.53
CA CYS A 3816 55.08 44.26 29.13
C CYS A 3816 56.23 45.26 28.95
N ALA A 3817 56.33 46.23 29.85
CA ALA A 3817 57.44 47.17 29.78
C ALA A 3817 58.77 46.52 30.15
N GLU A 3818 58.77 45.53 31.07
CA GLU A 3818 60.00 44.81 31.35
C GLU A 3818 60.42 43.88 30.23
N MET A 3819 59.47 43.26 29.50
CA MET A 3819 59.89 42.47 28.34
C MET A 3819 60.46 43.38 27.25
N LEU A 3820 59.88 44.56 27.05
CA LEU A 3820 60.45 45.45 26.04
C LEU A 3820 61.78 46.08 26.50
N LYS A 3821 61.98 46.27 27.81
CA LYS A 3821 63.24 46.78 28.35
C LYS A 3821 64.32 45.70 28.50
N GLY A 3822 63.94 44.42 28.46
CA GLY A 3822 64.90 43.33 28.56
C GLY A 3822 65.81 43.12 27.37
N ASP A 3823 65.33 43.42 26.16
CA ASP A 3823 65.93 42.98 24.90
C ASP A 3823 66.46 44.10 24.01
N LEU A 3824 65.61 45.05 23.64
CA LEU A 3824 65.87 46.27 22.83
C LEU A 3824 66.18 46.02 21.36
N LEU A 3825 66.52 44.79 20.90
CA LEU A 3825 66.84 44.72 19.47
C LEU A 3825 66.52 43.40 18.77
N LYS A 3826 66.05 42.35 19.46
CA LYS A 3826 66.29 41.07 18.77
C LYS A 3826 65.42 40.55 17.60
N PRO A 3827 64.03 40.64 17.56
CA PRO A 3827 63.38 40.19 16.30
C PRO A 3827 63.52 41.02 15.03
N SER A 3828 63.16 42.33 15.09
CA SER A 3828 63.33 43.36 14.06
C SER A 3828 62.84 44.70 14.60
N PRO A 3829 63.21 45.84 13.99
CA PRO A 3829 62.47 47.08 14.25
C PRO A 3829 61.02 47.12 13.74
N LYS A 3830 60.72 46.44 12.63
CA LYS A 3830 59.38 46.47 12.02
C LYS A 3830 58.30 45.76 12.84
N ALA A 3831 58.60 44.56 13.34
CA ALA A 3831 57.58 43.87 14.13
C ALA A 3831 57.39 44.54 15.48
N TRP A 3832 58.46 45.14 16.00
CA TRP A 3832 58.32 45.97 17.19
C TRP A 3832 57.50 47.23 16.94
N LEU A 3833 57.63 47.83 15.75
CA LEU A 3833 56.77 48.96 15.43
C LEU A 3833 55.31 48.52 15.41
N GLN A 3834 55.06 47.32 14.89
CA GLN A 3834 53.70 46.80 14.89
C GLN A 3834 53.20 46.56 16.32
N LEU A 3835 54.08 46.03 17.18
CA LEU A 3835 53.73 45.74 18.56
C LEU A 3835 53.55 47.01 19.39
N VAL A 3836 54.39 48.02 19.16
CA VAL A 3836 54.25 49.25 19.94
C VAL A 3836 53.09 50.07 19.42
N LYS A 3837 52.74 49.99 18.13
CA LYS A 3837 51.57 50.71 17.69
C LYS A 3837 50.28 50.00 18.07
N ASN A 3838 50.32 48.69 18.28
CA ASN A 3838 49.14 48.03 18.84
C ASN A 3838 49.01 48.31 20.33
N LEU A 3839 50.13 48.29 21.07
CA LEU A 3839 50.10 48.59 22.50
C LEU A 3839 50.17 50.08 22.82
N SER A 3840 50.18 50.97 21.83
CA SER A 3840 50.27 52.41 22.12
C SER A 3840 49.04 52.90 22.86
N THR A 3841 47.85 52.56 22.36
CA THR A 3841 46.62 53.05 22.98
C THR A 3841 46.35 52.47 24.37
N PRO A 3842 46.44 51.14 24.63
CA PRO A 3842 46.14 50.70 26.01
C PRO A 3842 47.16 51.13 27.05
N LEU A 3843 48.45 51.12 26.74
CA LEU A 3843 49.45 51.45 27.74
C LEU A 3843 49.48 52.94 28.03
N GLU A 3844 49.12 53.77 27.05
CA GLU A 3844 48.99 55.19 27.31
C GLU A 3844 47.67 55.50 28.01
N LEU A 3845 46.63 54.71 27.71
CA LEU A 3845 45.34 54.88 28.37
C LEU A 3845 45.44 54.52 29.85
N VAL A 3846 46.27 53.52 30.20
CA VAL A 3846 46.40 53.13 31.60
C VAL A 3846 47.09 54.22 32.40
N CYS A 3847 48.13 54.84 31.84
CA CYS A 3847 48.86 55.88 32.56
C CYS A 3847 48.22 57.25 32.34
N SER A 3848 46.91 57.31 32.57
CA SER A 3848 46.12 58.53 32.46
C SER A 3848 45.22 58.64 33.67
N GLU A 3849 44.96 59.89 34.07
CA GLU A 3849 44.24 60.16 35.32
C GLU A 3849 42.74 59.90 35.20
N GLY A 3850 42.22 59.80 33.98
CA GLY A 3850 40.86 59.30 33.81
C GLY A 3850 40.74 57.82 34.07
N TYR A 3851 41.79 57.05 33.79
CA TYR A 3851 41.81 55.63 34.10
C TYR A 3851 42.03 55.41 35.59
N LEU A 3852 43.17 55.85 36.10
CA LEU A 3852 43.45 55.82 37.54
C LEU A 3852 42.70 56.97 38.20
N CYS A 3853 41.43 56.72 38.53
CA CYS A 3853 40.63 57.73 39.19
C CYS A 3853 41.08 57.90 40.64
N ASP A 3854 40.97 56.84 41.45
CA ASP A 3854 41.56 56.83 42.77
C ASP A 3854 41.88 55.39 43.16
N SER A 3855 42.96 55.24 43.94
CA SER A 3855 43.37 53.96 44.52
C SER A 3855 44.33 54.23 45.66
N GLY A 3856 44.99 53.18 46.14
CA GLY A 3856 46.04 53.34 47.13
C GLY A 3856 47.32 53.90 46.55
N SER A 3857 48.23 54.27 47.46
CA SER A 3857 49.49 54.88 47.07
C SER A 3857 50.44 53.91 46.39
N MET A 3858 50.28 52.61 46.65
CA MET A 3858 51.12 51.61 45.98
C MET A 3858 50.79 51.53 44.50
N THR A 3859 49.50 51.63 44.16
CA THR A 3859 49.08 51.62 42.76
C THR A 3859 49.59 52.87 42.05
N ARG A 3860 49.57 54.01 42.73
CA ARG A 3860 50.13 55.24 42.15
C ARG A 3860 51.65 55.16 41.99
N SER A 3861 52.36 54.50 42.91
CA SER A 3861 53.80 54.35 42.72
C SER A 3861 54.11 53.42 41.55
N VAL A 3862 53.34 52.34 41.41
CA VAL A 3862 53.51 51.43 40.27
C VAL A 3862 53.17 52.13 38.97
N ILE A 3863 52.12 52.95 38.96
CA ILE A 3863 51.76 53.69 37.75
C ILE A 3863 52.81 54.76 37.42
N GLN A 3864 53.46 55.37 38.42
CA GLN A 3864 54.53 56.32 38.15
C GLN A 3864 55.73 55.62 37.50
N GLU A 3865 56.06 54.43 37.98
CA GLU A 3865 57.14 53.66 37.35
C GLU A 3865 56.74 53.20 35.95
N VAL A 3866 55.45 52.87 35.74
CA VAL A 3866 54.97 52.52 34.40
C VAL A 3866 55.07 53.74 33.47
N ARG A 3867 54.80 54.93 34.01
CA ARG A 3867 54.93 56.16 33.23
C ARG A 3867 56.36 56.38 32.80
N ALA A 3868 57.32 56.24 33.73
CA ALA A 3868 58.72 56.47 33.41
C ALA A 3868 59.26 55.44 32.41
N LEU A 3869 58.97 54.16 32.67
CA LEU A 3869 59.48 53.12 31.78
C LEU A 3869 58.81 53.16 30.41
N TRP A 3870 57.54 53.56 30.35
CA TRP A 3870 56.88 53.71 29.06
C TRP A 3870 57.39 54.94 28.32
N ASN A 3871 57.77 56.00 29.04
CA ASN A 3871 58.40 57.14 28.39
C ASN A 3871 59.72 56.75 27.77
N ARG A 3872 60.51 55.94 28.48
CA ARG A 3872 61.76 55.42 27.93
C ARG A 3872 61.53 54.57 26.68
N ILE A 3873 60.60 53.61 26.77
CA ILE A 3873 60.36 52.70 25.65
C ILE A 3873 59.73 53.41 24.46
N PHE A 3874 58.84 54.38 24.71
CA PHE A 3874 58.19 55.07 23.61
C PHE A 3874 59.11 56.12 22.98
N SER A 3875 60.00 56.74 23.75
CA SER A 3875 60.96 57.66 23.17
C SER A 3875 61.96 56.92 22.29
N ILE A 3876 62.39 55.73 22.74
CA ILE A 3876 63.23 54.89 21.89
C ILE A 3876 62.46 54.44 20.65
N ALA A 3877 61.16 54.19 20.78
CA ALA A 3877 60.34 53.79 19.64
C ALA A 3877 60.17 54.92 18.63
N LEU A 3878 60.00 56.16 19.12
CA LEU A 3878 59.97 57.33 18.25
C LEU A 3878 61.29 57.52 17.51
N PHE A 3879 62.40 57.30 18.23
CA PHE A 3879 63.72 57.41 17.60
C PHE A 3879 63.88 56.37 16.49
N VAL A 3880 63.44 55.14 16.75
CA VAL A 3880 63.52 54.07 15.76
C VAL A 3880 62.68 54.41 14.54
N GLU A 3881 61.39 54.70 14.75
CA GLU A 3881 60.47 54.94 13.63
C GLU A 3881 60.78 56.25 12.91
N HIS A 3882 61.62 57.13 13.46
CA HIS A 3882 61.97 58.36 12.77
C HIS A 3882 63.31 58.32 12.06
N VAL A 3883 64.35 57.65 12.59
CA VAL A 3883 65.64 57.62 11.91
C VAL A 3883 66.05 56.21 11.47
N LEU A 3884 65.69 55.18 12.23
CA LEU A 3884 66.26 53.85 12.01
C LEU A 3884 65.62 53.17 10.81
N LEU A 3885 64.30 53.21 10.66
CA LEU A 3885 63.72 52.65 9.45
C LEU A 3885 63.99 53.52 8.23
N GLY A 3886 64.28 54.80 8.43
CA GLY A 3886 64.74 55.64 7.32
C GLY A 3886 66.08 55.18 6.79
N THR A 3887 67.04 54.96 7.69
CA THR A 3887 68.35 54.50 7.25
C THR A 3887 68.38 53.01 6.94
N GLU A 3888 67.38 52.24 7.35
CA GLU A 3888 67.16 50.91 6.81
C GLU A 3888 66.48 50.92 5.44
N SER A 3889 65.88 52.04 5.07
CA SER A 3889 65.25 52.11 3.75
C SER A 3889 66.20 52.68 2.71
N HIS A 3890 66.94 53.75 3.02
CA HIS A 3890 67.76 54.41 2.01
C HIS A 3890 69.22 53.98 2.07
N ILE A 3891 69.89 54.20 3.20
CA ILE A 3891 71.33 53.99 3.33
C ILE A 3891 71.73 53.04 4.44
N PRO A 3892 71.84 51.73 4.19
CA PRO A 3892 72.10 50.74 5.25
C PRO A 3892 73.56 50.70 5.71
N GLU A 3893 74.11 51.89 6.04
CA GLU A 3893 75.46 52.11 6.52
C GLU A 3893 75.47 52.92 7.80
N LEU A 3894 74.35 53.00 8.51
CA LEU A 3894 74.21 53.80 9.71
C LEU A 3894 73.50 53.05 10.83
N SER A 3895 73.09 51.81 10.59
CA SER A 3895 72.43 51.01 11.62
C SER A 3895 73.29 50.71 12.85
N PRO A 3896 74.59 50.36 12.76
CA PRO A 3896 75.37 50.21 14.01
C PRO A 3896 75.64 51.51 14.77
N LEU A 3897 75.24 52.66 14.24
CA LEU A 3897 75.31 53.90 15.00
C LEU A 3897 74.02 54.13 15.80
N VAL A 3898 72.87 54.12 15.12
CA VAL A 3898 71.61 54.39 15.81
C VAL A 3898 71.22 53.23 16.72
N THR A 3899 71.66 52.00 16.43
CA THR A 3899 71.45 50.91 17.37
C THR A 3899 72.33 51.04 18.61
N THR A 3900 73.39 51.84 18.55
CA THR A 3900 74.10 52.19 19.78
C THR A 3900 73.40 53.34 20.50
N TYR A 3901 72.93 54.34 19.74
CA TYR A 3901 72.29 55.48 20.38
C TYR A 3901 70.91 55.19 20.98
N VAL A 3902 70.23 54.11 20.58
CA VAL A 3902 69.03 53.71 21.31
C VAL A 3902 69.37 53.34 22.75
N SER A 3903 70.40 52.49 22.93
CA SER A 3903 70.84 52.13 24.28
C SER A 3903 71.47 53.30 25.01
N LEU A 3904 72.10 54.23 24.27
CA LEU A 3904 72.64 55.42 24.91
C LEU A 3904 71.52 56.32 25.45
N LEU A 3905 70.44 56.48 24.68
CA LEU A 3905 69.28 57.20 25.18
C LEU A 3905 68.60 56.44 26.33
N ASP A 3906 68.64 55.11 26.29
CA ASP A 3906 68.09 54.32 27.38
C ASP A 3906 68.89 54.51 28.66
N LYS A 3907 70.22 54.62 28.54
CA LYS A 3907 71.04 54.91 29.73
C LYS A 3907 70.86 56.35 30.19
N CYS A 3908 70.58 57.28 29.28
CA CYS A 3908 70.39 58.66 29.69
C CYS A 3908 69.04 58.87 30.36
N LEU A 3909 68.02 58.12 29.93
CA LEU A 3909 66.69 58.22 30.50
C LEU A 3909 66.44 57.23 31.64
N GLU A 3910 67.36 56.29 31.90
CA GLU A 3910 67.12 55.30 32.95
C GLU A 3910 67.11 55.93 34.34
N GLU A 3911 67.86 57.01 34.55
CA GLU A 3911 67.85 57.64 35.87
C GLU A 3911 66.57 58.45 36.06
N ASP A 3912 66.36 59.47 35.23
CA ASP A 3912 65.18 60.33 35.31
C ASP A 3912 64.48 60.24 33.96
N SER A 3913 63.37 59.51 33.90
CA SER A 3913 62.63 59.36 32.65
C SER A 3913 61.50 60.38 32.55
N ASN A 3914 61.84 61.66 32.73
CA ASN A 3914 60.84 62.73 32.72
C ASN A 3914 61.47 63.94 32.03
N LEU A 3915 61.23 64.08 30.74
CA LEU A 3915 61.84 65.13 29.93
C LEU A 3915 61.29 66.52 30.24
N LYS A 3916 60.27 66.64 31.11
CA LYS A 3916 59.73 67.94 31.48
C LYS A 3916 60.63 68.70 32.44
N THR A 3917 61.62 68.07 33.07
CA THR A 3917 62.54 68.78 33.94
C THR A 3917 63.86 69.02 33.19
N CYS A 3918 64.86 69.54 33.90
CA CYS A 3918 66.04 70.09 33.20
C CYS A 3918 67.03 69.00 32.79
N ARG A 3919 67.47 68.17 33.74
CA ARG A 3919 68.67 67.34 33.54
C ARG A 3919 68.49 66.25 32.48
N PRO A 3920 67.42 65.43 32.46
CA PRO A 3920 67.27 64.52 31.32
C PRO A 3920 66.98 65.23 30.01
N PHE A 3921 66.37 66.41 30.02
CA PHE A 3921 66.13 67.13 28.76
C PHE A 3921 67.44 67.60 28.14
N VAL A 3922 68.32 68.19 28.94
CA VAL A 3922 69.63 68.62 28.44
C VAL A 3922 70.47 67.42 28.04
N ALA A 3923 70.34 66.30 28.76
CA ALA A 3923 71.09 65.09 28.40
C ALA A 3923 70.61 64.54 27.06
N VAL A 3924 69.30 64.54 26.81
CA VAL A 3924 68.77 64.08 25.54
C VAL A 3924 69.17 65.03 24.41
N MET A 3925 69.20 66.34 24.69
CA MET A 3925 69.65 67.32 23.68
C MET A 3925 71.10 67.09 23.30
N THR A 3926 71.97 66.87 24.29
CA THR A 3926 73.38 66.66 23.99
C THR A 3926 73.61 65.32 23.30
N THR A 3927 72.85 64.28 23.67
CA THR A 3927 72.99 63.00 22.99
C THR A 3927 72.51 63.06 21.54
N LEU A 3928 71.43 63.79 21.27
CA LEU A 3928 71.00 63.93 19.87
C LEU A 3928 71.98 64.80 19.08
N CYS A 3929 72.56 65.82 19.73
CA CYS A 3929 73.47 66.71 19.03
C CYS A 3929 74.77 66.00 18.66
N ASP A 3930 75.37 65.26 19.60
CA ASP A 3930 76.59 64.60 19.22
C ASP A 3930 76.32 63.34 18.39
N CYS A 3931 75.10 62.79 18.46
CA CYS A 3931 74.66 61.82 17.47
C CYS A 3931 74.68 62.40 16.07
N LYS A 3932 74.17 63.63 15.90
CA LYS A 3932 74.14 64.23 14.58
C LYS A 3932 75.53 64.57 14.08
N ASP A 3933 76.40 65.09 14.96
CA ASP A 3933 77.68 65.53 14.41
C ASP A 3933 78.62 64.34 14.17
N LYS A 3934 78.57 63.31 15.04
CA LYS A 3934 79.32 62.10 14.77
C LYS A 3934 78.74 61.33 13.60
N ALA A 3935 77.45 61.51 13.33
CA ALA A 3935 76.85 60.99 12.11
C ALA A 3935 77.47 61.67 10.90
N SER A 3936 77.59 63.00 10.92
CA SER A 3936 78.17 63.72 9.79
C SER A 3936 79.64 63.36 9.56
N LYS A 3937 80.43 63.19 10.64
CA LYS A 3937 81.80 62.72 10.42
C LYS A 3937 81.85 61.28 9.92
N LYS A 3938 80.90 60.44 10.33
CA LYS A 3938 80.77 59.14 9.69
C LYS A 3938 80.40 59.28 8.21
N PHE A 3939 79.59 60.28 7.85
CA PHE A 3939 79.16 60.41 6.47
C PHE A 3939 80.29 60.82 5.53
N SER A 3940 80.77 62.05 5.67
CA SER A 3940 81.51 62.62 4.54
C SER A 3940 82.73 63.42 4.94
N ARG A 3941 83.63 62.82 5.75
CA ARG A 3941 84.99 63.29 6.04
C ARG A 3941 85.00 64.69 6.69
N PHE A 3942 84.48 64.72 7.93
CA PHE A 3942 84.62 65.85 8.86
C PHE A 3942 83.98 67.14 8.33
N GLY A 3943 82.65 67.14 8.31
CA GLY A 3943 81.99 68.41 8.09
C GLY A 3943 81.42 68.78 6.73
N ILE A 3944 80.40 68.07 6.26
CA ILE A 3944 79.47 68.67 5.31
C ILE A 3944 78.96 69.97 5.92
N GLN A 3945 79.29 71.09 5.30
CA GLN A 3945 78.95 72.40 5.81
C GLN A 3945 78.09 73.18 4.82
N PRO A 3946 77.29 74.12 5.30
CA PRO A 3946 76.76 75.16 4.40
C PRO A 3946 77.88 76.03 3.85
N CYS A 3947 77.65 76.58 2.66
CA CYS A 3947 78.59 77.50 2.04
C CYS A 3947 78.78 78.72 2.93
N PHE A 3948 80.04 79.13 3.12
CA PHE A 3948 80.35 80.29 3.96
C PHE A 3948 79.77 81.59 3.43
N ILE A 3949 79.64 81.72 2.10
CA ILE A 3949 79.14 82.96 1.51
C ILE A 3949 77.65 83.10 1.74
N CYS A 3950 76.87 82.16 1.22
CA CYS A 3950 75.42 82.20 1.23
C CYS A 3950 74.81 81.75 2.56
N HIS A 3951 75.63 81.17 3.45
CA HIS A 3951 75.22 80.62 4.75
C HIS A 3951 74.18 79.51 4.60
N GLY A 3952 74.19 78.81 3.46
CA GLY A 3952 73.20 77.78 3.20
C GLY A 3952 73.76 76.65 2.38
N ASP A 3953 72.88 75.70 2.04
CA ASP A 3953 73.27 74.46 1.38
C ASP A 3953 73.76 74.68 -0.05
N ALA A 3954 74.74 73.89 -0.45
CA ALA A 3954 75.43 74.10 -1.72
C ALA A 3954 74.64 73.53 -2.89
N GLN A 3955 74.64 74.26 -4.01
CA GLN A 3955 74.07 73.81 -5.26
C GLN A 3955 75.16 73.73 -6.31
N ASP A 3956 75.22 72.60 -7.02
CA ASP A 3956 76.32 72.17 -7.90
C ASP A 3956 77.64 72.23 -7.13
N PRO A 3957 77.88 71.28 -6.23
CA PRO A 3957 78.88 71.49 -5.16
C PRO A 3957 80.30 71.39 -5.68
N VAL A 3958 81.06 72.47 -5.48
CA VAL A 3958 82.47 72.56 -5.86
C VAL A 3958 83.30 72.32 -4.60
N CYS A 3959 84.32 71.47 -4.71
CA CYS A 3959 85.18 71.19 -3.57
C CYS A 3959 86.53 71.89 -3.76
N LEU A 3960 86.94 72.63 -2.74
CA LEU A 3960 88.26 73.22 -2.71
C LEU A 3960 89.32 72.15 -2.43
N PRO A 3961 90.60 72.44 -2.71
CA PRO A 3961 91.67 71.54 -2.25
C PRO A 3961 91.83 71.46 -0.73
N CYS A 3962 91.21 72.38 0.03
CA CYS A 3962 91.29 72.36 1.49
C CYS A 3962 90.03 71.79 2.14
N ASP A 3963 89.33 70.89 1.45
CA ASP A 3963 88.11 70.21 1.90
C ASP A 3963 87.02 71.22 2.31
N HIS A 3964 86.65 72.07 1.35
CA HIS A 3964 85.58 73.03 1.55
C HIS A 3964 84.50 72.81 0.49
N VAL A 3965 83.24 72.75 0.93
CA VAL A 3965 82.11 72.56 0.03
C VAL A 3965 81.37 73.89 -0.09
N TYR A 3966 81.41 74.47 -1.29
CA TYR A 3966 80.79 75.76 -1.59
C TYR A 3966 79.80 75.63 -2.73
N CYS A 3967 78.96 76.66 -2.85
CA CYS A 3967 78.06 76.78 -3.99
C CYS A 3967 78.84 77.12 -5.26
N LEU A 3968 78.31 76.68 -6.40
CA LEU A 3968 78.92 77.05 -7.67
C LEU A 3968 78.64 78.51 -8.00
N ARG A 3969 77.42 78.97 -7.73
CA ARG A 3969 77.07 80.37 -7.96
C ARG A 3969 77.85 81.31 -7.05
N CYS A 3970 78.11 80.88 -5.80
CA CYS A 3970 78.84 81.72 -4.86
C CYS A 3970 80.31 81.81 -5.25
N ILE A 3971 80.89 80.71 -5.74
CA ILE A 3971 82.30 80.76 -6.12
C ILE A 3971 82.48 81.43 -7.48
N GLN A 3972 81.47 81.39 -8.36
CA GLN A 3972 81.64 82.15 -9.61
C GLN A 3972 81.43 83.64 -9.40
N THR A 3973 80.57 84.04 -8.45
CA THR A 3973 80.49 85.46 -8.14
C THR A 3973 81.56 85.92 -7.15
N TRP A 3974 82.34 85.01 -6.56
CA TRP A 3974 83.35 85.38 -5.58
C TRP A 3974 84.78 85.28 -6.06
N LEU A 3975 85.14 84.21 -6.79
CA LEU A 3975 86.55 83.94 -7.04
C LEU A 3975 87.13 84.76 -8.19
N ILE A 3976 86.31 85.22 -9.12
CA ILE A 3976 86.78 85.90 -10.33
C ILE A 3976 87.54 87.22 -10.15
N PRO A 3977 87.42 88.03 -9.04
CA PRO A 3977 88.42 89.10 -8.87
C PRO A 3977 89.70 88.59 -8.23
N GLY A 3978 90.61 89.49 -7.88
CA GLY A 3978 91.88 89.09 -7.29
C GLY A 3978 91.86 88.59 -5.86
N GLN A 3979 91.06 87.55 -5.60
CA GLN A 3979 91.01 86.90 -4.29
C GLN A 3979 91.02 85.38 -4.49
N MET A 3980 91.97 84.91 -5.29
CA MET A 3980 92.14 83.49 -5.59
C MET A 3980 92.74 82.78 -4.37
N MET A 3981 91.89 82.53 -3.37
CA MET A 3981 92.29 82.12 -2.03
C MET A 3981 91.04 81.50 -1.34
N CYS A 3982 91.11 81.29 0.01
CA CYS A 3982 89.90 80.73 0.64
C CYS A 3982 89.20 81.70 1.61
N PRO A 3983 87.86 81.74 1.60
CA PRO A 3983 87.16 82.54 2.62
C PRO A 3983 87.27 82.01 4.05
N TYR A 3984 87.37 80.70 4.25
CA TYR A 3984 87.36 80.18 5.62
C TYR A 3984 88.76 80.05 6.21
N CYS A 3985 89.63 79.25 5.59
CA CYS A 3985 90.93 78.91 6.14
C CYS A 3985 92.08 79.61 5.42
N LEU A 3986 91.77 80.53 4.49
CA LEU A 3986 92.76 81.40 3.82
C LEU A 3986 93.79 80.61 3.00
N THR A 3987 93.38 79.48 2.44
CA THR A 3987 94.25 78.63 1.66
C THR A 3987 94.13 79.01 0.17
N ASP A 3988 95.28 79.25 -0.46
CA ASP A 3988 95.35 79.59 -1.87
C ASP A 3988 94.96 78.42 -2.77
N LEU A 3989 93.89 78.61 -3.59
CA LEU A 3989 93.49 77.61 -4.58
C LEU A 3989 94.27 77.85 -5.87
N PRO A 3990 94.98 76.83 -6.39
CA PRO A 3990 95.92 77.09 -7.48
C PRO A 3990 95.35 77.53 -8.84
N ASP A 3991 94.50 76.70 -9.46
CA ASP A 3991 94.10 76.93 -10.84
C ASP A 3991 92.75 77.64 -10.99
N LYS A 3992 91.67 76.97 -10.56
CA LYS A 3992 90.31 77.29 -10.98
C LYS A 3992 89.37 76.38 -10.19
N PHE A 3993 88.10 76.79 -10.07
CA PHE A 3993 87.08 75.96 -9.43
C PHE A 3993 86.52 74.88 -10.37
N SER A 3994 87.41 74.15 -11.05
CA SER A 3994 87.04 73.12 -12.01
C SER A 3994 86.51 71.82 -11.39
N PRO A 3995 87.09 71.25 -10.27
CA PRO A 3995 86.41 70.08 -9.67
C PRO A 3995 85.14 70.46 -8.92
N THR A 3996 84.01 70.20 -9.56
CA THR A 3996 82.72 70.06 -8.92
C THR A 3996 82.33 68.59 -8.80
N VAL A 3997 81.63 68.26 -7.72
CA VAL A 3997 81.31 66.88 -7.38
C VAL A 3997 79.80 66.74 -7.53
N SER A 3998 79.38 66.19 -8.66
CA SER A 3998 78.00 65.91 -9.01
C SER A 3998 77.53 64.52 -8.61
N GLN A 3999 78.35 63.75 -7.90
CA GLN A 3999 78.00 62.40 -7.50
C GLN A 3999 77.82 62.20 -5.99
N ASP A 4000 78.85 62.54 -5.21
CA ASP A 4000 78.80 62.41 -3.75
C ASP A 4000 78.04 63.53 -3.04
N HIS A 4001 78.43 64.78 -3.25
CA HIS A 4001 77.92 65.87 -2.41
C HIS A 4001 76.46 66.24 -2.66
N ARG A 4002 75.91 66.07 -3.87
CA ARG A 4002 74.49 66.34 -4.06
C ARG A 4002 73.64 65.36 -3.26
N LYS A 4003 73.97 64.06 -3.35
CA LYS A 4003 73.24 63.06 -2.59
C LYS A 4003 73.51 63.19 -1.11
N ALA A 4004 74.69 63.69 -0.73
CA ALA A 4004 74.98 63.93 0.68
C ALA A 4004 74.10 65.04 1.25
N ILE A 4005 73.98 66.15 0.52
CA ILE A 4005 73.11 67.24 0.97
C ILE A 4005 71.64 66.82 0.94
N GLU A 4006 71.25 65.97 -0.03
CA GLU A 4006 69.88 65.47 -0.10
C GLU A 4006 69.54 64.59 1.09
N LYS A 4007 70.42 63.63 1.40
CA LYS A 4007 70.19 62.73 2.52
C LYS A 4007 70.25 63.47 3.85
N HIS A 4008 71.16 64.46 3.97
CA HIS A 4008 71.22 65.20 5.22
C HIS A 4008 70.00 66.10 5.39
N ALA A 4009 69.41 66.58 4.29
CA ALA A 4009 68.19 67.37 4.39
C ALA A 4009 67.00 66.49 4.77
N GLN A 4010 66.93 65.28 4.19
CA GLN A 4010 65.90 64.33 4.60
C GLN A 4010 66.09 63.92 6.06
N PHE A 4011 67.34 63.81 6.50
CA PHE A 4011 67.62 63.42 7.88
C PHE A 4011 67.27 64.53 8.85
N ARG A 4012 67.55 65.78 8.49
CA ARG A 4012 67.16 66.87 9.37
C ARG A 4012 65.65 66.99 9.42
N HIS A 4013 64.95 66.63 8.32
CA HIS A 4013 63.49 66.67 8.34
C HIS A 4013 62.93 65.59 9.25
N MET A 4014 63.46 64.36 9.18
CA MET A 4014 62.94 63.29 10.04
C MET A 4014 63.32 63.55 11.50
N CYS A 4015 64.52 64.07 11.75
CA CYS A 4015 64.93 64.35 13.13
C CYS A 4015 64.16 65.54 13.68
N ASN A 4016 63.80 66.51 12.84
CA ASN A 4016 62.99 67.62 13.31
C ASN A 4016 61.57 67.16 13.56
N SER A 4017 61.07 66.20 12.78
CA SER A 4017 59.77 65.60 13.05
C SER A 4017 59.79 64.82 14.37
N PHE A 4018 60.89 64.10 14.62
CA PHE A 4018 61.14 63.46 15.91
C PHE A 4018 61.12 64.49 17.03
N PHE A 4019 61.78 65.63 16.81
CA PHE A 4019 61.92 66.63 17.87
C PHE A 4019 60.60 67.30 18.19
N VAL A 4020 59.79 67.59 17.15
CA VAL A 4020 58.51 68.24 17.42
C VAL A 4020 57.53 67.23 18.01
N ASP A 4021 57.63 65.94 17.64
CA ASP A 4021 56.76 64.94 18.27
C ASP A 4021 57.16 64.70 19.71
N LEU A 4022 58.47 64.75 20.00
CA LEU A 4022 58.93 64.55 21.36
C LEU A 4022 58.55 65.72 22.25
N VAL A 4023 58.71 66.95 21.76
CA VAL A 4023 58.33 68.09 22.58
C VAL A 4023 56.82 68.27 22.64
N SER A 4024 56.07 67.76 21.64
CA SER A 4024 54.61 67.79 21.72
C SER A 4024 54.10 66.76 22.71
N THR A 4025 54.64 65.55 22.68
CA THR A 4025 54.08 64.47 23.48
C THR A 4025 54.67 64.46 24.89
N MET A 4026 55.97 64.25 25.01
CA MET A 4026 56.50 64.00 26.35
C MET A 4026 56.83 65.27 27.12
N CYS A 4027 57.23 66.34 26.45
CA CYS A 4027 57.50 67.60 27.14
C CYS A 4027 56.22 68.32 27.54
N PHE A 4028 55.12 68.03 26.86
CA PHE A 4028 53.83 68.68 27.08
C PHE A 4028 52.79 67.63 27.43
N LYS A 4029 53.14 66.76 28.39
CA LYS A 4029 52.43 65.51 28.60
C LYS A 4029 51.04 65.76 29.20
N ASP A 4030 51.01 66.29 30.41
CA ASP A 4030 49.78 66.45 31.18
C ASP A 4030 49.38 67.92 31.22
N ASN A 4031 48.36 68.23 32.01
CA ASN A 4031 47.84 69.60 32.08
C ASN A 4031 48.76 70.56 32.83
N THR A 4032 49.75 70.07 33.57
CA THR A 4032 50.69 71.03 34.14
C THR A 4032 51.82 71.32 33.16
N PRO A 4033 52.30 72.57 33.08
CA PRO A 4033 53.37 72.90 32.16
C PRO A 4033 54.72 72.42 32.66
N PRO A 4034 55.72 72.29 31.77
CA PRO A 4034 57.07 71.90 32.23
C PRO A 4034 57.78 73.01 33.01
N GLU A 4035 59.03 72.75 33.40
CA GLU A 4035 59.77 73.65 34.27
C GLU A 4035 60.30 74.85 33.49
N LYS A 4036 61.05 75.71 34.20
CA LYS A 4036 61.47 76.99 33.63
C LYS A 4036 62.59 76.84 32.63
N SER A 4037 63.63 76.06 32.98
CA SER A 4037 64.84 76.02 32.16
C SER A 4037 64.64 75.24 30.87
N VAL A 4038 63.74 74.24 30.86
CA VAL A 4038 63.44 73.54 29.62
C VAL A 4038 62.70 74.45 28.64
N ILE A 4039 61.81 75.30 29.16
CA ILE A 4039 61.10 76.25 28.31
C ILE A 4039 62.06 77.34 27.81
N ASP A 4040 63.01 77.73 28.65
CA ASP A 4040 64.01 78.71 28.24
C ASP A 4040 64.92 78.15 27.14
N THR A 4041 65.32 76.87 27.25
CA THR A 4041 66.11 76.26 26.17
C THR A 4041 65.28 76.04 24.91
N LEU A 4042 63.97 75.81 25.05
CA LEU A 4042 63.09 75.73 23.89
C LEU A 4042 63.01 77.06 23.16
N LEU A 4043 62.81 78.14 23.91
CA LEU A 4043 62.75 79.48 23.32
C LEU A 4043 64.10 79.95 22.79
N SER A 4044 65.20 79.42 23.32
CA SER A 4044 66.51 79.77 22.79
C SER A 4044 66.94 78.91 21.61
N LEU A 4045 66.32 77.74 21.40
CA LEU A 4045 66.71 76.93 20.25
C LEU A 4045 65.98 77.31 18.97
N LEU A 4046 65.08 78.30 19.02
CA LEU A 4046 64.55 78.90 17.80
C LEU A 4046 65.49 79.90 17.18
N PHE A 4047 66.56 80.29 17.86
CA PHE A 4047 67.45 81.34 17.40
C PHE A 4047 68.84 80.78 17.15
N VAL A 4048 69.53 81.41 16.20
CA VAL A 4048 70.77 80.93 15.62
C VAL A 4048 71.85 82.01 15.80
N GLN A 4049 71.96 82.52 17.04
CA GLN A 4049 72.68 83.74 17.43
C GLN A 4049 74.11 83.88 16.89
N LYS A 4050 74.65 85.10 17.01
CA LYS A 4050 75.70 85.72 16.19
C LYS A 4050 76.79 84.81 15.62
N GLU A 4051 77.00 84.92 14.31
CA GLU A 4051 78.10 84.25 13.61
C GLU A 4051 78.67 85.23 12.58
N LEU A 4052 79.99 85.18 12.41
CA LEU A 4052 80.70 86.18 11.62
C LEU A 4052 80.38 86.01 10.14
N LEU A 4053 79.90 87.08 9.51
CA LEU A 4053 79.66 87.10 8.06
C LEU A 4053 80.45 88.23 7.42
N HIS A 4060 74.66 88.43 7.51
CA HIS A 4060 73.52 88.91 8.28
C HIS A 4060 73.37 88.12 9.58
N ARG A 4061 73.39 88.83 10.70
CA ARG A 4061 73.24 88.22 12.01
C ARG A 4061 71.79 87.83 12.26
N GLU A 4062 71.62 86.84 13.17
CA GLU A 4062 70.36 86.58 13.88
C GLU A 4062 69.22 86.19 12.93
N HIS A 4063 69.40 85.06 12.24
CA HIS A 4063 68.34 84.53 11.39
C HIS A 4063 67.37 83.72 12.25
N THR A 4064 66.46 82.99 11.59
CA THR A 4064 65.47 82.21 12.31
C THR A 4064 65.25 80.88 11.59
N LYS A 4065 65.28 79.79 12.35
CA LYS A 4065 65.20 78.43 11.84
C LYS A 4065 63.96 77.73 12.39
N SER A 4066 63.66 76.55 11.84
CA SER A 4066 62.36 75.92 11.98
C SER A 4066 62.33 74.93 13.14
N LEU A 4067 62.59 75.47 14.34
CA LEU A 4067 62.60 74.75 15.62
C LEU A 4067 63.52 73.55 15.54
N SER A 4068 64.80 73.84 15.32
CA SER A 4068 65.73 72.75 15.18
C SER A 4068 66.78 72.82 16.28
N PRO A 4069 67.23 71.69 16.81
CA PRO A 4069 68.34 71.67 17.76
C PRO A 4069 69.70 71.73 17.09
N PHE A 4070 69.75 71.95 15.78
CA PHE A 4070 70.96 71.93 14.99
C PHE A 4070 71.38 73.38 14.72
N ASP A 4071 72.38 73.57 13.85
CA ASP A 4071 72.78 74.91 13.45
C ASP A 4071 72.78 75.14 11.95
N ASP A 4072 72.93 74.09 11.14
CA ASP A 4072 73.12 74.24 9.70
C ASP A 4072 71.80 74.14 8.92
N VAL A 4073 70.80 74.93 9.31
CA VAL A 4073 69.64 75.19 8.47
C VAL A 4073 69.30 76.68 8.58
N VAL A 4074 68.94 77.28 7.45
CA VAL A 4074 68.85 78.73 7.35
C VAL A 4074 67.63 79.11 6.52
N ASP A 4075 67.18 80.34 6.71
CA ASP A 4075 66.34 81.07 5.76
C ASP A 4075 66.95 82.46 5.67
N GLN A 4076 67.37 82.87 4.48
CA GLN A 4076 68.02 84.17 4.31
C GLN A 4076 67.03 85.31 4.07
N THR A 4077 65.96 85.29 4.87
CA THR A 4077 64.84 86.20 5.09
C THR A 4077 64.28 85.74 6.43
N PRO A 4078 64.11 86.63 7.42
CA PRO A 4078 63.61 86.17 8.73
C PRO A 4078 62.16 85.75 8.71
N VAL A 4079 61.92 84.44 8.68
CA VAL A 4079 60.60 83.85 8.74
C VAL A 4079 60.24 83.56 10.20
N ILE A 4080 58.96 83.69 10.55
CA ILE A 4080 58.50 83.40 11.91
C ILE A 4080 57.36 82.39 11.84
N ARG A 4081 57.59 81.20 12.37
CA ARG A 4081 56.61 80.12 12.32
C ARG A 4081 55.73 80.13 13.57
N SER A 4082 54.86 79.12 13.70
CA SER A 4082 53.94 79.05 14.83
C SER A 4082 53.83 77.66 15.45
N VAL A 4083 54.84 76.80 15.32
CA VAL A 4083 54.72 75.44 15.86
C VAL A 4083 55.00 75.41 17.36
N LEU A 4084 56.08 76.06 17.82
CA LEU A 4084 56.38 76.07 19.25
C LEU A 4084 55.38 76.93 20.01
N LEU A 4085 54.84 77.95 19.34
CA LEU A 4085 53.86 78.82 19.98
C LEU A 4085 52.55 78.10 20.22
N LYS A 4086 52.06 77.36 19.21
CA LYS A 4086 50.85 76.58 19.41
C LYS A 4086 51.06 75.40 20.36
N LEU A 4087 52.25 74.79 20.35
CA LEU A 4087 52.47 73.72 21.33
C LEU A 4087 52.70 74.26 22.73
N LEU A 4088 53.02 75.54 22.86
CA LEU A 4088 53.09 76.20 24.16
C LEU A 4088 51.71 76.68 24.60
N LEU A 4089 50.84 77.04 23.65
CA LEU A 4089 49.52 77.59 23.94
C LEU A 4089 48.45 76.53 24.06
N LYS A 4090 48.81 75.29 24.36
CA LYS A 4090 47.81 74.30 24.74
C LYS A 4090 47.48 74.34 26.23
N TYR A 4091 48.24 75.07 27.04
CA TYR A 4091 47.95 75.20 28.45
C TYR A 4091 47.06 76.41 28.71
N SER A 4092 46.80 76.68 29.98
CA SER A 4092 46.13 77.89 30.41
C SER A 4092 47.05 79.10 30.19
N PHE A 4093 46.46 80.21 29.76
CA PHE A 4093 47.25 81.41 29.46
C PHE A 4093 47.83 82.05 30.71
N HIS A 4094 47.24 81.82 31.89
CA HIS A 4094 47.62 82.49 33.12
C HIS A 4094 49.04 82.11 33.58
N GLU A 4095 49.57 80.99 33.13
CA GLU A 4095 50.87 80.50 33.56
C GLU A 4095 51.93 80.57 32.47
N VAL A 4096 51.58 81.06 31.28
CA VAL A 4096 52.52 81.18 30.17
C VAL A 4096 52.59 82.60 29.63
N LYS A 4097 52.26 83.58 30.48
CA LYS A 4097 52.32 84.99 30.07
C LYS A 4097 53.76 85.44 29.86
N ASP A 4098 54.61 85.23 30.87
CA ASP A 4098 55.96 85.76 30.87
C ASP A 4098 56.85 85.08 29.83
N TYR A 4099 56.57 83.82 29.51
CA TYR A 4099 57.38 83.09 28.54
C TYR A 4099 57.20 83.65 27.14
N ILE A 4100 55.94 83.79 26.70
CA ILE A 4100 55.65 84.36 25.39
C ILE A 4100 56.04 85.84 25.37
N GLN A 4101 55.89 86.54 26.49
CA GLN A 4101 56.38 87.91 26.60
C GLN A 4101 57.89 88.01 26.36
N ASN A 4102 58.68 87.10 26.94
CA ASN A 4102 60.12 87.13 26.73
C ASN A 4102 60.48 86.73 25.31
N TYR A 4103 59.75 85.80 24.71
CA TYR A 4103 59.95 85.44 23.32
C TYR A 4103 59.64 86.60 22.38
N LEU A 4104 58.59 87.36 22.71
CA LEU A 4104 58.23 88.55 21.95
C LEU A 4104 59.27 89.64 22.07
N THR A 4105 59.82 89.85 23.28
CA THR A 4105 60.86 90.86 23.44
C THR A 4105 62.14 90.45 22.70
N GLN A 4106 62.41 89.14 22.64
CA GLN A 4106 63.55 88.66 21.85
C GLN A 4106 63.34 88.90 20.37
N LEU A 4107 62.13 88.57 19.86
CA LEU A 4107 61.81 88.80 18.45
C LEU A 4107 61.88 90.28 18.09
N GLU A 4108 61.48 91.15 19.01
CA GLU A 4108 61.56 92.58 18.73
C GLU A 4108 63.01 93.07 18.78
N LYS A 4109 63.83 92.51 19.67
CA LYS A 4109 65.19 93.02 19.80
C LYS A 4109 66.16 92.45 18.79
N LYS A 4110 65.86 91.32 18.12
CA LYS A 4110 66.81 90.79 17.15
C LYS A 4110 66.29 90.58 15.74
N ALA A 4111 64.98 90.42 15.53
CA ALA A 4111 64.52 90.02 14.20
C ALA A 4111 63.63 91.05 13.53
N PHE A 4112 62.63 91.59 14.24
CA PHE A 4112 61.67 92.51 13.63
C PHE A 4112 61.71 93.89 14.27
N LEU A 4113 62.91 94.48 14.33
CA LEU A 4113 63.11 95.79 14.92
C LEU A 4113 62.26 96.84 14.23
N THR A 4114 62.54 97.12 12.95
CA THR A 4114 61.75 98.06 12.15
C THR A 4114 61.34 97.42 10.80
N GLU A 4115 60.29 96.60 10.84
CA GLU A 4115 59.75 95.95 9.66
C GLU A 4115 58.23 95.92 9.79
N ASP A 4116 57.57 95.12 8.95
CA ASP A 4116 56.12 94.96 9.02
C ASP A 4116 55.76 94.06 10.22
N LYS A 4117 55.68 94.69 11.39
CA LYS A 4117 55.25 94.02 12.61
C LYS A 4117 53.75 93.73 12.66
N THR A 4118 52.97 94.30 11.73
CA THR A 4118 51.54 93.98 11.61
C THR A 4118 51.30 92.49 11.37
N GLU A 4119 52.16 91.86 10.55
CA GLU A 4119 51.97 90.45 10.22
C GLU A 4119 52.28 89.56 11.41
N LEU A 4120 53.35 89.88 12.16
CA LEU A 4120 53.69 89.12 13.35
C LEU A 4120 52.64 89.30 14.44
N TYR A 4121 52.12 90.52 14.61
CA TYR A 4121 51.08 90.77 15.59
C TYR A 4121 49.79 90.02 15.22
N LEU A 4122 49.47 89.98 13.93
CA LEU A 4122 48.31 89.22 13.46
C LEU A 4122 48.49 87.73 13.67
N LEU A 4123 49.73 87.24 13.50
CA LEU A 4123 50.02 85.83 13.77
C LEU A 4123 49.84 85.50 15.24
N PHE A 4124 50.28 86.40 16.13
CA PHE A 4124 50.10 86.15 17.56
C PHE A 4124 48.63 86.21 17.96
N ILE A 4125 47.86 87.13 17.37
CA ILE A 4125 46.43 87.22 17.68
C ILE A 4125 45.69 85.97 17.20
N SER A 4126 46.06 85.48 16.01
CA SER A 4126 45.42 84.27 15.49
C SER A 4126 45.80 83.03 16.29
N CYS A 4127 47.05 82.94 16.74
CA CYS A 4127 47.44 81.79 17.56
C CYS A 4127 46.79 81.85 18.95
N LEU A 4128 46.63 83.04 19.52
CA LEU A 4128 45.95 83.17 20.80
C LEU A 4128 44.46 82.84 20.69
N GLU A 4129 43.80 83.27 19.61
CA GLU A 4129 42.38 82.95 19.50
C GLU A 4129 42.16 81.48 19.18
N ASP A 4130 43.07 80.86 18.43
CA ASP A 4130 43.00 79.41 18.24
C ASP A 4130 43.24 78.66 19.55
N SER A 4131 44.13 79.20 20.41
CA SER A 4131 44.35 78.60 21.72
C SER A 4131 43.11 78.68 22.59
N VAL A 4132 42.38 79.80 22.52
CA VAL A 4132 41.17 79.91 23.32
C VAL A 4132 40.05 79.02 22.74
N HIS A 4133 40.01 78.87 21.41
CA HIS A 4133 39.11 77.89 20.79
C HIS A 4133 39.39 76.48 21.29
N GLN A 4134 40.67 76.13 21.45
CA GLN A 4134 41.01 74.79 21.94
C GLN A 4134 40.69 74.66 23.42
N LYS A 4135 40.92 75.71 24.21
CA LYS A 4135 40.66 75.62 25.64
C LYS A 4135 39.17 75.69 25.98
N THR A 4136 38.33 76.12 25.04
CA THR A 4136 36.88 76.08 25.23
C THR A 4136 36.22 74.85 24.61
N SER A 4137 36.59 74.50 23.38
CA SER A 4137 35.90 73.42 22.68
C SER A 4137 36.32 72.03 23.18
N ALA A 4138 37.62 71.83 23.42
CA ALA A 4138 38.06 70.59 24.04
C ALA A 4138 37.79 70.52 25.54
N GLY A 4139 37.47 71.65 26.18
CA GLY A 4139 36.99 71.59 27.54
C GLY A 4139 35.52 71.26 27.62
N CYS A 4140 35.10 70.88 28.83
CA CYS A 4140 33.75 70.40 29.07
C CYS A 4140 33.10 71.35 30.06
N ARG A 4141 32.43 72.38 29.53
CA ARG A 4141 31.58 73.24 30.34
C ARG A 4141 30.49 73.82 29.45
N ASN A 4142 29.41 74.27 30.08
CA ASN A 4142 28.23 74.71 29.37
C ASN A 4142 28.43 76.10 28.77
N LEU A 4143 27.41 76.58 28.05
CA LEU A 4143 27.45 77.92 27.50
C LEU A 4143 27.28 79.00 28.57
N GLU A 4144 26.68 78.66 29.71
CA GLU A 4144 26.38 79.67 30.72
C GLU A 4144 27.64 80.18 31.41
N GLN A 4145 28.57 79.27 31.73
CA GLN A 4145 29.81 79.66 32.37
C GLN A 4145 30.68 80.52 31.47
N VAL A 4146 30.80 80.15 30.19
CA VAL A 4146 31.63 80.92 29.28
C VAL A 4146 30.97 82.27 28.98
N LEU A 4147 29.63 82.33 28.94
CA LEU A 4147 28.98 83.62 28.72
C LEU A 4147 29.14 84.55 29.92
N ARG A 4148 29.01 84.01 31.14
CA ARG A 4148 29.19 84.84 32.32
C ARG A 4148 30.63 85.29 32.47
N GLU A 4149 31.60 84.44 32.15
CA GLU A 4149 32.99 84.83 32.34
C GLU A 4149 33.48 85.79 31.26
N GLU A 4150 33.04 85.60 30.01
CA GLU A 4150 33.41 86.58 28.98
C GLU A 4150 32.65 87.89 29.15
N GLY A 4151 31.41 87.84 29.67
CA GLY A 4151 30.74 89.07 30.05
C GLY A 4151 31.44 89.82 31.17
N HIS A 4152 31.91 89.09 32.18
CA HIS A 4152 32.68 89.72 33.25
C HIS A 4152 34.02 90.27 32.75
N PHE A 4153 34.60 89.65 31.72
CA PHE A 4153 35.74 90.27 31.05
C PHE A 4153 35.34 91.56 30.33
N LEU A 4154 34.15 91.58 29.73
CA LEU A 4154 33.73 92.74 28.94
C LEU A 4154 33.42 93.93 29.83
N ARG A 4155 32.54 93.74 30.81
CA ARG A 4155 32.08 94.86 31.62
C ARG A 4155 33.10 95.32 32.66
N THR A 4156 34.20 94.58 32.85
CA THR A 4156 35.30 95.03 33.67
C THR A 4156 36.56 95.30 32.85
N TYR A 4157 36.42 95.52 31.55
CA TYR A 4157 37.56 95.79 30.67
C TYR A 4157 37.97 97.24 30.87
N SER A 4158 39.06 97.45 31.58
CA SER A 4158 39.74 98.74 31.53
C SER A 4158 40.32 98.95 30.14
N PRO A 4159 40.12 100.14 29.52
CA PRO A 4159 40.66 100.40 28.17
C PRO A 4159 42.17 100.33 28.08
N GLY A 4160 42.88 101.17 28.83
CA GLY A 4160 44.33 101.16 28.95
C GLY A 4160 45.15 101.19 27.67
N LEU A 4161 44.57 101.73 26.59
CA LEU A 4161 45.16 101.59 25.26
C LEU A 4161 46.34 102.53 25.04
N GLN A 4162 46.61 103.46 25.96
CA GLN A 4162 47.75 104.35 25.83
C GLN A 4162 49.08 103.68 26.14
N GLY A 4163 49.06 102.49 26.74
CA GLY A 4163 50.25 101.77 27.09
C GLY A 4163 50.95 101.14 25.89
N GLN A 4164 50.25 100.21 25.24
CA GLN A 4164 50.77 99.50 24.08
C GLN A 4164 50.40 100.19 22.76
N GLU A 4165 50.20 101.51 22.78
CA GLU A 4165 49.89 102.24 21.55
C GLU A 4165 51.04 102.44 20.56
N PRO A 4166 52.09 103.26 20.91
CA PRO A 4166 52.63 104.20 19.90
C PRO A 4166 53.25 103.64 18.62
N VAL A 4167 54.40 102.95 18.67
CA VAL A 4167 55.03 102.45 17.45
C VAL A 4167 55.48 101.00 17.57
N ARG A 4168 55.82 100.56 18.79
CA ARG A 4168 56.44 99.25 18.95
C ARG A 4168 55.94 98.44 20.13
N ILE A 4169 55.38 99.05 21.16
CA ILE A 4169 55.06 98.35 22.41
C ILE A 4169 53.78 97.55 22.18
N ALA A 4170 53.89 96.23 22.21
CA ALA A 4170 52.75 95.34 22.08
C ALA A 4170 53.00 94.16 23.03
N SER A 4171 52.51 94.25 24.25
CA SER A 4171 52.61 93.12 25.18
C SER A 4171 51.72 91.96 24.71
N VAL A 4172 52.09 90.75 25.15
CA VAL A 4172 51.28 89.58 24.87
C VAL A 4172 49.98 89.59 25.68
N GLU A 4173 49.94 90.32 26.80
CA GLU A 4173 48.67 90.55 27.48
C GLU A 4173 47.74 91.40 26.63
N TYR A 4174 48.31 92.36 25.89
CA TYR A 4174 47.52 93.24 25.04
C TYR A 4174 46.94 92.48 23.85
N LEU A 4175 47.77 91.66 23.20
CA LEU A 4175 47.27 90.85 22.09
C LEU A 4175 46.33 89.74 22.56
N GLN A 4176 46.48 89.28 23.80
CA GLN A 4176 45.51 88.35 24.35
C GLN A 4176 44.17 89.03 24.62
N GLU A 4177 44.21 90.29 25.07
CA GLU A 4177 42.97 91.05 25.22
C GLU A 4177 42.29 91.28 23.87
N VAL A 4178 43.08 91.56 22.83
CA VAL A 4178 42.51 91.80 21.51
C VAL A 4178 41.90 90.51 20.94
N ALA A 4179 42.60 89.38 21.10
CA ALA A 4179 42.03 88.11 20.65
C ALA A 4179 40.81 87.69 21.47
N ARG A 4180 40.79 88.04 22.77
CA ARG A 4180 39.65 87.69 23.60
C ARG A 4180 38.42 88.53 23.26
N VAL A 4181 38.62 89.82 22.95
CA VAL A 4181 37.45 90.62 22.57
C VAL A 4181 37.01 90.28 21.15
N ARG A 4182 37.93 89.80 20.30
CA ARG A 4182 37.51 89.29 18.99
C ARG A 4182 36.70 88.02 19.13
N LEU A 4183 37.03 87.16 20.10
CA LEU A 4183 36.22 85.96 20.29
C LEU A 4183 34.89 86.25 20.97
N CYS A 4184 34.86 87.26 21.86
CA CYS A 4184 33.59 87.70 22.44
C CYS A 4184 32.68 88.24 21.35
N LEU A 4185 33.26 89.00 20.42
CA LEU A 4185 32.49 89.51 19.30
C LEU A 4185 32.15 88.42 18.28
N ASP A 4186 32.94 87.36 18.18
CA ASP A 4186 32.59 86.23 17.33
C ASP A 4186 31.36 85.51 17.87
N LEU A 4187 31.34 85.29 19.19
CA LEU A 4187 30.16 84.72 19.85
C LEU A 4187 28.96 85.65 19.70
N ALA A 4188 29.17 86.96 19.83
CA ALA A 4188 28.08 87.93 19.70
C ALA A 4188 27.54 87.98 18.26
N ALA A 4189 28.41 87.80 17.28
CA ALA A 4189 27.99 87.81 15.88
C ALA A 4189 27.25 86.53 15.53
N ASP A 4190 27.67 85.41 16.13
CA ASP A 4190 26.90 84.18 16.02
C ASP A 4190 25.52 84.36 16.63
N PHE A 4191 25.43 85.11 17.73
CA PHE A 4191 24.15 85.36 18.36
C PHE A 4191 23.28 86.29 17.51
N LEU A 4192 23.89 87.24 16.81
CA LEU A 4192 23.12 88.12 15.92
C LEU A 4192 22.61 87.37 14.69
N SER A 4193 23.43 86.46 14.15
CA SER A 4193 22.97 85.63 13.04
C SER A 4193 21.89 84.65 13.49
N GLU A 4194 21.94 84.21 14.75
CA GLU A 4194 20.82 83.47 15.35
C GLU A 4194 19.62 84.39 15.56
N LEU A 4195 19.85 85.68 15.83
CA LEU A 4195 18.81 86.63 16.22
C LEU A 4195 17.91 86.95 15.05
N GLN A 4196 18.51 87.20 13.88
CA GLN A 4196 17.67 87.52 12.73
C GLN A 4196 16.87 86.30 12.30
N GLU A 4197 17.46 85.10 12.43
CA GLU A 4197 16.81 83.89 11.98
C GLU A 4197 15.66 83.47 12.90
N GLY A 4198 15.79 83.67 14.22
CA GLY A 4198 14.82 83.11 15.13
C GLY A 4198 14.32 84.09 16.19
N SER A 4199 13.92 83.52 17.33
CA SER A 4199 13.21 84.21 18.40
C SER A 4199 14.16 84.74 19.47
N GLU A 4200 13.58 85.09 20.63
CA GLU A 4200 14.26 85.66 21.80
C GLU A 4200 15.32 84.70 22.36
N LEU A 4201 16.30 85.27 23.07
CA LEU A 4201 17.52 84.59 23.46
C LEU A 4201 17.68 84.42 24.96
N ALA A 4202 16.60 84.05 25.65
CA ALA A 4202 16.62 83.39 26.97
C ALA A 4202 17.26 84.25 28.07
N GLU A 4203 17.25 85.58 27.90
CA GLU A 4203 17.47 86.60 28.95
C GLU A 4203 18.92 86.67 29.44
N ASP A 4204 19.76 85.72 29.05
CA ASP A 4204 21.19 85.75 29.37
C ASP A 4204 22.08 86.07 28.18
N LYS A 4205 21.77 85.53 27.00
CA LYS A 4205 22.38 86.01 25.76
C LYS A 4205 22.02 87.47 25.49
N ARG A 4206 20.83 87.88 25.93
CA ARG A 4206 20.44 89.30 25.88
C ARG A 4206 21.35 90.16 26.73
N ARG A 4207 21.72 89.68 27.92
CA ARG A 4207 22.64 90.41 28.78
C ARG A 4207 24.03 90.46 28.17
N PHE A 4208 24.48 89.38 27.52
CA PHE A 4208 25.78 89.38 26.86
C PHE A 4208 25.82 90.37 25.70
N LEU A 4209 24.75 90.40 24.88
CA LEU A 4209 24.70 91.38 23.80
C LEU A 4209 24.55 92.81 24.32
N LYS A 4210 23.89 92.98 25.47
CA LYS A 4210 23.83 94.26 26.14
C LYS A 4210 25.20 94.71 26.60
N HIS A 4211 26.02 93.76 27.10
CA HIS A 4211 27.36 94.11 27.53
C HIS A 4211 28.27 94.42 26.34
N VAL A 4212 28.05 93.75 25.20
CA VAL A 4212 28.78 94.11 23.99
C VAL A 4212 28.38 95.51 23.51
N GLU A 4213 27.09 95.85 23.66
CA GLU A 4213 26.61 97.19 23.34
C GLU A 4213 27.24 98.24 24.25
N GLU A 4214 27.32 97.95 25.54
CA GLU A 4214 27.91 98.90 26.49
C GLU A 4214 29.41 99.04 26.25
N PHE A 4215 30.07 97.94 25.88
CA PHE A 4215 31.49 97.98 25.55
C PHE A 4215 31.75 98.85 24.31
N CYS A 4216 30.95 98.66 23.25
CA CYS A 4216 31.21 99.42 22.04
C CYS A 4216 30.75 100.87 22.16
N THR A 4217 29.78 101.18 23.02
CA THR A 4217 29.40 102.57 23.22
C THR A 4217 30.25 103.26 24.29
N ARG A 4218 31.01 102.51 25.08
CA ARG A 4218 31.89 103.11 26.07
C ARG A 4218 33.21 103.57 25.44
N VAL A 4219 33.86 102.69 24.69
CA VAL A 4219 35.16 103.00 24.11
C VAL A 4219 34.93 103.50 22.68
N ASN A 4220 35.79 104.40 22.24
CA ASN A 4220 35.75 104.89 20.86
C ASN A 4220 36.68 104.09 19.93
N ASN A 4221 36.96 102.84 20.27
CA ASN A 4221 37.88 101.99 19.51
C ASN A 4221 37.15 101.26 18.39
N ASP A 4222 36.45 102.02 17.54
CA ASP A 4222 35.47 101.52 16.58
C ASP A 4222 36.05 100.67 15.46
N TRP A 4223 37.37 100.43 15.44
CA TRP A 4223 37.94 99.35 14.64
C TRP A 4223 37.32 98.00 14.95
N HIS A 4224 36.98 97.75 16.22
CA HIS A 4224 36.33 96.49 16.55
C HIS A 4224 34.90 96.44 16.03
N ARG A 4225 34.28 97.61 15.86
CA ARG A 4225 32.96 97.65 15.24
C ARG A 4225 33.04 97.42 13.74
N VAL A 4226 34.10 97.94 13.09
CA VAL A 4226 34.40 97.60 11.70
C VAL A 4226 34.63 96.10 11.55
N TYR A 4227 35.32 95.49 12.53
CA TYR A 4227 35.50 94.05 12.54
C TYR A 4227 34.15 93.33 12.72
N LEU A 4228 33.27 93.90 13.55
CA LEU A 4228 31.95 93.31 13.78
C LEU A 4228 31.12 93.31 12.51
N VAL A 4229 31.16 94.39 11.75
CA VAL A 4229 30.36 94.41 10.52
C VAL A 4229 31.03 93.54 9.45
N ARG A 4230 32.36 93.38 9.51
CA ARG A 4230 33.00 92.46 8.57
C ARG A 4230 32.70 91.00 8.90
N LYS A 4231 32.56 90.69 10.20
CA LYS A 4231 32.22 89.34 10.60
C LYS A 4231 30.76 89.02 10.28
N LEU A 4232 29.86 89.97 10.50
CA LEU A 4232 28.46 89.75 10.14
C LEU A 4232 28.28 89.69 8.63
N SER A 4233 29.10 90.42 7.87
CA SER A 4233 29.08 90.27 6.43
C SER A 4233 29.69 88.96 5.99
N SER A 4234 30.62 88.41 6.79
CA SER A 4234 31.22 87.13 6.43
C SER A 4234 30.27 85.97 6.67
N GLN A 4235 29.56 85.99 7.81
CA GLN A 4235 28.75 84.83 8.15
C GLN A 4235 27.48 84.75 7.32
N ARG A 4236 26.91 85.89 6.94
CA ARG A 4236 25.61 85.91 6.26
C ARG A 4236 25.62 86.61 4.92
N GLY A 4237 26.30 87.76 4.81
CA GLY A 4237 26.27 88.53 3.58
C GLY A 4237 26.13 90.02 3.80
N MET A 4238 26.31 90.82 2.73
CA MET A 4238 26.28 92.27 2.90
C MET A 4238 24.84 92.75 3.09
N GLU A 4239 23.89 92.09 2.42
CA GLU A 4239 22.48 92.49 2.52
C GLU A 4239 21.92 92.19 3.90
N PHE A 4240 22.59 91.33 4.68
CA PHE A 4240 22.23 91.08 6.06
C PHE A 4240 22.40 92.33 6.91
N VAL A 4241 23.59 92.97 6.84
CA VAL A 4241 23.75 94.21 7.57
C VAL A 4241 23.05 95.37 6.88
N GLN A 4242 22.72 95.24 5.58
CA GLN A 4242 21.81 96.21 4.98
C GLN A 4242 20.42 96.15 5.60
N SER A 4243 19.92 94.93 5.85
CA SER A 4243 18.65 94.78 6.56
C SER A 4243 18.76 95.24 8.00
N PHE A 4244 19.94 95.10 8.61
CA PHE A 4244 20.18 95.78 9.89
C PHE A 4244 20.20 97.30 9.79
N SER A 4245 20.49 97.85 8.61
CA SER A 4245 20.74 99.28 8.48
C SER A 4245 19.47 100.09 8.19
N LYS A 4246 18.32 99.60 8.64
CA LYS A 4246 17.05 100.32 8.49
C LYS A 4246 16.85 101.26 9.68
N GLN A 4247 15.62 101.74 9.85
CA GLN A 4247 15.35 103.00 10.55
C GLN A 4247 14.52 102.78 11.81
N GLY A 4248 14.98 101.90 12.69
CA GLY A 4248 14.22 101.53 13.87
C GLY A 4248 14.36 100.07 14.24
N HIS A 4249 15.24 99.37 13.53
CA HIS A 4249 15.62 98.02 13.92
C HIS A 4249 16.36 98.06 15.26
N PRO A 4250 15.99 97.21 16.23
CA PRO A 4250 16.70 97.18 17.52
C PRO A 4250 18.05 96.46 17.49
N CYS A 4251 18.85 96.73 16.46
CA CYS A 4251 20.26 96.33 16.39
C CYS A 4251 21.12 97.42 15.79
N GLN A 4252 20.68 98.69 15.87
CA GLN A 4252 21.35 99.78 15.17
C GLN A 4252 22.69 100.15 15.81
N TRP A 4253 22.90 99.77 17.07
CA TRP A 4253 24.13 100.12 17.78
C TRP A 4253 25.37 99.37 17.28
N VAL A 4254 25.22 98.42 16.35
CA VAL A 4254 26.37 97.72 15.79
C VAL A 4254 27.01 98.48 14.64
N PHE A 4255 26.51 99.68 14.33
CA PHE A 4255 27.02 100.50 13.25
C PHE A 4255 27.55 101.82 13.80
N PRO A 4256 28.66 102.33 13.27
CA PRO A 4256 29.21 103.61 13.74
C PRO A 4256 28.30 104.78 13.35
N ARG A 4257 28.59 105.93 13.97
CA ARG A 4257 27.66 107.05 13.94
C ARG A 4257 27.58 107.72 12.57
N LYS A 4258 28.60 107.58 11.72
CA LYS A 4258 28.61 108.27 10.44
C LYS A 4258 27.99 107.44 9.34
N VAL A 4259 28.00 106.11 9.45
CA VAL A 4259 27.51 105.32 8.34
C VAL A 4259 25.97 105.35 8.27
N ILE A 4260 25.29 105.70 9.36
CA ILE A 4260 23.83 105.72 9.36
C ILE A 4260 23.24 107.10 9.03
N ALA A 4261 23.78 108.19 9.60
CA ALA A 4261 23.30 109.53 9.25
C ALA A 4261 23.59 109.93 7.81
N GLN A 4262 24.61 109.35 7.17
CA GLN A 4262 24.94 109.60 5.78
C GLN A 4262 24.59 108.42 4.86
N GLN A 4263 23.46 107.77 5.14
CA GLN A 4263 22.97 106.66 4.32
C GLN A 4263 21.56 106.98 3.88
N LYS A 4264 21.33 106.96 2.58
CA LYS A 4264 20.04 107.24 1.98
C LYS A 4264 19.16 105.99 2.01
N ASP A 4265 18.01 106.06 1.36
CA ASP A 4265 17.11 104.92 1.24
C ASP A 4265 17.21 104.27 -0.14
N HIS A 4266 18.15 104.71 -0.97
CA HIS A 4266 18.34 104.18 -2.31
C HIS A 4266 19.54 103.23 -2.34
N VAL A 4267 19.66 102.40 -1.31
CA VAL A 4267 20.76 101.47 -1.19
C VAL A 4267 20.55 100.30 -2.17
N SER A 4268 21.15 100.43 -3.35
CA SER A 4268 20.91 99.48 -4.42
C SER A 4268 21.69 98.19 -4.19
N LEU A 4269 21.50 97.24 -5.10
CA LEU A 4269 21.99 95.88 -4.90
C LEU A 4269 23.25 95.68 -5.75
N MET A 4270 23.91 94.55 -5.54
CA MET A 4270 25.15 94.24 -6.22
C MET A 4270 24.90 93.58 -7.58
N ASP A 4271 25.71 93.98 -8.56
CA ASP A 4271 25.63 93.43 -9.92
C ASP A 4271 26.77 92.42 -10.05
N ARG A 4272 26.43 91.16 -9.84
CA ARG A 4272 27.39 90.05 -9.81
C ARG A 4272 27.93 89.67 -11.18
N TYR A 4273 27.41 90.24 -12.26
CA TYR A 4273 27.84 89.81 -13.58
C TYR A 4273 29.05 90.58 -14.11
N LEU A 4274 29.69 91.41 -13.30
CA LEU A 4274 30.94 92.07 -13.68
C LEU A 4274 32.15 91.14 -13.58
N VAL A 4275 31.93 89.87 -13.21
CA VAL A 4275 32.93 88.81 -13.31
C VAL A 4275 33.42 88.66 -14.75
N HIS A 4276 32.53 88.86 -15.72
CA HIS A 4276 32.91 88.92 -17.13
C HIS A 4276 33.91 90.04 -17.37
N GLY A 4277 33.56 91.27 -17.03
CA GLY A 4277 34.58 92.28 -16.85
C GLY A 4277 35.06 92.99 -18.09
N ASN A 4278 34.96 94.33 -18.07
CA ASN A 4278 35.58 95.31 -18.98
C ASN A 4278 35.02 95.18 -20.41
N GLU A 4279 34.11 94.24 -20.64
CA GLU A 4279 33.30 94.21 -21.85
C GLU A 4279 31.83 93.99 -21.56
N TYR A 4280 31.47 93.43 -20.41
CA TYR A 4280 30.12 93.55 -19.89
C TYR A 4280 29.89 94.89 -19.19
N LYS A 4281 30.93 95.44 -18.57
CA LYS A 4281 30.78 96.72 -17.84
C LYS A 4281 30.47 97.87 -18.78
N ALA A 4282 31.10 97.88 -19.97
CA ALA A 4282 30.83 98.94 -20.95
C ALA A 4282 29.42 98.84 -21.49
N VAL A 4283 28.97 97.62 -21.81
CA VAL A 4283 27.64 97.48 -22.40
C VAL A 4283 26.56 97.65 -21.34
N ARG A 4284 26.86 97.37 -20.06
CA ARG A 4284 25.84 97.65 -19.04
C ARG A 4284 25.77 99.13 -18.71
N ASP A 4285 26.90 99.85 -18.83
CA ASP A 4285 26.86 101.29 -18.66
C ASP A 4285 26.08 101.94 -19.80
N ALA A 4286 26.28 101.45 -21.04
CA ALA A 4286 25.52 102.01 -22.14
C ALA A 4286 24.05 101.61 -22.09
N THR A 4287 23.73 100.44 -21.53
CA THR A 4287 22.31 100.13 -21.36
C THR A 4287 21.67 100.93 -20.25
N ALA A 4288 22.39 101.26 -19.16
CA ALA A 4288 21.82 102.18 -18.17
C ALA A 4288 21.67 103.61 -18.70
N LYS A 4289 22.58 104.04 -19.58
CA LYS A 4289 22.39 105.34 -20.22
C LYS A 4289 21.17 105.32 -21.14
N ALA A 4290 21.04 104.30 -22.00
CA ALA A 4290 19.86 104.17 -22.86
C ALA A 4290 18.59 103.90 -22.06
N VAL A 4291 18.71 103.44 -20.81
CA VAL A 4291 17.57 103.47 -19.89
C VAL A 4291 17.21 104.90 -19.54
N LEU A 4292 18.20 105.72 -19.15
CA LEU A 4292 17.87 107.07 -18.69
C LEU A 4292 17.47 107.98 -19.85
N GLU A 4293 18.20 107.93 -20.96
CA GLU A 4293 17.77 108.70 -22.13
C GLU A 4293 16.91 107.82 -23.04
N CYS A 4294 16.62 108.29 -24.25
CA CYS A 4294 15.91 107.41 -25.18
C CYS A 4294 16.70 106.91 -26.41
N LYS A 4295 17.91 107.38 -26.69
CA LYS A 4295 18.61 106.90 -27.88
C LYS A 4295 19.24 105.54 -27.58
N THR A 4296 18.98 104.58 -28.48
CA THR A 4296 19.37 103.18 -28.33
C THR A 4296 20.47 102.74 -29.29
N LEU A 4297 21.00 103.65 -30.12
CA LEU A 4297 22.09 103.28 -31.03
C LEU A 4297 23.40 103.09 -30.26
N ASP A 4298 23.46 103.62 -29.04
CA ASP A 4298 24.65 103.51 -28.19
C ASP A 4298 24.96 102.05 -27.86
N ILE A 4299 23.91 101.24 -27.67
CA ILE A 4299 24.08 99.80 -27.45
C ILE A 4299 24.73 99.15 -28.68
N GLY A 4300 24.30 99.56 -29.89
CA GLY A 4300 24.91 99.04 -31.10
C GLY A 4300 26.36 99.48 -31.27
N ASN A 4301 26.67 100.70 -30.79
CA ASN A 4301 28.04 101.19 -30.83
C ASN A 4301 28.93 100.42 -29.86
N ALA A 4302 28.39 100.09 -28.68
CA ALA A 4302 29.11 99.26 -27.73
C ALA A 4302 29.28 97.84 -28.25
N LEU A 4303 28.27 97.32 -28.98
CA LEU A 4303 28.37 95.98 -29.56
C LEU A 4303 29.40 95.90 -30.67
N MET A 4304 29.59 96.96 -31.45
CA MET A 4304 30.70 96.89 -32.39
C MET A 4304 32.04 97.24 -31.76
N ALA A 4305 32.07 97.61 -30.48
CA ALA A 4305 33.31 97.76 -29.73
C ALA A 4305 33.64 96.54 -28.86
N CYS A 4306 33.35 95.32 -29.30
CA CYS A 4306 33.57 94.16 -28.45
C CYS A 4306 34.07 92.95 -29.25
N ARG A 4307 34.92 92.17 -28.59
CA ARG A 4307 35.35 90.85 -29.04
C ARG A 4307 34.37 89.85 -28.39
N SER A 4308 34.68 88.54 -28.36
CA SER A 4308 33.92 87.45 -27.75
C SER A 4308 32.56 87.31 -28.40
N PRO A 4309 32.48 86.64 -29.57
CA PRO A 4309 31.36 86.81 -30.52
C PRO A 4309 30.00 86.31 -30.04
N LYS A 4310 29.05 86.30 -31.00
CA LYS A 4310 27.58 86.40 -30.93
C LYS A 4310 26.90 85.75 -29.70
N PRO A 4311 27.29 84.51 -29.22
CA PRO A 4311 26.72 84.04 -27.95
C PRO A 4311 27.11 84.86 -26.73
N GLN A 4312 28.40 85.18 -26.57
CA GLN A 4312 28.82 86.00 -25.44
C GLN A 4312 28.29 87.42 -25.54
N GLN A 4313 28.19 87.98 -26.75
CA GLN A 4313 27.59 89.29 -26.94
C GLN A 4313 26.11 89.29 -26.55
N THR A 4314 25.39 88.23 -26.93
CA THR A 4314 23.98 88.11 -26.60
C THR A 4314 23.79 87.92 -25.10
N ALA A 4315 24.71 87.17 -24.47
CA ALA A 4315 24.66 86.97 -23.02
C ALA A 4315 24.90 88.27 -22.27
N TYR A 4316 25.87 89.08 -22.75
CA TYR A 4316 26.11 90.40 -22.16
C TYR A 4316 24.87 91.28 -22.29
N LEU A 4317 24.22 91.28 -23.45
CA LEU A 4317 23.05 92.12 -23.67
C LEU A 4317 21.89 91.69 -22.79
N LEU A 4318 21.63 90.38 -22.72
CA LEU A 4318 20.51 89.91 -21.91
C LEU A 4318 20.74 90.11 -20.43
N LEU A 4319 21.99 89.93 -19.95
CA LEU A 4319 22.22 90.20 -18.54
C LEU A 4319 22.20 91.69 -18.21
N ALA A 4320 22.60 92.56 -19.16
CA ALA A 4320 22.49 93.99 -18.94
C ALA A 4320 21.03 94.44 -18.90
N LEU A 4321 20.23 93.94 -19.85
CA LEU A 4321 18.80 94.21 -19.85
C LEU A 4321 18.13 93.68 -18.60
N TYR A 4322 18.55 92.50 -18.12
CA TYR A 4322 18.00 91.97 -16.88
C TYR A 4322 18.35 92.85 -15.70
N THR A 4323 19.62 93.23 -15.56
CA THR A 4323 20.03 93.92 -14.35
C THR A 4323 19.41 95.32 -14.30
N GLU A 4324 19.18 95.94 -15.46
CA GLU A 4324 18.54 97.24 -15.44
C GLU A 4324 17.05 97.11 -15.14
N VAL A 4325 16.34 96.20 -15.83
CA VAL A 4325 14.91 96.08 -15.56
C VAL A 4325 14.64 95.44 -14.20
N ALA A 4326 15.57 94.65 -13.65
CA ALA A 4326 15.40 94.06 -12.33
C ALA A 4326 15.63 95.07 -11.23
N ALA A 4327 16.72 95.85 -11.32
CA ALA A 4327 16.95 96.91 -10.36
C ALA A 4327 15.89 98.00 -10.45
N LEU A 4328 15.20 98.11 -11.59
CA LEU A 4328 14.05 98.99 -11.70
C LEU A 4328 12.78 98.37 -11.09
N TYR A 4329 12.48 97.09 -11.40
CA TYR A 4329 11.19 96.49 -11.02
C TYR A 4329 11.11 96.15 -9.54
N ARG A 4330 12.24 95.86 -8.89
CA ARG A 4330 12.20 95.49 -7.49
C ARG A 4330 11.92 96.69 -6.60
N SER A 4331 12.55 97.83 -6.89
CA SER A 4331 12.44 98.97 -6.01
C SER A 4331 11.05 99.59 -6.14
N PRO A 4332 10.42 99.97 -5.01
CA PRO A 4332 9.05 100.48 -5.07
C PRO A 4332 8.92 101.89 -5.63
N ASN A 4333 10.01 102.67 -5.66
CA ASN A 4333 9.92 104.04 -6.13
C ASN A 4333 9.85 104.17 -7.65
N GLY A 4334 10.67 103.43 -8.39
CA GLY A 4334 10.68 103.58 -9.84
C GLY A 4334 10.17 102.40 -10.63
N SER A 4335 9.07 101.80 -10.19
CA SER A 4335 8.54 100.60 -10.83
C SER A 4335 7.92 100.91 -12.19
N LEU A 4336 8.20 100.04 -13.15
CA LEU A 4336 7.61 100.02 -14.50
C LEU A 4336 7.87 101.31 -15.29
N HIS A 4337 9.16 101.66 -15.40
CA HIS A 4337 9.66 102.81 -16.13
C HIS A 4337 9.76 102.59 -17.66
N PRO A 4338 10.20 101.43 -18.20
CA PRO A 4338 10.17 101.27 -19.67
C PRO A 4338 8.78 101.28 -20.29
N GLU A 4339 7.72 101.07 -19.51
CA GLU A 4339 6.38 101.31 -20.04
C GLU A 4339 6.12 102.77 -20.34
N ALA A 4340 6.85 103.68 -19.69
CA ALA A 4340 6.71 105.12 -19.91
C ALA A 4340 7.44 105.50 -21.21
N LYS A 4341 6.85 105.06 -22.32
CA LYS A 4341 7.24 105.31 -23.72
C LYS A 4341 8.65 104.80 -24.06
N GLN A 4342 9.20 103.89 -23.26
CA GLN A 4342 10.58 103.45 -23.48
C GLN A 4342 10.72 101.99 -23.89
N LEU A 4343 9.70 101.16 -23.68
CA LEU A 4343 9.75 99.79 -24.21
C LEU A 4343 9.66 99.76 -25.73
N GLU A 4344 9.10 100.81 -26.34
CA GLU A 4344 9.07 100.91 -27.80
C GLU A 4344 10.46 101.03 -28.41
N ALA A 4345 11.35 101.77 -27.75
CA ALA A 4345 12.71 101.97 -28.29
C ALA A 4345 13.53 100.68 -28.19
N VAL A 4346 13.52 100.04 -27.03
CA VAL A 4346 14.31 98.82 -26.90
C VAL A 4346 13.67 97.68 -27.70
N ASN A 4347 12.33 97.65 -27.84
CA ASN A 4347 11.74 96.64 -28.71
C ASN A 4347 11.95 96.90 -30.20
N LYS A 4348 12.06 98.16 -30.63
CA LYS A 4348 12.42 98.41 -32.03
C LYS A 4348 13.86 98.00 -32.29
N PHE A 4349 14.75 98.23 -31.30
CA PHE A 4349 16.12 97.73 -31.41
C PHE A 4349 16.16 96.20 -31.44
N ILE A 4350 15.24 95.55 -30.73
CA ILE A 4350 15.12 94.09 -30.79
C ILE A 4350 14.68 93.66 -32.19
N LYS A 4351 13.66 94.33 -32.75
CA LYS A 4351 13.15 94.01 -34.08
C LYS A 4351 14.17 94.29 -35.17
N GLU A 4352 15.09 95.24 -34.95
CA GLU A 4352 16.08 95.57 -35.97
C GLU A 4352 17.31 94.67 -35.84
N SER A 4353 17.98 94.71 -34.69
CA SER A 4353 19.28 94.06 -34.57
C SER A 4353 19.10 92.57 -34.36
N LYS A 4354 19.79 91.76 -35.17
CA LYS A 4354 19.68 90.31 -35.08
C LYS A 4354 20.57 89.70 -34.00
N ILE A 4355 21.26 90.53 -33.22
CA ILE A 4355 22.10 90.07 -32.13
C ILE A 4355 21.29 89.44 -30.99
N LEU A 4356 20.02 89.82 -30.85
CA LEU A 4356 19.13 89.22 -29.86
C LEU A 4356 17.78 88.83 -30.42
N SER A 4357 17.56 88.99 -31.73
CA SER A 4357 16.30 88.62 -32.38
C SER A 4357 16.31 87.19 -32.89
N ASP A 4358 16.70 86.25 -32.01
CA ASP A 4358 16.44 84.83 -32.18
C ASP A 4358 15.15 84.47 -31.43
N PRO A 4359 14.17 83.85 -32.09
CA PRO A 4359 12.78 83.90 -31.57
C PRO A 4359 12.53 83.19 -30.23
N ASN A 4360 13.42 82.31 -29.79
CA ASN A 4360 13.30 81.79 -28.43
C ASN A 4360 13.95 82.77 -27.44
N ILE A 4361 15.11 83.30 -27.80
CA ILE A 4361 15.73 84.35 -27.00
C ILE A 4361 14.84 85.58 -27.03
N ARG A 4362 14.21 85.87 -28.17
CA ARG A 4362 13.39 87.06 -28.29
C ARG A 4362 12.10 86.92 -27.49
N CYS A 4363 11.45 85.74 -27.51
CA CYS A 4363 10.28 85.54 -26.67
C CYS A 4363 10.61 85.45 -25.19
N PHE A 4364 11.86 85.14 -24.85
CA PHE A 4364 12.31 85.24 -23.45
C PHE A 4364 12.48 86.71 -23.08
N ALA A 4365 13.12 87.49 -23.96
CA ALA A 4365 13.50 88.85 -23.64
C ALA A 4365 12.29 89.77 -23.61
N ARG A 4366 11.31 89.56 -24.49
CA ARG A 4366 10.04 90.29 -24.42
C ARG A 4366 9.33 90.01 -23.10
N SER A 4367 9.39 88.76 -22.63
CA SER A 4367 8.78 88.39 -21.36
C SER A 4367 9.49 89.06 -20.19
N LEU A 4368 10.81 89.22 -20.32
CA LEU A 4368 11.57 90.02 -19.35
C LEU A 4368 11.24 91.51 -19.43
N VAL A 4369 10.88 92.01 -20.61
CA VAL A 4369 10.52 93.42 -20.77
C VAL A 4369 9.20 93.72 -20.07
N ASP A 4370 8.15 92.95 -20.38
CA ASP A 4370 6.84 93.24 -19.82
C ASP A 4370 6.55 92.48 -18.52
N ASN A 4371 7.59 92.01 -17.81
CA ASN A 4371 7.52 91.43 -16.47
C ASN A 4371 6.68 90.14 -16.45
N THR A 4372 6.59 89.44 -17.57
CA THR A 4372 5.81 88.20 -17.63
C THR A 4372 6.70 86.96 -17.72
N LEU A 4373 7.88 87.01 -17.10
CA LEU A 4373 8.70 85.82 -16.87
C LEU A 4373 8.47 85.30 -15.47
N PRO A 4374 8.10 84.03 -15.27
CA PRO A 4374 7.74 83.60 -13.92
C PRO A 4374 8.94 83.19 -13.07
N LEU A 4375 10.06 83.91 -13.18
CA LEU A 4375 11.17 83.77 -12.25
C LEU A 4375 11.32 84.96 -11.33
N LEU A 4376 10.79 86.12 -11.72
CA LEU A 4376 10.78 87.29 -10.84
C LEU A 4376 9.78 87.12 -9.71
N LYS A 4377 8.76 86.29 -9.91
CA LYS A 4377 7.76 85.91 -8.91
C LYS A 4377 8.20 84.60 -8.22
N ILE A 4378 9.44 84.59 -7.74
CA ILE A 4378 10.02 83.36 -7.22
C ILE A 4378 9.53 83.04 -5.82
N ARG A 4379 8.90 84.02 -5.15
CA ARG A 4379 8.22 83.94 -3.84
C ARG A 4379 9.03 83.19 -2.78
N SER A 4380 10.31 83.57 -2.66
CA SER A 4380 11.13 83.15 -1.54
C SER A 4380 10.94 84.17 -0.41
N ALA A 4381 10.53 83.68 0.76
CA ALA A 4381 10.16 84.55 1.86
C ALA A 4381 11.35 84.99 2.72
N ASN A 4382 12.57 84.65 2.31
CA ASN A 4382 13.74 85.06 3.08
C ASN A 4382 14.08 86.53 2.84
N SER A 4383 13.86 87.01 1.60
CA SER A 4383 13.97 88.41 1.15
C SER A 4383 15.39 88.96 1.13
N ILE A 4384 16.37 88.20 1.60
CA ILE A 4384 17.78 88.46 1.37
C ILE A 4384 18.36 87.49 0.33
N LEU A 4385 18.19 86.20 0.56
CA LEU A 4385 18.62 85.15 -0.37
C LEU A 4385 17.75 85.07 -1.62
N LYS A 4386 16.56 85.69 -1.59
CA LYS A 4386 15.70 85.77 -2.77
C LYS A 4386 16.39 86.49 -3.93
N GLY A 4387 17.11 87.57 -3.64
CA GLY A 4387 17.84 88.28 -4.67
C GLY A 4387 18.90 87.41 -5.33
N THR A 4388 19.70 86.73 -4.50
CA THR A 4388 20.77 85.88 -5.02
C THR A 4388 20.24 84.71 -5.84
N VAL A 4389 19.15 84.06 -5.39
CA VAL A 4389 18.60 82.93 -6.14
C VAL A 4389 18.02 83.39 -7.47
N THR A 4390 17.35 84.56 -7.50
CA THR A 4390 16.87 85.11 -8.76
C THR A 4390 18.02 85.41 -9.71
N GLU A 4391 19.13 85.98 -9.20
CA GLU A 4391 20.25 86.31 -10.08
C GLU A 4391 20.91 85.07 -10.66
N MET A 4392 21.11 84.01 -9.85
CA MET A 4392 21.70 82.79 -10.43
C MET A 4392 20.76 82.11 -11.41
N ALA A 4393 19.45 82.18 -11.16
CA ALA A 4393 18.50 81.53 -12.07
C ALA A 4393 18.44 82.25 -13.41
N VAL A 4394 18.37 83.59 -13.40
CA VAL A 4394 18.35 84.28 -14.68
C VAL A 4394 19.72 84.23 -15.37
N HIS A 4395 20.80 84.04 -14.60
CA HIS A 4395 22.13 83.89 -15.20
C HIS A 4395 22.23 82.57 -15.93
N VAL A 4396 21.75 81.50 -15.31
CA VAL A 4396 21.85 80.19 -15.95
C VAL A 4396 20.84 80.10 -17.10
N ALA A 4397 19.73 80.85 -17.03
CA ALA A 4397 18.80 80.86 -18.16
C ALA A 4397 19.42 81.60 -19.34
N THR A 4398 20.12 82.70 -19.08
CA THR A 4398 20.84 83.42 -20.13
C THR A 4398 21.93 82.54 -20.75
N ILE A 4399 22.62 81.76 -19.93
CA ILE A 4399 23.68 80.90 -20.44
C ILE A 4399 23.11 79.74 -21.24
N LEU A 4400 22.01 79.14 -20.77
CA LEU A 4400 21.40 78.03 -21.49
C LEU A 4400 20.77 78.47 -22.81
N LEU A 4401 20.20 79.67 -22.86
CA LEU A 4401 19.67 80.16 -24.14
C LEU A 4401 20.79 80.57 -25.09
N CYS A 4402 21.72 81.42 -24.62
CA CYS A 4402 22.75 81.95 -25.49
C CYS A 4402 23.82 80.92 -25.82
N GLY A 4403 23.96 79.88 -25.02
CA GLY A 4403 24.99 78.88 -25.26
C GLY A 4403 24.56 77.75 -26.16
N HIS A 4404 25.18 77.66 -27.34
CA HIS A 4404 24.92 76.56 -28.28
C HIS A 4404 26.05 75.55 -28.10
N ASN A 4405 25.88 74.70 -27.10
CA ASN A 4405 26.93 73.83 -26.61
C ASN A 4405 26.33 72.50 -26.18
N GLN A 4406 27.11 71.44 -26.43
CA GLN A 4406 26.63 70.07 -26.21
C GLN A 4406 26.42 69.78 -24.74
N ILE A 4407 27.29 70.33 -23.88
CA ILE A 4407 27.26 70.03 -22.45
C ILE A 4407 26.30 71.00 -21.76
N LEU A 4408 25.49 71.70 -22.56
CA LEU A 4408 24.30 72.36 -22.04
C LEU A 4408 23.03 71.86 -22.70
N LYS A 4409 23.12 70.85 -23.59
CA LYS A 4409 21.91 70.40 -24.27
C LYS A 4409 20.95 69.59 -23.39
N PRO A 4410 21.41 68.74 -22.44
CA PRO A 4410 20.44 68.21 -21.47
C PRO A 4410 19.80 69.27 -20.59
N LEU A 4411 20.61 70.10 -19.93
CA LEU A 4411 20.11 71.04 -18.93
C LEU A 4411 19.18 72.09 -19.52
N ARG A 4412 19.41 72.50 -20.78
CA ARG A 4412 18.46 73.35 -21.48
C ARG A 4412 17.11 72.64 -21.60
N ASN A 4413 17.14 71.39 -22.07
CA ASN A 4413 15.93 70.56 -22.06
C ASN A 4413 15.43 70.31 -20.65
N LEU A 4414 16.29 70.41 -19.63
CA LEU A 4414 15.83 70.21 -18.28
C LEU A 4414 15.21 71.49 -17.72
N ALA A 4415 15.45 72.63 -18.39
CA ALA A 4415 15.02 73.93 -17.88
C ALA A 4415 13.94 74.57 -18.75
N PHE A 4416 13.72 74.08 -19.96
CA PHE A 4416 12.69 74.62 -20.82
C PHE A 4416 11.81 73.56 -21.46
N TYR A 4417 12.13 72.27 -21.29
CA TYR A 4417 11.29 71.17 -21.80
C TYR A 4417 11.15 70.06 -20.75
N PRO A 4418 10.52 70.34 -19.60
CA PRO A 4418 10.44 69.32 -18.56
C PRO A 4418 9.52 68.15 -18.92
N VAL A 4419 8.53 68.39 -19.78
CA VAL A 4419 7.71 67.32 -20.33
C VAL A 4419 8.53 66.39 -21.24
N ASN A 4420 9.66 66.87 -21.77
CA ASN A 4420 10.59 66.03 -22.51
C ASN A 4420 11.59 65.32 -21.61
N MET A 4421 11.59 65.60 -20.32
CA MET A 4421 12.35 64.82 -19.34
C MET A 4421 11.48 63.81 -18.62
N ALA A 4422 10.53 63.20 -19.34
CA ALA A 4422 9.59 62.23 -18.79
C ALA A 4422 10.36 60.96 -18.42
N ASN A 4423 10.61 60.81 -17.11
CA ASN A 4423 11.39 59.74 -16.44
C ASN A 4423 12.79 59.58 -17.06
N ALA A 4424 13.56 60.65 -16.91
CA ALA A 4424 14.94 60.73 -17.36
C ALA A 4424 15.90 60.51 -16.19
N PHE A 4425 17.06 59.92 -16.50
CA PHE A 4425 18.07 59.65 -15.49
C PHE A 4425 18.74 60.95 -15.10
N LEU A 4426 18.25 61.53 -14.01
CA LEU A 4426 18.71 62.83 -13.54
C LEU A 4426 20.10 62.70 -12.91
N PRO A 4427 20.91 63.76 -13.01
CA PRO A 4427 22.26 63.71 -12.45
C PRO A 4427 22.28 63.74 -10.92
N THR A 4428 23.39 63.21 -10.37
CA THR A 4428 23.62 63.05 -8.92
C THR A 4428 22.51 62.28 -8.21
N MET A 4429 22.05 61.20 -8.81
CA MET A 4429 21.11 60.34 -8.13
C MET A 4429 21.83 59.07 -7.68
N PRO A 4430 21.34 58.42 -6.63
CA PRO A 4430 21.96 57.16 -6.18
C PRO A 4430 21.84 56.04 -7.20
N GLU A 4431 22.61 54.98 -6.94
CA GLU A 4431 22.84 53.92 -7.91
C GLU A 4431 23.33 52.68 -7.18
N ASP A 4432 22.75 51.52 -7.51
CA ASP A 4432 23.13 50.27 -6.86
C ASP A 4432 24.50 49.77 -7.30
N THR A 4499 18.76 51.41 -10.29
CA THR A 4499 18.41 52.44 -11.26
C THR A 4499 17.69 53.60 -10.57
N GLN A 4500 16.36 53.48 -10.51
CA GLN A 4500 15.47 54.39 -9.78
C GLN A 4500 15.59 55.83 -10.30
N THR A 4501 15.06 55.99 -11.52
CA THR A 4501 15.00 57.26 -12.22
C THR A 4501 14.25 58.33 -11.42
N GLY A 4502 14.48 59.58 -11.82
CA GLY A 4502 13.78 60.70 -11.22
C GLY A 4502 14.54 61.46 -10.15
N HIS A 4503 13.84 61.96 -9.16
CA HIS A 4503 14.43 62.77 -8.10
C HIS A 4503 14.13 62.21 -6.71
N VAL A 4504 14.53 60.96 -6.45
CA VAL A 4504 14.16 60.32 -5.19
C VAL A 4504 15.03 60.89 -4.07
N LEU A 4505 14.55 61.99 -3.49
CA LEU A 4505 15.16 62.64 -2.35
C LEU A 4505 14.05 63.16 -1.44
N GLY A 4506 14.25 63.06 -0.14
CA GLY A 4506 13.23 63.40 0.83
C GLY A 4506 13.07 64.91 0.99
N SER A 4507 12.42 65.29 2.09
CA SER A 4507 12.35 66.70 2.46
C SER A 4507 13.75 67.22 2.80
N PRO A 4508 14.07 68.45 2.41
CA PRO A 4508 15.41 69.00 2.72
C PRO A 4508 15.64 69.28 4.19
N GLN A 4509 14.60 69.34 5.01
CA GLN A 4509 14.74 69.46 6.46
C GLN A 4509 14.84 68.09 7.15
N SER A 4510 15.69 67.25 6.57
CA SER A 4510 15.93 65.90 7.05
C SER A 4510 17.08 65.87 8.05
N SER A 4511 17.01 64.93 8.99
CA SER A 4511 18.08 64.70 9.95
C SER A 4511 19.13 63.72 9.45
N GLY A 4512 19.22 63.54 8.14
CA GLY A 4512 20.09 62.53 7.55
C GLY A 4512 21.55 62.95 7.57
N VAL A 4513 22.39 62.04 7.06
CA VAL A 4513 23.80 62.35 6.85
C VAL A 4513 23.92 63.42 5.76
N ALA A 4514 25.08 64.12 5.74
CA ALA A 4514 25.34 65.27 4.89
C ALA A 4514 25.45 64.95 3.38
N GLU A 4515 25.06 63.76 2.90
CA GLU A 4515 25.04 63.38 1.49
C GLU A 4515 26.46 63.45 0.90
N VAL A 4516 27.27 62.51 1.39
CA VAL A 4516 28.62 62.28 0.88
C VAL A 4516 28.61 62.00 -0.62
N SER A 4517 29.63 62.52 -1.31
CA SER A 4517 29.78 62.41 -2.76
C SER A 4517 29.83 60.94 -3.19
N ASP A 4518 29.36 60.69 -4.39
CA ASP A 4518 29.18 59.32 -4.86
C ASP A 4518 30.48 58.78 -5.48
N ARG A 4519 30.32 57.73 -6.30
CA ARG A 4519 31.29 56.75 -6.78
C ARG A 4519 32.70 57.24 -7.17
N GLY A 4520 32.83 58.44 -7.73
CA GLY A 4520 34.14 58.85 -8.21
C GLY A 4520 34.54 60.30 -8.16
N GLN A 4521 33.86 61.15 -7.38
CA GLN A 4521 33.93 62.58 -7.61
C GLN A 4521 34.45 63.32 -6.39
N SER A 4522 35.03 64.48 -6.66
CA SER A 4522 35.37 65.43 -5.63
C SER A 4522 34.12 66.03 -4.99
N PRO A 4523 34.20 66.43 -3.72
CA PRO A 4523 33.02 67.01 -3.06
C PRO A 4523 32.63 68.35 -3.60
N VAL A 4524 33.60 69.14 -4.09
CA VAL A 4524 33.27 70.44 -4.68
C VAL A 4524 32.52 70.26 -5.99
N VAL A 4525 32.98 69.34 -6.84
CA VAL A 4525 32.25 69.01 -8.07
C VAL A 4525 30.89 68.41 -7.79
N PHE A 4526 30.78 67.61 -6.73
CA PHE A 4526 29.49 67.00 -6.34
C PHE A 4526 28.48 68.05 -5.90
N ILE A 4527 28.87 68.96 -5.00
CA ILE A 4527 27.92 69.96 -4.52
C ILE A 4527 27.65 71.03 -5.57
N LEU A 4528 28.60 71.28 -6.48
CA LEU A 4528 28.35 72.21 -7.58
C LEU A 4528 27.36 71.61 -8.58
N THR A 4529 27.47 70.31 -8.83
CA THR A 4529 26.54 69.66 -9.73
C THR A 4529 25.15 69.58 -9.10
N ARG A 4530 25.08 69.35 -7.77
CA ARG A 4530 23.79 69.44 -7.07
C ARG A 4530 23.19 70.83 -7.14
N LEU A 4531 24.03 71.87 -7.07
CA LEU A 4531 23.51 73.22 -7.05
C LEU A 4531 23.00 73.63 -8.42
N LEU A 4532 23.77 73.34 -9.48
CA LEU A 4532 23.32 73.60 -10.84
C LEU A 4532 22.11 72.75 -11.21
N THR A 4533 22.04 71.51 -10.70
CA THR A 4533 20.89 70.68 -10.96
C THR A 4533 19.62 71.24 -10.32
N HIS A 4534 19.66 71.60 -9.02
CA HIS A 4534 18.45 72.15 -8.41
C HIS A 4534 18.04 73.52 -8.96
N LEU A 4535 19.00 74.34 -9.40
CA LEU A 4535 18.60 75.59 -10.06
C LEU A 4535 17.96 75.35 -11.44
N ALA A 4536 18.49 74.42 -12.24
CA ALA A 4536 17.81 74.16 -13.51
C ALA A 4536 16.46 73.47 -13.32
N MET A 4537 16.30 72.65 -12.27
CA MET A 4537 14.98 72.12 -11.94
C MET A 4537 14.02 73.24 -11.55
N LEU A 4538 14.51 74.26 -10.84
CA LEU A 4538 13.63 75.36 -10.45
C LEU A 4538 13.26 76.22 -11.65
N VAL A 4539 14.20 76.40 -12.59
CA VAL A 4539 13.89 77.13 -13.83
C VAL A 4539 12.85 76.39 -14.64
N GLY A 4540 12.96 75.06 -14.74
CA GLY A 4540 11.92 74.29 -15.39
C GLY A 4540 10.62 74.19 -14.59
N ALA A 4541 10.70 74.35 -13.27
CA ALA A 4541 9.54 74.21 -12.39
C ALA A 4541 8.69 75.47 -12.37
N THR A 4542 9.29 76.62 -12.66
CA THR A 4542 8.53 77.85 -12.74
C THR A 4542 7.66 77.93 -14.00
N HIS A 4543 8.00 77.18 -15.05
CA HIS A 4543 7.18 77.21 -16.25
C HIS A 4543 5.93 76.35 -16.08
N ASN A 4544 6.12 75.04 -15.91
CA ASN A 4544 5.03 74.06 -15.85
C ASN A 4544 5.25 73.12 -14.68
N PRO A 4545 4.69 73.46 -13.50
CA PRO A 4545 4.95 72.64 -12.29
C PRO A 4545 4.34 71.25 -12.31
N GLN A 4546 3.40 70.97 -13.22
CA GLN A 4546 2.87 69.62 -13.33
C GLN A 4546 3.90 68.65 -13.89
N ALA A 4547 4.79 69.12 -14.77
CA ALA A 4547 5.84 68.23 -15.25
C ALA A 4547 6.89 67.97 -14.18
N LEU A 4548 7.06 68.90 -13.25
CA LEU A 4548 7.94 68.58 -12.12
C LEU A 4548 7.20 67.83 -11.03
N THR A 4549 5.87 67.72 -11.10
CA THR A 4549 5.20 66.73 -10.27
C THR A 4549 5.33 65.33 -10.88
N VAL A 4550 5.33 65.24 -12.21
CA VAL A 4550 5.48 63.92 -12.85
C VAL A 4550 6.93 63.48 -12.95
N ILE A 4551 7.89 64.35 -12.68
CA ILE A 4551 9.29 63.94 -12.57
C ILE A 4551 9.69 63.66 -11.13
N ILE A 4552 9.43 64.59 -10.21
CA ILE A 4552 9.86 64.39 -8.82
C ILE A 4552 8.81 63.54 -8.11
N LYS A 4553 9.27 62.51 -7.42
CA LYS A 4553 8.41 61.40 -7.02
C LYS A 4553 7.50 61.67 -5.82
N PRO A 4554 8.00 62.00 -4.58
CA PRO A 4554 7.12 61.82 -3.41
C PRO A 4554 6.04 62.88 -3.20
N TRP A 4555 6.32 64.17 -3.43
CA TRP A 4555 5.34 65.18 -3.07
C TRP A 4555 4.24 65.28 -4.12
N VAL A 4556 3.21 66.05 -3.78
CA VAL A 4556 2.14 66.38 -4.73
C VAL A 4556 1.81 67.86 -4.61
N GLN A 4557 2.52 68.57 -3.74
CA GLN A 4557 2.12 69.94 -3.37
C GLN A 4557 2.78 71.06 -4.19
N ASP A 4558 4.11 71.18 -4.16
CA ASP A 4558 4.72 72.30 -4.87
C ASP A 4558 6.17 71.98 -5.20
N PRO A 4559 6.69 72.37 -6.39
CA PRO A 4559 8.12 72.16 -6.67
C PRO A 4559 9.01 73.32 -6.24
N GLN A 4560 8.45 74.54 -6.20
CA GLN A 4560 9.28 75.74 -6.09
C GLN A 4560 9.93 75.87 -4.71
N GLY A 4561 9.14 75.75 -3.64
CA GLY A 4561 9.69 75.84 -2.30
C GLY A 4561 10.62 74.68 -1.96
N PHE A 4562 10.33 73.50 -2.49
CA PHE A 4562 11.18 72.33 -2.29
C PHE A 4562 12.57 72.54 -2.89
N LEU A 4563 12.63 73.06 -4.12
CA LEU A 4563 13.91 73.32 -4.74
C LEU A 4563 14.60 74.55 -4.16
N GLN A 4564 13.82 75.51 -3.61
CA GLN A 4564 14.43 76.61 -2.89
C GLN A 4564 15.11 76.13 -1.60
N GLN A 4565 14.49 75.18 -0.90
CA GLN A 4565 15.12 74.58 0.27
C GLN A 4565 16.36 73.79 -0.10
N HIS A 4566 16.33 73.10 -1.25
CA HIS A 4566 17.53 72.38 -1.69
C HIS A 4566 18.66 73.33 -2.06
N ILE A 4567 18.35 74.46 -2.73
CA ILE A 4567 19.39 75.41 -3.08
C ILE A 4567 19.91 76.12 -1.82
N GLN A 4568 19.04 76.33 -0.82
CA GLN A 4568 19.46 76.85 0.48
C GLN A 4568 20.42 75.89 1.18
N ARG A 4569 20.09 74.60 1.19
CA ARG A 4569 20.97 73.62 1.83
C ARG A 4569 22.30 73.50 1.10
N ASP A 4570 22.28 73.61 -0.24
CA ASP A 4570 23.53 73.51 -0.99
C ASP A 4570 24.40 74.75 -0.79
N LEU A 4571 23.80 75.94 -0.65
CA LEU A 4571 24.60 77.13 -0.33
C LEU A 4571 25.15 77.06 1.08
N GLU A 4572 24.39 76.48 2.02
CA GLU A 4572 24.89 76.27 3.39
C GLU A 4572 26.10 75.34 3.38
N GLN A 4573 26.01 74.21 2.65
CA GLN A 4573 27.15 73.31 2.59
C GLN A 4573 28.33 73.95 1.86
N LEU A 4574 28.09 74.81 0.88
CA LEU A 4574 29.22 75.43 0.20
C LEU A 4574 29.87 76.51 1.05
N THR A 4575 29.09 77.25 1.84
CA THR A 4575 29.74 78.19 2.74
C THR A 4575 30.34 77.57 3.99
N LYS A 4576 29.95 76.36 4.40
CA LYS A 4576 30.81 75.65 5.35
C LYS A 4576 32.09 75.17 4.68
N MET A 4577 31.98 74.51 3.52
CA MET A 4577 33.10 73.79 2.93
C MET A 4577 34.17 74.72 2.34
N LEU A 4578 33.78 75.82 1.68
CA LEU A 4578 34.79 76.76 1.20
C LEU A 4578 35.07 77.81 2.26
N GLY A 4579 36.35 78.13 2.44
CA GLY A 4579 36.74 79.08 3.46
C GLY A 4579 36.68 80.53 3.00
N ARG A 4580 35.50 80.98 2.60
CA ARG A 4580 35.27 82.31 2.07
C ARG A 4580 34.22 83.00 2.94
N SER A 4581 33.84 84.22 2.53
CA SER A 4581 32.65 84.81 3.12
C SER A 4581 31.40 84.23 2.44
N ALA A 4582 30.22 84.72 2.82
CA ALA A 4582 29.01 84.28 2.14
C ALA A 4582 28.95 84.88 0.75
N ASP A 4583 29.20 86.20 0.69
CA ASP A 4583 29.19 86.95 -0.56
C ASP A 4583 30.23 86.41 -1.51
N GLU A 4584 31.40 86.05 -0.98
CA GLU A 4584 32.48 85.57 -1.83
C GLU A 4584 32.18 84.19 -2.42
N THR A 4585 31.49 83.32 -1.68
CA THR A 4585 31.06 82.06 -2.28
C THR A 4585 29.97 82.28 -3.33
N ILE A 4586 29.09 83.27 -3.11
CA ILE A 4586 28.12 83.62 -4.16
C ILE A 4586 28.85 84.11 -5.41
N HIS A 4587 29.90 84.92 -5.22
CA HIS A 4587 30.73 85.33 -6.34
C HIS A 4587 31.45 84.15 -6.99
N VAL A 4588 31.83 83.14 -6.19
CA VAL A 4588 32.45 81.93 -6.75
C VAL A 4588 31.46 81.17 -7.63
N VAL A 4589 30.20 81.07 -7.18
CA VAL A 4589 29.18 80.38 -7.96
C VAL A 4589 28.91 81.13 -9.26
N HIS A 4590 28.76 82.46 -9.18
CA HIS A 4590 28.57 83.25 -10.40
C HIS A 4590 29.81 83.22 -11.29
N LEU A 4591 31.01 83.15 -10.69
CA LEU A 4591 32.25 82.99 -11.45
C LEU A 4591 32.28 81.68 -12.22
N ILE A 4592 31.85 80.58 -11.60
CA ILE A 4592 31.93 79.29 -12.28
C ILE A 4592 30.86 79.20 -13.37
N LEU A 4593 29.68 79.76 -13.08
CA LEU A 4593 28.62 79.84 -14.09
C LEU A 4593 29.04 80.73 -15.26
N SER A 4594 29.73 81.83 -14.96
CA SER A 4594 30.20 82.72 -16.02
C SER A 4594 31.31 82.07 -16.80
N SER A 4595 32.16 81.29 -16.12
CA SER A 4595 33.33 80.67 -16.72
C SER A 4595 32.93 79.51 -17.62
N LEU A 4596 31.67 79.08 -17.53
CA LEU A 4596 31.18 77.95 -18.28
C LEU A 4596 30.72 78.38 -19.68
N LEU A 4597 30.88 79.66 -20.01
CA LEU A 4597 30.46 80.28 -21.26
C LEU A 4597 31.60 80.40 -22.27
N ARG A 4598 32.78 80.88 -21.83
CA ARG A 4598 33.91 81.17 -22.69
C ARG A 4598 34.82 79.95 -22.93
N VAL A 4599 34.29 78.75 -22.74
CA VAL A 4599 35.06 77.52 -22.61
C VAL A 4599 34.93 76.75 -23.93
N GLN A 4600 34.90 77.52 -25.05
CA GLN A 4600 34.55 77.14 -26.42
C GLN A 4600 35.06 75.81 -26.98
N SER A 4601 36.11 75.22 -26.40
CA SER A 4601 36.67 73.97 -26.90
C SER A 4601 35.66 72.84 -26.78
N HIS A 4602 35.11 72.41 -27.92
CA HIS A 4602 34.06 71.40 -27.97
C HIS A 4602 34.66 70.01 -28.18
N GLY A 4603 34.62 69.19 -27.14
CA GLY A 4603 35.03 67.80 -27.26
C GLY A 4603 34.12 66.88 -26.49
N VAL A 4604 32.85 67.26 -26.35
CA VAL A 4604 31.96 66.64 -25.37
C VAL A 4604 30.96 65.84 -26.21
N LEU A 4605 31.44 65.32 -27.34
CA LEU A 4605 30.58 64.56 -28.24
C LEU A 4605 30.17 63.21 -27.63
N ASN A 4606 29.23 62.55 -28.32
CA ASN A 4606 28.83 61.16 -28.08
C ASN A 4606 28.21 60.96 -26.69
N PHE A 4607 27.10 61.66 -26.45
CA PHE A 4607 26.12 61.23 -25.46
C PHE A 4607 24.77 61.82 -25.85
N ASN A 4608 23.71 61.10 -25.46
CA ASN A 4608 22.35 61.54 -25.72
C ASN A 4608 22.02 62.80 -24.93
N ALA A 4609 21.45 63.78 -25.63
CA ALA A 4609 21.10 65.08 -25.07
C ALA A 4609 19.81 65.07 -24.24
N GLU A 4610 19.29 63.89 -23.89
CA GLU A 4610 18.06 63.78 -23.11
C GLU A 4610 18.29 63.27 -21.69
N LEU A 4611 19.52 62.86 -21.36
CA LEU A 4611 19.85 62.08 -20.16
C LEU A 4611 18.94 60.86 -20.03
N SER A 4612 19.05 59.97 -21.00
CA SER A 4612 18.21 58.78 -21.07
C SER A 4612 18.92 57.51 -20.61
N THR A 4613 20.24 57.44 -20.73
CA THR A 4613 21.00 56.28 -20.30
C THR A 4613 22.03 56.69 -19.26
N LYS A 4614 22.33 55.74 -18.36
CA LYS A 4614 23.26 56.01 -17.26
C LYS A 4614 24.70 56.18 -17.75
N GLY A 4615 25.07 55.53 -18.85
CA GLY A 4615 26.37 55.76 -19.45
C GLY A 4615 26.56 57.16 -20.00
N CYS A 4616 25.50 57.71 -20.60
CA CYS A 4616 25.56 59.07 -21.14
C CYS A 4616 25.65 60.09 -20.01
N ARG A 4617 24.89 59.87 -18.93
CA ARG A 4617 24.97 60.74 -17.77
C ARG A 4617 26.34 60.68 -17.12
N ASN A 4618 26.93 59.48 -17.02
CA ASN A 4618 28.24 59.36 -16.39
C ASN A 4618 29.34 59.97 -17.26
N ASN A 4619 29.22 59.84 -18.58
CA ASN A 4619 30.19 60.48 -19.48
C ASN A 4619 30.07 61.99 -19.44
N TRP A 4620 28.83 62.51 -19.35
CA TRP A 4620 28.62 63.94 -19.11
C TRP A 4620 29.30 64.37 -17.81
N GLU A 4621 29.16 63.55 -16.75
CA GLU A 4621 29.81 63.82 -15.47
C GLU A 4621 31.32 63.90 -15.63
N LYS A 4622 31.91 62.98 -16.41
CA LYS A 4622 33.36 62.96 -16.56
C LYS A 4622 33.87 64.19 -17.32
N HIS A 4623 33.17 64.59 -18.39
CA HIS A 4623 33.62 65.76 -19.14
C HIS A 4623 33.38 67.05 -18.35
N PHE A 4624 32.28 67.10 -17.61
CA PHE A 4624 32.00 68.31 -16.84
C PHE A 4624 32.91 68.39 -15.62
N GLU A 4625 33.29 67.26 -15.03
CA GLU A 4625 34.31 67.24 -13.99
C GLU A 4625 35.66 67.70 -14.53
N THR A 4626 35.97 67.34 -15.78
CA THR A 4626 37.17 67.83 -16.45
C THR A 4626 37.16 69.35 -16.54
N LEU A 4627 36.03 69.91 -16.97
CA LEU A 4627 35.94 71.36 -17.09
C LEU A 4627 35.95 72.05 -15.73
N LEU A 4628 35.30 71.44 -14.72
CA LEU A 4628 35.32 72.01 -13.38
C LEU A 4628 36.72 71.98 -12.78
N LEU A 4629 37.51 70.94 -13.07
CA LEU A 4629 38.87 70.97 -12.56
C LEU A 4629 39.71 72.01 -13.28
N ARG A 4630 39.45 72.17 -14.60
CA ARG A 4630 40.11 73.22 -15.37
C ARG A 4630 39.76 74.63 -14.89
N GLU A 4631 38.59 74.82 -14.26
CA GLU A 4631 38.31 76.14 -13.69
C GLU A 4631 38.61 76.29 -12.20
N LEU A 4632 38.56 75.20 -11.42
CA LEU A 4632 38.86 75.24 -9.99
C LEU A 4632 40.36 75.25 -9.70
N LYS A 4633 41.21 74.79 -10.63
CA LYS A 4633 42.64 74.93 -10.40
C LYS A 4633 43.15 76.37 -10.55
N HIS A 4634 42.36 77.25 -11.14
CA HIS A 4634 42.90 78.49 -11.72
C HIS A 4634 42.13 79.69 -11.20
N LEU A 4635 41.73 79.66 -9.93
CA LEU A 4635 40.93 80.72 -9.34
C LEU A 4635 41.70 81.62 -8.38
N ASP A 4636 42.69 81.08 -7.65
CA ASP A 4636 43.41 81.84 -6.65
C ASP A 4636 44.30 82.93 -7.23
N LYS A 4637 44.61 82.88 -8.53
CA LYS A 4637 45.28 83.98 -9.20
C LYS A 4637 44.29 84.88 -9.94
N ASN A 4638 43.00 84.59 -9.83
CA ASN A 4638 41.94 85.41 -10.42
C ASN A 4638 41.00 86.01 -9.38
N LEU A 4639 40.64 85.23 -8.35
CA LEU A 4639 39.68 85.69 -7.34
C LEU A 4639 40.08 86.93 -6.52
N PRO A 4640 41.34 87.20 -6.16
CA PRO A 4640 41.61 88.54 -5.60
C PRO A 4640 41.44 89.67 -6.59
N ALA A 4641 41.68 89.45 -7.89
CA ALA A 4641 41.39 90.47 -8.88
C ALA A 4641 39.88 90.66 -9.05
N ILE A 4642 39.12 89.57 -8.91
CA ILE A 4642 37.67 89.65 -8.95
C ILE A 4642 37.14 90.38 -7.71
N ASN A 4643 37.77 90.16 -6.55
CA ASN A 4643 37.41 90.90 -5.34
C ASN A 4643 37.75 92.38 -5.47
N ALA A 4644 38.80 92.70 -6.25
CA ALA A 4644 39.15 94.09 -6.52
C ALA A 4644 38.09 94.73 -7.42
N LEU A 4645 37.65 93.99 -8.44
CA LEU A 4645 36.66 94.47 -9.39
C LEU A 4645 35.31 94.68 -8.71
N ILE A 4646 34.91 93.74 -7.85
CA ILE A 4646 33.63 93.87 -7.16
C ILE A 4646 33.74 94.92 -6.06
N SER A 4647 34.95 95.18 -5.57
CA SER A 4647 35.17 96.30 -4.66
C SER A 4647 35.14 97.67 -5.35
N GLN A 4648 35.33 97.74 -6.68
CA GLN A 4648 35.42 99.03 -7.35
C GLN A 4648 34.33 99.31 -8.39
N ASP A 4649 33.12 98.76 -8.24
CA ASP A 4649 32.02 99.27 -9.06
C ASP A 4649 31.59 100.67 -8.63
N GLU A 4650 31.21 101.49 -9.61
CA GLU A 4650 30.99 102.91 -9.35
C GLU A 4650 29.55 103.26 -9.01
N ARG A 4651 28.87 102.47 -8.15
CA ARG A 4651 27.69 102.95 -7.46
C ARG A 4651 27.63 102.49 -6.01
N ILE A 4652 28.32 101.42 -5.66
CA ILE A 4652 28.42 100.96 -4.28
C ILE A 4652 29.60 101.63 -3.58
N SER A 4653 30.62 102.06 -4.34
CA SER A 4653 31.82 102.64 -3.75
C SER A 4653 31.53 103.94 -2.99
N SER A 4654 30.47 104.66 -3.39
CA SER A 4654 30.06 105.83 -2.62
C SER A 4654 29.34 105.44 -1.33
N ASN A 4655 28.69 104.27 -1.33
CA ASN A 4655 27.97 103.76 -0.17
C ASN A 4655 28.99 103.40 0.90
N PRO A 4656 28.96 104.00 2.09
CA PRO A 4656 29.99 103.76 3.10
C PRO A 4656 29.90 102.43 3.84
N VAL A 4657 29.07 101.48 3.39
CA VAL A 4657 29.08 100.17 4.02
C VAL A 4657 30.05 99.20 3.34
N THR A 4658 30.23 99.29 2.02
CA THR A 4658 31.23 98.46 1.38
C THR A 4658 32.66 98.94 1.62
N LYS A 4659 32.84 100.18 2.11
CA LYS A 4659 34.17 100.66 2.45
C LYS A 4659 34.60 100.18 3.82
N ILE A 4660 33.66 100.11 4.78
CA ILE A 4660 33.96 99.58 6.10
C ILE A 4660 33.96 98.07 6.15
N ILE A 4661 33.75 97.40 5.00
CA ILE A 4661 33.73 95.94 5.01
C ILE A 4661 34.72 95.40 3.98
N TYR A 4662 34.55 95.80 2.72
CA TYR A 4662 35.02 95.00 1.59
C TYR A 4662 36.31 95.56 0.98
N GLY A 4663 37.27 96.01 1.78
CA GLY A 4663 38.56 96.24 1.17
C GLY A 4663 39.03 97.69 1.18
N ASP A 4664 38.51 98.49 2.09
CA ASP A 4664 39.02 99.84 2.25
C ASP A 4664 39.37 100.09 3.72
N PRO A 4665 40.42 100.86 3.99
CA PRO A 4665 40.72 101.22 5.38
C PRO A 4665 39.68 102.15 5.97
N ALA A 4666 39.31 101.87 7.20
CA ALA A 4666 38.26 102.56 7.95
C ALA A 4666 38.73 103.86 8.58
N THR A 4667 39.83 104.46 8.12
CA THR A 4667 40.35 105.66 8.74
C THR A 4667 39.62 106.92 8.30
N PHE A 4668 38.69 106.82 7.34
CA PHE A 4668 37.90 107.99 6.96
C PHE A 4668 36.85 108.35 8.02
N LEU A 4669 36.42 107.37 8.82
CA LEU A 4669 35.60 107.59 10.00
C LEU A 4669 36.38 108.46 10.97
N PRO A 4670 36.01 109.72 11.18
CA PRO A 4670 36.92 110.65 11.88
C PRO A 4670 37.02 110.45 13.39
N HIS A 4671 36.01 109.89 14.05
CA HIS A 4671 36.06 109.67 15.50
C HIS A 4671 36.73 108.33 15.78
N LEU A 4672 38.06 108.33 15.78
CA LEU A 4672 38.78 107.07 15.88
C LEU A 4672 40.13 107.32 16.54
N PRO A 4673 40.72 106.29 17.15
CA PRO A 4673 42.11 106.42 17.61
C PRO A 4673 43.06 106.58 16.44
N GLN A 4674 44.21 107.21 16.72
CA GLN A 4674 45.12 107.64 15.67
C GLN A 4674 45.84 106.43 15.03
N LYS A 4675 46.77 106.72 14.13
CA LYS A 4675 47.47 105.68 13.38
C LYS A 4675 48.48 105.04 14.32
N SER A 4676 48.09 103.92 14.91
CA SER A 4676 48.93 103.10 15.75
C SER A 4676 49.40 101.86 15.02
N ILE A 4677 50.38 101.18 15.63
CA ILE A 4677 50.92 99.95 15.07
C ILE A 4677 49.94 98.79 15.22
N ILE A 4678 48.96 98.90 16.13
CA ILE A 4678 48.02 97.81 16.34
C ILE A 4678 46.64 98.11 15.76
N HIS A 4679 46.33 99.36 15.41
CA HIS A 4679 45.02 99.71 14.88
C HIS A 4679 45.04 99.84 13.37
N CYS A 4680 45.81 99.01 12.68
CA CYS A 4680 45.73 98.89 11.24
C CYS A 4680 44.49 98.11 10.84
N SER A 4681 44.19 98.13 9.54
CA SER A 4681 42.99 97.46 9.05
C SER A 4681 43.15 95.96 9.01
N LYS A 4682 44.36 95.47 8.67
CA LYS A 4682 44.57 94.04 8.54
C LYS A 4682 44.54 93.32 9.89
N ILE A 4683 44.85 94.04 10.97
CA ILE A 4683 44.75 93.42 12.30
C ILE A 4683 43.29 93.25 12.69
N TRP A 4684 42.42 94.14 12.22
CA TRP A 4684 40.98 94.02 12.45
C TRP A 4684 40.27 93.53 11.20
N SER A 4685 40.92 92.64 10.46
CA SER A 4685 40.32 91.96 9.31
C SER A 4685 39.62 90.69 9.77
N CYS A 4686 38.95 90.03 8.84
CA CYS A 4686 38.33 88.74 9.11
C CYS A 4686 39.19 87.61 8.54
N ARG A 4687 38.93 86.40 9.03
CA ARG A 4687 39.63 85.21 8.56
C ARG A 4687 38.71 84.01 8.68
N ARG A 4688 39.23 82.85 8.28
CA ARG A 4688 38.44 81.63 8.21
C ARG A 4688 38.14 81.09 9.61
N LYS A 4689 37.17 80.18 9.65
CA LYS A 4689 36.98 79.24 10.77
C LYS A 4689 37.21 77.83 10.23
N ILE A 4690 38.29 77.18 10.65
CA ILE A 4690 38.75 75.96 10.01
C ILE A 4690 37.85 74.81 10.43
N THR A 4691 37.23 74.15 9.46
CA THR A 4691 36.32 73.03 9.69
C THR A 4691 36.83 71.78 8.99
N VAL A 4692 36.05 70.70 9.10
CA VAL A 4692 36.44 69.41 8.52
C VAL A 4692 36.31 69.45 7.00
N GLU A 4693 35.26 70.11 6.49
CA GLU A 4693 34.98 70.11 5.06
C GLU A 4693 36.04 70.91 4.32
N TYR A 4694 36.55 71.97 4.95
CA TYR A 4694 37.66 72.73 4.38
C TYR A 4694 38.93 71.89 4.34
N LEU A 4695 39.15 71.06 5.37
CA LEU A 4695 40.27 70.13 5.35
C LEU A 4695 40.15 69.14 4.22
N GLN A 4696 38.92 68.69 3.93
CA GLN A 4696 38.68 67.76 2.83
C GLN A 4696 38.91 68.44 1.49
N HIS A 4697 38.56 69.72 1.41
CA HIS A 4697 38.84 70.52 0.22
C HIS A 4697 40.35 70.68 -0.02
N ILE A 4698 41.12 70.89 1.06
CA ILE A 4698 42.57 71.01 0.95
C ILE A 4698 43.19 69.68 0.56
N VAL A 4699 42.63 68.58 1.07
CA VAL A 4699 43.05 67.24 0.70
C VAL A 4699 42.79 66.98 -0.79
N GLU A 4700 41.65 67.46 -1.30
CA GLU A 4700 41.38 67.26 -2.73
C GLU A 4700 42.29 68.10 -3.63
N GLN A 4701 42.75 69.29 -3.19
CA GLN A 4701 43.73 69.99 -4.02
C GLN A 4701 45.10 69.32 -3.96
N LYS A 4702 45.52 68.84 -2.80
CA LYS A 4702 46.88 68.39 -2.59
C LYS A 4702 47.06 66.89 -2.82
N ASN A 4703 46.25 66.30 -3.71
CA ASN A 4703 46.37 64.91 -4.17
C ASN A 4703 46.25 63.91 -3.01
N GLY A 4704 45.11 63.99 -2.32
CA GLY A 4704 44.91 63.16 -1.15
C GLY A 4704 44.62 61.70 -1.45
N LYS A 4705 44.22 61.38 -2.68
CA LYS A 4705 44.01 59.98 -3.00
C LYS A 4705 45.33 59.24 -3.16
N GLU A 4706 46.41 59.95 -3.47
CA GLU A 4706 47.73 59.36 -3.64
C GLU A 4706 48.61 59.54 -2.40
N THR A 4707 48.80 60.79 -1.97
CA THR A 4707 49.79 61.08 -0.94
C THR A 4707 49.29 60.75 0.45
N VAL A 4708 48.07 61.17 0.79
CA VAL A 4708 47.59 61.03 2.16
C VAL A 4708 46.29 60.22 2.16
N PRO A 4709 46.36 58.89 2.04
CA PRO A 4709 45.16 58.10 1.75
C PRO A 4709 44.26 57.89 2.96
N VAL A 4710 44.85 57.77 4.15
CA VAL A 4710 44.07 57.49 5.34
C VAL A 4710 43.21 58.70 5.71
N LEU A 4711 43.79 59.91 5.66
CA LEU A 4711 43.01 61.11 5.94
C LEU A 4711 41.94 61.36 4.88
N TRP A 4712 42.24 61.04 3.62
CA TRP A 4712 41.25 61.20 2.56
C TRP A 4712 40.07 60.26 2.78
N HIS A 4713 40.36 58.99 3.10
CA HIS A 4713 39.28 58.05 3.36
C HIS A 4713 38.57 58.34 4.68
N PHE A 4714 39.26 58.97 5.65
CA PHE A 4714 38.61 59.34 6.90
C PHE A 4714 37.68 60.53 6.72
N LEU A 4715 38.14 61.58 6.02
CA LEU A 4715 37.29 62.74 5.76
C LEU A 4715 36.20 62.42 4.76
N GLN A 4716 36.44 61.40 3.92
CA GLN A 4716 35.45 61.00 2.93
C GLN A 4716 34.23 60.40 3.59
N LYS A 4717 34.42 59.57 4.61
CA LYS A 4717 33.30 58.93 5.29
C LYS A 4717 33.25 59.27 6.76
N GLU A 4718 33.42 60.56 7.10
CA GLU A 4718 33.53 60.94 8.50
C GLU A 4718 32.15 60.94 9.19
N ALA A 4719 31.14 61.50 8.51
CA ALA A 4719 29.83 61.66 9.13
C ALA A 4719 29.09 60.34 9.33
N GLU A 4720 29.47 59.28 8.63
CA GLU A 4720 28.96 57.95 8.93
C GLU A 4720 29.77 57.24 10.01
N LEU A 4721 31.08 57.51 10.09
CA LEU A 4721 31.89 56.95 11.16
C LEU A 4721 31.70 57.67 12.48
N ARG A 4722 30.98 58.79 12.49
CA ARG A 4722 30.59 59.44 13.74
C ARG A 4722 29.63 58.59 14.57
N LEU A 4723 28.93 57.63 13.95
CA LEU A 4723 27.82 56.94 14.59
C LEU A 4723 28.13 55.47 14.87
N VAL A 4724 29.38 55.06 14.69
CA VAL A 4724 29.82 53.74 15.12
C VAL A 4724 29.88 53.67 16.65
N LYS A 4725 30.02 54.83 17.31
CA LYS A 4725 29.87 54.95 18.76
C LYS A 4725 28.53 54.41 19.28
N PHE A 4726 27.48 54.48 18.48
CA PHE A 4726 26.15 54.07 18.90
C PHE A 4726 25.87 52.59 18.67
N LEU A 4727 26.86 51.82 18.23
CA LEU A 4727 26.69 50.41 17.89
C LEU A 4727 26.57 49.45 19.08
N PRO A 4728 27.31 49.59 20.20
CA PRO A 4728 27.01 48.71 21.35
C PRO A 4728 25.64 48.92 21.98
N GLU A 4729 25.04 50.11 21.87
CA GLU A 4729 23.69 50.29 22.41
C GLU A 4729 22.65 49.54 21.59
N ILE A 4730 22.73 49.64 20.26
CA ILE A 4730 21.79 48.92 19.42
C ILE A 4730 22.09 47.42 19.40
N LEU A 4731 23.33 47.01 19.69
CA LEU A 4731 23.56 45.58 19.85
C LEU A 4731 23.09 45.07 21.19
N ALA A 4732 23.09 45.91 22.23
CA ALA A 4732 22.42 45.56 23.48
C ALA A 4732 20.93 45.40 23.27
N LEU A 4733 20.35 46.28 22.45
CA LEU A 4733 18.95 46.18 22.03
C LEU A 4733 18.68 44.85 21.33
N GLN A 4734 19.50 44.51 20.34
CA GLN A 4734 19.24 43.29 19.56
C GLN A 4734 19.50 42.02 20.37
N ARG A 4735 20.47 42.06 21.29
CA ARG A 4735 20.67 40.91 22.18
C ARG A 4735 19.52 40.75 23.15
N ASP A 4736 18.94 41.86 23.64
CA ASP A 4736 17.79 41.73 24.53
C ASP A 4736 16.55 41.26 23.77
N LEU A 4737 16.42 41.62 22.49
CA LEU A 4737 15.26 41.16 21.73
C LEU A 4737 15.41 39.69 21.32
N VAL A 4738 16.62 39.25 20.97
CA VAL A 4738 16.88 37.83 20.72
C VAL A 4738 16.65 37.02 22.00
N LYS A 4739 17.07 37.55 23.15
CA LYS A 4739 16.89 36.86 24.42
C LYS A 4739 15.42 36.84 24.83
N GLN A 4740 14.64 37.83 24.41
CA GLN A 4740 13.24 37.88 24.82
C GLN A 4740 12.32 37.20 23.81
N PHE A 4741 12.61 37.33 22.51
CA PHE A 4741 11.65 36.90 21.49
C PHE A 4741 12.21 35.80 20.59
N GLN A 4742 12.81 34.76 21.17
CA GLN A 4742 13.28 33.60 20.41
C GLN A 4742 12.09 32.68 20.13
N ASN A 4743 11.24 33.14 19.21
CA ASN A 4743 10.00 32.47 18.87
C ASN A 4743 9.70 32.72 17.39
N VAL A 4744 8.51 32.34 16.95
CA VAL A 4744 8.06 32.62 15.58
C VAL A 4744 6.54 32.74 15.55
N SER A 4745 6.06 33.81 14.89
CA SER A 4745 4.63 34.13 14.70
C SER A 4745 3.85 34.27 16.00
N ARG A 4746 4.50 34.82 17.03
CA ARG A 4746 3.88 34.96 18.34
C ARG A 4746 3.85 36.40 18.84
N VAL A 4747 4.81 37.23 18.44
CA VAL A 4747 4.89 38.63 18.88
C VAL A 4747 3.67 39.42 18.37
N GLU A 4748 2.85 39.89 19.32
CA GLU A 4748 1.53 40.43 19.04
C GLU A 4748 1.50 41.95 19.14
N TYR A 4749 2.68 42.59 19.11
CA TYR A 4749 2.79 44.03 19.26
C TYR A 4749 2.62 44.72 17.92
N SER A 4750 1.79 45.76 17.90
CA SER A 4750 1.56 46.53 16.68
C SER A 4750 2.64 47.59 16.50
N SER A 4751 2.73 48.52 17.43
CA SER A 4751 3.63 49.66 17.31
C SER A 4751 4.63 49.68 18.44
N ILE A 4752 5.70 50.45 18.24
CA ILE A 4752 6.86 50.44 19.13
C ILE A 4752 6.50 51.05 20.48
N ARG A 4753 5.67 52.09 20.48
CA ARG A 4753 5.28 52.77 21.72
C ARG A 4753 4.41 51.87 22.59
N GLY A 4754 3.60 51.01 21.97
CA GLY A 4754 2.83 50.05 22.74
C GLY A 4754 3.69 49.00 23.40
N PHE A 4755 4.79 48.62 22.75
CA PHE A 4755 5.72 47.67 23.35
C PHE A 4755 6.53 48.31 24.47
N ILE A 4756 6.89 49.59 24.30
CA ILE A 4756 7.67 50.29 25.31
C ILE A 4756 6.81 50.54 26.55
N HIS A 4757 5.52 50.80 26.35
CA HIS A 4757 4.60 50.92 27.46
C HIS A 4757 4.12 49.57 28.00
N SER A 4758 4.47 48.46 27.35
CA SER A 4758 4.12 47.14 27.87
C SER A 4758 5.13 46.59 28.86
N HIS A 4759 5.99 47.43 29.44
CA HIS A 4759 6.95 47.01 30.45
C HIS A 4759 6.62 47.67 31.78
N SER A 4760 6.73 46.90 32.86
CA SER A 4760 6.37 47.42 34.18
C SER A 4760 7.54 48.06 34.92
N SER A 4761 8.74 47.48 34.81
CA SER A 4761 9.92 48.05 35.44
C SER A 4761 10.38 49.30 34.68
N ASP A 4762 10.17 50.46 35.31
CA ASP A 4762 10.23 51.75 34.64
C ASP A 4762 11.63 52.11 34.14
N GLY A 4763 12.67 51.66 34.86
CA GLY A 4763 14.02 51.85 34.39
C GLY A 4763 14.29 51.11 33.10
N LEU A 4764 13.71 49.92 32.95
CA LEU A 4764 13.87 49.19 31.70
C LEU A 4764 13.09 49.82 30.57
N ARG A 4765 11.94 50.48 30.88
CA ARG A 4765 11.22 51.24 29.88
C ARG A 4765 12.05 52.39 29.33
N LYS A 4766 12.65 53.19 30.22
CA LYS A 4766 13.44 54.31 29.74
C LYS A 4766 14.78 53.85 29.14
N LEU A 4767 15.33 52.73 29.61
CA LEU A 4767 16.55 52.21 29.00
C LEU A 4767 16.28 51.76 27.57
N LEU A 4768 15.20 51.01 27.38
CA LEU A 4768 14.77 50.62 26.04
C LEU A 4768 14.37 51.84 25.21
N HIS A 4769 13.83 52.88 25.85
CA HIS A 4769 13.46 54.11 25.15
C HIS A 4769 14.70 54.85 24.65
N ASP A 4770 15.75 54.89 25.48
CA ASP A 4770 17.00 55.54 25.08
C ASP A 4770 17.67 54.77 23.96
N ARG A 4771 17.70 53.43 24.07
CA ARG A 4771 18.34 52.62 23.05
C ARG A 4771 17.55 52.64 21.76
N ILE A 4772 16.22 52.70 21.84
CA ILE A 4772 15.44 52.75 20.62
C ILE A 4772 15.48 54.16 20.02
N THR A 4773 15.69 55.19 20.84
CA THR A 4773 15.83 56.54 20.29
C THR A 4773 17.15 56.67 19.56
N ILE A 4774 18.20 56.06 20.12
CA ILE A 4774 19.50 55.95 19.44
C ILE A 4774 19.35 55.19 18.12
N PHE A 4775 18.60 54.09 18.14
CA PHE A 4775 18.43 53.29 16.93
C PHE A 4775 17.62 54.03 15.87
N LEU A 4776 16.56 54.73 16.28
CA LEU A 4776 15.76 55.49 15.32
C LEU A 4776 16.53 56.68 14.78
N SER A 4777 17.36 57.32 15.59
CA SER A 4777 18.18 58.43 15.12
C SER A 4777 19.23 57.95 14.12
N THR A 4778 19.85 56.79 14.41
CA THR A 4778 20.82 56.20 13.48
C THR A 4778 20.14 55.81 12.17
N TRP A 4779 18.93 55.24 12.26
CA TRP A 4779 18.22 54.83 11.05
C TRP A 4779 17.79 56.04 10.23
N ASN A 4780 17.22 57.07 10.88
CA ASN A 4780 16.80 58.27 10.17
C ASN A 4780 17.99 59.03 9.59
N ALA A 4781 19.18 58.89 10.20
CA ALA A 4781 20.37 59.46 9.59
C ALA A 4781 20.79 58.68 8.35
N LEU A 4782 20.94 57.36 8.49
CA LEU A 4782 21.67 56.58 7.50
C LEU A 4782 20.83 55.97 6.38
N ARG A 4783 19.52 56.26 6.30
CA ARG A 4783 18.68 55.47 5.39
C ARG A 4783 18.72 55.96 3.94
N ARG A 4784 19.91 56.27 3.41
CA ARG A 4784 20.04 56.57 1.98
C ARG A 4784 21.23 55.80 1.43
N SER A 4785 22.26 55.60 2.25
CA SER A 4785 23.41 54.81 1.85
C SER A 4785 23.14 53.32 1.94
N LEU A 4786 22.09 52.92 2.68
CA LEU A 4786 21.78 51.51 2.85
C LEU A 4786 21.26 50.89 1.56
N GLU A 4787 20.45 51.63 0.82
CA GLU A 4787 19.83 51.15 -0.40
C GLU A 4787 20.71 51.35 -1.64
N THR A 4788 21.93 51.88 -1.46
CA THR A 4788 22.86 52.04 -2.57
C THR A 4788 24.29 51.60 -2.26
N ASN A 4789 24.66 51.39 -1.00
CA ASN A 4789 25.99 50.92 -0.67
C ASN A 4789 26.03 49.75 0.30
N GLY A 4790 24.92 49.43 0.98
CA GLY A 4790 24.90 48.27 1.85
C GLY A 4790 24.95 46.97 1.07
N GLU A 4791 25.56 45.96 1.68
CA GLU A 4791 25.66 44.66 1.05
C GLU A 4791 24.38 43.84 1.15
N ILE A 4792 23.49 44.19 2.08
CA ILE A 4792 22.22 43.50 2.25
C ILE A 4792 21.16 44.22 1.41
N LYS A 4793 20.73 43.58 0.33
CA LYS A 4793 19.77 44.17 -0.60
C LYS A 4793 18.39 44.19 0.03
N LEU A 4794 17.90 45.38 0.34
CA LEU A 4794 16.60 45.59 0.97
C LEU A 4794 15.72 46.45 0.07
N PRO A 4795 14.40 46.20 0.05
CA PRO A 4795 13.52 46.98 -0.84
C PRO A 4795 13.34 48.42 -0.40
N LYS A 4796 12.59 49.18 -1.21
CA LYS A 4796 12.49 50.63 -1.07
C LYS A 4796 11.26 51.07 -0.29
N ASP A 4797 10.48 50.14 0.23
CA ASP A 4797 9.34 50.47 1.08
C ASP A 4797 9.70 50.48 2.57
N TYR A 4798 10.98 50.29 2.90
CA TYR A 4798 11.45 50.26 4.27
C TYR A 4798 12.06 51.58 4.72
N CYS A 4799 12.93 52.16 3.89
CA CYS A 4799 13.72 53.34 4.25
C CYS A 4799 13.28 54.60 3.52
N CYS A 4800 12.02 54.65 3.05
CA CYS A 4800 11.48 55.81 2.37
C CYS A 4800 10.64 56.70 3.28
N SER A 4801 10.83 56.59 4.60
CA SER A 4801 10.05 57.40 5.54
C SER A 4801 10.85 57.55 6.83
N ASP A 4802 10.51 58.57 7.61
CA ASP A 4802 11.16 58.81 8.89
C ASP A 4802 10.44 58.03 9.98
N LEU A 4803 11.15 57.07 10.57
CA LEU A 4803 10.56 56.20 11.58
C LEU A 4803 10.39 56.94 12.89
N ASP A 4804 9.39 56.52 13.67
CA ASP A 4804 9.03 57.16 14.92
C ASP A 4804 8.63 56.08 15.92
N LEU A 4805 8.19 56.51 17.10
CA LEU A 4805 7.79 55.57 18.14
C LEU A 4805 6.44 54.91 17.86
N ASP A 4806 5.67 55.45 16.92
CA ASP A 4806 4.41 54.85 16.50
C ASP A 4806 4.54 54.10 15.18
N ALA A 4807 5.76 53.75 14.76
CA ALA A 4807 5.97 53.02 13.52
C ALA A 4807 5.70 51.53 13.74
N GLU A 4808 6.08 50.71 12.75
CA GLU A 4808 5.86 49.27 12.85
C GLU A 4808 6.82 48.64 13.86
N PHE A 4809 6.40 47.50 14.40
CA PHE A 4809 7.20 46.83 15.42
C PHE A 4809 8.21 45.84 14.86
N GLU A 4810 8.01 45.32 13.66
CA GLU A 4810 8.95 44.36 13.09
C GLU A 4810 10.20 45.01 12.52
N VAL A 4811 10.35 46.33 12.59
CA VAL A 4811 11.56 46.98 12.07
C VAL A 4811 12.71 46.93 13.07
N ILE A 4812 12.48 46.49 14.29
CA ILE A 4812 13.54 46.42 15.30
C ILE A 4812 13.92 45.00 15.66
N LEU A 4813 13.14 44.01 15.24
CA LEU A 4813 13.47 42.61 15.47
C LEU A 4813 14.38 42.13 14.35
N PRO A 4814 15.64 41.81 14.61
CA PRO A 4814 16.62 41.60 13.53
C PRO A 4814 16.44 40.26 12.81
N ARG A 4815 15.44 40.22 11.93
CA ARG A 4815 15.20 39.05 11.11
C ARG A 4815 16.02 39.15 9.82
N ARG A 4816 15.74 38.28 8.85
CA ARG A 4816 16.53 38.29 7.62
C ARG A 4816 15.72 38.23 6.33
N GLN A 4817 14.39 38.22 6.38
CA GLN A 4817 13.60 38.22 5.15
C GLN A 4817 12.67 39.42 5.05
N GLY A 4818 11.80 39.66 6.03
CA GLY A 4818 10.76 40.66 5.86
C GLY A 4818 10.65 41.65 6.99
N LEU A 4819 10.94 42.92 6.67
CA LEU A 4819 10.77 44.12 7.48
C LEU A 4819 11.72 44.17 8.70
N GLY A 4820 12.48 43.11 8.95
CA GLY A 4820 13.48 43.11 9.99
C GLY A 4820 14.90 43.18 9.46
N LEU A 4821 15.07 43.35 8.14
CA LEU A 4821 16.34 43.66 7.52
C LEU A 4821 16.84 45.07 7.83
N CYS A 4822 15.99 45.92 8.43
CA CYS A 4822 16.41 47.27 8.83
C CYS A 4822 17.51 47.25 9.88
N GLY A 4823 17.23 46.64 11.04
CA GLY A 4823 18.23 46.55 12.10
C GLY A 4823 19.47 45.79 11.70
N THR A 4824 19.30 44.68 10.99
CA THR A 4824 20.43 43.83 10.62
C THR A 4824 21.29 44.51 9.56
N ALA A 4825 20.65 45.14 8.57
CA ALA A 4825 21.40 45.86 7.55
C ALA A 4825 22.10 47.09 8.13
N LEU A 4826 21.50 47.75 9.12
CA LEU A 4826 22.14 48.91 9.75
C LEU A 4826 23.37 48.49 10.55
N VAL A 4827 23.24 47.43 11.35
CA VAL A 4827 24.35 46.94 12.14
C VAL A 4827 25.46 46.41 11.24
N SER A 4828 25.10 45.67 10.19
CA SER A 4828 26.08 45.14 9.26
C SER A 4828 26.76 46.24 8.47
N TYR A 4829 26.05 47.34 8.17
CA TYR A 4829 26.69 48.43 7.45
C TYR A 4829 27.65 49.21 8.34
N LEU A 4830 27.31 49.38 9.62
CA LEU A 4830 28.25 50.00 10.55
C LEU A 4830 29.50 49.14 10.75
N ILE A 4831 29.30 47.82 10.86
CA ILE A 4831 30.41 46.88 10.96
C ILE A 4831 31.27 46.89 9.71
N SER A 4832 30.64 47.01 8.53
CA SER A 4832 31.39 47.05 7.28
C SER A 4832 32.18 48.34 7.15
N LEU A 4833 31.63 49.47 7.62
CA LEU A 4833 32.37 50.73 7.63
C LEU A 4833 33.59 50.65 8.54
N HIS A 4834 33.37 50.16 9.78
CA HIS A 4834 34.48 50.02 10.73
C HIS A 4834 35.56 49.09 10.21
N ASN A 4835 35.18 47.94 9.64
CA ASN A 4835 36.19 47.00 9.17
C ASN A 4835 36.86 47.48 7.89
N ASN A 4836 36.16 48.26 7.06
CA ASN A 4836 36.81 48.85 5.89
C ASN A 4836 37.84 49.88 6.29
N MET A 4837 37.55 50.69 7.32
CA MET A 4837 38.51 51.71 7.73
C MET A 4837 39.69 51.08 8.46
N VAL A 4838 39.45 50.04 9.26
CA VAL A 4838 40.55 49.35 9.93
C VAL A 4838 41.38 48.57 8.92
N TYR A 4839 40.75 48.03 7.86
CA TYR A 4839 41.49 47.43 6.75
C TYR A 4839 42.33 48.48 6.03
N THR A 4840 41.82 49.71 5.90
CA THR A 4840 42.57 50.77 5.25
C THR A 4840 43.82 51.12 6.05
N VAL A 4841 43.67 51.22 7.38
CA VAL A 4841 44.81 51.48 8.26
C VAL A 4841 45.80 50.32 8.20
N GLN A 4842 45.32 49.08 8.34
CA GLN A 4842 46.19 47.92 8.39
C GLN A 4842 46.67 47.46 7.02
N LYS A 4843 46.24 48.13 5.95
CA LYS A 4843 46.79 47.95 4.62
C LYS A 4843 47.78 49.04 4.23
N PHE A 4844 47.59 50.27 4.72
CA PHE A 4844 48.53 51.33 4.34
C PHE A 4844 49.89 51.13 5.01
N SER A 4845 49.93 51.17 6.33
CA SER A 4845 51.19 51.17 7.06
C SER A 4845 51.43 49.90 7.88
N ASN A 4846 50.39 49.36 8.52
CA ASN A 4846 50.61 48.25 9.43
C ASN A 4846 50.85 46.92 8.72
N GLU A 4847 50.32 46.77 7.49
CA GLU A 4847 50.61 45.69 6.53
C GLU A 4847 50.16 44.28 6.95
N ASP A 4848 49.76 44.10 8.22
CA ASP A 4848 49.23 42.86 8.78
C ASP A 4848 48.80 43.11 10.23
N ASN A 4849 47.75 42.44 10.68
CA ASN A 4849 47.35 42.33 12.08
C ASN A 4849 46.35 41.20 12.18
N SER A 4850 46.38 40.48 13.31
CA SER A 4850 45.41 39.43 13.58
C SER A 4850 44.49 39.74 14.74
N TYR A 4851 44.44 40.99 15.21
CA TYR A 4851 43.61 41.34 16.36
C TYR A 4851 42.17 41.46 15.89
N SER A 4852 41.33 40.51 16.31
CA SER A 4852 39.96 40.39 15.82
C SER A 4852 39.07 39.91 16.96
N VAL A 4853 38.09 40.72 17.34
CA VAL A 4853 37.15 40.33 18.38
C VAL A 4853 35.80 40.05 17.74
N ASP A 4854 35.04 39.17 18.38
CA ASP A 4854 33.71 38.79 17.93
C ASP A 4854 32.68 39.88 18.29
N ILE A 4855 31.44 39.67 17.89
CA ILE A 4855 30.39 40.66 18.09
C ILE A 4855 29.51 40.25 19.29
N SER A 4856 30.06 39.42 20.17
CA SER A 4856 29.37 39.05 21.40
C SER A 4856 29.86 39.85 22.61
N GLU A 4857 31.04 40.46 22.51
CA GLU A 4857 31.62 41.21 23.61
C GLU A 4857 32.14 42.58 23.18
N VAL A 4858 31.48 43.19 22.20
CA VAL A 4858 31.84 44.55 21.79
C VAL A 4858 31.46 45.54 22.90
N ALA A 4859 32.46 46.04 23.62
CA ALA A 4859 32.25 47.18 24.49
C ALA A 4859 32.43 48.48 23.71
N ASP A 4860 32.54 49.59 24.45
CA ASP A 4860 32.72 50.90 23.85
C ASP A 4860 34.10 51.06 23.24
N LEU A 4861 35.13 50.48 23.86
CA LEU A 4861 36.51 50.74 23.47
C LEU A 4861 36.97 49.97 22.24
N HIS A 4862 36.09 49.20 21.60
CA HIS A 4862 36.50 48.46 20.41
C HIS A 4862 36.13 49.17 19.12
N VAL A 4863 35.10 50.00 19.14
CA VAL A 4863 34.66 50.69 17.94
C VAL A 4863 35.37 52.04 17.85
N ILE A 4864 35.46 52.57 16.63
CA ILE A 4864 36.01 53.91 16.42
C ILE A 4864 35.01 54.92 16.96
N SER A 4865 35.32 55.55 18.09
CA SER A 4865 34.41 56.46 18.75
C SER A 4865 35.11 57.77 19.05
N TYR A 4866 34.42 58.88 18.78
CA TYR A 4866 34.91 60.22 19.06
C TYR A 4866 33.74 61.19 19.07
N GLU A 4867 34.06 62.48 19.11
CA GLU A 4867 33.12 63.57 18.85
C GLU A 4867 33.81 64.59 17.96
N VAL A 4868 33.01 65.34 17.20
CA VAL A 4868 33.58 66.30 16.27
C VAL A 4868 33.96 67.60 16.99
N GLU A 4869 33.09 68.09 17.87
CA GLU A 4869 33.28 69.34 18.57
C GLU A 4869 34.13 69.23 19.83
N ARG A 4870 34.68 68.04 20.11
CA ARG A 4870 35.45 67.84 21.33
C ARG A 4870 36.80 67.21 21.03
N ASP A 4871 36.87 66.41 19.97
CA ASP A 4871 38.06 65.64 19.67
C ASP A 4871 38.68 65.92 18.31
N LEU A 4872 37.89 66.40 17.34
CA LEU A 4872 38.45 66.72 16.03
C LEU A 4872 38.87 68.17 15.87
N ASN A 4873 37.98 69.11 16.18
CA ASN A 4873 38.28 70.52 15.93
C ASN A 4873 39.48 71.10 16.69
N PRO A 4874 39.75 70.78 17.98
CA PRO A 4874 41.03 71.25 18.54
C PRO A 4874 42.25 70.55 17.97
N LEU A 4875 42.14 69.30 17.52
CA LEU A 4875 43.27 68.64 16.87
C LEU A 4875 43.58 69.26 15.52
N ILE A 4876 42.55 69.58 14.73
CA ILE A 4876 42.77 70.16 13.40
C ILE A 4876 43.26 71.60 13.53
N LEU A 4877 42.77 72.32 14.54
CA LEU A 4877 43.26 73.67 14.79
C LEU A 4877 44.67 73.67 15.37
N SER A 4878 45.14 72.55 15.90
CA SER A 4878 46.49 72.46 16.44
C SER A 4878 47.53 72.15 15.37
N ASN A 4879 47.12 72.05 14.10
CA ASN A 4879 48.05 71.75 13.02
C ASN A 4879 47.87 72.68 11.83
N CYS A 4880 47.16 73.79 11.99
CA CYS A 4880 47.20 74.87 11.01
C CYS A 4880 48.37 75.78 11.36
N GLN A 4881 49.38 75.82 10.50
CA GLN A 4881 50.61 76.52 10.80
C GLN A 4881 50.63 77.86 10.07
N TYR A 4882 50.98 78.92 10.79
CA TYR A 4882 51.00 80.27 10.25
C TYR A 4882 52.45 80.66 9.95
N GLN A 4883 52.72 80.98 8.69
CA GLN A 4883 54.05 81.32 8.23
C GLN A 4883 54.07 82.73 7.67
N VAL A 4884 55.01 83.55 8.14
CA VAL A 4884 55.16 84.94 7.70
C VAL A 4884 56.59 85.09 7.19
N GLN A 4885 56.74 85.44 5.92
CA GLN A 4885 58.06 85.68 5.38
C GLN A 4885 58.46 87.13 5.70
N GLN A 4886 59.73 87.48 5.42
CA GLN A 4886 60.21 88.85 5.61
C GLN A 4886 59.46 89.84 4.73
N GLY A 4887 59.15 89.46 3.48
CA GLY A 4887 58.43 90.34 2.58
C GLY A 4887 57.02 90.66 3.05
N GLY A 4888 56.39 89.73 3.76
CA GLY A 4888 55.11 89.96 4.39
C GLY A 4888 53.96 89.22 3.74
N GLU A 4889 53.65 88.06 4.30
CA GLU A 4889 52.55 87.20 3.86
C GLU A 4889 51.95 86.57 5.10
N THR A 4890 50.98 85.68 4.88
CA THR A 4890 50.43 84.84 5.95
C THR A 4890 49.96 83.56 5.28
N SER A 4891 50.80 82.53 5.34
CA SER A 4891 50.49 81.23 4.77
C SER A 4891 49.98 80.31 5.87
N GLN A 4892 48.79 79.74 5.67
CA GLN A 4892 48.28 78.69 6.54
C GLN A 4892 48.57 77.35 5.88
N GLU A 4893 49.32 76.50 6.57
CA GLU A 4893 49.73 75.21 6.03
C GLU A 4893 49.11 74.12 6.88
N PHE A 4894 48.55 73.12 6.20
CA PHE A 4894 48.08 71.88 6.81
C PHE A 4894 49.18 70.84 6.63
N ASP A 4895 50.01 70.67 7.66
CA ASP A 4895 50.99 69.58 7.64
C ASP A 4895 50.32 68.23 7.85
N LEU A 4896 50.01 67.55 6.74
CA LEU A 4896 49.17 66.36 6.77
C LEU A 4896 49.83 65.15 7.43
N GLU A 4897 51.16 65.10 7.45
CA GLU A 4897 51.87 64.02 8.13
C GLU A 4897 51.62 64.06 9.63
N LYS A 4898 51.69 65.27 10.20
CA LYS A 4898 51.46 65.42 11.63
C LYS A 4898 50.02 65.16 11.99
N ILE A 4899 49.09 65.53 11.10
CA ILE A 4899 47.66 65.26 11.30
C ILE A 4899 47.42 63.76 11.25
N GLN A 4900 48.16 63.07 10.39
CA GLN A 4900 48.11 61.61 10.36
C GLN A 4900 48.59 61.01 11.66
N ARG A 4901 49.69 61.53 12.21
CA ARG A 4901 50.19 60.98 13.47
C ARG A 4901 49.27 61.26 14.65
N GLN A 4902 48.56 62.40 14.67
CA GLN A 4902 47.65 62.57 15.82
C GLN A 4902 46.35 61.79 15.63
N ILE A 4903 45.75 61.85 14.44
CA ILE A 4903 44.46 61.20 14.19
C ILE A 4903 44.60 59.68 14.22
N SER A 4904 45.69 59.14 13.67
CA SER A 4904 45.93 57.70 13.69
C SER A 4904 46.12 57.18 15.11
N SER A 4905 47.04 57.77 15.87
CA SER A 4905 47.37 57.26 17.18
C SER A 4905 46.43 57.75 18.29
N ARG A 4906 45.24 58.25 17.96
CA ARG A 4906 44.31 58.51 19.05
C ARG A 4906 42.95 57.83 18.86
N PHE A 4907 42.44 57.76 17.63
CA PHE A 4907 41.11 57.21 17.39
C PHE A 4907 41.12 55.83 16.75
N LEU A 4908 41.77 55.68 15.60
CA LEU A 4908 41.52 54.58 14.69
C LEU A 4908 42.75 53.70 14.47
N GLN A 4909 43.51 53.47 15.55
CA GLN A 4909 44.58 52.49 15.52
C GLN A 4909 44.66 51.86 16.90
N GLY A 4910 44.77 50.54 16.94
CA GLY A 4910 44.56 49.81 18.17
C GLY A 4910 43.17 49.28 18.35
N LYS A 4911 42.35 49.31 17.29
CA LYS A 4911 40.97 48.84 17.22
C LYS A 4911 40.94 47.50 16.49
N PRO A 4912 40.04 46.59 16.87
CA PRO A 4912 40.00 45.28 16.19
C PRO A 4912 39.45 45.30 14.77
N ARG A 4913 39.41 44.11 14.18
CA ARG A 4913 38.83 43.86 12.87
C ARG A 4913 37.69 42.86 13.07
N LEU A 4914 36.45 43.34 13.08
CA LEU A 4914 35.32 42.54 13.55
C LEU A 4914 35.02 41.39 12.58
N THR A 4915 34.62 40.25 13.15
CA THR A 4915 34.26 39.08 12.36
C THR A 4915 32.79 38.79 12.61
N LEU A 4916 32.14 38.15 11.63
CA LEU A 4916 30.69 38.06 11.60
C LEU A 4916 30.14 36.78 12.19
N LYS A 4917 30.78 36.23 13.22
CA LYS A 4917 30.34 34.93 13.74
C LYS A 4917 29.11 35.08 14.64
N GLY A 4918 29.24 35.81 15.75
CA GLY A 4918 28.21 35.83 16.77
C GLY A 4918 27.20 36.95 16.69
N ILE A 4919 26.77 37.30 15.48
CA ILE A 4919 25.77 38.35 15.25
C ILE A 4919 24.45 37.94 15.88
N PRO A 4920 23.75 38.80 16.62
CA PRO A 4920 22.42 38.42 17.12
C PRO A 4920 21.46 38.31 15.94
N THR A 4921 20.88 37.13 15.77
CA THR A 4921 20.03 36.83 14.62
C THR A 4921 18.97 35.81 15.03
N LEU A 4922 17.70 36.17 14.91
CA LEU A 4922 16.67 35.17 15.09
C LEU A 4922 16.57 34.33 13.81
N VAL A 4923 16.22 33.06 13.98
CA VAL A 4923 16.18 32.12 12.87
C VAL A 4923 14.74 31.86 12.45
N TYR A 4924 14.54 31.72 11.13
CA TYR A 4924 13.21 31.48 10.58
C TYR A 4924 12.77 30.03 10.79
N ARG A 4925 13.47 29.08 10.17
CA ARG A 4925 13.08 27.68 10.27
C ARG A 4925 14.28 26.83 9.90
N ARG A 4926 14.46 25.73 10.61
CA ARG A 4926 15.66 24.91 10.55
C ARG A 4926 15.48 23.76 9.57
N ASP A 4927 16.58 23.06 9.30
CA ASP A 4927 16.80 22.28 8.09
C ASP A 4927 16.12 20.92 8.21
N TRP A 4928 14.97 20.77 7.57
CA TRP A 4928 14.28 19.49 7.41
C TRP A 4928 14.32 19.00 5.96
N ASN A 4929 15.45 19.19 5.28
CA ASN A 4929 15.57 18.62 3.95
C ASN A 4929 16.10 17.19 3.94
N TYR A 4930 16.46 16.63 5.11
CA TYR A 4930 17.09 15.32 5.30
C TYR A 4930 18.49 15.20 4.69
N GLU A 4931 19.00 16.26 4.07
CA GLU A 4931 20.24 16.20 3.28
C GLU A 4931 21.46 16.74 4.00
N HIS A 4932 21.29 17.72 4.89
CA HIS A 4932 22.38 18.09 5.79
C HIS A 4932 22.72 16.93 6.72
N LEU A 4933 21.72 16.13 7.10
CA LEU A 4933 21.98 14.92 7.87
C LEU A 4933 22.81 13.94 7.06
N PHE A 4934 22.49 13.79 5.78
CA PHE A 4934 23.22 12.84 4.93
C PHE A 4934 24.65 13.30 4.68
N MET A 4935 24.87 14.58 4.37
CA MET A 4935 26.26 14.96 4.17
C MET A 4935 27.04 15.04 5.47
N ASP A 4936 26.37 15.25 6.62
CA ASP A 4936 27.08 15.16 7.89
C ASP A 4936 27.45 13.72 8.25
N ILE A 4937 26.56 12.75 7.99
CA ILE A 4937 26.94 11.35 8.22
C ILE A 4937 28.04 10.93 7.27
N LYS A 4938 28.01 11.41 6.01
CA LYS A 4938 29.09 11.09 5.07
C LYS A 4938 30.41 11.78 5.45
N ASN A 4939 30.34 12.93 6.12
CA ASN A 4939 31.55 13.55 6.67
C ASN A 4939 32.12 12.76 7.83
N LYS A 4940 31.28 12.45 8.83
CA LYS A 4940 31.76 11.79 10.03
C LYS A 4940 32.12 10.33 9.78
N MET A 4941 31.37 9.65 8.92
CA MET A 4941 31.49 8.21 8.80
C MET A 4941 31.79 7.76 7.37
N ALA A 4942 32.26 6.52 7.27
CA ALA A 4942 32.60 5.85 6.03
C ALA A 4942 31.40 4.94 5.74
N GLN A 4943 30.44 5.48 5.01
CA GLN A 4943 29.16 4.83 4.78
C GLN A 4943 29.30 3.79 3.68
N SER A 4944 29.14 2.51 4.04
CA SER A 4944 29.14 1.43 3.07
C SER A 4944 27.75 1.20 2.50
N SER A 4945 27.63 0.24 1.59
CA SER A 4945 26.35 -0.20 1.05
C SER A 4945 25.86 -1.43 1.81
N LEU A 4946 24.64 -1.86 1.49
CA LEU A 4946 24.04 -3.00 2.17
C LEU A 4946 24.52 -4.32 1.58
N PRO A 4947 24.76 -5.33 2.41
CA PRO A 4947 25.07 -6.67 1.90
C PRO A 4947 23.88 -7.30 1.20
N ASN A 4948 24.17 -8.28 0.34
CA ASN A 4948 23.12 -8.96 -0.41
C ASN A 4948 22.30 -9.89 0.48
N LEU A 4949 22.86 -10.35 1.59
CA LEU A 4949 22.13 -11.18 2.54
C LEU A 4949 21.33 -10.34 3.51
N ALA A 4950 21.83 -9.15 3.85
CA ALA A 4950 21.10 -8.23 4.71
C ALA A 4950 19.85 -7.70 4.02
N ILE A 4951 19.82 -7.66 2.68
CA ILE A 4951 18.60 -7.31 1.96
C ILE A 4951 17.50 -8.32 2.27
N SER A 4952 17.83 -9.60 2.20
CA SER A 4952 16.90 -10.68 2.52
C SER A 4952 16.52 -10.64 4.00
N THR A 4953 17.48 -10.27 4.85
CA THR A 4953 17.24 -10.16 6.29
C THR A 4953 16.21 -9.07 6.60
N ILE A 4954 16.41 -7.86 6.06
CA ILE A 4954 15.49 -6.76 6.37
C ILE A 4954 14.20 -6.87 5.57
N SER A 4955 14.14 -7.75 4.56
CA SER A 4955 12.87 -7.90 3.87
C SER A 4955 12.03 -9.08 4.34
N GLY A 4956 12.65 -10.14 4.89
CA GLY A 4956 11.85 -11.22 5.44
C GLY A 4956 11.17 -10.90 6.75
N GLN A 4957 11.84 -10.15 7.63
CA GLN A 4957 11.33 -9.81 8.95
C GLN A 4957 10.36 -8.64 8.99
N LEU A 4958 10.10 -7.97 7.87
CA LEU A 4958 9.26 -6.78 7.85
C LEU A 4958 8.12 -6.91 6.84
N GLN A 4959 7.40 -8.03 6.86
CA GLN A 4959 6.24 -8.12 5.98
C GLN A 4959 5.04 -7.34 6.54
N SER A 4960 4.96 -7.13 7.85
CA SER A 4960 3.92 -6.26 8.38
C SER A 4960 4.19 -4.81 8.05
N TYR A 4961 3.12 -4.02 7.95
CA TYR A 4961 3.29 -2.60 7.65
C TYR A 4961 3.61 -1.79 8.91
N SER A 4962 2.97 -2.14 10.04
CA SER A 4962 3.23 -1.45 11.29
C SER A 4962 4.65 -1.69 11.78
N ASP A 4963 5.19 -2.89 11.56
CA ASP A 4963 6.57 -3.16 11.96
C ASP A 4963 7.55 -2.39 11.08
N ALA A 4964 7.22 -2.23 9.80
CA ALA A 4964 8.06 -1.43 8.91
C ALA A 4964 8.06 0.04 9.31
N CYS A 4965 6.89 0.59 9.65
CA CYS A 4965 6.82 1.98 10.10
C CYS A 4965 7.53 2.19 11.42
N GLU A 4966 7.42 1.23 12.35
CA GLU A 4966 8.11 1.33 13.63
C GLU A 4966 9.62 1.28 13.45
N ALA A 4967 10.09 0.35 12.61
CA ALA A 4967 11.51 0.23 12.32
C ALA A 4967 12.05 1.48 11.64
N LEU A 4968 11.27 2.05 10.70
CA LEU A 4968 11.70 3.27 10.02
C LEU A 4968 11.75 4.45 10.98
N SER A 4969 10.83 4.50 11.96
CA SER A 4969 10.88 5.56 12.97
C SER A 4969 12.12 5.44 13.84
N ILE A 4970 12.44 4.20 14.25
CA ILE A 4970 13.65 3.92 15.02
C ILE A 4970 14.89 4.37 14.24
N ILE A 4971 14.97 4.02 12.95
CA ILE A 4971 16.21 4.35 12.26
C ILE A 4971 16.28 5.81 11.80
N GLU A 4972 15.15 6.53 11.66
CA GLU A 4972 15.27 7.97 11.45
C GLU A 4972 15.76 8.66 12.71
N ILE A 4973 15.29 8.22 13.89
CA ILE A 4973 15.82 8.76 15.15
C ILE A 4973 17.31 8.45 15.28
N THR A 4974 17.73 7.22 14.96
CA THR A 4974 19.13 6.89 15.17
C THR A 4974 20.04 7.53 14.12
N LEU A 4975 19.52 7.84 12.92
CA LEU A 4975 20.36 8.58 11.99
C LEU A 4975 20.43 10.05 12.35
N GLY A 4976 19.36 10.59 12.97
CA GLY A 4976 19.45 11.93 13.54
C GLY A 4976 20.48 12.03 14.65
N PHE A 4977 20.64 10.96 15.42
CA PHE A 4977 21.74 10.96 16.40
C PHE A 4977 23.11 10.77 15.73
N LEU A 4978 23.20 9.83 14.79
CA LEU A 4978 24.48 9.47 14.18
C LEU A 4978 25.03 10.54 13.23
N SER A 4979 24.18 11.43 12.72
CA SER A 4979 24.62 12.45 11.78
C SER A 4979 25.46 13.52 12.45
N THR A 4980 24.91 14.17 13.48
CA THR A 4980 25.57 15.25 14.19
C THR A 4980 26.39 14.77 15.38
N ALA A 4981 26.92 13.54 15.31
CA ALA A 4981 27.87 13.04 16.29
C ALA A 4981 28.71 11.95 15.64
N GLY A 4982 29.43 11.17 16.45
CA GLY A 4982 30.29 10.12 15.96
C GLY A 4982 29.69 8.73 16.06
N GLY A 4983 30.37 7.79 15.40
CA GLY A 4983 29.99 6.38 15.40
C GLY A 4983 31.11 5.38 15.18
N ASP A 4984 31.12 4.30 15.94
CA ASP A 4984 32.11 3.24 15.71
C ASP A 4984 31.70 2.52 14.43
N PRO A 4985 32.53 2.47 13.39
CA PRO A 4985 32.11 1.81 12.14
C PRO A 4985 32.06 0.29 12.19
N GLY A 4986 32.45 -0.38 13.28
CA GLY A 4986 32.05 -1.76 13.42
C GLY A 4986 30.73 -1.73 14.17
N MET A 4987 30.67 -2.45 15.30
CA MET A 4987 29.70 -2.28 16.38
C MET A 4987 28.26 -2.43 15.87
N ASP A 4988 27.86 -3.70 15.67
CA ASP A 4988 26.52 -4.15 15.31
C ASP A 4988 25.38 -3.36 15.94
N LEU A 4989 24.42 -2.98 15.10
CA LEU A 4989 23.54 -1.83 15.29
C LEU A 4989 22.63 -1.96 16.52
N ASN A 4990 22.34 -3.19 16.96
CA ASN A 4990 21.57 -3.36 18.18
C ASN A 4990 22.32 -2.88 19.42
N VAL A 4991 23.64 -3.11 19.51
CA VAL A 4991 24.35 -2.70 20.72
C VAL A 4991 24.57 -1.19 20.68
N TYR A 4992 24.28 -0.55 19.54
CA TYR A 4992 24.06 0.89 19.55
C TYR A 4992 22.65 1.20 20.06
N ILE A 4993 21.65 0.45 19.62
CA ILE A 4993 20.25 0.76 19.99
C ILE A 4993 20.01 0.52 21.47
N GLU A 4994 20.21 -0.72 21.95
CA GLU A 4994 19.86 -1.00 23.33
C GLU A 4994 20.86 -0.46 24.34
N GLU A 4995 22.12 -0.28 23.95
CA GLU A 4995 23.14 0.05 24.93
C GLU A 4995 23.66 1.49 24.84
N VAL A 4996 23.84 2.05 23.64
CA VAL A 4996 24.36 3.42 23.56
C VAL A 4996 23.27 4.43 23.84
N LEU A 4997 22.22 4.47 23.02
CA LEU A 4997 21.11 5.39 23.32
C LEU A 4997 20.03 4.72 24.15
N ARG A 4998 20.33 3.54 24.71
CA ARG A 4998 19.60 2.90 25.80
C ARG A 4998 18.12 2.65 25.50
N MET A 4999 17.78 2.34 24.25
CA MET A 4999 16.39 2.07 23.90
C MET A 4999 15.90 0.79 24.55
N CYS A 5000 14.65 0.81 24.99
CA CYS A 5000 14.04 -0.31 25.68
C CYS A 5000 13.56 -1.34 24.66
N ASP A 5001 12.72 -2.27 25.07
CA ASP A 5001 12.18 -3.27 24.15
C ASP A 5001 10.90 -2.74 23.53
N GLN A 5002 10.99 -2.27 22.28
CA GLN A 5002 9.81 -1.91 21.52
C GLN A 5002 9.06 -3.14 21.01
N THR A 5003 9.69 -3.92 20.12
CA THR A 5003 9.19 -5.17 19.58
C THR A 5003 10.40 -6.03 19.24
N ALA A 5004 10.25 -7.35 19.39
CA ALA A 5004 11.33 -8.28 19.06
C ALA A 5004 11.56 -8.42 17.56
N GLN A 5005 10.54 -8.14 16.74
CA GLN A 5005 10.63 -8.37 15.30
C GLN A 5005 11.64 -7.43 14.64
N VAL A 5006 11.62 -6.14 15.02
CA VAL A 5006 12.57 -5.21 14.43
C VAL A 5006 13.98 -5.46 14.92
N LEU A 5007 14.15 -6.08 16.09
CA LEU A 5007 15.49 -6.36 16.59
C LEU A 5007 16.06 -7.61 15.92
N LYS A 5008 15.22 -8.63 15.72
CA LYS A 5008 15.63 -9.77 14.90
C LYS A 5008 15.88 -9.38 13.45
N ALA A 5009 15.21 -8.31 12.98
CA ALA A 5009 15.56 -7.75 11.68
C ALA A 5009 16.94 -7.10 11.71
N PHE A 5010 17.16 -6.20 12.68
CA PHE A 5010 18.39 -5.42 12.74
C PHE A 5010 19.60 -6.18 13.26
N SER A 5011 19.45 -7.47 13.57
CA SER A 5011 20.55 -8.28 14.11
C SER A 5011 21.76 -8.38 13.17
N ARG A 5012 21.57 -8.24 11.85
CA ARG A 5012 22.68 -8.44 10.93
C ARG A 5012 23.03 -7.14 10.21
N CYS A 5013 23.12 -6.03 10.95
CA CYS A 5013 23.44 -4.74 10.35
C CYS A 5013 24.35 -3.94 11.27
N GLN A 5014 25.29 -3.20 10.68
CA GLN A 5014 26.12 -2.26 11.43
C GLN A 5014 25.80 -0.82 10.98
N LEU A 5015 26.42 0.15 11.65
CA LEU A 5015 26.08 1.54 11.45
C LEU A 5015 26.66 2.16 10.18
N ARG A 5016 27.48 1.44 9.43
CA ARG A 5016 27.94 1.94 8.14
C ARG A 5016 26.97 1.68 7.01
N HIS A 5017 25.79 1.16 7.31
CA HIS A 5017 24.78 0.80 6.32
C HIS A 5017 23.59 1.75 6.31
N ILE A 5018 23.56 2.70 7.27
CA ILE A 5018 22.34 3.41 7.70
C ILE A 5018 21.55 4.05 6.56
N ILE A 5019 22.21 4.91 5.75
CA ILE A 5019 21.51 5.61 4.67
C ILE A 5019 20.93 4.61 3.67
N ALA A 5020 21.73 3.62 3.25
CA ALA A 5020 21.22 2.58 2.36
C ALA A 5020 20.13 1.79 3.05
N LEU A 5021 20.35 1.47 4.35
CA LEU A 5021 19.33 0.83 5.15
C LEU A 5021 18.07 1.67 5.18
N TRP A 5022 18.25 3.00 5.36
CA TRP A 5022 17.13 3.93 5.42
C TRP A 5022 16.31 3.90 4.15
N GLN A 5023 17.00 3.94 2.99
CA GLN A 5023 16.25 4.10 1.75
C GLN A 5023 15.47 2.83 1.44
N PHE A 5024 16.00 1.67 1.92
CA PHE A 5024 15.31 0.40 1.72
C PHE A 5024 13.96 0.46 2.40
N LEU A 5025 13.93 0.83 3.69
CA LEU A 5025 12.66 0.81 4.41
C LEU A 5025 11.73 1.87 3.89
N SER A 5026 12.29 2.98 3.38
CA SER A 5026 11.44 4.02 2.80
C SER A 5026 10.72 3.48 1.59
N ALA A 5027 11.50 2.87 0.68
CA ALA A 5027 10.92 2.24 -0.51
C ALA A 5027 10.02 1.09 -0.09
N HIS A 5028 10.42 0.38 0.98
CA HIS A 5028 9.66 -0.80 1.40
C HIS A 5028 8.30 -0.37 1.91
N LYS A 5029 8.26 0.77 2.63
CA LYS A 5029 7.00 1.25 3.16
C LYS A 5029 6.08 1.62 2.02
N SER A 5030 6.64 2.29 1.00
CA SER A 5030 5.85 2.72 -0.13
C SER A 5030 5.39 1.51 -0.95
N GLU A 5031 6.21 0.47 -1.04
CA GLU A 5031 5.76 -0.62 -1.89
C GLU A 5031 4.76 -1.47 -1.15
N GLN A 5032 4.75 -1.42 0.20
CA GLN A 5032 3.65 -2.02 0.92
C GLN A 5032 2.37 -1.25 0.65
N ARG A 5033 2.49 0.09 0.59
CA ARG A 5033 1.36 0.92 0.18
C ARG A 5033 0.94 0.62 -1.24
N LEU A 5034 1.86 0.11 -2.08
CA LEU A 5034 1.44 -0.21 -3.44
C LEU A 5034 0.69 -1.54 -3.46
N ARG A 5035 1.09 -2.50 -2.63
CA ARG A 5035 0.50 -3.82 -2.74
C ARG A 5035 -0.73 -3.99 -1.88
N LEU A 5036 -1.01 -3.04 -0.99
CA LEU A 5036 -2.23 -3.02 -0.22
C LEU A 5036 -3.27 -2.06 -0.79
N ASN A 5037 -2.99 -1.48 -1.97
CA ASN A 5037 -3.88 -0.61 -2.74
C ASN A 5037 -4.31 0.62 -1.95
N LYS A 5038 -3.34 1.45 -1.60
CA LYS A 5038 -3.58 2.67 -0.85
C LYS A 5038 -3.07 3.88 -1.62
N GLU A 5039 -3.52 5.07 -1.19
CA GLU A 5039 -2.99 6.31 -1.71
C GLU A 5039 -1.61 6.52 -1.07
N LEU A 5040 -0.56 6.41 -1.86
CA LEU A 5040 0.76 6.07 -1.34
C LEU A 5040 1.73 7.23 -1.22
N PHE A 5041 1.36 8.44 -1.64
CA PHE A 5041 2.24 9.57 -1.36
C PHE A 5041 1.61 10.66 -0.52
N ARG A 5042 0.45 11.20 -0.92
CA ARG A 5042 -0.47 11.99 -0.10
C ARG A 5042 0.07 13.35 0.35
N GLU A 5043 1.32 13.67 0.05
CA GLU A 5043 1.98 14.85 0.57
C GLU A 5043 2.67 15.63 -0.54
N ILE A 5044 3.03 14.93 -1.61
CA ILE A 5044 3.69 15.55 -2.76
C ILE A 5044 2.69 16.36 -3.58
N ASP A 5045 3.22 17.17 -4.50
CA ASP A 5045 2.40 18.06 -5.32
C ASP A 5045 1.56 17.26 -6.32
N VAL A 5046 0.39 17.82 -6.65
CA VAL A 5046 -0.48 17.23 -7.66
C VAL A 5046 0.12 17.39 -9.06
N GLN A 5047 1.01 18.37 -9.23
CA GLN A 5047 1.69 18.59 -10.51
C GLN A 5047 2.52 17.39 -10.96
N TYR A 5048 3.12 16.68 -10.00
CA TYR A 5048 3.90 15.50 -10.33
C TYR A 5048 3.06 14.23 -10.44
N LYS A 5049 1.78 14.28 -10.07
CA LYS A 5049 0.94 13.08 -9.99
C LYS A 5049 0.07 12.96 -11.24
N GLU A 5050 0.71 12.74 -12.39
CA GLU A 5050 -0.03 12.57 -13.63
C GLU A 5050 0.31 11.24 -14.29
N GLU A 5051 -0.53 10.86 -15.25
CA GLU A 5051 -0.43 9.58 -15.94
C GLU A 5051 0.54 9.65 -17.12
N LEU A 5052 1.15 8.51 -17.41
CA LEU A 5052 1.86 8.33 -18.68
C LEU A 5052 0.85 8.20 -19.81
N SER A 5053 1.25 8.58 -21.02
CA SER A 5053 0.47 8.18 -22.19
C SER A 5053 0.83 6.76 -22.61
N THR A 5054 0.20 6.28 -23.68
CA THR A 5054 0.37 4.87 -24.07
C THR A 5054 1.75 4.65 -24.69
N GLN A 5055 2.23 5.64 -25.46
CA GLN A 5055 3.53 5.52 -26.10
C GLN A 5055 4.65 5.58 -25.05
N HIS A 5056 4.49 6.48 -24.08
CA HIS A 5056 5.47 6.61 -23.02
C HIS A 5056 5.50 5.37 -22.13
N GLN A 5057 4.35 4.76 -21.88
CA GLN A 5057 4.40 3.57 -21.03
C GLN A 5057 4.82 2.32 -21.81
N ARG A 5058 4.68 2.32 -23.14
CA ARG A 5058 5.27 1.23 -23.91
C ARG A 5058 6.79 1.33 -23.95
N LEU A 5059 7.34 2.53 -24.16
CA LEU A 5059 8.79 2.70 -24.06
C LEU A 5059 9.31 2.49 -22.64
N LEU A 5060 8.51 2.84 -21.62
CA LEU A 5060 8.87 2.55 -20.24
C LEU A 5060 8.93 1.05 -19.99
N GLY A 5061 7.96 0.30 -20.51
CA GLY A 5061 7.99 -1.16 -20.39
C GLY A 5061 9.16 -1.78 -21.14
N THR A 5062 9.52 -1.19 -22.29
CA THR A 5062 10.71 -1.60 -23.02
C THR A 5062 11.97 -1.38 -22.19
N PHE A 5063 12.02 -0.29 -21.42
CA PHE A 5063 13.13 -0.11 -20.48
C PHE A 5063 13.10 -1.14 -19.37
N LEU A 5064 11.92 -1.38 -18.79
CA LEU A 5064 11.80 -2.21 -17.60
C LEU A 5064 11.99 -3.68 -17.91
N ASN A 5065 11.91 -4.07 -19.18
CA ASN A 5065 12.22 -5.44 -19.55
C ASN A 5065 13.70 -5.76 -19.35
N GLU A 5066 14.57 -4.76 -19.47
CA GLU A 5066 16.00 -4.92 -19.16
C GLU A 5066 16.41 -3.81 -18.18
N ALA A 5067 16.24 -4.08 -16.89
CA ALA A 5067 16.48 -3.06 -15.88
C ALA A 5067 16.80 -3.70 -14.54
N GLY A 5068 17.75 -3.10 -13.83
CA GLY A 5068 18.02 -3.43 -12.43
C GLY A 5068 17.06 -2.69 -11.52
N LEU A 5069 15.83 -3.23 -11.41
CA LEU A 5069 14.75 -2.59 -10.66
C LEU A 5069 15.10 -2.34 -9.20
N ASP A 5070 15.84 -3.27 -8.56
CA ASP A 5070 16.11 -3.20 -7.14
C ASP A 5070 16.95 -2.00 -6.72
N ALA A 5071 17.72 -1.42 -7.64
CA ALA A 5071 18.40 -0.16 -7.37
C ALA A 5071 17.75 1.02 -8.07
N PHE A 5072 17.13 0.80 -9.24
CA PHE A 5072 16.44 1.85 -9.98
C PHE A 5072 15.30 2.47 -9.18
N LEU A 5073 14.34 1.65 -8.75
CA LEU A 5073 13.20 2.22 -8.03
C LEU A 5073 13.57 2.65 -6.62
N LEU A 5074 14.65 2.08 -6.06
CA LEU A 5074 15.17 2.51 -4.78
C LEU A 5074 15.70 3.93 -4.85
N GLU A 5075 16.54 4.19 -5.87
CA GLU A 5075 17.09 5.52 -6.08
C GLU A 5075 16.00 6.50 -6.48
N LEU A 5076 15.02 6.04 -7.26
CA LEU A 5076 13.94 6.92 -7.65
C LEU A 5076 13.04 7.29 -6.47
N HIS A 5077 12.73 6.35 -5.58
CA HIS A 5077 11.90 6.68 -4.43
C HIS A 5077 12.60 7.56 -3.40
N GLU A 5078 13.91 7.34 -3.18
CA GLU A 5078 14.68 8.27 -2.33
C GLU A 5078 14.65 9.67 -2.95
N MET A 5079 14.80 9.75 -4.28
CA MET A 5079 14.81 11.04 -4.96
C MET A 5079 13.44 11.73 -4.82
N ILE A 5080 12.36 10.96 -4.88
CA ILE A 5080 11.02 11.53 -4.76
C ILE A 5080 10.79 12.08 -3.34
N VAL A 5081 11.16 11.29 -2.31
CA VAL A 5081 10.87 11.72 -0.94
C VAL A 5081 11.99 12.62 -0.40
N LEU A 5082 13.04 12.87 -1.19
CA LEU A 5082 14.06 13.83 -0.82
C LEU A 5082 13.97 15.14 -1.59
N LYS A 5083 13.38 15.16 -2.78
CA LYS A 5083 13.38 16.37 -3.59
C LYS A 5083 11.98 16.89 -3.90
N LEU A 5084 11.04 15.99 -4.15
CA LEU A 5084 9.67 16.34 -4.53
C LEU A 5084 8.77 16.40 -3.29
N LYS A 5085 9.13 17.29 -2.35
CA LYS A 5085 8.58 17.20 -1.00
C LYS A 5085 7.13 17.65 -0.93
N GLY A 5086 6.69 18.52 -1.83
CA GLY A 5086 5.34 19.04 -1.74
C GLY A 5086 5.21 20.53 -1.97
N PRO A 5087 4.80 21.26 -0.93
CA PRO A 5087 4.73 22.72 -1.02
C PRO A 5087 6.11 23.35 -1.12
N ARG A 5088 6.23 24.29 -2.07
CA ARG A 5088 7.50 24.85 -2.54
C ARG A 5088 8.47 23.73 -2.95
N ALA A 5089 8.07 23.03 -4.00
CA ALA A 5089 8.95 22.06 -4.65
C ALA A 5089 9.18 22.36 -6.13
N ALA A 5090 8.46 23.32 -6.71
CA ALA A 5090 8.72 23.76 -8.08
C ALA A 5090 9.75 24.87 -8.16
N ASN A 5091 10.60 25.01 -7.13
CA ASN A 5091 11.60 26.06 -7.10
C ASN A 5091 12.74 25.75 -8.06
N SER A 5092 13.39 24.60 -7.88
CA SER A 5092 14.45 24.12 -8.75
C SER A 5092 14.06 22.87 -9.53
N PHE A 5093 12.79 22.48 -9.48
CA PHE A 5093 12.31 21.18 -9.95
C PHE A 5093 11.05 21.36 -10.77
N ASN A 5094 11.17 22.25 -11.77
CA ASN A 5094 10.27 22.56 -12.88
C ASN A 5094 9.64 21.29 -13.43
N PRO A 5095 8.30 21.21 -13.48
CA PRO A 5095 7.63 20.04 -14.05
C PRO A 5095 7.51 20.06 -15.57
N ASN A 5096 8.61 20.40 -16.24
CA ASN A 5096 8.73 20.22 -17.67
C ASN A 5096 10.10 19.70 -18.10
N TRP A 5097 10.99 19.40 -17.15
CA TRP A 5097 12.25 18.74 -17.48
C TRP A 5097 12.00 17.26 -17.77
N SER A 5098 13.05 16.56 -18.19
CA SER A 5098 12.97 15.11 -18.34
C SER A 5098 13.47 14.41 -17.08
N LEU A 5099 12.89 13.23 -16.81
CA LEU A 5099 13.28 12.45 -15.64
C LEU A 5099 14.69 11.86 -15.79
N LYS A 5100 15.09 11.55 -17.03
CA LYS A 5100 16.40 10.96 -17.29
C LYS A 5100 17.53 11.92 -16.97
N ASP A 5101 17.41 13.18 -17.38
CA ASP A 5101 18.47 14.15 -17.17
C ASP A 5101 18.64 14.48 -15.70
N THR A 5102 17.53 14.67 -14.97
CA THR A 5102 17.65 14.94 -13.55
C THR A 5102 18.10 13.71 -12.77
N LEU A 5103 17.80 12.50 -13.26
CA LEU A 5103 18.26 11.32 -12.54
C LEU A 5103 19.74 11.06 -12.78
N VAL A 5104 20.24 11.28 -14.00
CA VAL A 5104 21.66 11.07 -14.23
C VAL A 5104 22.48 12.20 -13.60
N SER A 5105 21.88 13.38 -13.44
CA SER A 5105 22.59 14.48 -12.80
C SER A 5105 22.60 14.30 -11.30
N TYR A 5106 21.54 13.72 -10.74
CA TYR A 5106 21.53 13.42 -9.31
C TYR A 5106 22.50 12.27 -9.04
N MET A 5107 22.58 11.29 -9.95
CA MET A 5107 23.33 10.08 -9.70
C MET A 5107 24.68 10.15 -10.42
N GLU A 5108 25.20 11.37 -10.60
CA GLU A 5108 26.60 11.56 -10.91
C GLU A 5108 27.29 12.32 -9.77
N THR A 5109 26.51 12.75 -8.78
CA THR A 5109 27.02 13.41 -7.59
C THR A 5109 27.79 12.46 -6.69
N LYS A 5110 27.15 11.38 -6.25
CA LYS A 5110 27.69 10.49 -5.24
C LYS A 5110 27.90 9.06 -5.72
N ASP A 5111 26.92 8.47 -6.38
CA ASP A 5111 26.89 7.03 -6.53
C ASP A 5111 27.84 6.54 -7.62
N SER A 5112 28.47 5.40 -7.35
CA SER A 5112 29.29 4.67 -8.32
C SER A 5112 28.55 3.40 -8.73
N ASP A 5113 27.22 3.54 -8.82
CA ASP A 5113 26.29 2.49 -9.19
C ASP A 5113 26.21 2.26 -10.69
N ILE A 5114 25.14 1.59 -11.09
CA ILE A 5114 24.84 1.19 -12.46
C ILE A 5114 24.47 2.45 -13.27
N LEU A 5115 25.47 2.97 -14.00
CA LEU A 5115 25.45 4.27 -14.68
C LEU A 5115 25.45 4.21 -16.21
N SER A 5116 26.14 3.26 -16.82
CA SER A 5116 26.03 3.07 -18.27
C SER A 5116 24.63 2.63 -18.69
N GLU A 5117 23.93 1.93 -17.81
CA GLU A 5117 22.58 1.45 -18.07
C GLU A 5117 21.59 2.60 -18.18
N VAL A 5118 21.61 3.55 -17.25
CA VAL A 5118 20.69 4.66 -17.47
C VAL A 5118 21.16 5.70 -18.49
N GLU A 5119 22.42 5.66 -18.95
CA GLU A 5119 22.79 6.59 -20.01
C GLU A 5119 22.54 6.12 -21.45
N SER A 5120 22.82 4.85 -21.82
CA SER A 5120 22.63 4.57 -23.26
C SER A 5120 21.30 3.95 -23.66
N GLN A 5121 20.49 3.47 -22.73
CA GLN A 5121 19.25 2.76 -23.05
C GLN A 5121 18.00 3.41 -22.46
N PHE A 5122 18.13 4.28 -21.43
CA PHE A 5122 16.92 4.84 -20.86
C PHE A 5122 16.37 5.92 -21.78
N PRO A 5123 15.06 6.05 -21.87
CA PRO A 5123 14.45 7.07 -22.73
C PRO A 5123 14.71 8.51 -22.30
N GLU A 5124 15.02 9.33 -23.30
CA GLU A 5124 15.49 10.70 -23.13
C GLU A 5124 14.36 11.68 -22.81
N GLU A 5125 13.11 11.26 -22.95
CA GLU A 5125 11.94 12.15 -22.92
C GLU A 5125 10.83 11.59 -22.04
N ILE A 5126 11.20 11.17 -20.81
CA ILE A 5126 10.22 10.63 -19.88
C ILE A 5126 9.37 11.76 -19.31
N LEU A 5127 9.87 13.00 -19.37
CA LEU A 5127 9.20 14.24 -19.02
C LEU A 5127 8.82 14.23 -17.53
N MET A 5128 9.81 14.57 -16.70
CA MET A 5128 9.92 14.40 -15.23
C MET A 5128 8.61 14.55 -14.47
N SER A 5129 7.72 15.46 -14.91
CA SER A 5129 6.43 15.71 -14.26
C SER A 5129 5.54 14.48 -14.16
N SER A 5130 5.77 13.45 -14.98
CA SER A 5130 5.24 12.12 -14.73
C SER A 5130 6.31 11.27 -14.05
N CYS A 5131 6.53 11.57 -12.78
CA CYS A 5131 7.58 10.92 -12.00
C CYS A 5131 7.08 9.69 -11.27
N ILE A 5132 6.05 9.86 -10.43
CA ILE A 5132 5.73 8.78 -9.52
C ILE A 5132 4.90 7.69 -10.18
N SER A 5133 4.27 7.95 -11.32
CA SER A 5133 3.61 6.86 -12.05
C SER A 5133 4.61 5.91 -12.70
N VAL A 5134 5.77 6.44 -13.09
CA VAL A 5134 6.90 5.59 -13.50
C VAL A 5134 7.35 4.71 -12.34
N TRP A 5135 7.36 5.28 -11.13
CA TRP A 5135 7.71 4.50 -9.95
C TRP A 5135 6.65 3.46 -9.64
N LYS A 5136 5.38 3.80 -9.83
CA LYS A 5136 4.30 2.84 -9.59
C LYS A 5136 4.39 1.67 -10.55
N ILE A 5137 4.72 1.94 -11.82
CA ILE A 5137 4.83 0.85 -12.80
C ILE A 5137 6.07 0.00 -12.50
N ALA A 5138 7.18 0.63 -12.13
CA ALA A 5138 8.40 -0.11 -11.80
C ALA A 5138 8.23 -0.95 -10.54
N ALA A 5139 7.59 -0.39 -9.51
CA ALA A 5139 7.40 -1.11 -8.27
C ALA A 5139 6.32 -2.19 -8.39
N THR A 5140 5.31 -1.99 -9.25
CA THR A 5140 4.35 -3.07 -9.41
C THR A 5140 4.92 -4.18 -10.30
N ARG A 5141 5.90 -3.87 -11.16
CA ARG A 5141 6.59 -4.95 -11.86
C ARG A 5141 7.52 -5.69 -10.91
N LYS A 5142 8.18 -4.97 -10.01
CA LYS A 5142 8.98 -5.60 -8.95
C LYS A 5142 8.11 -6.49 -8.06
N TRP A 5143 6.91 -6.03 -7.70
CA TRP A 5143 6.02 -6.80 -6.85
C TRP A 5143 5.45 -8.01 -7.58
N ASP A 5144 5.19 -7.90 -8.88
CA ASP A 5144 4.74 -9.05 -9.65
C ASP A 5144 5.85 -10.09 -9.78
N ARG A 5145 7.10 -9.63 -9.93
CA ARG A 5145 8.22 -10.57 -9.99
C ARG A 5145 8.46 -11.27 -8.66
N GLN A 5146 8.45 -10.53 -7.55
CA GLN A 5146 8.78 -11.17 -6.28
C GLN A 5146 7.58 -11.79 -5.58
N SER A 5147 6.37 -11.66 -6.12
CA SER A 5147 5.21 -12.27 -5.49
C SER A 5147 4.52 -13.30 -6.37
N ARG A 5148 4.31 -12.97 -7.66
CA ARG A 5148 3.67 -13.91 -8.57
C ARG A 5148 4.58 -15.09 -8.88
N GLY A 5149 5.89 -14.84 -8.96
CA GLY A 5149 6.85 -15.90 -9.17
C GLY A 5149 7.10 -16.74 -7.94
N GLY A 5150 7.31 -16.08 -6.80
CA GLY A 5150 7.56 -16.78 -5.55
C GLY A 5150 6.68 -16.30 -4.41
N SER B 12 29.22 22.60 -2.09
CA SER B 12 29.27 21.30 -1.43
C SER B 12 30.27 20.37 -2.11
N MET B 13 30.58 19.26 -1.45
CA MET B 13 31.46 18.26 -2.03
C MET B 13 30.83 17.56 -3.23
N ALA B 14 29.50 17.38 -3.23
CA ALA B 14 28.82 16.75 -4.36
C ALA B 14 29.00 17.58 -5.63
N ALA B 15 28.82 18.89 -5.50
CA ALA B 15 29.07 19.83 -6.59
C ALA B 15 30.52 19.76 -7.03
N SER B 16 31.45 19.70 -6.05
CA SER B 16 32.88 19.78 -6.34
C SER B 16 33.39 18.57 -7.11
N ARG B 17 32.88 17.36 -6.83
CA ARG B 17 33.36 16.21 -7.61
C ARG B 17 32.93 16.30 -9.07
N ARG B 18 31.69 16.76 -9.32
CA ARG B 18 31.22 16.91 -10.70
C ARG B 18 32.01 17.98 -11.43
N LEU B 19 32.18 19.16 -10.82
CA LEU B 19 32.99 20.21 -11.44
C LEU B 19 34.43 19.76 -11.68
N MET B 20 35.01 19.00 -10.73
CA MET B 20 36.34 18.44 -10.90
C MET B 20 36.41 17.52 -12.11
N LYS B 21 35.39 16.67 -12.29
CA LYS B 21 35.35 15.76 -13.43
C LYS B 21 35.22 16.52 -14.75
N GLU B 22 34.32 17.52 -14.78
CA GLU B 22 34.13 18.33 -15.97
C GLU B 22 35.40 19.08 -16.35
N LEU B 23 36.09 19.67 -15.36
CA LEU B 23 37.34 20.37 -15.65
C LEU B 23 38.38 19.42 -16.19
N GLU B 24 38.53 18.22 -15.58
CA GLU B 24 39.44 17.20 -16.10
C GLU B 24 39.15 16.87 -17.55
N GLU B 25 37.87 16.68 -17.89
CA GLU B 25 37.50 16.30 -19.26
C GLU B 25 37.81 17.43 -20.24
N ILE B 26 37.48 18.67 -19.85
CA ILE B 26 37.76 19.85 -20.67
C ILE B 26 39.27 20.01 -20.87
N ARG B 27 40.08 19.87 -19.81
CA ARG B 27 41.52 20.02 -19.94
C ARG B 27 42.15 18.89 -20.72
N LYS B 28 41.53 17.70 -20.75
CA LYS B 28 42.13 16.63 -21.54
C LYS B 28 41.78 16.78 -23.01
N SER B 29 40.52 17.13 -23.33
CA SER B 29 40.16 17.26 -24.74
C SER B 29 40.75 18.51 -25.36
N GLY B 30 40.71 19.62 -24.64
CA GLY B 30 41.00 20.93 -25.16
C GLY B 30 39.84 21.52 -25.94
N MET B 31 39.87 22.84 -26.11
CA MET B 31 38.92 23.51 -27.00
C MET B 31 39.58 24.42 -28.02
N LYS B 32 40.84 24.81 -27.84
CA LYS B 32 41.68 25.65 -28.69
C LYS B 32 41.23 27.12 -28.74
N ASN B 33 40.18 27.50 -28.01
CA ASN B 33 39.73 28.87 -27.97
C ASN B 33 39.37 29.38 -26.57
N PHE B 34 39.36 28.51 -25.56
CA PHE B 34 39.19 28.91 -24.17
C PHE B 34 40.38 28.31 -23.41
N ARG B 35 41.29 29.16 -22.95
CA ARG B 35 42.58 28.70 -22.44
C ARG B 35 42.84 29.23 -21.04
N ASN B 36 43.95 28.74 -20.47
CA ASN B 36 44.57 29.18 -19.20
C ASN B 36 43.58 29.18 -18.04
N ILE B 37 42.76 28.13 -17.97
CA ILE B 37 41.77 27.98 -16.91
C ILE B 37 42.47 27.81 -15.56
N GLN B 38 42.14 28.67 -14.60
CA GLN B 38 42.77 28.65 -13.28
C GLN B 38 41.65 28.51 -12.27
N VAL B 39 41.71 27.47 -11.44
CA VAL B 39 40.69 27.22 -10.42
C VAL B 39 41.39 26.82 -9.13
N ASP B 40 41.07 27.53 -8.05
CA ASP B 40 41.52 27.15 -6.72
C ASP B 40 40.87 25.85 -6.27
N GLU B 41 41.71 24.89 -5.88
CA GLU B 41 41.28 23.57 -5.46
C GLU B 41 40.39 23.59 -4.22
N ALA B 42 40.52 24.61 -3.37
CA ALA B 42 39.68 24.65 -2.17
C ALA B 42 38.26 25.13 -2.43
N ASN B 43 37.98 25.71 -3.61
CA ASN B 43 36.64 26.24 -3.89
C ASN B 43 36.34 26.02 -5.38
N LEU B 44 35.72 24.89 -5.71
CA LEU B 44 35.49 24.51 -7.09
C LEU B 44 34.33 25.25 -7.73
N LEU B 45 33.60 26.06 -6.96
CA LEU B 45 32.43 26.79 -7.43
C LEU B 45 32.78 28.06 -8.18
N THR B 46 34.06 28.46 -8.22
CA THR B 46 34.49 29.60 -9.01
C THR B 46 35.65 29.20 -9.93
N TRP B 47 35.44 29.39 -11.24
CA TRP B 47 36.44 29.19 -12.27
C TRP B 47 36.74 30.53 -12.93
N GLN B 48 37.97 30.68 -13.43
CA GLN B 48 38.32 31.80 -14.30
C GLN B 48 38.94 31.28 -15.58
N GLY B 49 38.77 32.02 -16.67
CA GLY B 49 39.49 31.67 -17.88
C GLY B 49 39.54 32.78 -18.91
N LEU B 50 40.20 32.49 -20.03
CA LEU B 50 40.50 33.45 -21.09
C LEU B 50 39.73 33.07 -22.34
N ILE B 51 38.80 33.93 -22.76
CA ILE B 51 38.15 33.79 -24.07
C ILE B 51 39.08 34.29 -25.18
N VAL B 52 39.38 33.41 -26.12
CA VAL B 52 40.27 33.72 -27.25
C VAL B 52 39.39 33.63 -28.49
N PRO B 53 38.76 34.72 -28.94
CA PRO B 53 37.84 34.62 -30.08
C PRO B 53 38.55 34.37 -31.39
N ASP B 54 37.82 33.77 -32.34
CA ASP B 54 38.37 33.57 -33.67
C ASP B 54 37.90 34.58 -34.70
N ASN B 55 36.67 35.10 -34.57
CA ASN B 55 36.12 36.02 -35.55
C ASN B 55 36.57 37.46 -35.28
N PRO B 56 36.82 38.25 -36.31
CA PRO B 56 36.80 39.70 -36.17
C PRO B 56 35.39 40.17 -35.88
N PRO B 57 35.20 41.37 -35.28
CA PRO B 57 36.08 42.50 -34.92
C PRO B 57 36.72 42.37 -33.55
N TYR B 58 36.69 41.16 -32.98
CA TYR B 58 37.11 40.94 -31.61
C TYR B 58 38.43 40.18 -31.51
N ASP B 59 39.03 39.82 -32.64
CA ASP B 59 40.14 38.88 -32.70
C ASP B 59 41.49 39.52 -32.37
N LYS B 60 41.52 40.80 -32.04
CA LYS B 60 42.78 41.43 -31.63
C LYS B 60 43.07 41.30 -30.13
N GLY B 61 42.13 40.78 -29.34
CA GLY B 61 42.35 40.64 -27.92
C GLY B 61 41.76 39.34 -27.36
N ALA B 62 41.88 39.22 -26.04
CA ALA B 62 41.33 38.11 -25.27
C ALA B 62 40.54 38.70 -24.12
N PHE B 63 39.60 37.93 -23.56
CA PHE B 63 38.68 38.49 -22.58
C PHE B 63 38.56 37.53 -21.40
N ARG B 64 39.07 37.96 -20.25
CA ARG B 64 38.98 37.16 -19.03
C ARG B 64 37.53 37.10 -18.54
N ILE B 65 37.06 35.89 -18.23
CA ILE B 65 35.77 35.69 -17.56
C ILE B 65 35.93 34.93 -16.26
N GLU B 66 34.92 35.07 -15.40
CA GLU B 66 34.79 34.31 -14.17
C GLU B 66 33.43 33.63 -14.15
N ILE B 67 33.40 32.35 -13.80
CA ILE B 67 32.17 31.57 -13.71
C ILE B 67 31.95 31.22 -12.25
N ASN B 68 30.80 31.61 -11.70
CA ASN B 68 30.45 31.31 -10.32
C ASN B 68 29.28 30.33 -10.34
N PHE B 69 29.53 29.10 -9.85
CA PHE B 69 28.53 28.04 -9.80
C PHE B 69 27.83 28.03 -8.45
N PRO B 70 26.51 27.96 -8.40
CA PRO B 70 25.82 27.87 -7.12
C PRO B 70 25.96 26.46 -6.55
N ALA B 71 25.85 26.35 -5.23
CA ALA B 71 26.08 25.06 -4.58
C ALA B 71 25.06 23.99 -4.98
N GLU B 72 23.87 24.41 -5.43
CA GLU B 72 22.80 23.52 -5.85
C GLU B 72 22.94 23.03 -7.29
N TYR B 73 23.96 23.48 -8.03
CA TYR B 73 24.28 22.97 -9.36
C TYR B 73 24.38 21.44 -9.33
N PRO B 74 23.86 20.73 -10.35
CA PRO B 74 23.25 21.21 -11.60
C PRO B 74 21.75 21.48 -11.53
N PHE B 75 21.19 21.60 -10.35
CA PHE B 75 19.76 21.86 -10.23
C PHE B 75 19.46 23.35 -10.34
N LYS B 76 20.47 24.19 -10.26
CA LYS B 76 20.40 25.61 -10.58
C LYS B 76 21.49 25.91 -11.61
N PRO B 77 21.28 26.90 -12.46
CA PRO B 77 22.28 27.20 -13.49
C PRO B 77 23.48 27.95 -12.95
N PRO B 78 24.62 27.88 -13.63
CA PRO B 78 25.76 28.75 -13.28
C PRO B 78 25.52 30.20 -13.68
N LYS B 79 26.28 31.11 -13.05
CA LYS B 79 26.30 32.49 -13.50
C LYS B 79 27.69 32.83 -14.02
N ILE B 80 27.74 33.56 -15.13
CA ILE B 80 28.97 33.93 -15.81
C ILE B 80 29.10 35.45 -15.79
N THR B 81 30.27 35.96 -15.39
CA THR B 81 30.57 37.38 -15.45
C THR B 81 31.85 37.58 -16.25
N PHE B 82 31.98 38.77 -16.86
CA PHE B 82 33.17 39.14 -17.61
C PHE B 82 34.04 40.07 -16.78
N LYS B 83 35.34 39.79 -16.73
CA LYS B 83 36.26 40.65 -16.00
C LYS B 83 37.00 41.62 -16.91
N THR B 84 36.99 41.36 -18.21
CA THR B 84 37.59 42.22 -19.22
C THR B 84 36.47 42.98 -19.91
N LYS B 85 36.63 44.30 -20.03
CA LYS B 85 35.72 45.12 -20.81
C LYS B 85 35.64 44.65 -22.26
N ILE B 86 34.42 44.58 -22.78
CA ILE B 86 34.17 44.20 -24.16
C ILE B 86 33.05 45.08 -24.72
N TYR B 87 33.10 45.33 -26.02
CA TYR B 87 32.13 46.17 -26.71
C TYR B 87 31.21 45.24 -27.50
N HIS B 88 30.10 44.85 -26.89
CA HIS B 88 29.26 43.81 -27.44
C HIS B 88 27.84 44.15 -27.02
N PRO B 89 26.86 44.08 -27.92
CA PRO B 89 25.49 44.45 -27.55
C PRO B 89 24.82 43.51 -26.56
N ASN B 90 25.33 42.29 -26.38
CA ASN B 90 24.70 41.33 -25.49
C ASN B 90 25.37 41.24 -24.13
N ILE B 91 26.32 42.13 -23.84
CA ILE B 91 27.13 42.07 -22.62
C ILE B 91 27.17 43.46 -22.02
N ASP B 92 26.74 43.57 -20.76
CA ASP B 92 26.56 44.89 -20.16
C ASP B 92 27.88 45.40 -19.57
N GLU B 93 27.86 46.62 -19.04
CA GLU B 93 29.10 47.26 -18.58
C GLU B 93 29.64 46.64 -17.31
N LYS B 94 28.86 45.84 -16.59
CA LYS B 94 29.33 45.11 -15.42
C LYS B 94 29.82 43.71 -15.75
N GLY B 95 29.91 43.38 -17.03
CA GLY B 95 30.36 42.08 -17.47
C GLY B 95 29.37 40.94 -17.35
N GLN B 96 28.10 41.24 -17.02
CA GLN B 96 27.08 40.20 -17.04
C GLN B 96 26.68 39.93 -18.49
N VAL B 97 26.27 38.70 -18.79
CA VAL B 97 25.94 38.28 -20.14
C VAL B 97 24.66 37.45 -20.11
N CYS B 98 23.84 37.57 -21.16
CA CYS B 98 22.61 36.81 -21.30
C CYS B 98 22.88 35.63 -22.22
N LEU B 99 22.87 34.42 -21.67
CA LEU B 99 23.11 33.20 -22.40
C LEU B 99 21.91 32.27 -22.25
N PRO B 100 21.00 32.22 -23.25
CA PRO B 100 19.72 31.51 -23.09
C PRO B 100 19.83 30.06 -22.63
N VAL B 101 20.88 29.35 -23.07
CA VAL B 101 21.09 27.95 -22.72
C VAL B 101 21.29 27.74 -21.21
N ILE B 102 21.68 28.79 -20.48
CA ILE B 102 21.81 28.70 -19.03
C ILE B 102 20.82 29.61 -18.30
N SER B 103 19.83 30.15 -19.01
CA SER B 103 18.79 30.89 -18.31
C SER B 103 17.96 29.90 -17.50
N ALA B 104 17.46 30.36 -16.34
CA ALA B 104 16.79 29.49 -15.38
C ALA B 104 15.57 28.78 -15.95
N GLU B 105 14.79 29.47 -16.79
CA GLU B 105 13.61 28.83 -17.35
C GLU B 105 13.91 27.87 -18.50
N ASN B 106 15.08 27.99 -19.13
CA ASN B 106 15.46 27.08 -20.21
C ASN B 106 16.37 25.96 -19.70
N TRP B 107 16.98 26.13 -18.52
CA TRP B 107 18.02 25.23 -18.03
C TRP B 107 17.54 23.79 -17.86
N LYS B 108 18.35 22.85 -18.36
CA LYS B 108 18.21 21.43 -18.08
C LYS B 108 19.52 20.87 -17.51
N PRO B 109 19.44 19.92 -16.56
CA PRO B 109 20.65 19.53 -15.82
C PRO B 109 21.72 18.83 -16.66
N ALA B 110 21.34 18.27 -17.81
CA ALA B 110 22.28 17.49 -18.63
C ALA B 110 23.32 18.36 -19.31
N THR B 111 23.08 19.67 -19.41
CA THR B 111 23.97 20.59 -20.12
C THR B 111 25.36 20.60 -19.47
N LYS B 112 26.38 20.42 -20.30
CA LYS B 112 27.76 20.40 -19.86
C LYS B 112 28.42 21.75 -20.05
N THR B 113 29.43 22.03 -19.20
CA THR B 113 30.14 23.30 -19.21
C THR B 113 30.77 23.60 -20.57
N ASP B 114 31.25 22.58 -21.28
CA ASP B 114 31.87 22.79 -22.58
C ASP B 114 30.87 23.29 -23.63
N GLN B 115 29.63 22.79 -23.57
CA GLN B 115 28.56 23.30 -24.42
C GLN B 115 28.24 24.76 -24.10
N VAL B 116 28.24 25.11 -22.81
CA VAL B 116 28.00 26.49 -22.37
C VAL B 116 29.08 27.41 -22.89
N ILE B 117 30.35 26.97 -22.78
CA ILE B 117 31.47 27.76 -23.25
C ILE B 117 31.42 27.92 -24.78
N GLN B 118 31.14 26.84 -25.51
CA GLN B 118 31.02 26.93 -26.96
C GLN B 118 29.89 27.87 -27.39
N SER B 119 28.76 27.83 -26.66
CA SER B 119 27.65 28.76 -26.92
C SER B 119 28.04 30.22 -26.67
N LEU B 120 28.74 30.50 -25.56
CA LEU B 120 29.15 31.88 -25.29
C LEU B 120 30.16 32.37 -26.34
N ILE B 121 31.12 31.51 -26.71
CA ILE B 121 32.12 31.89 -27.71
C ILE B 121 31.44 32.18 -29.04
N ALA B 122 30.47 31.33 -29.42
CA ALA B 122 29.66 31.55 -30.62
C ALA B 122 28.93 32.89 -30.56
N LEU B 123 28.35 33.21 -29.39
CA LEU B 123 27.61 34.47 -29.24
C LEU B 123 28.55 35.68 -29.35
N VAL B 124 29.72 35.60 -28.73
CA VAL B 124 30.73 36.66 -28.84
C VAL B 124 31.17 36.84 -30.29
N ASN B 125 31.39 35.73 -30.99
CA ASN B 125 31.89 35.78 -32.37
C ASN B 125 30.82 36.29 -33.32
N ASP B 126 29.55 36.07 -33.02
CA ASP B 126 28.44 36.53 -33.85
C ASP B 126 27.36 37.11 -32.95
N PRO B 127 27.37 38.43 -32.74
CA PRO B 127 26.39 39.10 -31.86
C PRO B 127 24.94 38.89 -32.29
N GLN B 128 24.04 39.02 -31.33
CA GLN B 128 22.59 38.85 -31.54
C GLN B 128 21.86 40.12 -31.12
N PRO B 129 21.80 41.11 -32.03
CA PRO B 129 21.27 42.45 -31.67
C PRO B 129 19.82 42.48 -31.21
N GLU B 130 19.01 41.52 -31.64
CA GLU B 130 17.59 41.47 -31.29
C GLU B 130 17.28 41.31 -29.80
N HIS B 131 18.22 40.84 -28.98
CA HIS B 131 17.99 40.71 -27.54
C HIS B 131 19.15 41.27 -26.73
N PRO B 132 19.35 42.59 -26.75
CA PRO B 132 20.60 43.15 -26.23
C PRO B 132 20.53 43.53 -24.75
N LEU B 133 21.71 43.55 -24.13
CA LEU B 133 21.90 44.24 -22.85
C LEU B 133 22.22 45.72 -23.02
N ARG B 134 22.84 46.08 -24.14
CA ARG B 134 23.17 47.46 -24.48
C ARG B 134 22.43 47.81 -25.76
N ALA B 135 21.21 48.35 -25.60
CA ALA B 135 20.34 48.69 -26.74
C ALA B 135 20.97 49.74 -27.65
N ASP B 136 21.85 50.60 -27.11
CA ASP B 136 22.51 51.61 -27.93
C ASP B 136 23.52 50.96 -28.88
N LEU B 137 24.29 50.00 -28.37
CA LEU B 137 25.20 49.23 -29.22
C LEU B 137 24.43 48.43 -30.27
N ALA B 138 23.28 47.86 -29.89
CA ALA B 138 22.43 47.13 -30.83
C ALA B 138 21.95 48.05 -31.94
N GLU B 139 21.52 49.27 -31.58
CA GLU B 139 21.05 50.24 -32.55
C GLU B 139 22.18 50.63 -33.50
N GLU B 140 23.39 50.81 -32.95
CA GLU B 140 24.54 51.17 -33.77
C GLU B 140 24.88 50.03 -34.72
N TYR B 141 24.79 48.79 -34.24
CA TYR B 141 25.02 47.60 -35.07
C TYR B 141 24.03 47.55 -36.21
N SER B 142 22.77 47.89 -35.94
CA SER B 142 21.72 47.78 -36.95
C SER B 142 21.79 48.89 -37.98
N LYS B 143 21.86 50.16 -37.54
CA LYS B 143 21.66 51.25 -38.48
C LYS B 143 22.94 51.77 -39.12
N ASP B 144 24.11 51.45 -38.56
CA ASP B 144 25.41 51.87 -39.10
C ASP B 144 26.53 50.92 -38.64
N ARG B 145 26.57 49.74 -39.29
CA ARG B 145 27.55 48.68 -39.05
C ARG B 145 29.00 49.18 -39.11
N LYS B 146 29.28 50.17 -39.96
CA LYS B 146 30.64 50.67 -40.17
C LYS B 146 31.17 51.33 -38.90
N LYS B 147 30.37 52.27 -38.36
CA LYS B 147 30.62 52.87 -37.04
C LYS B 147 30.78 51.81 -35.96
N PHE B 148 29.87 50.82 -35.91
CA PHE B 148 29.93 49.78 -34.87
C PHE B 148 31.26 49.04 -34.93
N SER B 149 31.61 48.54 -36.12
CA SER B 149 32.87 47.82 -36.33
C SER B 149 34.07 48.66 -35.92
N LYS B 150 34.09 49.93 -36.36
CA LYS B 150 35.10 50.92 -35.96
C LYS B 150 35.26 51.01 -34.44
N ASN B 151 34.14 51.29 -33.75
CA ASN B 151 34.12 51.38 -32.30
C ASN B 151 34.58 50.09 -31.63
N ALA B 152 34.11 48.93 -32.11
CA ALA B 152 34.49 47.66 -31.51
C ALA B 152 35.99 47.38 -31.64
N GLU B 153 36.57 47.68 -32.83
CA GLU B 153 38.01 47.52 -33.00
C GLU B 153 38.81 48.46 -32.11
N GLU B 154 38.41 49.74 -32.05
CA GLU B 154 39.16 50.69 -31.22
C GLU B 154 39.02 50.36 -29.73
N PHE B 155 37.84 49.90 -29.32
CA PHE B 155 37.61 49.48 -27.95
C PHE B 155 38.46 48.27 -27.57
N THR B 156 38.53 47.28 -28.48
CA THR B 156 39.44 46.15 -28.30
C THR B 156 40.89 46.61 -28.14
N LYS B 157 41.36 47.50 -29.04
CA LYS B 157 42.73 48.01 -28.93
C LYS B 157 42.99 48.72 -27.59
N LYS B 158 42.05 49.57 -27.16
CA LYS B 158 42.28 50.39 -25.97
C LYS B 158 42.20 49.56 -24.67
N TYR B 159 41.16 48.74 -24.50
CA TYR B 159 40.98 48.05 -23.22
C TYR B 159 41.23 46.54 -23.26
N GLY B 160 41.32 45.92 -24.43
CA GLY B 160 41.40 44.47 -24.48
C GLY B 160 42.72 43.95 -23.95
N GLU B 161 42.68 42.73 -23.43
CA GLU B 161 43.91 42.07 -23.01
C GLU B 161 44.76 41.66 -24.20
N LYS B 162 46.02 41.36 -23.91
CA LYS B 162 46.94 40.81 -24.91
C LYS B 162 46.69 39.33 -25.10
N ARG B 163 46.59 38.91 -26.36
CA ARG B 163 46.39 37.50 -26.68
C ARG B 163 47.59 36.66 -26.22
N PRO B 164 47.35 35.40 -25.81
CA PRO B 164 48.41 34.45 -25.42
C PRO B 164 49.46 34.21 -26.49
#